data_7MF3
#
_entry.id   7MF3
#
_cell.length_a   1.00
_cell.length_b   1.00
_cell.length_c   1.00
_cell.angle_alpha   90.00
_cell.angle_beta   90.00
_cell.angle_gamma   90.00
#
_symmetry.space_group_name_H-M   'P 1'
#
loop_
_entity.id
_entity.type
_entity.pdbx_description
1 polymer Myosin-11
2 polymer 'Myosin light polypeptide 6'
3 polymer 'Myosin regulatory light chain 2, smooth muscle major isoform'
4 non-polymer "ADENOSINE-5'-DIPHOSPHATE"
5 non-polymer 'PHOSPHATE ION'
6 non-polymer 'MAGNESIUM ION'
#
loop_
_entity_poly.entity_id
_entity_poly.type
_entity_poly.pdbx_seq_one_letter_code
_entity_poly.pdbx_strand_id
1 'polypeptide(L)'
;SQKPLSDDEKFLFVDKNFVNNPLAQADWSAKKLVWVPSEKHGFEAASIKEEKGDEVTVELQENGKKVTLSKDDIQKMNPP
KFSKVEDMAELTCLNEASVLHNLRERYFSGLIYTYSGLFCVVINPYKQLPIYSEKIIDMYKGKKRHEMPPHIYAIADTAY
RSMLQDREDQSILCTGESGAGKTENTKKVIQYLAVVASSHKGKKDTSITQGPSFSYGELEKQLLQANPILEAFGNAKTVK
NDNSSRFGKFIRINFDVTGYIVGANIETYLLEKSRAIRQAKDERTFHIFYYLIAGASEQMRNDLLLEGFNNYTFLSNGHV
PIPAQQDDEMFQETLEAMTIMGFTEEEQTSILRVVSSVLQLGNIVFKKERNTDQASMPDNTAAQKVCHLMGINVTDFTRS
ILTPRIKVGRDVVQKAQTKEQADFAIEALAKAKFERLFRWILTRVNKALDKTKRQGASFLGILDIAGFEIFEINSFEQLC
INYTNEKLQQLFNHTMFILEQEEYQREGIEWNFIDFGLDLQPCIELIERPTNPPGVLALLDEECWFPKATDTSFVEKLIQ
EQGNHAKFQKSKQLKDKTEFCILHYAGKVTYNASAWLTKNMDPLNDNVTSLLNQSSDKFVADLWKDVDRIVGLDQMAKMT
ESSLPSASKTKKGMFRTVGQLYKEQLTKLMTTLRNTNPNFVRCIIPNHEKRAGKLDAHLVLEQLRCNGVLEGIRICRQGF
PNRIVFQEFRQRYEILAANAIPKGFMDGKQACILMIKALELDPNLYRIGQSKIFFRTGVLAHLEEERDLKITDVIIAFQA
QCRGYLARKAFAKRQQQLTAMKVIQRNCAAYLKLRNWQWWRLFTKVKPLLQVTRQEEEMQAKDEELQRTKERQQKAEAEL
KELEQKHTQLCEEKNLLQEKLQAETELYAEAEEMRVRLAAKKQELEEILHEMEARIEEEEERSQQLQAEKKKMQQQMLDL
EEQLEEEEAARQKLQLEKVTADGKIKKMEDDILIMEDQNNKLTKERKLLEERVSDLTTNLAEEEEKAKNLTKLKNKHESM
ISELEVRLKKEEKSRQELEKIKRKLEGESSDLHEQIAELQAQIAELKAQLAKKEEELQAALARLEDETSQKNNALKKIRE
LESHISDLQEDLESEKAARNKAEKQKRDLSEELEALKTELEDTLDTTATQQELRAKREQEVTVLKRALEEETRTHEAQVQ
EMRQKHTQAVEELTEQLEQFKRAKANLDKTKQTLEKDNADLANEIRSLSQAKQDVEHKKKKLEVQLQDLQSKYSDGERVR
TELNEKVHKLQIEVENVTSLLNEAESKNIKLTKDVATLGSQLQDTQELLQEETRQKLNVTTKLRQLEDDKNSLQEQLDEE
VEAKQNLERHISTLTIQLSDSKKKLQEFTATVETMEEGKKKLQREIESLTQQFEEKAASYDKLEKTKNRLQQELDDLVVD
LDNQRQLVSNLEKKQKKFDQMLAEEKNISSKYADERDRAEAEAREKETKALSLARALEEALEAKEELERTNKMLKAEMED
LVSSKDDVGKNVHELEKSKRTLEQQVEEMKTQLEELEDELQAAEDAKLRLEVNMQAMKSQFERDLQARDEQNEEKRRQLL
KQLHEHETELEDERKQRALAAAAKKKLEVDVKDLESQVDSANKAREEAIKQLRKLQAQMKDYQRDLDDARAAREEIFATA
RENEKKAKNLEAELIQLQEDLAAAERARKQADLEKEEMAEELASANSGRTSLQDEKRRLEARIAQLEEELDEEHSNIETM
SDRMRKAVQQAEQLNNELATERATAQKNENARQQLERQNKELRSKLQEMEGAVKSKFKSTIAALEAKIASLEEQLEQEAR
EKQAAAKTLRQKDKKLKDALLQVEDERKQAEQYKDQAEKGNLRLKQLKRQLEEAEEESQRINANRRKLQRELDEATESND
ALGREVAALKSKLRRGNEPVSFAPPRRSGGRRVIENATDGGEEEIDGRDGDFNGKASE
;
A,B,G,H
2 'polypeptide(L)'
;CDFSEEQTAEFKEAFQLFDRTGDGKILYSQCGDVMRALGQNPTNAEVMKVLGNPKSDEMNLKTLKFEQFLPMMQTIAKNK
DQGCFEDYVEGLRVFDKEGNGTVMGAEIRHVLVTLGEKMTEEEVEQLVAGHEDSNGCINYEELVRMVLSG
;
C,F
3 'polypeptide(L)'
;SSKRAKAKTTKKRPQRATSNVFAMFDQSQIQEFKEAFNMIDQNRDGFIDKEDLHDMLASMGKNPTDEYLEGMMSEAPGPI
NFTMFLTMFGEKLNGTDPEDVIRNAFACFDEEASGFIHEDHLRELLTTMGDRFTDEEVDEMYREAPIDKKGNFNYVEFTR
ILKHGAKDKDD
;
D,E
#
loop_
_chem_comp.id
_chem_comp.type
_chem_comp.name
_chem_comp.formula
ADP non-polymer ADENOSINE-5'-DIPHOSPHATE 'C10 H15 N5 O10 P2'
MG non-polymer 'MAGNESIUM ION' 'Mg 2'
PO4 non-polymer 'PHOSPHATE ION' 'O4 P -3'
#
# COMPACT_ATOMS: atom_id res chain seq x y z
N TRP A 28 9.56 69.31 -28.34
CA TRP A 28 8.45 68.86 -29.18
C TRP A 28 7.43 69.97 -29.38
N SER A 29 6.57 69.81 -30.39
CA SER A 29 5.59 70.83 -30.73
C SER A 29 4.31 70.13 -31.16
N ALA A 30 3.39 70.90 -31.76
CA ALA A 30 2.16 70.33 -32.27
C ALA A 30 2.41 69.32 -33.38
N LYS A 31 3.57 69.38 -34.04
CA LYS A 31 3.98 68.35 -34.97
C LYS A 31 4.18 67.05 -34.21
N LYS A 32 3.28 66.10 -34.40
CA LYS A 32 3.27 64.87 -33.62
C LYS A 32 4.55 64.07 -33.79
N LEU A 33 5.32 63.95 -32.71
CA LEU A 33 6.46 63.04 -32.71
C LEU A 33 5.97 61.61 -32.85
N VAL A 34 6.64 60.84 -33.71
CA VAL A 34 6.15 59.54 -34.13
C VAL A 34 7.30 58.53 -34.16
N TRP A 35 7.02 57.30 -33.78
CA TRP A 35 7.98 56.22 -33.92
C TRP A 35 8.20 55.88 -35.39
N VAL A 36 9.42 55.46 -35.71
CA VAL A 36 9.73 54.93 -37.03
C VAL A 36 10.36 53.55 -36.85
N PRO A 37 10.02 52.56 -37.66
CA PRO A 37 10.67 51.24 -37.54
C PRO A 37 12.17 51.35 -37.64
N SER A 38 12.85 50.90 -36.59
CA SER A 38 14.30 51.05 -36.44
C SER A 38 14.96 49.68 -36.41
N GLU A 39 16.02 49.52 -37.21
CA GLU A 39 16.80 48.29 -37.18
C GLU A 39 17.68 48.22 -35.95
N LYS A 40 18.03 49.36 -35.35
CA LYS A 40 18.92 49.38 -34.20
C LYS A 40 18.20 49.54 -32.87
N HIS A 41 16.97 50.07 -32.87
CA HIS A 41 16.24 50.26 -31.62
C HIS A 41 14.76 49.90 -31.72
N GLY A 42 14.31 49.33 -32.83
CA GLY A 42 12.92 48.97 -32.99
C GLY A 42 12.07 50.13 -33.46
N PHE A 43 11.84 51.10 -32.58
CA PHE A 43 11.06 52.28 -32.90
C PHE A 43 11.79 53.53 -32.40
N GLU A 44 11.74 54.60 -33.17
CA GLU A 44 12.48 55.82 -32.88
C GLU A 44 11.60 57.03 -33.18
N ALA A 45 11.64 58.01 -32.28
CA ALA A 45 10.84 59.22 -32.47
C ALA A 45 11.25 59.96 -33.74
N ALA A 46 10.26 60.52 -34.43
CA ALA A 46 10.48 61.28 -35.65
C ALA A 46 9.52 62.46 -35.68
N SER A 47 9.97 63.56 -36.29
CA SER A 47 9.20 64.79 -36.38
C SER A 47 8.90 65.10 -37.85
N ILE A 48 7.63 65.38 -38.14
CA ILE A 48 7.24 65.72 -39.49
C ILE A 48 7.84 67.06 -39.89
N LYS A 49 8.31 67.16 -41.14
CA LYS A 49 8.97 68.38 -41.59
C LYS A 49 8.36 68.91 -42.88
N GLU A 50 7.84 68.01 -43.72
CA GLU A 50 7.25 68.41 -45.00
C GLU A 50 5.90 67.71 -45.17
N GLU A 51 4.89 68.49 -45.52
CA GLU A 51 3.53 67.97 -45.76
C GLU A 51 3.27 68.00 -47.26
N LYS A 52 3.18 66.82 -47.88
CA LYS A 52 2.88 66.71 -49.29
C LYS A 52 2.49 65.27 -49.60
N GLY A 53 1.45 65.11 -50.40
CA GLY A 53 1.02 63.77 -50.78
C GLY A 53 0.58 62.95 -49.58
N ASP A 54 0.84 61.64 -49.66
CA ASP A 54 0.52 60.72 -48.59
C ASP A 54 1.74 60.38 -47.74
N GLU A 55 2.86 61.08 -47.92
CA GLU A 55 4.10 60.77 -47.24
C GLU A 55 4.69 62.04 -46.64
N VAL A 56 5.52 61.86 -45.62
CA VAL A 56 6.20 62.97 -44.96
C VAL A 56 7.68 62.63 -44.86
N THR A 57 8.54 63.56 -45.26
CA THR A 57 9.96 63.46 -45.00
C THR A 57 10.22 63.93 -43.57
N VAL A 58 10.70 63.04 -42.72
CA VAL A 58 10.82 63.30 -41.29
C VAL A 58 12.27 63.56 -40.93
N GLU A 59 12.49 64.01 -39.70
CA GLU A 59 13.80 64.33 -39.18
C GLU A 59 14.11 63.41 -38.01
N LEU A 60 15.27 62.76 -38.05
CA LEU A 60 15.69 61.89 -36.96
C LEU A 60 16.16 62.74 -35.78
N GLN A 61 15.52 62.55 -34.63
CA GLN A 61 15.81 63.38 -33.47
C GLN A 61 17.25 63.22 -32.98
N GLU A 62 17.92 62.14 -33.38
CA GLU A 62 19.32 61.92 -33.02
C GLU A 62 20.29 62.37 -34.11
N ASN A 63 19.92 62.21 -35.38
CA ASN A 63 20.81 62.51 -36.49
C ASN A 63 20.46 63.80 -37.21
N GLY A 64 19.19 64.22 -37.18
CA GLY A 64 18.76 65.36 -37.98
C GLY A 64 18.84 65.10 -39.46
N LYS A 65 18.44 63.90 -39.89
CA LYS A 65 18.55 63.46 -41.27
C LYS A 65 17.16 63.18 -41.83
N LYS A 66 17.02 63.34 -43.14
CA LYS A 66 15.71 63.24 -43.80
C LYS A 66 15.38 61.78 -44.12
N VAL A 67 14.16 61.38 -43.80
CA VAL A 67 13.64 60.06 -44.14
C VAL A 67 12.19 60.21 -44.57
N THR A 68 11.85 59.68 -45.73
CA THR A 68 10.50 59.77 -46.28
C THR A 68 9.70 58.52 -45.92
N LEU A 69 8.50 58.74 -45.37
CA LEU A 69 7.63 57.64 -44.99
C LEU A 69 6.19 58.08 -45.16
N SER A 70 5.32 57.13 -45.54
CA SER A 70 3.92 57.44 -45.77
C SER A 70 3.24 57.90 -44.49
N LYS A 71 2.29 58.82 -44.65
CA LYS A 71 1.53 59.33 -43.51
C LYS A 71 0.62 58.25 -42.90
N ASP A 72 0.27 57.22 -43.66
CA ASP A 72 -0.68 56.22 -43.24
C ASP A 72 -0.02 54.97 -42.66
N ASP A 73 1.30 55.01 -42.43
CA ASP A 73 2.04 53.89 -41.86
C ASP A 73 2.93 54.39 -40.72
N ILE A 74 2.34 55.18 -39.82
CA ILE A 74 3.10 55.83 -38.77
C ILE A 74 2.30 55.75 -37.47
N GLN A 75 3.01 55.81 -36.34
CA GLN A 75 2.39 55.72 -35.02
C GLN A 75 2.98 56.78 -34.09
N LYS A 76 2.13 57.37 -33.27
CA LYS A 76 2.48 58.52 -32.46
C LYS A 76 2.72 58.12 -31.00
N MET A 77 2.91 59.13 -30.13
CA MET A 77 3.16 58.92 -28.71
C MET A 77 2.18 59.68 -27.84
N ASN A 78 2.49 59.78 -26.55
CA ASN A 78 1.67 60.42 -25.53
C ASN A 78 2.41 61.58 -24.89
N PRO A 79 1.70 62.54 -24.32
CA PRO A 79 2.36 63.63 -23.59
C PRO A 79 3.06 63.11 -22.36
N PRO A 80 4.06 63.85 -21.84
CA PRO A 80 4.84 63.35 -20.70
C PRO A 80 4.07 63.32 -19.38
N LYS A 81 2.78 63.65 -19.37
CA LYS A 81 2.02 63.65 -18.13
C LYS A 81 1.74 62.25 -17.60
N PHE A 82 2.02 61.20 -18.38
CA PHE A 82 1.98 59.83 -17.91
C PHE A 82 3.35 59.18 -18.09
N SER A 83 3.74 58.39 -17.09
CA SER A 83 5.00 57.65 -17.14
C SER A 83 4.96 56.55 -16.11
N LYS A 84 5.48 55.38 -16.48
CA LYS A 84 5.52 54.21 -15.60
C LYS A 84 4.12 53.81 -15.15
N VAL A 85 3.28 53.50 -16.14
CA VAL A 85 1.89 53.16 -15.88
C VAL A 85 1.83 51.79 -15.21
N GLU A 86 0.68 51.47 -14.62
CA GLU A 86 0.46 50.18 -13.97
C GLU A 86 -0.30 49.20 -14.85
N ASP A 87 -1.30 49.68 -15.58
CA ASP A 87 -1.98 48.90 -16.60
C ASP A 87 -2.03 49.71 -17.88
N MET A 88 -1.96 49.01 -19.00
CA MET A 88 -1.97 49.69 -20.30
C MET A 88 -3.35 50.18 -20.69
N ALA A 89 -4.34 50.08 -19.80
CA ALA A 89 -5.67 50.59 -20.11
C ALA A 89 -5.67 52.10 -20.26
N GLU A 90 -4.90 52.80 -19.43
CA GLU A 90 -4.84 54.26 -19.48
C GLU A 90 -4.05 54.79 -20.67
N LEU A 91 -3.58 53.92 -21.55
CA LEU A 91 -2.85 54.35 -22.75
C LEU A 91 -3.88 54.93 -23.72
N THR A 92 -4.16 56.23 -23.54
CA THR A 92 -5.26 56.86 -24.25
C THR A 92 -5.05 56.87 -25.76
N CYS A 93 -3.79 56.98 -26.21
CA CYS A 93 -3.46 56.84 -27.62
C CYS A 93 -2.91 55.43 -27.86
N LEU A 94 -3.82 54.46 -27.76
CA LEU A 94 -3.45 53.05 -27.71
C LEU A 94 -2.90 52.60 -29.06
N ASN A 95 -1.59 52.38 -29.12
CA ASN A 95 -0.97 51.73 -30.26
C ASN A 95 0.17 50.85 -29.75
N GLU A 96 0.55 49.88 -30.59
CA GLU A 96 1.49 48.85 -30.17
C GLU A 96 2.84 49.44 -29.76
N ALA A 97 3.29 50.49 -30.44
CA ALA A 97 4.56 51.10 -30.09
C ALA A 97 4.53 51.70 -28.69
N SER A 98 3.36 52.19 -28.25
CA SER A 98 3.28 52.77 -26.91
C SER A 98 3.50 51.72 -25.83
N VAL A 99 2.81 50.57 -25.94
CA VAL A 99 3.01 49.52 -24.96
C VAL A 99 4.42 48.94 -25.07
N LEU A 100 4.97 48.89 -26.28
CA LEU A 100 6.36 48.47 -26.43
C LEU A 100 7.29 49.39 -25.64
N HIS A 101 7.13 50.70 -25.80
CA HIS A 101 7.96 51.65 -25.07
C HIS A 101 7.75 51.54 -23.57
N ASN A 102 6.50 51.33 -23.15
CA ASN A 102 6.22 51.21 -21.72
C ASN A 102 6.93 50.00 -21.13
N LEU A 103 6.89 48.87 -21.83
CA LEU A 103 7.60 47.68 -21.35
C LEU A 103 9.11 47.90 -21.36
N ARG A 104 9.62 48.56 -22.41
CA ARG A 104 11.05 48.88 -22.46
C ARG A 104 11.49 49.66 -21.23
N GLU A 105 10.72 50.70 -20.88
CA GLU A 105 11.07 51.51 -19.72
C GLU A 105 10.87 50.72 -18.42
N ARG A 106 9.81 49.90 -18.35
CA ARG A 106 9.50 49.20 -17.11
C ARG A 106 10.51 48.13 -16.78
N TYR A 107 11.11 47.49 -17.79
CA TYR A 107 12.08 46.43 -17.51
C TYR A 107 13.30 46.97 -16.75
N PHE A 108 13.75 48.17 -17.09
CA PHE A 108 14.88 48.77 -16.39
C PHE A 108 14.53 49.30 -15.01
N SER A 109 13.25 49.41 -14.69
CA SER A 109 12.83 49.93 -13.39
C SER A 109 12.87 48.88 -12.28
N GLY A 110 13.18 47.63 -12.61
CA GLY A 110 13.16 46.55 -11.65
C GLY A 110 11.81 45.89 -11.51
N LEU A 111 10.74 46.68 -11.63
CA LEU A 111 9.40 46.13 -11.59
C LEU A 111 9.17 45.24 -12.80
N ILE A 112 8.48 44.12 -12.57
CA ILE A 112 8.28 43.11 -13.61
C ILE A 112 6.81 42.99 -13.95
N TYR A 113 5.99 42.66 -12.96
CA TYR A 113 4.58 42.40 -13.19
C TYR A 113 3.87 43.68 -13.63
N THR A 114 2.89 43.51 -14.51
CA THR A 114 2.15 44.66 -15.05
C THR A 114 0.79 44.16 -15.53
N TYR A 115 -0.28 44.74 -14.99
CA TYR A 115 -1.61 44.40 -15.46
C TYR A 115 -1.82 44.89 -16.89
N SER A 116 -2.60 44.12 -17.64
CA SER A 116 -2.99 44.48 -19.01
C SER A 116 -4.46 44.07 -19.15
N GLY A 117 -5.36 45.01 -18.88
CA GLY A 117 -6.77 44.69 -18.87
C GLY A 117 -7.14 43.78 -17.72
N LEU A 118 -7.45 42.52 -18.03
CA LEU A 118 -7.80 41.53 -17.01
C LEU A 118 -6.77 40.40 -16.96
N PHE A 119 -5.54 40.69 -17.32
CA PHE A 119 -4.47 39.69 -17.27
C PHE A 119 -3.14 40.42 -17.16
N CYS A 120 -2.08 39.64 -16.98
CA CYS A 120 -0.77 40.19 -16.64
C CYS A 120 0.28 39.81 -17.68
N VAL A 121 1.38 40.55 -17.66
CA VAL A 121 2.54 40.29 -18.50
C VAL A 121 3.77 40.24 -17.62
N VAL A 122 4.54 39.17 -17.72
CA VAL A 122 5.73 38.97 -16.88
C VAL A 122 6.91 38.61 -17.78
N ILE A 123 8.09 39.03 -17.36
CA ILE A 123 9.34 38.77 -18.08
C ILE A 123 10.39 38.33 -17.07
N ASN A 124 11.17 37.32 -17.43
CA ASN A 124 12.17 36.81 -16.51
C ASN A 124 13.28 37.83 -16.28
N PRO A 125 13.62 38.15 -15.03
CA PRO A 125 14.68 39.13 -14.79
C PRO A 125 16.09 38.55 -14.89
N TYR A 126 16.24 37.23 -14.83
CA TYR A 126 17.55 36.58 -14.84
C TYR A 126 18.44 37.03 -13.69
N LYS A 127 17.82 37.41 -12.57
CA LYS A 127 18.54 37.84 -11.38
C LYS A 127 17.55 37.90 -10.22
N GLN A 128 18.00 37.47 -9.05
CA GLN A 128 17.14 37.48 -7.86
C GLN A 128 16.78 38.91 -7.47
N LEU A 129 15.61 39.06 -6.86
CA LEU A 129 15.11 40.37 -6.45
C LEU A 129 14.72 40.34 -4.99
N PRO A 130 14.86 41.47 -4.29
CA PRO A 130 14.51 41.51 -2.87
C PRO A 130 13.03 41.70 -2.61
N ILE A 131 12.21 41.45 -3.63
CA ILE A 131 10.77 41.71 -3.53
C ILE A 131 10.06 40.52 -2.89
N TYR A 132 10.81 39.58 -2.34
CA TYR A 132 10.26 38.41 -1.68
C TYR A 132 10.71 38.39 -0.23
N SER A 133 9.74 38.38 0.69
CA SER A 133 10.01 38.30 2.12
C SER A 133 8.67 38.12 2.84
N GLU A 134 8.77 37.74 4.12
CA GLU A 134 7.58 37.62 4.94
C GLU A 134 6.91 38.97 5.14
N LYS A 135 7.71 40.03 5.29
CA LYS A 135 7.17 41.38 5.39
C LYS A 135 6.45 41.81 4.12
N ILE A 136 6.68 41.11 3.02
CA ILE A 136 5.90 41.33 1.80
C ILE A 136 4.64 40.49 1.81
N ILE A 137 4.74 39.24 2.26
CA ILE A 137 3.61 38.33 2.24
C ILE A 137 2.49 38.81 3.16
N ASP A 138 2.85 39.24 4.37
CA ASP A 138 1.81 39.58 5.35
C ASP A 138 0.99 40.78 4.91
N MET A 139 1.63 41.81 4.37
CA MET A 139 0.94 43.05 4.03
C MET A 139 0.14 42.97 2.74
N TYR A 140 0.19 41.84 2.03
CA TYR A 140 -0.81 41.49 1.02
C TYR A 140 -1.88 40.55 1.57
N LYS A 141 -2.29 40.74 2.82
CA LYS A 141 -3.27 39.84 3.42
C LYS A 141 -4.60 39.88 2.66
N GLY A 142 -5.30 41.01 2.70
CA GLY A 142 -6.51 41.16 1.94
C GLY A 142 -7.03 42.58 1.86
N LYS A 143 -7.28 43.05 0.64
CA LYS A 143 -7.84 44.37 0.39
C LYS A 143 -8.13 44.55 -1.10
N LYS A 144 -8.61 45.74 -1.47
CA LYS A 144 -8.89 46.01 -2.88
C LYS A 144 -7.60 45.98 -3.68
N ARG A 145 -7.73 45.63 -4.96
CA ARG A 145 -6.60 45.30 -5.81
C ARG A 145 -5.96 46.52 -6.48
N HIS A 146 -6.53 47.70 -6.30
CA HIS A 146 -6.15 48.86 -7.11
C HIS A 146 -5.25 49.82 -6.34
N GLU A 147 -4.80 49.45 -5.15
CA GLU A 147 -3.95 50.31 -4.34
C GLU A 147 -2.49 49.91 -4.33
N MET A 148 -2.18 48.64 -4.54
CA MET A 148 -0.80 48.16 -4.59
C MET A 148 -0.32 48.02 -6.03
N PRO A 149 0.98 48.15 -6.26
CA PRO A 149 1.52 47.86 -7.58
C PRO A 149 1.31 46.40 -7.93
N PRO A 150 1.20 46.08 -9.22
CA PRO A 150 0.81 44.72 -9.61
C PRO A 150 1.79 43.67 -9.09
N HIS A 151 1.23 42.54 -8.68
CA HIS A 151 2.01 41.44 -8.11
C HIS A 151 1.17 40.18 -8.15
N ILE A 152 1.85 39.04 -8.31
CA ILE A 152 1.15 37.76 -8.43
C ILE A 152 0.31 37.48 -7.19
N TYR A 153 0.77 37.94 -6.03
CA TYR A 153 0.00 37.76 -4.80
C TYR A 153 -1.37 38.42 -4.91
N ALA A 154 -1.47 39.53 -5.63
CA ALA A 154 -2.78 40.15 -5.85
C ALA A 154 -3.70 39.23 -6.64
N ILE A 155 -3.17 38.56 -7.67
CA ILE A 155 -3.97 37.60 -8.43
C ILE A 155 -4.42 36.46 -7.53
N ALA A 156 -3.51 35.96 -6.69
CA ALA A 156 -3.87 34.87 -5.79
C ALA A 156 -4.96 35.29 -4.81
N ASP A 157 -4.84 36.50 -4.24
CA ASP A 157 -5.84 36.99 -3.30
C ASP A 157 -7.18 37.21 -3.98
N THR A 158 -7.17 37.75 -5.20
CA THR A 158 -8.41 37.94 -5.93
C THR A 158 -9.08 36.61 -6.23
N ALA A 159 -8.28 35.61 -6.60
CA ALA A 159 -8.84 34.28 -6.84
C ALA A 159 -9.44 33.71 -5.57
N TYR A 160 -8.77 33.89 -4.44
CA TYR A 160 -9.31 33.39 -3.17
C TYR A 160 -10.63 34.09 -2.82
N ARG A 161 -10.69 35.41 -3.01
CA ARG A 161 -11.92 36.15 -2.70
C ARG A 161 -13.06 35.73 -3.62
N SER A 162 -12.76 35.50 -4.90
CA SER A 162 -13.79 35.01 -5.81
C SER A 162 -14.24 33.59 -5.43
N MET A 163 -13.30 32.78 -4.95
CA MET A 163 -13.64 31.43 -4.50
C MET A 163 -14.60 31.46 -3.33
N LEU A 164 -14.27 32.22 -2.28
CA LEU A 164 -15.06 32.19 -1.06
C LEU A 164 -16.46 32.77 -1.25
N GLN A 165 -16.64 33.66 -2.22
CA GLN A 165 -17.90 34.38 -2.37
C GLN A 165 -18.87 33.66 -3.31
N ASP A 166 -18.41 33.32 -4.52
CA ASP A 166 -19.30 32.82 -5.56
C ASP A 166 -19.61 31.34 -5.42
N ARG A 167 -18.89 30.61 -4.55
CA ARG A 167 -19.09 29.17 -4.37
C ARG A 167 -18.94 28.42 -5.69
N GLU A 168 -17.93 28.80 -6.47
CA GLU A 168 -17.64 28.13 -7.74
C GLU A 168 -16.15 27.80 -7.79
N ASP A 169 -15.85 26.61 -8.29
CA ASP A 169 -14.45 26.20 -8.43
C ASP A 169 -13.74 27.13 -9.40
N GLN A 170 -12.58 27.62 -8.99
CA GLN A 170 -11.81 28.58 -9.77
C GLN A 170 -10.55 27.91 -10.32
N SER A 171 -9.82 28.66 -11.13
CA SER A 171 -8.58 28.18 -11.71
C SER A 171 -7.70 29.36 -12.08
N ILE A 172 -6.40 29.08 -12.23
CA ILE A 172 -5.42 30.08 -12.62
C ILE A 172 -4.53 29.48 -13.71
N LEU A 173 -4.29 30.26 -14.75
CA LEU A 173 -3.51 29.82 -15.91
C LEU A 173 -2.32 30.72 -16.11
N CYS A 174 -1.21 30.13 -16.55
CA CYS A 174 0.00 30.88 -16.86
C CYS A 174 0.72 30.14 -17.98
N THR A 175 0.75 30.73 -19.17
CA THR A 175 1.30 30.07 -20.34
C THR A 175 2.18 31.03 -21.12
N GLY A 176 2.97 30.46 -22.03
CA GLY A 176 3.89 31.25 -22.83
C GLY A 176 4.83 30.33 -23.58
N GLU A 177 5.91 30.92 -24.08
CA GLU A 177 6.92 30.11 -24.75
C GLU A 177 7.63 29.21 -23.75
N SER A 178 8.27 28.17 -24.28
CA SER A 178 8.98 27.21 -23.44
C SER A 178 10.19 27.85 -22.77
N GLY A 179 10.55 27.34 -21.61
CA GLY A 179 11.70 27.85 -20.88
C GLY A 179 11.56 29.31 -20.51
N ALA A 180 10.41 29.67 -19.93
CA ALA A 180 10.09 31.07 -19.63
C ALA A 180 10.08 31.38 -18.14
N GLY A 181 9.53 30.50 -17.31
CA GLY A 181 9.51 30.76 -15.89
C GLY A 181 8.15 30.59 -15.24
N LYS A 182 7.20 29.98 -15.96
CA LYS A 182 5.86 29.80 -15.41
C LYS A 182 5.86 28.81 -14.25
N THR A 183 6.74 27.80 -14.29
CA THR A 183 6.78 26.82 -13.20
C THR A 183 7.21 27.47 -11.89
N GLU A 184 8.17 28.38 -11.96
CA GLU A 184 8.58 29.12 -10.76
C GLU A 184 7.42 29.95 -10.23
N ASN A 185 6.65 30.57 -11.13
CA ASN A 185 5.48 31.31 -10.70
C ASN A 185 4.47 30.40 -10.02
N THR A 186 4.27 29.20 -10.54
CA THR A 186 3.36 28.24 -9.92
C THR A 186 3.84 27.86 -8.52
N LYS A 187 5.14 27.60 -8.37
CA LYS A 187 5.67 27.27 -7.05
C LYS A 187 5.48 28.42 -6.07
N LYS A 188 5.76 29.64 -6.51
CA LYS A 188 5.59 30.80 -5.63
C LYS A 188 4.13 31.01 -5.27
N VAL A 189 3.22 30.77 -6.23
CA VAL A 189 1.80 30.89 -5.95
C VAL A 189 1.36 29.88 -4.90
N ILE A 190 1.82 28.63 -5.03
CA ILE A 190 1.40 27.61 -4.07
C ILE A 190 1.95 27.92 -2.69
N GLN A 191 3.21 28.37 -2.60
CA GLN A 191 3.77 28.68 -1.29
C GLN A 191 3.07 29.89 -0.67
N TYR A 192 2.77 30.91 -1.48
CA TYR A 192 2.08 32.08 -0.96
C TYR A 192 0.67 31.72 -0.49
N LEU A 193 -0.02 30.85 -1.23
CA LEU A 193 -1.35 30.43 -0.81
C LEU A 193 -1.27 29.65 0.51
N ALA A 194 -0.26 28.78 0.64
CA ALA A 194 -0.09 28.06 1.89
C ALA A 194 0.14 29.01 3.05
N VAL A 195 0.93 30.06 2.84
CA VAL A 195 1.20 31.02 3.91
C VAL A 195 -0.06 31.81 4.25
N VAL A 196 -0.76 32.33 3.23
CA VAL A 196 -1.87 33.24 3.48
C VAL A 196 -3.06 32.51 4.06
N ALA A 197 -3.29 31.26 3.67
CA ALA A 197 -4.40 30.47 4.20
C ALA A 197 -3.96 29.57 5.35
N SER A 198 -2.77 29.80 5.89
CA SER A 198 -2.29 28.99 7.00
C SER A 198 -3.15 29.19 8.23
N SER A 199 -3.39 28.10 8.96
CA SER A 199 -4.19 28.14 10.18
C SER A 199 -3.91 26.94 11.07
N GLY A 217 3.46 23.61 9.90
CA GLY A 217 2.42 22.61 9.99
C GLY A 217 2.82 21.28 9.35
N GLU A 218 1.99 20.26 9.56
CA GLU A 218 2.28 18.96 9.00
C GLU A 218 2.24 19.00 7.47
N LEU A 219 1.22 19.64 6.90
CA LEU A 219 1.14 19.78 5.45
C LEU A 219 2.05 20.89 4.93
N GLU A 220 2.58 21.75 5.80
CA GLU A 220 3.44 22.83 5.35
C GLU A 220 4.70 22.29 4.68
N LYS A 221 5.42 21.40 5.37
CA LYS A 221 6.61 20.81 4.79
C LYS A 221 6.28 19.96 3.57
N GLN A 222 5.13 19.29 3.60
CA GLN A 222 4.71 18.45 2.48
C GLN A 222 4.53 19.28 1.22
N LEU A 223 3.81 20.40 1.33
CA LEU A 223 3.62 21.26 0.17
C LEU A 223 4.88 22.00 -0.20
N LEU A 224 5.78 22.23 0.77
CA LEU A 224 7.04 22.90 0.45
C LEU A 224 7.99 21.98 -0.30
N GLN A 225 7.91 20.67 -0.07
CA GLN A 225 8.85 19.72 -0.66
C GLN A 225 8.23 18.83 -1.73
N ALA A 226 6.94 18.98 -2.04
CA ALA A 226 6.33 18.16 -3.07
C ALA A 226 6.96 18.40 -4.43
N ASN A 227 7.18 19.67 -4.78
CA ASN A 227 7.77 19.99 -6.08
C ASN A 227 9.19 19.46 -6.26
N PRO A 228 10.12 19.58 -5.30
CA PRO A 228 11.45 18.98 -5.51
C PRO A 228 11.42 17.49 -5.78
N ILE A 229 10.41 16.78 -5.26
CA ILE A 229 10.31 15.35 -5.54
C ILE A 229 10.19 15.10 -7.03
N LEU A 230 9.32 15.86 -7.70
CA LEU A 230 9.16 15.69 -9.14
C LEU A 230 10.35 16.29 -9.91
N GLU A 231 10.87 17.44 -9.43
CA GLU A 231 11.99 18.06 -10.13
C GLU A 231 13.23 17.17 -10.12
N ALA A 232 13.38 16.34 -9.09
CA ALA A 232 14.53 15.44 -9.04
C ALA A 232 14.50 14.46 -10.20
N PHE A 233 13.34 13.90 -10.50
CA PHE A 233 13.18 12.93 -11.59
C PHE A 233 12.74 13.58 -12.90
N GLY A 234 12.28 14.82 -12.87
CA GLY A 234 11.70 15.43 -14.05
C GLY A 234 12.41 16.66 -14.56
N ASN A 235 13.74 16.65 -14.57
CA ASN A 235 14.50 17.79 -15.05
C ASN A 235 15.66 17.32 -15.91
N ALA A 236 16.09 18.20 -16.81
CA ALA A 236 17.21 17.93 -17.71
C ALA A 236 17.67 19.27 -18.29
N LYS A 237 18.73 19.21 -19.09
CA LYS A 237 19.28 20.41 -19.73
C LYS A 237 18.87 20.48 -21.19
N THR A 238 18.52 21.67 -21.64
CA THR A 238 18.05 21.91 -22.99
C THR A 238 18.76 23.12 -23.57
N VAL A 239 18.84 23.17 -24.90
CA VAL A 239 19.43 24.33 -25.56
C VAL A 239 18.65 25.60 -25.22
N LYS A 240 17.33 25.48 -25.13
CA LYS A 240 16.51 26.65 -24.80
C LYS A 240 16.71 27.08 -23.36
N ASN A 241 16.77 26.13 -22.42
CA ASN A 241 16.93 26.46 -21.01
C ASN A 241 17.71 25.36 -20.30
N ASP A 242 18.50 25.78 -19.31
CA ASP A 242 19.28 24.82 -18.54
C ASP A 242 18.38 23.88 -17.73
N ASN A 243 17.30 24.40 -17.17
CA ASN A 243 16.32 23.61 -16.46
C ASN A 243 15.01 23.61 -17.24
N SER A 244 14.50 22.44 -17.56
CA SER A 244 13.30 22.29 -18.39
C SER A 244 12.25 21.50 -17.64
N SER A 245 11.03 22.03 -17.58
CA SER A 245 9.89 21.33 -17.01
C SER A 245 9.33 20.41 -18.08
N ARG A 246 9.96 19.24 -18.23
CA ARG A 246 9.66 18.34 -19.33
C ARG A 246 8.59 17.31 -18.97
N PHE A 247 7.48 17.79 -18.42
CA PHE A 247 6.30 16.98 -18.18
C PHE A 247 5.16 17.90 -17.74
N GLY A 248 3.95 17.60 -18.21
CA GLY A 248 2.80 18.37 -17.78
C GLY A 248 2.33 17.95 -16.40
N LYS A 249 1.65 18.88 -15.71
CA LYS A 249 1.15 18.61 -14.38
C LYS A 249 -0.09 19.45 -14.11
N PHE A 250 -0.90 18.97 -13.17
CA PHE A 250 -2.12 19.67 -12.75
C PHE A 250 -2.28 19.43 -11.26
N ILE A 251 -2.29 20.51 -10.48
CA ILE A 251 -2.38 20.45 -9.02
C ILE A 251 -3.75 20.98 -8.60
N ARG A 252 -4.47 20.18 -7.83
CA ARG A 252 -5.77 20.56 -7.30
C ARG A 252 -5.67 20.66 -5.79
N ILE A 253 -6.01 21.82 -5.24
CA ILE A 253 -5.93 22.07 -3.80
C ILE A 253 -7.34 22.10 -3.24
N ASN A 254 -7.58 21.35 -2.17
CA ASN A 254 -8.90 21.20 -1.59
C ASN A 254 -9.06 22.14 -0.40
N PHE A 255 -10.17 22.88 -0.39
CA PHE A 255 -10.58 23.73 0.72
C PHE A 255 -11.83 23.13 1.36
N ASP A 256 -12.40 23.85 2.33
CA ASP A 256 -13.63 23.44 2.97
C ASP A 256 -14.62 24.60 2.95
N VAL A 257 -15.87 24.30 3.28
CA VAL A 257 -16.89 25.33 3.37
C VAL A 257 -16.55 26.34 4.46
N THR A 258 -15.81 25.90 5.48
CA THR A 258 -15.40 26.82 6.53
C THR A 258 -14.38 27.84 6.02
N GLY A 259 -13.54 27.44 5.07
CA GLY A 259 -12.54 28.34 4.53
C GLY A 259 -11.13 27.99 4.95
N TYR A 260 -10.83 26.69 5.04
CA TYR A 260 -9.50 26.23 5.43
C TYR A 260 -9.09 25.07 4.53
N ILE A 261 -7.78 24.96 4.31
CA ILE A 261 -7.24 23.91 3.46
C ILE A 261 -7.44 22.55 4.11
N VAL A 262 -7.74 21.54 3.30
CA VAL A 262 -7.94 20.19 3.81
C VAL A 262 -7.11 19.14 3.10
N GLY A 263 -6.63 19.38 1.88
CA GLY A 263 -5.86 18.37 1.18
C GLY A 263 -5.50 18.84 -0.21
N ALA A 264 -4.81 17.96 -0.94
CA ALA A 264 -4.36 18.28 -2.28
C ALA A 264 -4.28 17.00 -3.11
N ASN A 265 -4.38 17.17 -4.43
CA ASN A 265 -4.33 16.05 -5.37
C ASN A 265 -3.68 16.53 -6.65
N ILE A 266 -2.71 15.76 -7.15
CA ILE A 266 -1.95 16.13 -8.34
C ILE A 266 -2.01 14.98 -9.35
N GLU A 267 -1.55 15.27 -10.56
CA GLU A 267 -1.49 14.29 -11.62
C GLU A 267 -0.53 14.79 -12.70
N THR A 268 0.24 13.87 -13.27
CA THR A 268 1.21 14.20 -14.30
C THR A 268 0.78 13.63 -15.65
N TYR A 269 1.26 14.25 -16.73
CA TYR A 269 0.88 13.86 -18.08
C TYR A 269 2.15 13.68 -18.91
N LEU A 270 2.39 12.45 -19.36
CA LEU A 270 3.34 12.14 -20.43
C LEU A 270 4.76 12.59 -20.08
N LEU A 271 5.34 11.91 -19.10
CA LEU A 271 6.77 11.99 -18.88
C LEU A 271 7.50 11.72 -20.19
N GLU A 272 8.36 12.66 -20.61
CA GLU A 272 9.08 12.50 -21.86
C GLU A 272 10.01 11.29 -21.78
N LYS A 273 9.96 10.46 -22.80
CA LYS A 273 10.77 9.26 -22.90
C LYS A 273 11.83 9.46 -23.98
N SER A 274 12.57 8.39 -24.27
CA SER A 274 13.65 8.38 -25.25
C SER A 274 14.81 9.30 -24.85
N ARG A 275 14.86 9.72 -23.58
CA ARG A 275 15.97 10.56 -23.14
C ARG A 275 17.18 9.73 -22.73
N ALA A 276 16.96 8.50 -22.24
CA ALA A 276 18.07 7.62 -21.93
C ALA A 276 18.76 7.11 -23.19
N ILE A 277 17.98 6.88 -24.25
CA ILE A 277 18.51 6.48 -25.54
C ILE A 277 19.12 7.73 -26.18
N ARG A 278 19.78 7.57 -27.32
CA ARG A 278 20.69 8.54 -27.92
C ARG A 278 20.26 9.98 -27.72
N GLN A 279 21.21 10.83 -27.33
CA GLN A 279 20.94 12.20 -26.92
C GLN A 279 21.44 13.17 -27.98
N ALA A 280 20.77 14.32 -28.07
CA ALA A 280 21.22 15.38 -28.95
C ALA A 280 22.51 16.00 -28.40
N LYS A 281 23.03 16.98 -29.13
CA LYS A 281 24.30 17.58 -28.77
C LYS A 281 24.18 18.41 -27.50
N ASP A 282 25.06 18.13 -26.54
CA ASP A 282 25.22 18.95 -25.33
C ASP A 282 23.94 19.00 -24.49
N GLU A 283 23.37 17.84 -24.23
CA GLU A 283 22.27 17.70 -23.28
C GLU A 283 22.53 16.48 -22.40
N ARG A 284 21.66 16.27 -21.41
CA ARG A 284 21.81 15.17 -20.48
C ARG A 284 20.43 14.60 -20.17
N THR A 285 20.39 13.29 -19.87
CA THR A 285 19.14 12.58 -19.73
C THR A 285 18.30 13.13 -18.58
N PHE A 286 18.79 12.99 -17.34
CA PHE A 286 18.00 13.36 -16.19
C PHE A 286 18.91 13.73 -15.03
N HIS A 287 18.32 14.37 -14.02
CA HIS A 287 19.09 14.84 -12.86
C HIS A 287 19.43 13.71 -11.90
N ILE A 288 18.61 12.65 -11.86
CA ILE A 288 18.84 11.57 -10.90
C ILE A 288 20.18 10.90 -11.15
N PHE A 289 20.51 10.67 -12.42
CA PHE A 289 21.76 10.00 -12.73
C PHE A 289 22.96 10.82 -12.26
N TYR A 290 22.90 12.14 -12.44
CA TYR A 290 23.92 13.01 -11.85
C TYR A 290 23.95 12.87 -10.34
N TYR A 291 22.78 12.91 -9.70
CA TYR A 291 22.71 12.89 -8.25
C TYR A 291 23.23 11.59 -7.66
N LEU A 292 23.23 10.51 -8.43
CA LEU A 292 23.77 9.25 -7.94
C LEU A 292 25.24 9.08 -8.30
N ILE A 293 25.59 9.27 -9.57
CA ILE A 293 26.98 9.09 -9.99
C ILE A 293 27.90 10.10 -9.34
N ALA A 294 27.35 11.20 -8.81
CA ALA A 294 28.18 12.16 -8.08
C ALA A 294 28.71 11.57 -6.78
N GLY A 295 28.11 10.50 -6.28
CA GLY A 295 28.55 9.86 -5.06
C GLY A 295 27.60 10.05 -3.90
N ALA A 296 26.80 9.02 -3.61
CA ALA A 296 25.87 9.10 -2.48
C ALA A 296 26.57 8.75 -1.17
N SER A 297 27.12 7.55 -1.07
CA SER A 297 27.83 7.12 0.13
C SER A 297 28.86 6.07 -0.27
N GLU A 298 29.93 5.99 0.53
CA GLU A 298 30.97 5.01 0.25
C GLU A 298 30.45 3.59 0.42
N GLN A 299 29.67 3.34 1.46
CA GLN A 299 29.01 2.05 1.58
C GLN A 299 28.03 1.82 0.43
N MET A 300 27.31 2.88 0.06
CA MET A 300 26.46 2.80 -1.13
C MET A 300 27.29 2.57 -2.39
N ARG A 301 28.51 3.12 -2.42
CA ARG A 301 29.41 2.86 -3.54
C ARG A 301 29.79 1.39 -3.61
N ASN A 302 30.04 0.78 -2.45
CA ASN A 302 30.37 -0.65 -2.42
C ASN A 302 29.22 -1.52 -2.90
N ASP A 303 28.00 -0.98 -2.93
CA ASP A 303 26.84 -1.68 -3.44
C ASP A 303 26.40 -1.04 -4.75
N LEU A 304 25.33 -1.61 -5.34
CA LEU A 304 24.70 -1.18 -6.59
C LEU A 304 25.61 -1.35 -7.80
N LEU A 305 26.84 -1.81 -7.62
CA LEU A 305 27.77 -2.08 -8.72
C LEU A 305 27.93 -0.87 -9.64
N LEU A 306 28.17 0.29 -9.02
CA LEU A 306 28.38 1.50 -9.79
C LEU A 306 29.80 1.56 -10.32
N GLU A 307 30.01 2.43 -11.32
CA GLU A 307 31.29 2.58 -11.97
C GLU A 307 31.54 4.07 -12.21
N GLY A 308 32.54 4.36 -13.04
CA GLY A 308 32.91 5.74 -13.36
C GLY A 308 32.09 6.30 -14.50
N PHE A 309 32.48 7.51 -14.91
CA PHE A 309 31.73 8.21 -15.96
C PHE A 309 31.85 7.50 -17.29
N ASN A 310 33.03 7.00 -17.63
CA ASN A 310 33.31 6.47 -18.96
C ASN A 310 32.91 5.02 -19.14
N ASN A 311 32.38 4.37 -18.11
CA ASN A 311 32.02 2.96 -18.18
C ASN A 311 30.59 2.74 -18.66
N TYR A 312 29.86 3.79 -19.01
CA TYR A 312 28.50 3.67 -19.51
C TYR A 312 28.40 4.32 -20.88
N THR A 313 27.49 3.78 -21.71
CA THR A 313 27.29 4.27 -23.05
C THR A 313 26.10 5.22 -23.19
N PHE A 314 25.12 5.13 -22.28
CA PHE A 314 23.99 6.04 -22.35
C PHE A 314 24.38 7.48 -22.01
N LEU A 315 25.46 7.67 -21.25
CA LEU A 315 25.93 9.02 -20.96
C LEU A 315 26.37 9.72 -22.24
N SER A 316 27.26 9.09 -23.00
CA SER A 316 27.68 9.53 -24.32
C SER A 316 28.47 10.84 -24.28
N ASN A 317 28.57 11.44 -23.09
CA ASN A 317 29.27 12.71 -22.91
C ASN A 317 29.70 12.83 -21.46
N GLY A 318 30.64 13.72 -21.21
CA GLY A 318 31.04 14.02 -19.85
C GLY A 318 30.11 15.00 -19.18
N HIS A 319 30.36 15.23 -17.89
CA HIS A 319 29.56 16.18 -17.11
C HIS A 319 29.89 17.58 -17.56
N VAL A 320 29.01 18.18 -18.34
CA VAL A 320 29.21 19.52 -18.88
C VAL A 320 29.19 20.53 -17.74
N PRO A 321 29.97 21.62 -17.84
CA PRO A 321 29.97 22.63 -16.76
C PRO A 321 28.65 23.36 -16.71
N ILE A 322 28.05 23.40 -15.52
CA ILE A 322 26.77 24.09 -15.32
C ILE A 322 26.81 24.87 -14.02
N PRO A 323 26.06 25.97 -13.97
CA PRO A 323 25.91 26.70 -12.70
C PRO A 323 25.12 25.88 -11.70
N ALA A 324 25.07 26.41 -10.47
CA ALA A 324 24.40 25.75 -9.34
C ALA A 324 24.99 24.37 -9.10
N GLN A 325 26.26 24.36 -8.72
CA GLN A 325 27.01 23.13 -8.49
C GLN A 325 26.62 22.57 -7.12
N GLN A 326 27.39 21.59 -6.63
CA GLN A 326 27.14 20.92 -5.36
C GLN A 326 25.78 20.21 -5.39
N ASP A 327 25.68 19.25 -6.31
CA ASP A 327 24.47 18.43 -6.41
C ASP A 327 24.34 17.46 -5.25
N ASP A 328 25.42 17.20 -4.53
CA ASP A 328 25.36 16.26 -3.41
C ASP A 328 24.41 16.75 -2.32
N GLU A 329 24.47 18.04 -2.00
CA GLU A 329 23.56 18.59 -1.00
C GLU A 329 22.12 18.54 -1.49
N MET A 330 21.88 18.78 -2.78
CA MET A 330 20.54 18.67 -3.33
C MET A 330 20.03 17.24 -3.19
N PHE A 331 20.87 16.24 -3.47
CA PHE A 331 20.47 14.85 -3.33
C PHE A 331 20.21 14.51 -1.86
N GLN A 332 21.03 15.05 -0.95
CA GLN A 332 20.80 14.81 0.47
C GLN A 332 19.48 15.39 0.93
N GLU A 333 19.14 16.61 0.47
CA GLU A 333 17.85 17.18 0.81
C GLU A 333 16.71 16.44 0.12
N THR A 334 16.97 15.83 -1.04
CA THR A 334 15.98 14.98 -1.66
C THR A 334 15.68 13.76 -0.79
N LEU A 335 16.72 13.14 -0.24
CA LEU A 335 16.52 12.05 0.71
C LEU A 335 15.80 12.55 1.96
N GLU A 336 16.13 13.76 2.42
CA GLU A 336 15.46 14.34 3.57
C GLU A 336 13.96 14.50 3.31
N ALA A 337 13.60 15.01 2.13
CA ALA A 337 12.21 15.15 1.77
C ALA A 337 11.53 13.78 1.67
N MET A 338 12.24 12.80 1.09
CA MET A 338 11.72 11.43 1.07
C MET A 338 11.37 10.96 2.47
N THR A 339 12.25 11.24 3.43
CA THR A 339 11.97 10.88 4.81
C THR A 339 10.75 11.63 5.36
N ILE A 340 10.65 12.92 5.05
CA ILE A 340 9.53 13.72 5.54
C ILE A 340 8.22 13.22 4.96
N MET A 341 8.25 12.78 3.69
CA MET A 341 7.04 12.22 3.09
C MET A 341 6.58 10.96 3.80
N GLY A 342 7.46 10.30 4.55
CA GLY A 342 7.11 9.08 5.26
C GLY A 342 7.63 7.84 4.57
N PHE A 343 8.84 7.92 4.02
CA PHE A 343 9.46 6.82 3.30
C PHE A 343 10.62 6.29 4.12
N THR A 344 10.64 4.98 4.35
CA THR A 344 11.78 4.38 5.01
C THR A 344 12.98 4.35 4.06
N GLU A 345 14.17 4.28 4.64
CA GLU A 345 15.39 4.35 3.84
C GLU A 345 15.49 3.19 2.86
N GLU A 346 14.96 2.02 3.23
CA GLU A 346 15.06 0.85 2.36
C GLU A 346 14.37 1.08 1.02
N GLU A 347 13.25 1.80 1.02
CA GLU A 347 12.59 2.11 -0.23
C GLU A 347 13.45 3.01 -1.11
N GLN A 348 14.14 3.97 -0.50
CA GLN A 348 15.07 4.80 -1.26
C GLN A 348 16.21 3.97 -1.84
N THR A 349 16.72 3.01 -1.06
CA THR A 349 17.74 2.10 -1.57
C THR A 349 17.21 1.28 -2.74
N SER A 350 15.96 0.84 -2.66
CA SER A 350 15.37 0.08 -3.76
C SER A 350 15.21 0.94 -5.02
N ILE A 351 14.82 2.20 -4.84
CA ILE A 351 14.73 3.11 -5.98
C ILE A 351 16.10 3.31 -6.60
N LEU A 352 17.13 3.47 -5.77
CA LEU A 352 18.50 3.56 -6.29
C LEU A 352 18.90 2.29 -7.02
N ARG A 353 18.47 1.13 -6.51
CA ARG A 353 18.75 -0.12 -7.20
C ARG A 353 18.10 -0.15 -8.58
N VAL A 354 16.85 0.32 -8.66
CA VAL A 354 16.14 0.32 -9.95
C VAL A 354 16.83 1.25 -10.94
N VAL A 355 17.21 2.44 -10.50
CA VAL A 355 17.86 3.37 -11.42
C VAL A 355 19.25 2.87 -11.82
N SER A 356 19.96 2.21 -10.88
CA SER A 356 21.23 1.61 -11.23
C SER A 356 21.06 0.51 -12.27
N SER A 357 20.01 -0.31 -12.12
CA SER A 357 19.74 -1.35 -13.10
C SER A 357 19.44 -0.77 -14.47
N VAL A 358 18.61 0.30 -14.51
CA VAL A 358 18.24 0.84 -15.82
C VAL A 358 19.41 1.54 -16.48
N LEU A 359 20.31 2.15 -15.69
CA LEU A 359 21.48 2.76 -16.30
C LEU A 359 22.51 1.71 -16.73
N GLN A 360 22.63 0.62 -15.99
CA GLN A 360 23.57 -0.45 -16.34
C GLN A 360 23.03 -1.38 -17.42
N LEU A 361 21.73 -1.30 -17.74
CA LEU A 361 21.14 -2.22 -18.70
C LEU A 361 21.69 -2.02 -20.10
N GLY A 362 22.08 -0.80 -20.45
CA GLY A 362 22.55 -0.50 -21.78
C GLY A 362 23.98 -0.91 -22.09
N ASN A 363 24.69 -1.47 -21.12
CA ASN A 363 26.08 -1.87 -21.32
C ASN A 363 26.22 -3.15 -22.13
N ILE A 364 25.12 -3.84 -22.43
CA ILE A 364 25.19 -5.09 -23.17
C ILE A 364 25.64 -4.80 -24.61
N VAL A 365 26.64 -5.55 -25.07
CA VAL A 365 27.19 -5.40 -26.41
C VAL A 365 27.04 -6.75 -27.13
N PHE A 366 26.52 -6.70 -28.35
CA PHE A 366 26.28 -7.90 -29.14
C PHE A 366 27.14 -7.87 -30.40
N LYS A 367 27.25 -9.04 -31.05
CA LYS A 367 28.03 -9.18 -32.27
C LYS A 367 27.43 -10.28 -33.12
N LYS A 368 27.78 -10.26 -34.40
CA LYS A 368 27.24 -11.22 -35.36
C LYS A 368 27.89 -12.60 -35.15
N GLU A 369 27.25 -13.63 -35.71
CA GLU A 369 27.73 -15.00 -35.62
C GLU A 369 28.65 -15.38 -36.77
N ARG A 370 28.93 -14.45 -37.69
CA ARG A 370 29.88 -14.63 -38.79
C ARG A 370 29.32 -15.56 -39.86
N ASN A 371 28.21 -16.21 -39.58
CA ASN A 371 27.61 -17.10 -40.57
C ASN A 371 26.15 -16.80 -40.84
N THR A 372 25.39 -16.44 -39.81
CA THR A 372 23.98 -16.13 -39.98
C THR A 372 23.63 -14.82 -39.28
N ASP A 373 22.34 -14.50 -39.21
CA ASP A 373 21.89 -13.28 -38.53
C ASP A 373 21.85 -13.42 -37.02
N GLN A 374 22.12 -14.61 -36.49
CA GLN A 374 22.10 -14.81 -35.04
C GLN A 374 23.15 -13.94 -34.36
N ALA A 375 22.78 -13.39 -33.21
CA ALA A 375 23.70 -12.57 -32.45
C ALA A 375 24.64 -13.44 -31.62
N SER A 376 25.78 -12.86 -31.25
CA SER A 376 26.78 -13.54 -30.43
C SER A 376 27.06 -12.71 -29.18
N MET A 377 27.21 -13.41 -28.05
CA MET A 377 27.41 -12.77 -26.75
C MET A 377 28.67 -13.38 -26.16
N PRO A 378 29.82 -12.72 -26.32
CA PRO A 378 31.08 -13.31 -25.84
C PRO A 378 31.42 -12.99 -24.39
N ASP A 379 30.98 -11.84 -23.88
CA ASP A 379 31.36 -11.36 -22.56
C ASP A 379 30.11 -11.00 -21.79
N ASN A 380 29.90 -11.66 -20.65
CA ASN A 380 28.70 -11.48 -19.84
C ASN A 380 28.94 -10.66 -18.57
N THR A 381 30.03 -9.91 -18.52
CA THR A 381 30.34 -9.09 -17.35
C THR A 381 29.16 -8.19 -16.97
N ALA A 382 28.77 -7.30 -17.88
CA ALA A 382 27.60 -6.47 -17.64
C ALA A 382 26.34 -7.31 -17.49
N ALA A 383 26.25 -8.41 -18.25
CA ALA A 383 25.09 -9.29 -18.12
C ALA A 383 24.98 -9.85 -16.71
N GLN A 384 26.11 -10.33 -16.16
CA GLN A 384 26.09 -10.84 -14.79
C GLN A 384 25.74 -9.73 -13.80
N LYS A 385 26.33 -8.54 -13.98
CA LYS A 385 26.04 -7.43 -13.07
C LYS A 385 24.56 -7.12 -13.05
N VAL A 386 23.94 -6.95 -14.22
CA VAL A 386 22.54 -6.54 -14.28
C VAL A 386 21.63 -7.66 -13.81
N CYS A 387 21.92 -8.91 -14.22
CA CYS A 387 21.07 -10.02 -13.80
C CYS A 387 21.09 -10.17 -12.28
N HIS A 388 22.26 -10.04 -11.67
CA HIS A 388 22.32 -10.04 -10.21
C HIS A 388 21.63 -8.82 -9.62
N LEU A 389 21.60 -7.71 -10.37
CA LEU A 389 20.89 -6.53 -9.90
C LEU A 389 19.40 -6.81 -9.75
N MET A 390 18.78 -7.50 -10.72
CA MET A 390 17.43 -7.98 -10.45
C MET A 390 17.41 -9.37 -9.82
N GLY A 391 18.54 -10.05 -9.73
CA GLY A 391 18.55 -11.35 -9.07
C GLY A 391 17.74 -12.42 -9.76
N ILE A 392 17.85 -12.51 -11.08
CA ILE A 392 17.14 -13.53 -11.85
C ILE A 392 18.17 -14.40 -12.57
N ASN A 393 17.72 -15.56 -13.03
CA ASN A 393 18.61 -16.50 -13.70
C ASN A 393 19.10 -15.92 -15.02
N VAL A 394 20.41 -15.69 -15.12
CA VAL A 394 20.96 -15.02 -16.29
C VAL A 394 20.88 -15.94 -17.52
N THR A 395 21.18 -17.22 -17.34
CA THR A 395 21.22 -18.13 -18.49
C THR A 395 19.86 -18.22 -19.18
N ASP A 396 18.78 -18.34 -18.39
CA ASP A 396 17.44 -18.25 -18.97
C ASP A 396 17.22 -16.86 -19.57
N PHE A 397 17.63 -15.82 -18.84
CA PHE A 397 17.50 -14.46 -19.35
C PHE A 397 18.33 -14.27 -20.61
N THR A 398 19.56 -14.80 -20.63
CA THR A 398 20.41 -14.64 -21.81
C THR A 398 19.80 -15.33 -23.02
N ARG A 399 19.36 -16.58 -22.86
CA ARG A 399 18.79 -17.29 -23.99
C ARG A 399 17.51 -16.61 -24.48
N SER A 400 16.67 -16.14 -23.54
CA SER A 400 15.42 -15.49 -23.94
C SER A 400 15.69 -14.19 -24.68
N ILE A 401 16.58 -13.35 -24.16
CA ILE A 401 16.81 -12.04 -24.76
C ILE A 401 17.54 -12.18 -26.09
N LEU A 402 18.47 -13.12 -26.20
CA LEU A 402 19.22 -13.26 -27.45
C LEU A 402 18.37 -13.90 -28.53
N THR A 403 17.56 -14.89 -28.18
CA THR A 403 16.61 -15.51 -29.11
C THR A 403 15.43 -16.06 -28.33
N PRO A 404 14.29 -15.38 -28.36
CA PRO A 404 13.13 -15.82 -27.57
C PRO A 404 12.32 -16.90 -28.26
N ARG A 405 11.60 -17.67 -27.45
CA ARG A 405 10.68 -18.67 -27.95
C ARG A 405 9.29 -18.04 -28.06
N ILE A 406 8.69 -18.16 -29.24
CA ILE A 406 7.42 -17.49 -29.53
C ILE A 406 6.27 -18.42 -29.17
N LYS A 407 5.32 -17.91 -28.40
CA LYS A 407 4.07 -18.61 -28.12
C LYS A 407 3.05 -18.32 -29.22
N VAL A 408 3.44 -18.67 -30.45
CA VAL A 408 2.64 -18.35 -31.63
C VAL A 408 1.31 -19.08 -31.66
N GLY A 409 1.15 -20.13 -30.85
CA GLY A 409 -0.05 -20.93 -30.85
C GLY A 409 0.00 -22.12 -31.78
N ARG A 410 0.68 -22.00 -32.91
CA ARG A 410 0.88 -23.15 -33.80
C ARG A 410 1.66 -24.25 -33.09
N ASP A 411 2.90 -23.96 -32.72
CA ASP A 411 3.76 -24.88 -32.00
C ASP A 411 4.65 -24.06 -31.07
N VAL A 412 5.67 -24.71 -30.51
CA VAL A 412 6.69 -24.02 -29.72
C VAL A 412 7.94 -23.87 -30.60
N VAL A 413 8.31 -22.63 -30.87
CA VAL A 413 9.40 -22.32 -31.79
C VAL A 413 10.20 -21.15 -31.24
N GLN A 414 11.52 -21.25 -31.32
CA GLN A 414 12.42 -20.15 -31.03
C GLN A 414 13.02 -19.65 -32.34
N LYS A 415 12.96 -18.34 -32.55
CA LYS A 415 13.36 -17.73 -33.81
C LYS A 415 14.61 -16.88 -33.61
N ALA A 416 15.54 -17.01 -34.56
CA ALA A 416 16.74 -16.18 -34.52
C ALA A 416 16.37 -14.71 -34.68
N GLN A 417 17.11 -13.85 -34.00
CA GLN A 417 16.90 -12.42 -34.05
C GLN A 417 18.09 -11.73 -34.70
N THR A 418 18.01 -10.41 -34.76
CA THR A 418 19.05 -9.57 -35.34
C THR A 418 19.46 -8.52 -34.33
N LYS A 419 20.44 -7.69 -34.71
CA LYS A 419 20.91 -6.64 -33.82
C LYS A 419 19.80 -5.65 -33.49
N GLU A 420 19.02 -5.26 -34.49
CA GLU A 420 17.96 -4.27 -34.28
C GLU A 420 16.89 -4.81 -33.34
N GLN A 421 16.54 -6.08 -33.46
CA GLN A 421 15.53 -6.67 -32.57
C GLN A 421 16.01 -6.64 -31.12
N ALA A 422 17.26 -7.03 -30.88
CA ALA A 422 17.81 -7.02 -29.53
C ALA A 422 17.84 -5.60 -28.97
N ASP A 423 18.30 -4.64 -29.77
CA ASP A 423 18.29 -3.25 -29.31
C ASP A 423 16.88 -2.82 -28.96
N PHE A 424 15.93 -3.01 -29.88
CA PHE A 424 14.54 -2.60 -29.65
C PHE A 424 14.02 -3.16 -28.34
N ALA A 425 14.34 -4.43 -28.05
CA ALA A 425 13.98 -4.99 -26.76
C ALA A 425 14.66 -4.21 -25.62
N ILE A 426 15.93 -3.84 -25.80
CA ILE A 426 16.64 -3.14 -24.73
C ILE A 426 15.96 -1.81 -24.39
N GLU A 427 15.71 -0.96 -25.40
CA GLU A 427 15.10 0.31 -25.03
C GLU A 427 13.63 0.15 -24.66
N ALA A 428 12.93 -0.87 -25.17
CA ALA A 428 11.57 -1.11 -24.71
C ALA A 428 11.55 -1.40 -23.22
N LEU A 429 12.45 -2.28 -22.77
CA LEU A 429 12.55 -2.58 -21.35
C LEU A 429 12.93 -1.34 -20.56
N ALA A 430 13.86 -0.54 -21.08
CA ALA A 430 14.29 0.66 -20.37
C ALA A 430 13.14 1.64 -20.18
N LYS A 431 12.39 1.91 -21.25
CA LYS A 431 11.27 2.84 -21.15
C LYS A 431 10.19 2.30 -20.23
N ALA A 432 9.88 1.01 -20.33
CA ALA A 432 8.86 0.45 -19.44
C ALA A 432 9.28 0.58 -17.99
N LYS A 433 10.54 0.26 -17.68
CA LYS A 433 11.03 0.36 -16.31
C LYS A 433 10.95 1.79 -15.79
N PHE A 434 11.44 2.75 -16.59
CA PHE A 434 11.45 4.14 -16.14
C PHE A 434 10.03 4.68 -15.95
N GLU A 435 9.13 4.37 -16.88
CA GLU A 435 7.75 4.86 -16.75
C GLU A 435 7.06 4.24 -15.54
N ARG A 436 7.30 2.94 -15.30
CA ARG A 436 6.71 2.31 -14.12
C ARG A 436 7.25 2.92 -12.84
N LEU A 437 8.56 3.22 -12.80
CA LEU A 437 9.13 3.87 -11.63
C LEU A 437 8.50 5.24 -11.40
N PHE A 438 8.34 6.02 -12.47
CA PHE A 438 7.71 7.33 -12.35
C PHE A 438 6.28 7.21 -11.84
N ARG A 439 5.52 6.24 -12.37
CA ARG A 439 4.15 6.06 -11.94
C ARG A 439 4.08 5.65 -10.47
N TRP A 440 4.99 4.78 -10.03
CA TRP A 440 5.02 4.38 -8.63
C TRP A 440 5.33 5.58 -7.73
N ILE A 441 6.31 6.39 -8.10
CA ILE A 441 6.64 7.57 -7.31
C ILE A 441 5.45 8.52 -7.23
N LEU A 442 4.79 8.76 -8.37
CA LEU A 442 3.64 9.65 -8.38
C LEU A 442 2.52 9.12 -7.49
N THR A 443 2.22 7.83 -7.61
CA THR A 443 1.14 7.26 -6.82
C THR A 443 1.44 7.35 -5.33
N ARG A 444 2.68 7.03 -4.93
CA ARG A 444 3.02 7.09 -3.52
C ARG A 444 2.97 8.52 -2.99
N VAL A 445 3.53 9.48 -3.75
CA VAL A 445 3.57 10.85 -3.26
C VAL A 445 2.16 11.43 -3.19
N ASN A 446 1.28 11.05 -4.12
CA ASN A 446 -0.11 11.51 -4.05
C ASN A 446 -0.83 10.86 -2.87
N LYS A 447 -0.53 9.59 -2.60
CA LYS A 447 -1.09 8.91 -1.43
C LYS A 447 -0.59 9.54 -0.13
N ALA A 448 0.55 10.22 -0.16
CA ALA A 448 1.06 10.86 1.05
C ALA A 448 0.19 12.03 1.50
N LEU A 449 -0.67 12.57 0.64
CA LEU A 449 -1.41 13.79 0.95
C LEU A 449 -2.89 13.67 0.55
N ASP A 450 -3.55 12.59 0.97
CA ASP A 450 -4.99 12.47 0.73
C ASP A 450 -5.61 11.63 1.84
N LYS A 451 -6.28 12.31 2.77
CA LYS A 451 -7.10 11.66 3.79
C LYS A 451 -8.41 12.43 3.90
N THR A 452 -9.34 11.87 4.66
CA THR A 452 -10.66 12.46 4.93
C THR A 452 -11.24 13.16 3.70
N LYS A 453 -11.38 12.38 2.63
CA LYS A 453 -11.69 12.91 1.30
C LYS A 453 -13.15 13.37 1.25
N ARG A 454 -13.38 14.57 1.78
CA ARG A 454 -14.67 15.24 1.69
C ARG A 454 -14.42 16.70 1.35
N GLN A 455 -14.96 17.14 0.22
CA GLN A 455 -14.72 18.49 -0.31
C GLN A 455 -16.00 19.31 -0.24
N GLY A 456 -15.89 20.54 0.26
CA GLY A 456 -17.02 21.43 0.33
C GLY A 456 -17.18 22.32 -0.89
N ALA A 457 -17.02 21.72 -2.07
CA ALA A 457 -17.19 22.43 -3.35
C ALA A 457 -16.24 23.63 -3.46
N SER A 458 -14.94 23.33 -3.47
CA SER A 458 -13.91 24.36 -3.56
C SER A 458 -12.68 23.74 -4.21
N PHE A 459 -12.46 24.04 -5.49
CA PHE A 459 -11.33 23.52 -6.24
C PHE A 459 -10.55 24.67 -6.86
N LEU A 460 -9.27 24.44 -7.11
CA LEU A 460 -8.39 25.45 -7.70
C LEU A 460 -7.53 24.80 -8.77
N GLY A 461 -7.60 25.32 -9.99
CA GLY A 461 -6.82 24.81 -11.09
C GLY A 461 -5.58 25.65 -11.33
N ILE A 462 -4.42 25.02 -11.14
CA ILE A 462 -3.14 25.72 -11.28
C ILE A 462 -2.26 24.94 -12.25
N LEU A 463 -2.89 24.23 -13.18
CA LEU A 463 -2.18 23.37 -14.11
C LEU A 463 -1.27 24.18 -15.02
N ASP A 464 -0.15 23.56 -15.40
CA ASP A 464 0.77 24.11 -16.39
C ASP A 464 1.26 22.97 -17.28
N ILE A 465 1.67 23.33 -18.49
CA ILE A 465 2.12 22.35 -19.48
C ILE A 465 3.46 22.80 -20.05
N ALA A 466 4.05 21.91 -20.84
CA ALA A 466 5.31 22.24 -21.51
C ALA A 466 5.07 23.30 -22.58
N GLY A 467 6.01 24.25 -22.67
CA GLY A 467 5.86 25.35 -23.60
C GLY A 467 6.16 24.97 -25.04
N PHE A 468 5.76 25.85 -25.94
CA PHE A 468 6.01 25.64 -27.36
C PHE A 468 7.50 25.63 -27.65
N GLU A 469 7.95 24.65 -28.42
CA GLU A 469 9.37 24.50 -28.69
C GLU A 469 9.56 23.89 -30.08
N ILE A 470 10.76 24.08 -30.63
CA ILE A 470 11.11 23.57 -31.94
C ILE A 470 12.51 22.99 -31.90
N PHE A 471 12.73 21.96 -32.71
CA PHE A 471 14.06 21.39 -32.93
C PHE A 471 14.11 20.82 -34.33
N GLU A 472 15.33 20.69 -34.86
CA GLU A 472 15.50 20.16 -36.22
C GLU A 472 15.06 18.71 -36.30
N ILE A 473 15.31 17.91 -35.26
CA ILE A 473 14.72 16.58 -35.14
C ILE A 473 13.46 16.69 -34.30
N ASN A 474 12.38 16.06 -34.75
CA ASN A 474 11.11 16.11 -34.06
C ASN A 474 10.51 14.71 -34.01
N SER A 475 9.46 14.57 -33.22
CA SER A 475 8.80 13.28 -33.01
C SER A 475 7.36 13.52 -32.59
N PHE A 476 6.70 12.45 -32.13
CA PHE A 476 5.28 12.51 -31.81
C PHE A 476 5.01 13.46 -30.64
N GLU A 477 5.90 13.45 -29.64
CA GLU A 477 5.70 14.30 -28.47
C GLU A 477 5.74 15.78 -28.85
N GLN A 478 6.58 16.15 -29.82
CA GLN A 478 6.56 17.52 -30.31
C GLN A 478 5.20 17.87 -30.89
N LEU A 479 4.61 16.94 -31.65
CA LEU A 479 3.27 17.15 -32.18
C LEU A 479 2.26 17.34 -31.07
N CYS A 480 2.33 16.50 -30.02
CA CYS A 480 1.33 16.60 -28.96
C CYS A 480 1.46 17.92 -28.20
N ILE A 481 2.70 18.33 -27.89
CA ILE A 481 2.86 19.58 -27.14
C ILE A 481 2.45 20.78 -27.99
N ASN A 482 2.77 20.75 -29.30
CA ASN A 482 2.33 21.83 -30.17
C ASN A 482 0.81 21.88 -30.27
N TYR A 483 0.17 20.71 -30.33
CA TYR A 483 -1.28 20.66 -30.36
C TYR A 483 -1.87 21.22 -29.07
N THR A 484 -1.23 20.95 -27.94
CA THR A 484 -1.67 21.55 -26.68
C THR A 484 -1.53 23.06 -26.71
N ASN A 485 -0.44 23.57 -27.27
CA ASN A 485 -0.29 25.02 -27.39
C ASN A 485 -1.41 25.62 -28.25
N GLU A 486 -1.72 24.96 -29.36
CA GLU A 486 -2.82 25.41 -30.21
C GLU A 486 -4.14 25.40 -29.44
N LYS A 487 -4.40 24.33 -28.69
CA LYS A 487 -5.65 24.23 -27.93
C LYS A 487 -5.75 25.29 -26.85
N LEU A 488 -4.64 25.57 -26.16
CA LEU A 488 -4.65 26.60 -25.14
C LEU A 488 -4.89 27.98 -25.75
N GLN A 489 -4.27 28.27 -26.90
CA GLN A 489 -4.54 29.55 -27.55
C GLN A 489 -5.99 29.64 -28.01
N GLN A 490 -6.55 28.54 -28.51
CA GLN A 490 -7.95 28.54 -28.92
C GLN A 490 -8.87 28.78 -27.72
N LEU A 491 -8.57 28.16 -26.59
CA LEU A 491 -9.33 28.40 -25.37
C LEU A 491 -9.23 29.87 -24.96
N PHE A 492 -8.02 30.42 -25.03
CA PHE A 492 -7.78 31.83 -24.76
C PHE A 492 -8.73 32.71 -25.57
N ASN A 493 -8.67 32.57 -26.90
CA ASN A 493 -9.50 33.39 -27.78
C ASN A 493 -10.99 33.18 -27.51
N HIS A 494 -11.42 31.91 -27.43
CA HIS A 494 -12.83 31.63 -27.29
C HIS A 494 -13.39 32.22 -26.01
N THR A 495 -12.75 31.92 -24.87
CA THR A 495 -13.24 32.43 -23.60
C THR A 495 -13.16 33.95 -23.53
N MET A 496 -12.16 34.55 -24.17
CA MET A 496 -12.06 36.01 -24.08
C MET A 496 -13.04 36.74 -24.96
N PHE A 497 -13.45 36.17 -26.10
CA PHE A 497 -14.37 36.95 -26.93
C PHE A 497 -15.70 36.26 -27.21
N ILE A 498 -15.67 35.01 -27.65
CA ILE A 498 -16.82 34.44 -28.35
C ILE A 498 -18.01 34.36 -27.42
N LEU A 499 -17.79 33.90 -26.19
CA LEU A 499 -18.86 33.88 -25.19
C LEU A 499 -19.40 35.28 -24.96
N GLU A 500 -18.53 36.29 -24.94
CA GLU A 500 -18.99 37.64 -24.65
C GLU A 500 -19.89 38.18 -25.76
N GLN A 501 -19.45 38.06 -27.02
CA GLN A 501 -20.33 38.57 -28.08
C GLN A 501 -21.61 37.76 -28.20
N GLU A 502 -21.55 36.43 -27.99
CA GLU A 502 -22.81 35.68 -28.07
C GLU A 502 -23.75 36.06 -26.94
N GLU A 503 -23.21 36.34 -25.75
CA GLU A 503 -24.05 36.80 -24.65
C GLU A 503 -24.63 38.18 -24.94
N TYR A 504 -23.85 39.05 -25.57
CA TYR A 504 -24.38 40.35 -25.98
C TYR A 504 -25.55 40.18 -26.95
N GLN A 505 -25.39 39.28 -27.92
CA GLN A 505 -26.41 39.13 -28.95
C GLN A 505 -27.66 38.44 -28.41
N ARG A 506 -27.50 37.48 -27.51
CA ARG A 506 -28.63 36.63 -27.12
C ARG A 506 -29.69 37.42 -26.34
N GLU A 507 -29.27 38.33 -25.48
CA GLU A 507 -30.19 39.02 -24.57
C GLU A 507 -30.55 40.42 -25.04
N GLY A 508 -30.36 40.71 -26.32
CA GLY A 508 -30.80 41.98 -26.86
C GLY A 508 -29.97 43.19 -26.46
N ILE A 509 -28.73 42.98 -26.04
CA ILE A 509 -27.84 44.11 -25.76
C ILE A 509 -27.53 44.83 -27.06
N GLU A 510 -27.59 46.16 -27.03
CA GLU A 510 -27.29 46.94 -28.22
C GLU A 510 -25.80 46.87 -28.53
N TRP A 511 -25.42 45.92 -29.37
CA TRP A 511 -24.02 45.68 -29.69
C TRP A 511 -23.94 45.15 -31.11
N ASN A 512 -22.77 45.36 -31.73
CA ASN A 512 -22.54 44.94 -33.10
C ASN A 512 -21.55 43.79 -33.15
N PHE A 513 -21.56 43.07 -34.26
CA PHE A 513 -20.73 41.89 -34.46
C PHE A 513 -19.41 42.33 -35.10
N ILE A 514 -18.33 42.30 -34.33
CA ILE A 514 -17.00 42.62 -34.83
C ILE A 514 -16.04 41.53 -34.36
N ASP A 515 -15.19 41.07 -35.27
CA ASP A 515 -14.18 40.08 -34.95
C ASP A 515 -12.92 40.75 -34.42
N PHE A 516 -12.37 40.19 -33.35
CA PHE A 516 -11.11 40.67 -32.78
C PHE A 516 -10.17 39.47 -32.69
N GLY A 517 -9.09 39.51 -33.46
CA GLY A 517 -8.15 38.42 -33.52
C GLY A 517 -8.64 37.29 -34.42
N LEU A 518 -7.76 36.31 -34.61
CA LEU A 518 -8.04 35.17 -35.48
C LEU A 518 -8.15 33.90 -34.63
N ASP A 519 -8.44 32.79 -35.31
CA ASP A 519 -8.60 31.51 -34.65
C ASP A 519 -7.76 30.44 -35.36
N LEU A 520 -7.54 29.34 -34.66
CA LEU A 520 -6.77 28.21 -35.18
C LEU A 520 -7.63 26.97 -35.40
N GLN A 521 -8.95 27.15 -35.53
CA GLN A 521 -9.83 26.00 -35.73
C GLN A 521 -9.48 25.18 -36.96
N PRO A 522 -9.17 25.76 -38.12
CA PRO A 522 -8.71 24.90 -39.24
C PRO A 522 -7.50 24.06 -38.88
N CYS A 523 -6.56 24.60 -38.12
CA CYS A 523 -5.39 23.83 -37.73
C CYS A 523 -5.79 22.64 -36.85
N ILE A 524 -6.58 22.90 -35.80
CA ILE A 524 -6.96 21.83 -34.90
C ILE A 524 -7.78 20.78 -35.63
N GLU A 525 -8.59 21.20 -36.61
CA GLU A 525 -9.27 20.23 -37.46
C GLU A 525 -8.27 19.41 -38.26
N LEU A 526 -7.21 20.05 -38.76
CA LEU A 526 -6.20 19.34 -39.52
C LEU A 526 -5.55 18.24 -38.70
N ILE A 527 -5.15 18.57 -37.46
CA ILE A 527 -4.62 17.52 -36.58
C ILE A 527 -5.71 16.56 -36.14
N GLU A 528 -6.90 17.07 -35.80
CA GLU A 528 -7.96 16.19 -35.33
C GLU A 528 -8.43 15.27 -36.45
N ARG A 529 -9.23 14.28 -36.06
CA ARG A 529 -9.54 13.13 -36.92
C ARG A 529 -11.04 12.87 -36.96
N PRO A 530 -11.80 13.75 -37.60
CA PRO A 530 -13.23 13.49 -37.81
C PRO A 530 -13.44 12.29 -38.72
N THR A 531 -14.71 11.90 -38.86
CA THR A 531 -15.05 10.77 -39.72
C THR A 531 -14.66 11.02 -41.17
N ASN A 532 -14.62 12.28 -41.60
CA ASN A 532 -14.20 12.67 -42.94
C ASN A 532 -12.75 12.25 -43.18
N PRO A 533 -12.24 12.34 -44.40
CA PRO A 533 -10.82 12.02 -44.64
C PRO A 533 -9.93 12.74 -43.66
N PRO A 534 -9.24 12.00 -42.79
CA PRO A 534 -8.51 12.62 -41.69
C PRO A 534 -7.21 13.27 -42.15
N GLY A 535 -6.69 14.14 -41.28
CA GLY A 535 -5.40 14.75 -41.55
C GLY A 535 -4.22 13.83 -41.30
N VAL A 536 -3.95 13.51 -40.04
CA VAL A 536 -2.77 12.72 -39.70
C VAL A 536 -3.09 11.53 -38.80
N LEU A 537 -3.79 11.77 -37.68
CA LEU A 537 -3.83 10.80 -36.61
C LEU A 537 -4.63 9.55 -36.99
N ALA A 538 -5.82 9.72 -37.54
CA ALA A 538 -6.56 8.56 -38.01
C ALA A 538 -5.88 7.89 -39.19
N LEU A 539 -5.07 8.64 -39.96
CA LEU A 539 -4.25 8.01 -40.98
C LEU A 539 -3.23 7.06 -40.36
N LEU A 540 -2.59 7.49 -39.25
CA LEU A 540 -1.75 6.56 -38.49
C LEU A 540 -2.57 5.37 -38.01
N ASP A 541 -3.79 5.63 -37.55
CA ASP A 541 -4.65 4.56 -37.05
C ASP A 541 -4.90 3.51 -38.12
N GLU A 542 -5.21 3.95 -39.34
CA GLU A 542 -5.42 3.01 -40.44
C GLU A 542 -4.12 2.31 -40.84
N GLU A 543 -3.01 3.05 -40.90
CA GLU A 543 -1.74 2.46 -41.30
C GLU A 543 -1.19 1.49 -40.26
N CYS A 544 -1.73 1.50 -39.05
CA CYS A 544 -1.32 0.50 -38.06
C CYS A 544 -1.63 -0.91 -38.54
N TRP A 545 -2.79 -1.10 -39.17
CA TRP A 545 -3.22 -2.41 -39.68
C TRP A 545 -2.88 -2.51 -41.16
N PHE A 546 -1.61 -2.73 -41.46
CA PHE A 546 -1.20 -2.98 -42.83
C PHE A 546 -0.12 -4.05 -42.85
N PRO A 547 -0.13 -4.93 -43.86
CA PRO A 547 0.86 -6.02 -43.90
C PRO A 547 2.30 -5.57 -44.00
N LYS A 548 2.63 -4.77 -45.02
CA LYS A 548 4.02 -4.42 -45.26
C LYS A 548 4.53 -3.48 -44.16
N ALA A 549 5.79 -3.70 -43.76
CA ALA A 549 6.34 -2.99 -42.61
C ALA A 549 6.74 -1.55 -42.94
N THR A 550 7.13 -1.29 -44.19
CA THR A 550 7.69 0.02 -44.53
C THR A 550 6.65 1.13 -44.36
N ASP A 551 7.12 2.27 -43.86
CA ASP A 551 6.29 3.47 -43.73
C ASP A 551 6.60 4.50 -44.79
N THR A 552 7.41 4.15 -45.80
CA THR A 552 7.66 5.07 -46.90
C THR A 552 6.40 5.34 -47.70
N SER A 553 5.44 4.41 -47.68
CA SER A 553 4.15 4.65 -48.33
C SER A 553 3.31 5.62 -47.52
N PHE A 554 3.53 5.68 -46.21
CA PHE A 554 2.73 6.54 -45.34
C PHE A 554 2.90 8.01 -45.70
N VAL A 555 4.13 8.44 -45.97
CA VAL A 555 4.36 9.85 -46.32
C VAL A 555 3.73 10.17 -47.66
N GLU A 556 3.81 9.24 -48.62
CA GLU A 556 3.15 9.47 -49.91
C GLU A 556 1.64 9.58 -49.73
N LYS A 557 1.05 8.72 -48.90
CA LYS A 557 -0.39 8.76 -48.69
C LYS A 557 -0.82 10.06 -48.02
N LEU A 558 -0.05 10.53 -47.03
CA LEU A 558 -0.44 11.78 -46.39
C LEU A 558 -0.24 12.97 -47.33
N ILE A 559 0.80 12.92 -48.18
CA ILE A 559 1.01 13.99 -49.14
C ILE A 559 -0.15 14.05 -50.13
N GLN A 560 -0.59 12.90 -50.62
CA GLN A 560 -1.70 12.88 -51.56
C GLN A 560 -3.00 13.29 -50.89
N GLU A 561 -3.24 12.82 -49.67
CA GLU A 561 -4.53 13.05 -49.01
C GLU A 561 -4.67 14.50 -48.57
N GLN A 562 -3.63 15.06 -47.96
CA GLN A 562 -3.70 16.40 -47.37
C GLN A 562 -2.85 17.41 -48.12
N GLY A 563 -2.54 17.15 -49.40
CA GLY A 563 -1.79 18.11 -50.18
C GLY A 563 -2.56 19.37 -50.52
N ASN A 564 -3.89 19.31 -50.46
CA ASN A 564 -4.72 20.47 -50.75
C ASN A 564 -4.80 21.45 -49.60
N HIS A 565 -4.31 21.09 -48.42
CA HIS A 565 -4.38 21.98 -47.27
C HIS A 565 -3.45 23.17 -47.45
N ALA A 566 -3.88 24.31 -46.92
CA ALA A 566 -3.09 25.54 -47.04
C ALA A 566 -1.94 25.55 -46.05
N LYS A 567 -2.22 25.28 -44.78
CA LYS A 567 -1.18 25.29 -43.76
C LYS A 567 -0.15 24.19 -44.01
N PHE A 568 -0.60 23.02 -44.43
CA PHE A 568 0.32 21.93 -44.75
C PHE A 568 1.11 22.28 -46.01
N GLN A 569 2.40 21.92 -46.00
CA GLN A 569 3.29 22.17 -47.11
C GLN A 569 3.78 20.84 -47.68
N LYS A 570 3.95 20.80 -49.00
CA LYS A 570 4.38 19.59 -49.68
C LYS A 570 5.91 19.55 -49.77
N SER A 571 6.44 18.38 -50.11
CA SER A 571 7.87 18.18 -50.20
C SER A 571 8.47 19.03 -51.31
N LYS A 572 9.69 19.52 -51.06
CA LYS A 572 10.44 20.32 -52.02
C LYS A 572 11.61 19.54 -52.63
N GLN A 573 12.44 18.92 -51.79
CA GLN A 573 13.54 18.09 -52.24
C GLN A 573 13.23 16.63 -51.94
N LEU A 574 13.57 15.75 -52.87
CA LEU A 574 13.26 14.33 -52.75
C LEU A 574 14.11 13.72 -51.64
N LYS A 575 13.49 13.48 -50.48
CA LYS A 575 14.16 12.83 -49.36
C LYS A 575 13.22 11.81 -48.71
N ASP A 576 12.46 11.10 -49.56
CA ASP A 576 11.56 10.04 -49.11
C ASP A 576 10.55 10.56 -48.08
N LYS A 577 10.82 10.31 -46.81
CA LYS A 577 9.92 10.75 -45.74
C LYS A 577 9.81 12.27 -45.66
N THR A 578 10.75 12.99 -46.26
CA THR A 578 10.85 14.46 -46.26
C THR A 578 10.41 15.07 -44.94
N GLU A 579 9.59 16.12 -44.99
CA GLU A 579 9.22 16.88 -43.81
C GLU A 579 7.74 17.24 -43.86
N PHE A 580 7.10 17.23 -42.69
CA PHE A 580 5.69 17.60 -42.57
C PHE A 580 5.55 19.07 -42.15
N CYS A 581 6.08 19.95 -42.99
CA CYS A 581 6.12 21.37 -42.67
C CYS A 581 4.70 21.95 -42.64
N ILE A 582 4.28 22.45 -41.48
CA ILE A 582 2.99 23.10 -41.31
C ILE A 582 3.19 24.39 -40.52
N LEU A 583 2.21 25.28 -40.62
CA LEU A 583 2.25 26.57 -39.93
C LEU A 583 1.55 26.43 -38.58
N HIS A 584 2.32 26.50 -37.50
CA HIS A 584 1.82 26.30 -36.15
C HIS A 584 1.44 27.64 -35.51
N TYR A 585 1.31 27.62 -34.18
CA TYR A 585 0.98 28.82 -33.41
C TYR A 585 1.90 30.00 -33.75
N ALA A 586 3.20 29.76 -33.83
CA ALA A 586 4.16 30.83 -34.02
C ALA A 586 4.76 30.87 -35.42
N GLY A 587 5.07 29.72 -36.00
CA GLY A 587 5.65 29.71 -37.33
C GLY A 587 5.72 28.30 -37.86
N LYS A 588 6.26 28.19 -39.08
CA LYS A 588 6.43 26.89 -39.70
C LYS A 588 7.48 26.07 -38.95
N VAL A 589 7.25 24.77 -38.85
CA VAL A 589 8.13 23.87 -38.12
C VAL A 589 8.47 22.70 -39.03
N THR A 590 9.60 22.06 -38.73
CA THR A 590 10.13 20.96 -39.52
C THR A 590 9.98 19.66 -38.75
N TYR A 591 9.46 18.64 -39.42
CA TYR A 591 9.25 17.31 -38.86
C TYR A 591 10.07 16.29 -39.63
N ASN A 592 10.08 15.06 -39.14
CA ASN A 592 10.80 13.98 -39.80
C ASN A 592 10.21 12.65 -39.37
N ALA A 593 10.20 11.69 -40.28
CA ALA A 593 9.70 10.34 -40.02
C ALA A 593 10.88 9.43 -39.72
N SER A 594 10.87 8.83 -38.54
CA SER A 594 11.93 7.96 -38.04
C SER A 594 11.34 6.69 -37.46
N ALA A 595 10.49 6.03 -38.24
CA ALA A 595 9.70 4.88 -37.79
C ALA A 595 8.75 5.29 -36.67
N TRP A 596 7.90 6.28 -36.99
CA TRP A 596 6.93 6.79 -36.04
C TRP A 596 6.00 5.69 -35.56
N LEU A 597 5.62 4.77 -36.46
CA LEU A 597 4.76 3.66 -36.06
C LEU A 597 5.45 2.76 -35.06
N THR A 598 6.77 2.56 -35.21
CA THR A 598 7.50 1.70 -34.27
C THR A 598 7.50 2.31 -32.87
N LYS A 599 7.72 3.62 -32.77
CA LYS A 599 7.61 4.29 -31.48
C LYS A 599 6.18 4.23 -30.97
N ASN A 600 5.21 4.33 -31.87
CA ASN A 600 3.80 4.34 -31.48
C ASN A 600 3.38 3.02 -30.85
N MET A 601 3.74 1.89 -31.47
CA MET A 601 3.33 0.60 -30.93
C MET A 601 4.16 0.21 -29.72
N ASP A 602 5.47 0.50 -29.74
CA ASP A 602 6.38 0.20 -28.64
C ASP A 602 6.29 -1.27 -28.25
N PRO A 603 6.82 -2.19 -29.06
CA PRO A 603 6.67 -3.62 -28.77
C PRO A 603 7.38 -4.00 -27.48
N LEU A 604 7.10 -5.23 -27.04
CA LEU A 604 7.67 -5.74 -25.80
C LEU A 604 7.82 -7.26 -25.92
N ASN A 605 8.71 -7.81 -25.09
CA ASN A 605 8.95 -9.24 -25.05
C ASN A 605 8.24 -9.82 -23.83
N ASP A 606 7.35 -10.78 -24.06
CA ASP A 606 6.59 -11.37 -22.96
C ASP A 606 7.44 -12.28 -22.10
N ASN A 607 8.47 -12.91 -22.68
CA ASN A 607 9.29 -13.85 -21.92
C ASN A 607 9.99 -13.16 -20.75
N VAL A 608 10.66 -12.04 -21.01
CA VAL A 608 11.32 -11.31 -19.94
C VAL A 608 10.29 -10.71 -18.99
N THR A 609 9.16 -10.25 -19.52
CA THR A 609 8.11 -9.71 -18.67
C THR A 609 7.59 -10.78 -17.72
N SER A 610 7.37 -11.99 -18.22
CA SER A 610 6.95 -13.09 -17.35
C SER A 610 8.04 -13.49 -16.37
N LEU A 611 9.31 -13.40 -16.79
CA LEU A 611 10.41 -13.71 -15.88
C LEU A 611 10.45 -12.74 -14.71
N LEU A 612 10.27 -11.45 -14.97
CA LEU A 612 10.28 -10.46 -13.90
C LEU A 612 9.01 -10.48 -13.06
N ASN A 613 7.99 -11.25 -13.47
CA ASN A 613 6.80 -11.38 -12.65
C ASN A 613 7.12 -12.02 -11.30
N GLN A 614 8.10 -12.93 -11.28
CA GLN A 614 8.57 -13.56 -10.05
C GLN A 614 10.06 -13.24 -9.91
N SER A 615 10.40 -12.40 -8.93
CA SER A 615 11.77 -11.98 -8.70
C SER A 615 12.10 -12.11 -7.22
N SER A 616 13.39 -11.93 -6.91
CA SER A 616 13.85 -12.09 -5.53
C SER A 616 13.45 -10.91 -4.67
N ASP A 617 13.91 -9.72 -5.02
CA ASP A 617 13.62 -8.53 -4.22
C ASP A 617 12.15 -8.16 -4.33
N LYS A 618 11.59 -7.66 -3.23
CA LYS A 618 10.17 -7.31 -3.21
C LYS A 618 9.86 -6.17 -4.16
N PHE A 619 10.69 -5.12 -4.17
CA PHE A 619 10.36 -3.93 -4.94
C PHE A 619 10.48 -4.16 -6.44
N VAL A 620 11.49 -4.91 -6.86
CA VAL A 620 11.63 -5.21 -8.29
C VAL A 620 10.45 -6.04 -8.77
N ALA A 621 9.86 -6.84 -7.89
CA ALA A 621 8.59 -7.48 -8.20
C ALA A 621 7.46 -6.45 -8.25
N ASP A 622 7.49 -5.48 -7.33
CA ASP A 622 6.46 -4.44 -7.31
C ASP A 622 6.43 -3.64 -8.61
N LEU A 623 7.58 -3.49 -9.26
CA LEU A 623 7.60 -2.86 -10.57
C LEU A 623 6.80 -3.65 -11.60
N TRP A 624 6.54 -4.93 -11.34
CA TRP A 624 5.75 -5.73 -12.27
C TRP A 624 4.74 -6.63 -11.57
N LYS A 625 4.50 -6.45 -10.27
CA LYS A 625 3.51 -7.26 -9.57
C LYS A 625 2.10 -6.98 -10.08
N ASP A 626 1.83 -5.75 -10.51
CA ASP A 626 0.51 -5.41 -11.01
C ASP A 626 0.20 -6.16 -12.30
N VAL A 627 -1.05 -6.56 -12.44
CA VAL A 627 -1.47 -7.21 -13.69
C VAL A 627 -1.36 -6.22 -14.83
N ASP A 628 -0.78 -6.66 -15.94
CA ASP A 628 -0.55 -5.79 -17.07
C ASP A 628 -0.53 -6.60 -18.35
N ARG A 629 -0.86 -5.95 -19.46
CA ARG A 629 -0.91 -6.58 -20.76
C ARG A 629 0.44 -6.51 -21.45
N ILE A 630 0.55 -7.18 -22.59
CA ILE A 630 1.77 -7.23 -23.37
C ILE A 630 1.47 -6.72 -24.77
N VAL A 631 2.54 -6.40 -25.50
CA VAL A 631 2.43 -5.92 -26.88
C VAL A 631 3.48 -6.64 -27.73
N GLY A 632 3.23 -6.66 -29.03
CA GLY A 632 4.11 -7.34 -29.96
C GLY A 632 3.35 -8.21 -30.94
N LEU A 633 2.02 -8.15 -30.88
CA LEU A 633 1.18 -8.95 -31.75
C LEU A 633 1.23 -8.42 -33.18
N ASP A 634 1.19 -9.35 -34.14
CA ASP A 634 1.16 -9.00 -35.55
C ASP A 634 0.25 -9.98 -36.28
N GLN A 635 -0.31 -9.53 -37.40
CA GLN A 635 -1.20 -10.38 -38.19
C GLN A 635 -0.42 -11.46 -38.93
N THR A 650 -10.96 -1.52 -35.52
CA THR A 650 -10.83 -2.97 -35.38
C THR A 650 -10.72 -3.36 -33.90
N LYS A 651 -9.82 -4.31 -33.61
CA LYS A 651 -9.61 -4.76 -32.24
C LYS A 651 -9.07 -3.61 -31.39
N LYS A 652 -9.85 -3.16 -30.41
CA LYS A 652 -9.48 -2.02 -29.60
C LYS A 652 -9.20 -2.48 -28.17
N GLY A 653 -8.85 -1.51 -27.32
CA GLY A 653 -8.61 -1.81 -25.92
C GLY A 653 -7.26 -2.45 -25.66
N MET A 654 -7.02 -3.63 -26.22
CA MET A 654 -5.77 -4.33 -25.94
C MET A 654 -4.58 -3.67 -26.61
N PHE A 655 -4.80 -2.84 -27.64
CA PHE A 655 -3.75 -1.98 -28.16
C PHE A 655 -4.42 -0.80 -28.83
N ARG A 656 -3.72 0.34 -28.82
CA ARG A 656 -4.19 1.58 -29.43
C ARG A 656 -3.07 2.60 -29.32
N THR A 657 -3.12 3.62 -30.17
CA THR A 657 -2.19 4.73 -30.08
C THR A 657 -2.30 5.37 -28.70
N VAL A 658 -1.15 5.72 -28.12
CA VAL A 658 -1.15 6.49 -26.89
C VAL A 658 -1.86 7.82 -27.10
N GLY A 659 -1.88 8.31 -28.34
CA GLY A 659 -2.58 9.55 -28.64
C GLY A 659 -4.08 9.47 -28.40
N GLN A 660 -4.67 8.30 -28.57
CA GLN A 660 -6.12 8.17 -28.39
C GLN A 660 -6.51 8.44 -26.93
N LEU A 661 -5.95 7.67 -26.01
CA LEU A 661 -6.20 7.94 -24.59
C LEU A 661 -5.69 9.31 -24.18
N TYR A 662 -4.62 9.76 -24.82
CA TYR A 662 -4.13 11.13 -24.62
C TYR A 662 -5.24 12.14 -24.87
N LYS A 663 -5.90 12.02 -26.03
CA LYS A 663 -6.94 12.98 -26.39
C LYS A 663 -8.20 12.77 -25.57
N GLU A 664 -8.45 11.55 -25.10
CA GLU A 664 -9.56 11.32 -24.18
C GLU A 664 -9.34 12.09 -22.87
N GLN A 665 -8.17 11.93 -22.27
CA GLN A 665 -7.87 12.65 -21.04
C GLN A 665 -7.78 14.16 -21.30
N LEU A 666 -7.33 14.57 -22.48
CA LEU A 666 -7.29 15.98 -22.82
C LEU A 666 -8.69 16.56 -22.94
N THR A 667 -9.63 15.79 -23.52
CA THR A 667 -11.02 16.23 -23.56
C THR A 667 -11.59 16.34 -22.16
N LYS A 668 -11.23 15.40 -21.28
CA LYS A 668 -11.64 15.51 -19.88
C LYS A 668 -11.12 16.80 -19.25
N LEU A 669 -9.84 17.11 -19.48
CA LEU A 669 -9.25 18.31 -18.92
C LEU A 669 -9.89 19.57 -19.47
N MET A 670 -10.16 19.59 -20.79
CA MET A 670 -10.86 20.73 -21.38
C MET A 670 -12.25 20.90 -20.80
N THR A 671 -12.96 19.79 -20.56
CA THR A 671 -14.27 19.87 -19.93
C THR A 671 -14.17 20.49 -18.54
N THR A 672 -13.20 20.01 -17.75
CA THR A 672 -13.03 20.55 -16.40
C THR A 672 -12.70 22.04 -16.43
N LEU A 673 -11.85 22.45 -17.38
CA LEU A 673 -11.54 23.87 -17.51
C LEU A 673 -12.75 24.68 -17.95
N ARG A 674 -13.57 24.12 -18.84
CA ARG A 674 -14.79 24.79 -19.27
C ARG A 674 -15.76 24.98 -18.12
N ASN A 675 -15.77 24.05 -17.17
CA ASN A 675 -16.65 24.19 -16.02
C ASN A 675 -16.26 25.37 -15.14
N THR A 676 -14.97 25.65 -15.01
CA THR A 676 -14.48 26.65 -14.09
C THR A 676 -14.18 27.97 -14.79
N ASN A 677 -14.12 29.04 -13.99
CA ASN A 677 -13.81 30.37 -14.49
C ASN A 677 -12.31 30.61 -14.36
N PRO A 678 -11.59 30.83 -15.45
CA PRO A 678 -10.13 30.93 -15.38
C PRO A 678 -9.66 32.37 -15.18
N ASN A 679 -8.37 32.48 -14.86
CA ASN A 679 -7.66 33.76 -14.75
C ASN A 679 -6.36 33.62 -15.53
N PHE A 680 -6.08 34.58 -16.40
CA PHE A 680 -5.02 34.44 -17.39
C PHE A 680 -3.76 35.19 -16.98
N VAL A 681 -2.62 34.54 -17.18
CA VAL A 681 -1.30 35.16 -17.05
C VAL A 681 -0.50 34.78 -18.29
N ARG A 682 0.39 35.68 -18.71
CA ARG A 682 1.22 35.45 -19.89
C ARG A 682 2.67 35.77 -19.55
N CYS A 683 3.58 34.92 -19.99
CA CYS A 683 5.01 35.09 -19.77
C CYS A 683 5.71 35.26 -21.11
N ILE A 684 6.57 36.27 -21.21
CA ILE A 684 7.20 36.66 -22.46
C ILE A 684 8.71 36.49 -22.34
N ILE A 685 9.29 35.76 -23.28
CA ILE A 685 10.76 35.61 -23.33
C ILE A 685 11.35 36.82 -24.03
N PRO A 686 12.33 37.51 -23.42
CA PRO A 686 12.87 38.72 -24.05
C PRO A 686 13.91 38.44 -25.13
N ASN A 687 14.73 37.41 -24.95
CA ASN A 687 15.86 37.19 -25.85
C ASN A 687 16.16 35.70 -25.94
N HIS A 688 16.94 35.34 -26.96
CA HIS A 688 17.47 33.99 -27.10
C HIS A 688 18.92 33.88 -26.62
N GLU A 689 19.43 34.92 -25.95
CA GLU A 689 20.83 34.95 -25.54
C GLU A 689 21.01 34.77 -24.05
N LYS A 690 19.92 34.69 -23.29
CA LYS A 690 19.96 34.35 -21.87
C LYS A 690 20.85 35.30 -21.07
N ARG A 691 20.73 36.59 -21.34
CA ARG A 691 21.46 37.61 -20.61
C ARG A 691 20.53 38.78 -20.31
N ALA A 692 20.48 39.19 -19.05
CA ALA A 692 19.62 40.29 -18.65
C ALA A 692 20.20 41.62 -19.13
N GLY A 693 19.38 42.66 -19.00
CA GLY A 693 19.79 43.99 -19.43
C GLY A 693 19.99 44.13 -20.92
N LYS A 694 19.16 43.47 -21.72
CA LYS A 694 19.26 43.56 -23.18
C LYS A 694 17.96 43.03 -23.76
N LEU A 695 17.40 43.78 -24.71
CA LEU A 695 16.12 43.45 -25.33
C LEU A 695 16.28 43.28 -26.83
N ASP A 696 15.35 42.55 -27.43
CA ASP A 696 15.32 42.31 -28.87
C ASP A 696 13.98 42.78 -29.39
N ALA A 697 13.96 43.95 -30.03
CA ALA A 697 12.71 44.50 -30.54
C ALA A 697 12.12 43.61 -31.62
N HIS A 698 12.96 43.08 -32.52
CA HIS A 698 12.49 42.23 -33.59
C HIS A 698 11.95 40.89 -33.10
N LEU A 699 11.88 40.68 -31.79
CA LEU A 699 11.29 39.50 -31.19
C LEU A 699 10.00 39.81 -30.45
N VAL A 700 10.03 40.80 -29.56
CA VAL A 700 8.85 41.12 -28.77
C VAL A 700 7.72 41.65 -29.66
N LEU A 701 8.05 42.31 -30.76
CA LEU A 701 7.01 42.76 -31.67
C LEU A 701 6.20 41.57 -32.21
N GLU A 702 6.89 40.55 -32.69
CA GLU A 702 6.20 39.35 -33.16
C GLU A 702 5.47 38.67 -32.00
N GLN A 703 6.09 38.63 -30.83
CA GLN A 703 5.47 37.96 -29.68
C GLN A 703 4.15 38.62 -29.33
N LEU A 704 4.11 39.96 -29.30
CA LEU A 704 2.88 40.67 -28.96
C LEU A 704 1.88 40.64 -30.11
N ARG A 705 2.36 40.60 -31.36
CA ARG A 705 1.44 40.54 -32.49
C ARG A 705 0.78 39.17 -32.62
N CYS A 706 1.44 38.12 -32.15
CA CYS A 706 0.91 36.77 -32.25
C CYS A 706 0.06 36.37 -31.05
N ASN A 707 -0.27 37.32 -30.17
CA ASN A 707 -1.08 37.00 -29.00
C ASN A 707 -2.32 37.87 -28.85
N GLY A 708 -2.47 38.93 -29.64
CA GLY A 708 -3.70 39.70 -29.66
C GLY A 708 -4.04 40.39 -28.36
N VAL A 709 -3.04 40.88 -27.64
CA VAL A 709 -3.29 41.55 -26.36
C VAL A 709 -4.04 42.86 -26.58
N LEU A 710 -3.70 43.59 -27.64
CA LEU A 710 -4.32 44.89 -27.87
C LEU A 710 -5.81 44.74 -28.13
N GLU A 711 -6.22 43.67 -28.83
CA GLU A 711 -7.64 43.42 -29.05
C GLU A 711 -8.36 43.20 -27.73
N GLY A 712 -7.76 42.44 -26.81
CA GLY A 712 -8.36 42.28 -25.49
C GLY A 712 -8.45 43.58 -24.73
N ILE A 713 -7.41 44.41 -24.81
CA ILE A 713 -7.44 45.70 -24.16
C ILE A 713 -8.59 46.54 -24.69
N ARG A 714 -8.79 46.55 -26.01
CA ARG A 714 -9.85 47.35 -26.59
C ARG A 714 -11.24 46.80 -26.23
N ILE A 715 -11.42 45.48 -26.27
CA ILE A 715 -12.71 44.94 -25.88
C ILE A 715 -12.97 45.16 -24.40
N CYS A 716 -11.93 45.35 -23.59
CA CYS A 716 -12.15 45.83 -22.23
C CYS A 716 -12.53 47.30 -22.22
N ARG A 717 -11.95 48.08 -23.12
CA ARG A 717 -12.21 49.52 -23.16
C ARG A 717 -13.67 49.82 -23.47
N GLN A 718 -14.19 49.24 -24.56
CA GLN A 718 -15.56 49.51 -24.97
C GLN A 718 -16.52 48.37 -24.64
N GLY A 719 -16.08 47.37 -23.88
CA GLY A 719 -16.94 46.27 -23.50
C GLY A 719 -17.62 46.48 -22.16
N PHE A 720 -18.44 45.51 -21.79
CA PHE A 720 -19.19 45.53 -20.54
C PHE A 720 -18.97 44.21 -19.83
N PRO A 721 -17.80 44.03 -19.19
CA PRO A 721 -17.48 42.73 -18.58
C PRO A 721 -18.15 42.53 -17.22
N ASN A 722 -18.40 43.62 -16.49
CA ASN A 722 -18.89 43.55 -15.12
C ASN A 722 -20.36 43.20 -15.13
N ARG A 723 -20.66 41.90 -15.06
CA ARG A 723 -22.02 41.41 -14.97
C ARG A 723 -22.49 41.40 -13.53
N ILE A 724 -23.73 41.83 -13.29
CA ILE A 724 -24.30 41.90 -11.96
C ILE A 724 -25.71 41.33 -12.00
N VAL A 725 -26.01 40.42 -11.07
CA VAL A 725 -27.33 39.81 -10.97
C VAL A 725 -28.29 40.81 -10.33
N PHE A 726 -29.56 40.75 -10.73
CA PHE A 726 -30.57 41.66 -10.19
C PHE A 726 -30.62 41.59 -8.67
N GLN A 727 -30.78 40.38 -8.13
CA GLN A 727 -30.80 40.22 -6.68
C GLN A 727 -29.47 40.63 -6.06
N GLU A 728 -28.36 40.26 -6.70
CA GLU A 728 -27.06 40.72 -6.24
C GLU A 728 -26.95 42.24 -6.34
N PHE A 729 -27.54 42.83 -7.39
CA PHE A 729 -27.51 44.28 -7.54
C PHE A 729 -28.21 44.95 -6.36
N ARG A 730 -29.38 44.43 -5.98
CA ARG A 730 -30.06 44.98 -4.81
C ARG A 730 -29.25 44.77 -3.54
N GLN A 731 -28.75 43.55 -3.33
CA GLN A 731 -28.01 43.25 -2.10
C GLN A 731 -26.70 44.03 -2.00
N ARG A 732 -26.16 44.52 -3.12
CA ARG A 732 -24.89 45.21 -3.11
C ARG A 732 -25.02 46.73 -3.14
N TYR A 733 -26.06 47.27 -3.78
CA TYR A 733 -26.15 48.70 -4.02
C TYR A 733 -27.29 49.38 -3.27
N GLU A 734 -28.49 48.79 -3.29
CA GLU A 734 -29.62 49.45 -2.61
C GLU A 734 -29.40 49.52 -1.11
N ILE A 735 -28.51 48.70 -0.55
CA ILE A 735 -28.17 48.79 0.86
C ILE A 735 -27.58 50.16 1.19
N LEU A 736 -27.01 50.85 0.21
CA LEU A 736 -26.50 52.19 0.44
C LEU A 736 -27.64 53.19 0.59
N ALA A 737 -28.49 53.32 -0.44
CA ALA A 737 -29.58 54.29 -0.45
C ALA A 737 -30.87 53.58 -0.80
N ALA A 738 -31.55 53.05 0.22
CA ALA A 738 -32.88 52.47 0.06
C ALA A 738 -33.99 53.33 0.64
N ASN A 739 -33.72 54.03 1.73
CA ASN A 739 -34.72 54.92 2.31
C ASN A 739 -34.95 56.12 1.39
N ALA A 740 -36.12 56.75 1.57
CA ALA A 740 -36.66 57.81 0.72
C ALA A 740 -37.03 57.30 -0.68
N ILE A 741 -37.11 55.99 -0.86
CA ILE A 741 -37.62 55.39 -2.09
C ILE A 741 -38.67 54.36 -1.70
N PRO A 742 -39.82 54.32 -2.35
CA PRO A 742 -40.82 53.30 -2.03
C PRO A 742 -40.27 51.90 -2.23
N LYS A 743 -40.65 50.99 -1.34
CA LYS A 743 -40.10 49.64 -1.34
C LYS A 743 -41.21 48.61 -1.16
N GLY A 744 -40.82 47.36 -0.94
CA GLY A 744 -41.78 46.30 -0.71
C GLY A 744 -42.23 45.58 -1.98
N PHE A 745 -42.84 46.33 -2.90
CA PHE A 745 -43.32 45.75 -4.14
C PHE A 745 -42.14 45.28 -5.00
N MET A 746 -42.34 44.15 -5.68
CA MET A 746 -41.31 43.53 -6.50
C MET A 746 -41.73 43.56 -7.97
N ASP A 747 -40.77 43.89 -8.83
CA ASP A 747 -40.97 43.85 -10.27
C ASP A 747 -39.60 43.80 -10.93
N GLY A 748 -39.48 42.98 -11.97
CA GLY A 748 -38.21 42.76 -12.62
C GLY A 748 -37.53 44.02 -13.13
N LYS A 749 -38.11 44.64 -14.14
CA LYS A 749 -37.51 45.84 -14.73
C LYS A 749 -37.81 47.09 -13.90
N GLN A 750 -39.02 47.17 -13.33
CA GLN A 750 -39.44 48.41 -12.66
C GLN A 750 -38.55 48.72 -11.46
N ALA A 751 -38.25 47.71 -10.64
CA ALA A 751 -37.39 47.94 -9.48
C ALA A 751 -36.00 48.38 -9.91
N CYS A 752 -35.49 47.81 -10.99
CA CYS A 752 -34.20 48.24 -11.51
C CYS A 752 -34.23 49.70 -11.95
N ILE A 753 -35.33 50.11 -12.59
CA ILE A 753 -35.46 51.50 -13.02
C ILE A 753 -35.51 52.43 -11.81
N LEU A 754 -36.24 52.04 -10.77
CA LEU A 754 -36.29 52.85 -9.56
C LEU A 754 -34.92 52.96 -8.92
N MET A 755 -34.18 51.86 -8.88
CA MET A 755 -32.83 51.89 -8.32
C MET A 755 -31.91 52.77 -9.17
N ILE A 756 -32.08 52.73 -10.49
CA ILE A 756 -31.25 53.53 -11.38
C ILE A 756 -31.52 55.02 -11.15
N LYS A 757 -32.79 55.40 -11.08
CA LYS A 757 -33.11 56.80 -10.82
C LYS A 757 -32.72 57.20 -9.40
N ALA A 758 -32.62 56.23 -8.48
CA ALA A 758 -32.06 56.52 -7.16
C ALA A 758 -30.57 56.77 -7.23
N LEU A 759 -29.88 56.13 -8.18
CA LEU A 759 -28.47 56.41 -8.41
C LEU A 759 -28.23 57.54 -9.40
N GLU A 760 -29.22 57.86 -10.23
CA GLU A 760 -29.16 58.91 -11.25
C GLU A 760 -27.79 58.95 -11.95
N LEU A 761 -27.34 57.78 -12.38
CA LEU A 761 -26.06 57.67 -13.07
C LEU A 761 -26.28 57.74 -14.58
N ASP A 762 -25.19 57.63 -15.32
CA ASP A 762 -25.25 57.74 -16.78
C ASP A 762 -25.86 56.48 -17.39
N PRO A 763 -26.85 56.61 -18.27
CA PRO A 763 -27.25 55.45 -19.09
C PRO A 763 -26.13 54.97 -20.00
N ASN A 764 -25.15 55.81 -20.30
CA ASN A 764 -24.02 55.45 -21.14
C ASN A 764 -23.01 54.54 -20.44
N LEU A 765 -23.15 54.36 -19.12
CA LEU A 765 -22.22 53.52 -18.36
C LEU A 765 -22.72 52.09 -18.19
N TYR A 766 -23.86 51.74 -18.79
CA TYR A 766 -24.42 50.40 -18.69
C TYR A 766 -25.40 50.19 -19.82
N ARG A 767 -25.96 48.98 -19.88
CA ARG A 767 -27.03 48.64 -20.80
C ARG A 767 -28.03 47.77 -20.08
N ILE A 768 -29.32 48.08 -20.25
CA ILE A 768 -30.38 47.36 -19.55
C ILE A 768 -30.50 45.95 -20.13
N GLY A 769 -31.20 45.08 -19.41
CA GLY A 769 -31.37 43.71 -19.85
C GLY A 769 -32.50 43.05 -19.08
N GLN A 770 -32.77 41.80 -19.43
CA GLN A 770 -33.84 41.04 -18.79
C GLN A 770 -33.36 40.22 -17.60
N SER A 771 -32.10 39.79 -17.59
CA SER A 771 -31.56 38.97 -16.52
C SER A 771 -30.47 39.70 -15.73
N LYS A 772 -29.45 40.21 -16.40
CA LYS A 772 -28.35 40.91 -15.75
C LYS A 772 -28.06 42.21 -16.47
N ILE A 773 -27.54 43.18 -15.74
CA ILE A 773 -27.15 44.48 -16.29
C ILE A 773 -25.63 44.51 -16.37
N PHE A 774 -25.11 44.82 -17.56
CA PHE A 774 -23.68 44.81 -17.82
C PHE A 774 -23.15 46.23 -17.77
N PHE A 775 -22.23 46.48 -16.85
CA PHE A 775 -21.63 47.80 -16.64
C PHE A 775 -20.21 47.81 -17.20
N ARG A 776 -19.57 48.97 -17.10
CA ARG A 776 -18.20 49.15 -17.54
C ARG A 776 -17.26 49.11 -16.35
N THR A 777 -15.97 49.29 -16.62
CA THR A 777 -14.93 49.01 -15.63
C THR A 777 -15.05 49.92 -14.41
N GLY A 778 -15.25 51.21 -14.62
CA GLY A 778 -15.09 52.18 -13.56
C GLY A 778 -16.26 52.41 -12.64
N VAL A 779 -17.38 51.70 -12.82
CA VAL A 779 -18.55 51.95 -11.99
C VAL A 779 -18.32 51.47 -10.55
N LEU A 780 -17.64 50.33 -10.39
CA LEU A 780 -17.42 49.78 -9.05
C LEU A 780 -16.44 50.61 -8.22
N ALA A 781 -15.66 51.47 -8.86
CA ALA A 781 -14.60 52.20 -8.18
C ALA A 781 -15.09 53.39 -7.38
N HIS A 782 -16.40 53.63 -7.33
CA HIS A 782 -16.92 54.77 -6.57
C HIS A 782 -18.17 54.43 -5.78
N LEU A 783 -18.41 53.16 -5.47
CA LEU A 783 -19.63 52.79 -4.77
C LEU A 783 -19.34 51.96 -3.52
N GLU A 784 -18.25 51.19 -3.53
CA GLU A 784 -17.93 50.36 -2.38
C GLU A 784 -17.57 51.20 -1.15
N GLU A 785 -16.77 52.26 -1.34
CA GLU A 785 -16.30 53.03 -0.21
C GLU A 785 -17.41 53.74 0.53
N GLU A 786 -18.56 53.96 -0.11
CA GLU A 786 -19.70 54.54 0.58
C GLU A 786 -20.18 53.64 1.71
N ARG A 787 -20.19 52.33 1.47
CA ARG A 787 -20.50 51.39 2.53
C ARG A 787 -19.50 51.51 3.68
N ASP A 788 -18.21 51.64 3.34
CA ASP A 788 -17.19 51.81 4.36
C ASP A 788 -17.43 53.10 5.16
N LEU A 789 -17.82 54.17 4.48
CA LEU A 789 -18.10 55.43 5.16
C LEU A 789 -19.30 55.30 6.09
N LYS A 790 -20.35 54.61 5.65
CA LYS A 790 -21.60 54.64 6.38
C LYS A 790 -21.63 53.64 7.54
N ILE A 791 -21.20 52.39 7.28
CA ILE A 791 -21.28 51.35 8.31
C ILE A 791 -20.23 51.53 9.39
N THR A 792 -19.42 52.58 9.29
CA THR A 792 -18.30 52.76 10.22
C THR A 792 -18.78 52.91 11.66
N ASP A 793 -19.76 53.80 11.88
CA ASP A 793 -20.21 54.03 13.25
C ASP A 793 -20.82 52.77 13.85
N VAL A 794 -21.61 52.04 13.06
CA VAL A 794 -22.26 50.83 13.56
C VAL A 794 -21.22 49.79 13.92
N ILE A 795 -20.21 49.58 13.06
CA ILE A 795 -19.21 48.55 13.35
C ILE A 795 -18.36 48.97 14.54
N ILE A 796 -18.05 50.26 14.68
CA ILE A 796 -17.32 50.74 15.84
C ILE A 796 -18.08 50.42 17.12
N ALA A 797 -19.37 50.76 17.15
CA ALA A 797 -20.16 50.51 18.35
C ALA A 797 -20.26 49.01 18.65
N PHE A 798 -20.50 48.20 17.62
CA PHE A 798 -20.67 46.77 17.84
C PHE A 798 -19.37 46.14 18.34
N GLN A 799 -18.24 46.50 17.75
CA GLN A 799 -16.98 45.94 18.22
C GLN A 799 -16.63 46.46 19.61
N ALA A 800 -17.07 47.68 19.95
CA ALA A 800 -16.88 48.16 21.32
C ALA A 800 -17.64 47.28 22.30
N GLN A 801 -18.90 46.94 21.98
CA GLN A 801 -19.65 46.04 22.84
C GLN A 801 -18.98 44.68 22.95
N CYS A 802 -18.49 44.15 21.83
CA CYS A 802 -17.83 42.85 21.84
C CYS A 802 -16.57 42.87 22.70
N ARG A 803 -15.77 43.93 22.56
CA ARG A 803 -14.56 44.06 23.37
C ARG A 803 -14.90 44.16 24.85
N GLY A 804 -15.94 44.91 25.18
CA GLY A 804 -16.37 44.98 26.58
C GLY A 804 -16.77 43.63 27.13
N TYR A 805 -17.56 42.88 26.37
CA TYR A 805 -18.00 41.56 26.82
C TYR A 805 -16.81 40.62 27.02
N LEU A 806 -15.88 40.63 26.05
CA LEU A 806 -14.69 39.78 26.17
C LEU A 806 -13.87 40.16 27.39
N ALA A 807 -13.70 41.46 27.62
CA ALA A 807 -12.93 41.91 28.77
C ALA A 807 -13.57 41.45 30.07
N ARG A 808 -14.90 41.61 30.19
CA ARG A 808 -15.58 41.18 31.41
C ARG A 808 -15.39 39.69 31.64
N LYS A 809 -15.64 38.89 30.61
CA LYS A 809 -15.56 37.43 30.77
C LYS A 809 -14.16 36.99 31.17
N ALA A 810 -13.15 37.43 30.40
CA ALA A 810 -11.78 37.02 30.67
C ALA A 810 -11.32 37.51 32.04
N PHE A 811 -11.64 38.76 32.37
CA PHE A 811 -11.23 39.33 33.65
C PHE A 811 -11.82 38.54 34.81
N ALA A 812 -13.12 38.24 34.75
CA ALA A 812 -13.76 37.53 35.85
C ALA A 812 -13.19 36.13 36.01
N LYS A 813 -13.06 35.39 34.90
CA LYS A 813 -12.53 34.04 34.98
C LYS A 813 -11.11 34.04 35.53
N ARG A 814 -10.35 34.99 35.02
CA ARG A 814 -8.93 35.09 35.43
C ARG A 814 -8.92 35.26 36.93
N GLN A 815 -9.55 36.35 37.35
CA GLN A 815 -9.43 36.78 38.74
C GLN A 815 -9.89 35.67 39.69
N GLN A 816 -11.00 35.00 39.39
CA GLN A 816 -11.46 33.94 40.28
C GLN A 816 -10.45 32.80 40.32
N GLN A 817 -9.91 32.42 39.16
CA GLN A 817 -8.94 31.34 39.12
C GLN A 817 -7.68 31.71 39.91
N LEU A 818 -7.16 32.92 39.69
CA LEU A 818 -5.94 33.31 40.40
C LEU A 818 -6.17 33.36 41.90
N THR A 819 -7.29 33.94 42.34
CA THR A 819 -7.59 33.98 43.76
C THR A 819 -7.57 32.57 44.34
N ALA A 820 -8.45 31.69 43.83
CA ALA A 820 -8.55 30.35 44.38
C ALA A 820 -7.19 29.64 44.38
N MET A 821 -6.64 29.41 43.18
CA MET A 821 -5.37 28.72 43.05
C MET A 821 -4.29 29.31 43.94
N LYS A 822 -3.94 30.57 43.69
CA LYS A 822 -2.74 31.12 44.31
C LYS A 822 -2.89 31.21 45.81
N VAL A 823 -4.03 31.73 46.29
CA VAL A 823 -4.23 31.83 47.74
C VAL A 823 -4.09 30.44 48.38
N ILE A 824 -4.92 29.49 47.96
CA ILE A 824 -4.95 28.19 48.64
C ILE A 824 -3.61 27.49 48.52
N GLN A 825 -3.03 27.46 47.32
CA GLN A 825 -1.88 26.62 47.08
C GLN A 825 -0.61 27.24 47.66
N ARG A 826 -0.47 28.57 47.62
CA ARG A 826 0.66 29.18 48.29
C ARG A 826 0.54 29.04 49.80
N ASN A 827 -0.66 29.12 50.35
CA ASN A 827 -0.83 28.87 51.78
C ASN A 827 -0.36 27.46 52.14
N CYS A 828 -0.84 26.46 51.40
CA CYS A 828 -0.45 25.08 51.69
C CYS A 828 1.05 24.88 51.50
N ALA A 829 1.61 25.44 50.43
CA ALA A 829 3.03 25.27 50.15
C ALA A 829 3.89 25.91 51.23
N ALA A 830 3.52 27.12 51.68
CA ALA A 830 4.25 27.75 52.77
C ALA A 830 4.16 26.93 54.04
N TYR A 831 2.96 26.43 54.36
CA TYR A 831 2.79 25.65 55.58
C TYR A 831 3.66 24.39 55.55
N LEU A 832 3.73 23.72 54.40
CA LEU A 832 4.53 22.50 54.34
C LEU A 832 6.02 22.81 54.31
N LYS A 833 6.43 23.86 53.59
CA LYS A 833 7.86 24.13 53.45
C LYS A 833 8.47 24.68 54.73
N LEU A 834 7.72 25.48 55.49
CA LEU A 834 8.21 25.88 56.81
C LEU A 834 8.31 24.67 57.74
N ARG A 835 7.34 23.78 57.68
CA ARG A 835 7.33 22.58 58.51
C ARG A 835 8.01 21.39 57.84
N ASN A 836 8.62 21.58 56.67
CA ASN A 836 9.39 20.51 56.06
C ASN A 836 10.58 20.13 56.92
N TRP A 837 11.15 21.10 57.66
CA TRP A 837 12.22 20.82 58.60
C TRP A 837 12.05 21.55 59.93
N GLN A 838 10.91 22.21 60.15
CA GLN A 838 10.63 22.78 61.47
C GLN A 838 10.50 21.66 62.50
N TRP A 839 9.86 20.57 62.12
CA TRP A 839 9.69 19.39 62.97
C TRP A 839 10.04 18.14 62.16
N TRP A 840 11.20 18.19 61.50
CA TRP A 840 11.60 17.14 60.56
C TRP A 840 11.62 15.77 61.23
N ARG A 841 12.22 15.69 62.43
CA ARG A 841 12.36 14.41 63.10
C ARG A 841 11.00 13.77 63.38
N LEU A 842 10.08 14.55 63.96
CA LEU A 842 8.76 14.02 64.26
C LEU A 842 7.98 13.68 63.00
N PHE A 843 8.28 14.35 61.90
CA PHE A 843 7.74 13.96 60.59
C PHE A 843 8.44 12.74 60.02
N THR A 844 9.60 12.35 60.58
CA THR A 844 10.27 11.14 60.14
C THR A 844 9.92 9.92 60.97
N LYS A 845 9.37 10.10 62.18
CA LYS A 845 8.82 8.94 62.87
C LYS A 845 7.45 8.52 62.34
N VAL A 846 7.05 8.94 61.15
CA VAL A 846 5.75 8.57 60.59
C VAL A 846 5.85 7.25 59.85
N LYS A 847 6.99 6.56 59.98
CA LYS A 847 7.15 5.26 59.32
C LYS A 847 6.12 4.24 59.76
N PRO A 848 5.82 4.05 61.06
CA PRO A 848 4.82 3.02 61.43
C PRO A 848 3.40 3.38 61.04
N LEU A 849 3.16 4.59 60.52
CA LEU A 849 1.80 4.95 60.09
C LEU A 849 1.33 4.06 58.96
N LEU A 850 2.22 3.77 57.99
CA LEU A 850 1.86 2.87 56.91
C LEU A 850 1.56 1.48 57.43
N GLN A 851 2.36 1.00 58.40
CA GLN A 851 2.13 -0.32 58.96
C GLN A 851 0.81 -0.40 59.70
N VAL A 852 0.43 0.66 60.42
CA VAL A 852 -0.79 0.61 61.21
C VAL A 852 -2.04 0.93 60.39
N THR A 853 -1.90 1.58 59.24
CA THR A 853 -3.05 1.88 58.40
C THR A 853 -3.42 0.74 57.45
N ARG A 854 -2.66 -0.37 57.49
CA ARG A 854 -2.80 -1.41 56.49
C ARG A 854 -4.17 -2.09 56.57
N GLN A 855 -4.70 -2.28 57.79
CA GLN A 855 -5.98 -2.96 57.93
C GLN A 855 -7.10 -2.15 57.31
N GLU A 856 -7.18 -0.86 57.64
CA GLU A 856 -8.21 -0.01 57.06
C GLU A 856 -8.03 0.12 55.55
N GLU A 857 -6.79 0.28 55.09
CA GLU A 857 -6.55 0.40 53.65
C GLU A 857 -6.97 -0.87 52.92
N GLU A 858 -6.65 -2.04 53.48
CA GLU A 858 -7.02 -3.30 52.85
C GLU A 858 -8.53 -3.48 52.82
N MET A 859 -9.22 -3.15 53.92
CA MET A 859 -10.67 -3.25 53.93
C MET A 859 -11.30 -2.34 52.88
N GLN A 860 -10.83 -1.10 52.80
CA GLN A 860 -11.38 -0.18 51.81
C GLN A 860 -11.13 -0.69 50.40
N ALA A 861 -9.87 -1.00 50.07
CA ALA A 861 -9.54 -1.50 48.74
C ALA A 861 -10.33 -2.75 48.40
N LYS A 862 -10.60 -3.60 49.39
CA LYS A 862 -11.49 -4.74 49.17
C LYS A 862 -12.87 -4.27 48.75
N ASP A 863 -13.38 -3.23 49.42
CA ASP A 863 -14.70 -2.69 49.04
C ASP A 863 -14.70 -2.22 47.58
N GLU A 864 -13.74 -1.36 47.22
CA GLU A 864 -13.78 -0.83 45.85
C GLU A 864 -13.50 -1.91 44.80
N GLU A 865 -12.64 -2.89 45.08
CA GLU A 865 -12.46 -3.95 44.10
C GLU A 865 -13.72 -4.81 43.99
N LEU A 866 -14.47 -4.96 45.08
CA LEU A 866 -15.76 -5.64 45.00
C LEU A 866 -16.73 -4.87 44.10
N GLN A 867 -16.76 -3.54 44.21
CA GLN A 867 -17.65 -2.81 43.31
C GLN A 867 -17.14 -2.78 41.88
N ARG A 868 -15.82 -2.91 41.66
CA ARG A 868 -15.29 -2.97 40.30
C ARG A 868 -15.47 -4.33 39.66
N THR A 869 -15.64 -5.37 40.47
CA THR A 869 -15.85 -6.71 39.92
C THR A 869 -17.04 -6.74 38.98
N LYS A 870 -18.19 -6.19 39.42
CA LYS A 870 -19.39 -6.21 38.60
C LYS A 870 -19.19 -5.46 37.29
N GLU A 871 -18.41 -4.38 37.31
CA GLU A 871 -18.05 -3.70 36.06
C GLU A 871 -17.23 -4.62 35.17
N ARG A 872 -16.36 -5.43 35.77
CA ARG A 872 -15.58 -6.39 34.98
C ARG A 872 -16.49 -7.40 34.29
N GLN A 873 -17.45 -7.98 35.03
CA GLN A 873 -18.38 -8.89 34.34
C GLN A 873 -19.27 -8.16 33.36
N GLN A 874 -19.57 -6.88 33.58
CA GLN A 874 -20.33 -6.12 32.60
C GLN A 874 -19.56 -6.00 31.29
N LYS A 875 -18.26 -5.73 31.38
CA LYS A 875 -17.44 -5.70 30.17
C LYS A 875 -17.39 -7.05 29.50
N ALA A 876 -17.28 -8.12 30.29
CA ALA A 876 -17.28 -9.47 29.73
C ALA A 876 -18.59 -9.76 28.99
N GLU A 877 -19.72 -9.36 29.58
CA GLU A 877 -21.01 -9.57 28.93
C GLU A 877 -21.14 -8.75 27.66
N ALA A 878 -20.60 -7.53 27.66
CA ALA A 878 -20.61 -6.73 26.43
C ALA A 878 -19.82 -7.41 25.34
N GLU A 879 -18.65 -7.96 25.67
CA GLU A 879 -17.91 -8.76 24.71
C GLU A 879 -18.71 -9.97 24.26
N LEU A 880 -19.51 -10.55 25.15
CA LEU A 880 -20.35 -11.68 24.76
C LEU A 880 -21.43 -11.27 23.76
N LYS A 881 -22.05 -10.10 23.95
CA LYS A 881 -22.99 -9.62 22.94
C LYS A 881 -22.30 -9.36 21.61
N GLU A 882 -21.06 -8.83 21.65
CA GLU A 882 -20.31 -8.68 20.40
C GLU A 882 -20.07 -10.03 19.75
N LEU A 883 -19.77 -11.05 20.57
CA LEU A 883 -19.61 -12.40 20.06
C LEU A 883 -20.88 -12.89 19.36
N GLU A 884 -22.04 -12.64 19.96
CA GLU A 884 -23.30 -13.04 19.34
C GLU A 884 -23.53 -12.31 18.03
N GLN A 885 -23.24 -11.01 17.99
CA GLN A 885 -23.43 -10.24 16.77
C GLN A 885 -22.56 -10.80 15.64
N LYS A 886 -21.29 -11.08 15.93
CA LYS A 886 -20.47 -11.64 14.86
C LYS A 886 -20.75 -13.12 14.62
N HIS A 887 -21.42 -13.81 15.53
CA HIS A 887 -21.95 -15.13 15.20
C HIS A 887 -23.04 -15.04 14.14
N THR A 888 -23.94 -14.06 14.29
CA THR A 888 -24.91 -13.79 13.24
C THR A 888 -24.22 -13.40 11.94
N GLN A 889 -23.17 -12.59 12.04
CA GLN A 889 -22.38 -12.25 10.86
C GLN A 889 -21.77 -13.50 10.21
N LEU A 890 -21.29 -14.44 11.04
CA LEU A 890 -20.75 -15.69 10.52
C LEU A 890 -21.82 -16.49 9.77
N CYS A 891 -23.02 -16.56 10.33
CA CYS A 891 -24.09 -17.29 9.65
C CYS A 891 -24.41 -16.65 8.30
N GLU A 892 -24.51 -15.31 8.28
CA GLU A 892 -24.77 -14.61 7.02
C GLU A 892 -23.65 -14.87 6.02
N GLU A 893 -22.39 -14.83 6.48
CA GLU A 893 -21.26 -15.04 5.58
C GLU A 893 -21.19 -16.48 5.08
N LYS A 894 -21.59 -17.46 5.90
CA LYS A 894 -21.64 -18.83 5.43
C LYS A 894 -22.69 -19.00 4.34
N ASN A 895 -23.89 -18.42 4.54
CA ASN A 895 -24.91 -18.49 3.50
C ASN A 895 -24.43 -17.80 2.22
N LEU A 896 -23.77 -16.65 2.39
CA LEU A 896 -23.21 -15.93 1.24
C LEU A 896 -22.16 -16.77 0.53
N LEU A 897 -21.33 -17.49 1.30
CA LEU A 897 -20.31 -18.34 0.71
C LEU A 897 -20.94 -19.47 -0.11
N GLN A 898 -21.97 -20.11 0.44
CA GLN A 898 -22.67 -21.14 -0.32
C GLN A 898 -23.23 -20.58 -1.61
N GLU A 899 -23.89 -19.41 -1.53
CA GLU A 899 -24.49 -18.82 -2.72
C GLU A 899 -23.43 -18.49 -3.77
N LYS A 900 -22.31 -17.90 -3.34
CA LYS A 900 -21.31 -17.47 -4.31
C LYS A 900 -20.58 -18.66 -4.92
N LEU A 901 -20.30 -19.70 -4.13
CA LEU A 901 -19.69 -20.90 -4.69
C LEU A 901 -20.62 -21.57 -5.68
N GLN A 902 -21.92 -21.64 -5.37
CA GLN A 902 -22.87 -22.21 -6.31
C GLN A 902 -22.92 -21.41 -7.60
N ALA A 903 -22.94 -20.07 -7.49
CA ALA A 903 -22.97 -19.23 -8.68
C ALA A 903 -21.71 -19.43 -9.53
N GLU A 904 -20.55 -19.50 -8.88
CA GLU A 904 -19.30 -19.71 -9.61
C GLU A 904 -19.30 -21.05 -10.33
N THR A 905 -19.76 -22.11 -9.67
CA THR A 905 -19.80 -23.43 -10.31
C THR A 905 -20.77 -23.43 -11.49
N GLU A 906 -21.95 -22.83 -11.31
CA GLU A 906 -22.92 -22.78 -12.40
C GLU A 906 -22.35 -22.01 -13.59
N LEU A 907 -21.71 -20.87 -13.35
CA LEU A 907 -21.16 -20.10 -14.46
C LEU A 907 -20.00 -20.84 -15.12
N TYR A 908 -19.20 -21.59 -14.36
CA TYR A 908 -18.14 -22.37 -14.98
C TYR A 908 -18.70 -23.48 -15.87
N ALA A 909 -19.76 -24.14 -15.43
CA ALA A 909 -20.40 -25.15 -16.27
C ALA A 909 -20.97 -24.53 -17.54
N GLU A 910 -21.66 -23.39 -17.40
CA GLU A 910 -22.18 -22.70 -18.57
C GLU A 910 -21.04 -22.24 -19.48
N ALA A 911 -19.90 -21.88 -18.89
CA ALA A 911 -18.73 -21.49 -19.67
C ALA A 911 -18.21 -22.66 -20.49
N GLU A 912 -18.17 -23.85 -19.89
CA GLU A 912 -17.74 -25.03 -20.63
C GLU A 912 -18.69 -25.30 -21.80
N GLU A 913 -19.99 -25.20 -21.55
CA GLU A 913 -20.96 -25.45 -22.63
C GLU A 913 -20.84 -24.41 -23.74
N MET A 914 -20.66 -23.13 -23.38
CA MET A 914 -20.54 -22.10 -24.40
C MET A 914 -19.23 -22.19 -25.16
N ARG A 915 -18.15 -22.68 -24.56
CA ARG A 915 -16.94 -22.86 -25.36
C ARG A 915 -17.03 -24.11 -26.24
N VAL A 916 -17.81 -25.12 -25.85
CA VAL A 916 -18.13 -26.19 -26.79
C VAL A 916 -18.90 -25.63 -27.99
N ARG A 917 -19.88 -24.76 -27.72
CA ARG A 917 -20.57 -24.07 -28.80
C ARG A 917 -19.61 -23.22 -29.62
N LEU A 918 -18.58 -22.67 -28.99
CA LEU A 918 -17.56 -21.91 -29.72
C LEU A 918 -16.77 -22.82 -30.67
N ALA A 919 -16.47 -24.04 -30.24
CA ALA A 919 -15.83 -24.99 -31.13
C ALA A 919 -16.73 -25.33 -32.31
N ALA A 920 -18.04 -25.48 -32.05
CA ALA A 920 -18.99 -25.69 -33.13
C ALA A 920 -18.99 -24.51 -34.10
N LYS A 921 -18.92 -23.29 -33.56
CA LYS A 921 -18.83 -22.10 -34.39
C LYS A 921 -17.55 -22.12 -35.22
N LYS A 922 -16.45 -22.57 -34.64
CA LYS A 922 -15.20 -22.68 -35.39
C LYS A 922 -15.38 -23.60 -36.59
N GLN A 923 -15.87 -24.82 -36.35
CA GLN A 923 -16.01 -25.76 -37.47
C GLN A 923 -17.01 -25.25 -38.50
N GLU A 924 -18.01 -24.48 -38.07
CA GLU A 924 -18.86 -23.81 -39.06
C GLU A 924 -18.10 -22.72 -39.80
N LEU A 925 -17.07 -22.14 -39.21
CA LEU A 925 -16.25 -21.17 -39.93
C LEU A 925 -15.42 -21.83 -41.02
N GLU A 926 -14.84 -23.01 -40.74
CA GLU A 926 -14.19 -23.71 -41.85
C GLU A 926 -15.21 -24.20 -42.88
N GLU A 927 -16.43 -24.52 -42.47
CA GLU A 927 -17.47 -24.79 -43.46
C GLU A 927 -17.74 -23.58 -44.34
N ILE A 928 -17.75 -22.39 -43.74
CA ILE A 928 -17.95 -21.16 -44.51
C ILE A 928 -16.79 -20.93 -45.48
N LEU A 929 -15.57 -21.20 -45.03
CA LEU A 929 -14.41 -21.06 -45.92
C LEU A 929 -14.48 -22.05 -47.09
N HIS A 930 -14.91 -23.28 -46.80
CA HIS A 930 -15.12 -24.26 -47.88
C HIS A 930 -16.16 -23.76 -48.85
N GLU A 931 -17.25 -23.16 -48.34
CA GLU A 931 -18.29 -22.65 -49.21
C GLU A 931 -17.81 -21.47 -50.05
N MET A 932 -16.94 -20.61 -49.50
CA MET A 932 -16.43 -19.50 -50.30
C MET A 932 -15.47 -20.01 -51.39
N GLU A 933 -14.68 -21.03 -51.07
CA GLU A 933 -13.88 -21.67 -52.12
C GLU A 933 -14.76 -22.26 -53.21
N ALA A 934 -15.88 -22.90 -52.79
CA ALA A 934 -16.84 -23.40 -53.77
C ALA A 934 -17.45 -22.26 -54.57
N ARG A 935 -17.66 -21.11 -53.94
CA ARG A 935 -18.15 -19.93 -54.65
C ARG A 935 -17.20 -19.54 -55.77
N ILE A 936 -15.91 -19.44 -55.46
CA ILE A 936 -14.93 -19.06 -56.47
C ILE A 936 -14.89 -20.10 -57.59
N GLU A 937 -14.88 -21.38 -57.22
CA GLU A 937 -14.79 -22.44 -58.23
C GLU A 937 -16.04 -22.45 -59.12
N GLU A 938 -17.21 -22.23 -58.54
CA GLU A 938 -18.44 -22.22 -59.33
C GLU A 938 -18.53 -20.99 -60.22
N GLU A 939 -18.00 -19.84 -59.77
CA GLU A 939 -17.91 -18.69 -60.66
C GLU A 939 -17.01 -18.98 -61.84
N GLU A 940 -15.86 -19.61 -61.59
CA GLU A 940 -14.97 -19.99 -62.68
C GLU A 940 -15.65 -20.96 -63.65
N GLU A 941 -16.37 -21.96 -63.11
CA GLU A 941 -17.07 -22.91 -63.95
C GLU A 941 -18.15 -22.24 -64.79
N ARG A 942 -18.90 -21.31 -64.19
CA ARG A 942 -19.94 -20.62 -64.93
C ARG A 942 -19.34 -19.77 -66.05
N SER A 943 -18.22 -19.09 -65.77
CA SER A 943 -17.55 -18.33 -66.82
C SER A 943 -17.08 -19.25 -67.95
N GLN A 944 -16.50 -20.40 -67.60
CA GLN A 944 -16.03 -21.34 -68.61
C GLN A 944 -17.17 -21.84 -69.48
N GLN A 945 -18.31 -22.18 -68.86
CA GLN A 945 -19.46 -22.63 -69.63
C GLN A 945 -20.05 -21.50 -70.46
N LEU A 946 -20.01 -20.26 -69.98
CA LEU A 946 -20.44 -19.12 -70.76
C LEU A 946 -19.56 -18.94 -72.00
N GLN A 947 -18.26 -19.24 -71.87
CA GLN A 947 -17.38 -19.15 -73.04
C GLN A 947 -17.84 -20.11 -74.13
N ALA A 948 -18.23 -21.33 -73.77
CA ALA A 948 -18.71 -22.30 -74.73
C ALA A 948 -20.11 -21.94 -75.23
N TRP B 28 50.15 -66.30 -26.04
CA TRP B 28 49.37 -65.08 -26.12
C TRP B 28 49.77 -64.26 -27.36
N SER B 29 49.44 -62.97 -27.33
CA SER B 29 49.71 -62.01 -28.39
C SER B 29 48.82 -62.25 -29.61
N ALA B 30 48.07 -63.35 -29.59
CA ALA B 30 47.03 -63.61 -30.57
C ALA B 30 45.76 -64.21 -29.97
N LYS B 31 45.82 -64.72 -28.74
CA LYS B 31 44.72 -65.34 -28.00
C LYS B 31 44.37 -66.70 -28.60
N LYS B 32 44.93 -67.01 -29.77
CA LYS B 32 44.82 -68.31 -30.42
C LYS B 32 43.37 -68.78 -30.57
N LEU B 33 42.39 -67.87 -30.44
CA LEU B 33 40.98 -68.24 -30.53
C LEU B 33 40.19 -67.20 -31.32
N VAL B 34 40.84 -66.50 -32.25
CA VAL B 34 40.18 -65.41 -32.96
C VAL B 34 38.99 -65.94 -33.76
N TRP B 35 37.89 -65.18 -33.74
CA TRP B 35 36.68 -65.63 -34.39
C TRP B 35 36.82 -65.63 -35.90
N VAL B 36 36.31 -66.68 -36.54
CA VAL B 36 36.19 -66.75 -37.99
C VAL B 36 34.76 -67.20 -38.30
N PRO B 37 34.20 -66.84 -39.45
CA PRO B 37 32.80 -67.20 -39.74
C PRO B 37 32.59 -68.71 -39.72
N SER B 38 31.41 -69.11 -39.21
CA SER B 38 31.05 -70.51 -39.09
C SER B 38 29.59 -70.66 -39.46
N GLU B 39 29.04 -71.84 -39.20
CA GLU B 39 27.65 -72.15 -39.54
C GLU B 39 26.78 -72.46 -38.34
N LYS B 40 27.30 -73.18 -37.34
CA LYS B 40 26.54 -73.38 -36.12
C LYS B 40 26.26 -72.05 -35.43
N HIS B 41 27.26 -71.18 -35.38
CA HIS B 41 27.11 -69.79 -35.01
C HIS B 41 27.73 -68.94 -36.11
N GLY B 42 27.32 -67.68 -36.18
CA GLY B 42 27.78 -66.78 -37.22
C GLY B 42 29.29 -66.78 -37.39
N PHE B 43 30.00 -66.64 -36.28
CA PHE B 43 31.46 -66.73 -36.27
C PHE B 43 31.90 -67.67 -35.15
N GLU B 44 33.04 -68.31 -35.35
CA GLU B 44 33.61 -69.21 -34.36
C GLU B 44 35.12 -69.04 -34.33
N ALA B 45 35.73 -69.56 -33.26
CA ALA B 45 37.14 -69.30 -32.98
C ALA B 45 38.04 -69.96 -34.03
N ALA B 46 39.29 -69.48 -34.09
CA ALA B 46 40.31 -70.05 -34.95
C ALA B 46 41.63 -70.09 -34.20
N SER B 47 42.36 -71.19 -34.37
CA SER B 47 43.63 -71.40 -33.67
C SER B 47 44.78 -71.01 -34.59
N ILE B 48 45.50 -69.95 -34.22
CA ILE B 48 46.62 -69.49 -35.01
C ILE B 48 47.74 -70.52 -34.97
N LYS B 49 48.25 -70.87 -36.14
CA LYS B 49 49.32 -71.86 -36.27
C LYS B 49 50.15 -71.48 -37.50
N GLU B 50 50.90 -72.46 -38.02
CA GLU B 50 51.75 -72.22 -39.19
C GLU B 50 50.97 -71.59 -40.33
N GLU B 51 51.53 -70.51 -40.87
CA GLU B 51 50.88 -69.70 -41.91
C GLU B 51 51.74 -69.69 -43.16
N LYS B 52 51.09 -69.82 -44.31
CA LYS B 52 51.77 -69.80 -45.62
C LYS B 52 50.98 -68.91 -46.57
N GLY B 53 51.43 -67.68 -46.74
CA GLY B 53 50.75 -66.74 -47.62
C GLY B 53 49.33 -66.47 -47.20
N ASP B 54 49.09 -66.27 -45.91
CA ASP B 54 47.78 -66.10 -45.27
C ASP B 54 46.96 -67.37 -45.28
N GLU B 55 47.45 -68.45 -45.89
CA GLU B 55 46.77 -69.74 -45.87
C GLU B 55 47.17 -70.49 -44.61
N VAL B 56 46.19 -70.75 -43.75
CA VAL B 56 46.43 -71.45 -42.49
C VAL B 56 45.30 -72.45 -42.28
N THR B 57 45.67 -73.67 -41.88
CA THR B 57 44.69 -74.73 -41.62
C THR B 57 44.35 -74.70 -40.12
N VAL B 58 43.61 -73.67 -39.73
CA VAL B 58 43.23 -73.49 -38.34
C VAL B 58 42.31 -74.63 -37.91
N GLU B 59 42.37 -74.97 -36.63
CA GLU B 59 41.47 -75.95 -36.04
C GLU B 59 40.63 -75.28 -34.96
N LEU B 60 39.35 -75.62 -34.92
CA LEU B 60 38.47 -75.10 -33.88
C LEU B 60 38.81 -75.79 -32.57
N GLN B 61 39.34 -75.02 -31.61
CA GLN B 61 39.72 -75.58 -30.32
C GLN B 61 38.52 -76.21 -29.63
N GLU B 62 37.32 -75.71 -29.90
CA GLU B 62 36.11 -76.32 -29.35
C GLU B 62 35.79 -77.67 -30.00
N ASN B 63 36.33 -77.95 -31.18
CA ASN B 63 36.07 -79.21 -31.87
C ASN B 63 37.32 -79.93 -32.36
N GLY B 64 38.47 -79.26 -32.42
CA GLY B 64 39.67 -79.91 -32.94
C GLY B 64 39.57 -80.32 -34.39
N LYS B 65 38.98 -79.47 -35.23
CA LYS B 65 38.76 -79.76 -36.64
C LYS B 65 39.59 -78.78 -37.47
N LYS B 66 40.71 -79.27 -38.02
CA LYS B 66 41.59 -78.44 -38.84
C LYS B 66 40.89 -78.05 -40.12
N VAL B 67 40.68 -76.74 -40.32
CA VAL B 67 40.01 -76.21 -41.49
C VAL B 67 40.88 -75.14 -42.11
N THR B 68 41.01 -75.17 -43.44
CA THR B 68 41.84 -74.22 -44.15
C THR B 68 41.17 -72.84 -44.20
N LEU B 69 42.00 -71.81 -44.32
CA LEU B 69 41.52 -70.44 -44.37
C LEU B 69 42.60 -69.54 -44.94
N SER B 70 42.23 -68.68 -45.88
CA SER B 70 43.15 -67.73 -46.50
C SER B 70 42.79 -66.28 -46.23
N LYS B 71 41.49 -65.94 -46.24
CA LYS B 71 41.07 -64.56 -46.06
C LYS B 71 41.36 -64.11 -44.63
N ASP B 72 41.68 -62.82 -44.48
CA ASP B 72 42.04 -62.25 -43.19
C ASP B 72 40.77 -61.86 -42.43
N ASP B 73 39.97 -62.89 -42.13
CA ASP B 73 38.73 -62.71 -41.38
C ASP B 73 38.97 -63.02 -39.89
N ILE B 74 39.79 -62.16 -39.29
CA ILE B 74 40.15 -62.29 -37.87
C ILE B 74 39.28 -61.34 -37.07
N GLN B 75 38.56 -61.89 -36.09
CA GLN B 75 37.70 -61.11 -35.22
C GLN B 75 38.22 -61.35 -33.80
N LYS B 76 39.22 -60.57 -33.40
CA LYS B 76 39.93 -60.83 -32.16
C LYS B 76 39.09 -60.46 -30.95
N MET B 77 39.47 -61.01 -29.81
CA MET B 77 38.74 -60.85 -28.56
C MET B 77 39.52 -59.98 -27.58
N ASN B 78 38.79 -59.37 -26.66
CA ASN B 78 39.40 -58.81 -25.46
C ASN B 78 39.75 -59.94 -24.50
N PRO B 79 40.68 -59.70 -23.58
CA PRO B 79 41.02 -60.73 -22.58
C PRO B 79 39.79 -61.15 -21.80
N PRO B 80 39.67 -62.45 -21.49
CA PRO B 80 38.43 -62.95 -20.88
C PRO B 80 38.28 -62.53 -19.42
N LYS B 81 38.05 -61.25 -19.17
CA LYS B 81 37.74 -60.78 -17.83
C LYS B 81 36.59 -59.79 -17.77
N PHE B 82 36.12 -59.27 -18.91
CA PHE B 82 35.02 -58.31 -18.93
C PHE B 82 33.70 -59.03 -19.16
N SER B 83 33.27 -59.76 -18.14
CA SER B 83 32.01 -60.48 -18.19
C SER B 83 30.85 -59.51 -18.03
N LYS B 84 29.89 -59.56 -18.96
CA LYS B 84 28.69 -58.73 -18.93
C LYS B 84 29.05 -57.25 -18.85
N VAL B 85 29.70 -56.76 -19.90
CA VAL B 85 30.08 -55.36 -19.97
C VAL B 85 28.82 -54.49 -19.93
N GLU B 86 28.85 -53.47 -19.08
CA GLU B 86 27.68 -52.60 -18.93
C GLU B 86 27.38 -51.86 -20.22
N ASP B 87 28.41 -51.30 -20.86
CA ASP B 87 28.27 -50.64 -22.15
C ASP B 87 29.48 -50.98 -23.01
N MET B 88 29.22 -51.37 -24.25
CA MET B 88 30.30 -51.80 -25.14
C MET B 88 31.13 -50.61 -25.62
N ALA B 89 31.91 -50.04 -24.70
CA ALA B 89 32.86 -49.00 -25.03
C ALA B 89 34.26 -49.24 -24.49
N GLU B 90 34.41 -50.18 -23.54
CA GLU B 90 35.72 -50.52 -23.01
C GLU B 90 36.47 -51.52 -23.88
N LEU B 91 35.84 -52.03 -24.93
CA LEU B 91 36.47 -53.02 -25.80
C LEU B 91 37.63 -52.39 -26.56
N THR B 92 38.40 -53.25 -27.24
CA THR B 92 39.53 -52.82 -28.04
C THR B 92 39.35 -53.11 -29.52
N CYS B 93 38.84 -54.30 -29.86
CA CYS B 93 38.56 -54.66 -31.24
C CYS B 93 37.06 -54.56 -31.51
N LEU B 94 36.71 -53.89 -32.60
CA LEU B 94 35.30 -53.66 -32.92
C LEU B 94 34.72 -54.86 -33.65
N ASN B 95 34.84 -56.05 -33.07
CA ASN B 95 34.36 -57.27 -33.70
C ASN B 95 32.88 -57.44 -33.41
N GLU B 96 32.33 -58.58 -33.84
CA GLU B 96 30.90 -58.86 -33.69
C GLU B 96 30.62 -60.14 -32.95
N ALA B 97 31.43 -61.18 -33.16
CA ALA B 97 31.20 -62.44 -32.45
C ALA B 97 31.34 -62.27 -30.95
N SER B 98 32.28 -61.44 -30.50
CA SER B 98 32.34 -61.11 -29.09
C SER B 98 31.11 -60.30 -28.66
N VAL B 99 30.64 -59.41 -29.55
CA VAL B 99 29.40 -58.69 -29.27
C VAL B 99 28.24 -59.66 -29.16
N LEU B 100 28.16 -60.62 -30.08
CA LEU B 100 27.11 -61.63 -30.00
C LEU B 100 27.24 -62.45 -28.73
N HIS B 101 28.47 -62.76 -28.33
CA HIS B 101 28.71 -63.51 -27.11
C HIS B 101 28.18 -62.74 -25.89
N ASN B 102 28.47 -61.44 -25.84
CA ASN B 102 27.98 -60.62 -24.74
C ASN B 102 26.45 -60.55 -24.76
N LEU B 103 25.86 -60.38 -25.94
CA LEU B 103 24.41 -60.29 -26.04
C LEU B 103 23.75 -61.59 -25.57
N ARG B 104 24.29 -62.73 -25.98
CA ARG B 104 23.69 -64.00 -25.57
C ARG B 104 23.95 -64.30 -24.10
N GLU B 105 25.09 -63.83 -23.57
CA GLU B 105 25.32 -63.97 -22.13
C GLU B 105 24.29 -63.17 -21.34
N ARG B 106 24.01 -61.95 -21.78
CA ARG B 106 22.99 -61.14 -21.13
C ARG B 106 21.61 -61.78 -21.30
N TYR B 107 21.35 -62.35 -22.47
CA TYR B 107 20.07 -63.00 -22.73
C TYR B 107 19.86 -64.20 -21.80
N PHE B 108 20.92 -64.98 -21.56
CA PHE B 108 20.80 -66.19 -20.75
C PHE B 108 20.48 -65.90 -19.30
N SER B 109 20.70 -64.67 -18.83
CA SER B 109 20.50 -64.31 -17.43
C SER B 109 19.35 -63.34 -17.22
N GLY B 110 18.55 -63.07 -18.26
CA GLY B 110 17.40 -62.20 -18.11
C GLY B 110 17.71 -60.73 -18.03
N LEU B 111 18.95 -60.32 -18.29
CA LEU B 111 19.32 -58.90 -18.30
C LEU B 111 19.00 -58.35 -19.68
N ILE B 112 17.73 -58.02 -19.88
CA ILE B 112 17.23 -57.72 -21.22
C ILE B 112 17.57 -56.29 -21.67
N TYR B 113 17.82 -55.38 -20.74
CA TYR B 113 17.98 -53.96 -21.08
C TYR B 113 19.45 -53.58 -21.22
N THR B 114 20.12 -54.24 -22.16
CA THR B 114 21.44 -53.77 -22.57
C THR B 114 21.29 -52.57 -23.51
N TYR B 115 22.31 -51.73 -23.54
CA TYR B 115 22.26 -50.53 -24.36
C TYR B 115 23.62 -50.30 -25.02
N SER B 116 23.59 -49.59 -26.14
CA SER B 116 24.78 -49.19 -26.88
C SER B 116 25.03 -47.70 -26.67
N GLY B 117 26.01 -47.17 -27.39
CA GLY B 117 26.30 -45.76 -27.31
C GLY B 117 25.14 -44.88 -27.72
N LEU B 118 24.57 -44.15 -26.76
CA LEU B 118 23.52 -43.15 -26.92
C LEU B 118 22.14 -43.73 -27.18
N PHE B 119 21.99 -45.06 -27.24
CA PHE B 119 20.66 -45.65 -27.38
C PHE B 119 20.70 -47.09 -26.89
N CYS B 120 19.52 -47.70 -26.85
CA CYS B 120 19.33 -49.01 -26.24
C CYS B 120 18.75 -50.00 -27.23
N VAL B 121 19.05 -51.27 -27.03
CA VAL B 121 18.55 -52.36 -27.86
C VAL B 121 18.09 -53.51 -26.97
N VAL B 122 17.02 -54.17 -27.37
CA VAL B 122 16.45 -55.28 -26.62
C VAL B 122 16.12 -56.42 -27.58
N ILE B 123 15.82 -57.57 -26.99
CA ILE B 123 15.40 -58.77 -27.72
C ILE B 123 14.13 -59.29 -27.06
N ASN B 124 13.27 -59.90 -27.86
CA ASN B 124 11.97 -60.35 -27.37
C ASN B 124 12.15 -61.41 -26.29
N PRO B 125 11.61 -61.20 -25.08
CA PRO B 125 11.84 -62.17 -24.00
C PRO B 125 10.98 -63.41 -24.10
N TYR B 126 9.73 -63.24 -24.54
CA TYR B 126 8.73 -64.32 -24.58
C TYR B 126 8.51 -64.97 -23.22
N LYS B 127 8.88 -64.29 -22.14
CA LYS B 127 8.71 -64.80 -20.79
C LYS B 127 8.31 -63.65 -19.87
N GLN B 128 8.02 -63.99 -18.61
CA GLN B 128 7.57 -63.03 -17.62
C GLN B 128 8.59 -62.90 -16.51
N LEU B 129 8.92 -61.67 -16.14
CA LEU B 129 9.82 -61.37 -15.04
C LEU B 129 9.21 -60.30 -14.15
N PRO B 130 9.45 -60.38 -12.83
CA PRO B 130 8.92 -59.38 -11.89
C PRO B 130 9.83 -58.18 -11.72
N ILE B 131 10.27 -57.59 -12.84
CA ILE B 131 11.17 -56.43 -12.80
C ILE B 131 10.44 -55.12 -12.62
N TYR B 132 9.10 -55.13 -12.63
CA TYR B 132 8.31 -53.91 -12.54
C TYR B 132 7.81 -53.66 -11.12
N SER B 133 8.60 -54.01 -10.11
CA SER B 133 8.19 -53.79 -8.74
C SER B 133 8.27 -52.31 -8.37
N GLU B 134 7.34 -51.89 -7.52
CA GLU B 134 7.29 -50.48 -7.12
C GLU B 134 8.52 -50.06 -6.34
N LYS B 135 9.13 -50.99 -5.59
CA LYS B 135 10.35 -50.67 -4.87
C LYS B 135 11.47 -50.30 -5.84
N ILE B 136 11.60 -51.03 -6.94
CA ILE B 136 12.57 -50.68 -7.97
C ILE B 136 12.23 -49.33 -8.58
N ILE B 137 10.94 -49.03 -8.73
CA ILE B 137 10.53 -47.73 -9.25
C ILE B 137 11.02 -46.61 -8.35
N ASP B 138 10.86 -46.79 -7.03
CA ASP B 138 11.38 -45.80 -6.09
C ASP B 138 12.91 -45.75 -6.14
N MET B 139 13.56 -46.90 -6.31
CA MET B 139 15.01 -46.94 -6.31
C MET B 139 15.59 -46.27 -7.54
N TYR B 140 14.84 -46.21 -8.64
CA TYR B 140 15.26 -45.49 -9.84
C TYR B 140 14.99 -43.99 -9.77
N LYS B 141 14.46 -43.48 -8.67
CA LYS B 141 13.99 -42.10 -8.60
C LYS B 141 15.17 -41.14 -8.61
N GLY B 142 15.47 -40.58 -9.78
CA GLY B 142 16.44 -39.50 -9.90
C GLY B 142 17.87 -39.87 -9.59
N LYS B 143 18.49 -40.69 -10.44
CA LYS B 143 19.88 -41.08 -10.28
C LYS B 143 20.62 -40.90 -11.59
N LYS B 144 21.95 -40.94 -11.50
CA LYS B 144 22.79 -40.80 -12.67
C LYS B 144 22.71 -42.06 -13.54
N ARG B 145 23.03 -41.89 -14.83
CA ARG B 145 22.95 -42.98 -15.79
C ARG B 145 23.82 -44.17 -15.38
N HIS B 146 24.95 -43.92 -14.72
CA HIS B 146 25.91 -44.97 -14.39
C HIS B 146 25.83 -45.38 -12.92
N GLU B 147 24.64 -45.39 -12.34
CA GLU B 147 24.46 -45.74 -10.93
C GLU B 147 23.82 -47.10 -10.72
N MET B 148 22.90 -47.51 -11.59
CA MET B 148 22.22 -48.80 -11.50
C MET B 148 22.25 -49.49 -12.85
N PRO B 149 22.04 -50.81 -12.87
CA PRO B 149 21.98 -51.52 -14.15
C PRO B 149 20.89 -50.95 -15.04
N PRO B 150 21.11 -50.92 -16.35
CA PRO B 150 20.16 -50.25 -17.25
C PRO B 150 18.79 -50.92 -17.22
N HIS B 151 17.75 -50.10 -17.35
CA HIS B 151 16.38 -50.57 -17.32
C HIS B 151 15.51 -49.46 -17.90
N ILE B 152 14.45 -49.86 -18.61
CA ILE B 152 13.63 -48.90 -19.35
C ILE B 152 13.06 -47.84 -18.41
N TYR B 153 12.76 -48.22 -17.16
CA TYR B 153 12.30 -47.24 -16.18
C TYR B 153 13.37 -46.20 -15.89
N ALA B 154 14.65 -46.58 -15.94
CA ALA B 154 15.70 -45.60 -15.74
C ALA B 154 15.70 -44.57 -16.86
N ILE B 155 15.51 -45.00 -18.11
CA ILE B 155 15.41 -44.05 -19.21
C ILE B 155 14.18 -43.16 -19.04
N ALA B 156 13.06 -43.76 -18.64
CA ALA B 156 11.84 -42.98 -18.46
C ALA B 156 12.03 -41.90 -17.39
N ASP B 157 12.68 -42.24 -16.28
CA ASP B 157 12.90 -41.26 -15.23
C ASP B 157 13.93 -40.22 -15.64
N THR B 158 14.97 -40.65 -16.36
CA THR B 158 15.97 -39.70 -16.86
C THR B 158 15.36 -38.71 -17.83
N ALA B 159 14.31 -39.12 -18.55
CA ALA B 159 13.68 -38.23 -19.51
C ALA B 159 13.12 -36.98 -18.85
N TYR B 160 12.47 -37.14 -17.69
CA TYR B 160 11.86 -35.99 -17.03
C TYR B 160 12.91 -34.99 -16.56
N ARG B 161 13.98 -35.49 -15.95
CA ARG B 161 15.05 -34.59 -15.52
C ARG B 161 15.75 -33.96 -16.71
N SER B 162 15.90 -34.69 -17.82
CA SER B 162 16.47 -34.10 -19.02
C SER B 162 15.59 -32.98 -19.55
N MET B 163 14.27 -33.18 -19.53
CA MET B 163 13.33 -32.15 -19.95
C MET B 163 13.43 -30.92 -19.05
N LEU B 164 13.51 -31.14 -17.74
CA LEU B 164 13.47 -30.01 -16.83
C LEU B 164 14.79 -29.23 -16.83
N GLN B 165 15.91 -29.93 -16.97
CA GLN B 165 17.20 -29.24 -16.92
C GLN B 165 17.39 -28.31 -18.11
N ASP B 166 16.98 -28.74 -19.31
CA ASP B 166 17.00 -27.86 -20.46
C ASP B 166 15.66 -27.15 -20.57
N ARG B 167 15.38 -26.53 -21.72
CA ARG B 167 14.17 -25.74 -21.85
C ARG B 167 12.92 -26.61 -21.88
N GLU B 168 12.80 -27.46 -22.90
CA GLU B 168 11.54 -28.15 -23.17
C GLU B 168 11.76 -29.27 -24.16
N ASP B 169 10.66 -29.88 -24.61
CA ASP B 169 10.58 -30.71 -25.80
C ASP B 169 11.49 -31.95 -25.70
N GLN B 170 11.14 -32.81 -24.76
CA GLN B 170 11.65 -34.18 -24.75
C GLN B 170 10.82 -35.06 -25.69
N SER B 171 11.42 -36.16 -26.14
CA SER B 171 10.71 -37.08 -27.01
C SER B 171 11.31 -38.47 -26.87
N ILE B 172 10.46 -39.49 -27.05
CA ILE B 172 10.87 -40.89 -27.03
C ILE B 172 10.40 -41.55 -28.31
N LEU B 173 11.33 -42.17 -29.03
CA LEU B 173 11.03 -42.83 -30.30
C LEU B 173 11.54 -44.26 -30.24
N CYS B 174 10.70 -45.21 -30.65
CA CYS B 174 11.06 -46.62 -30.66
C CYS B 174 10.70 -47.22 -32.00
N THR B 175 11.47 -48.18 -32.53
CA THR B 175 11.20 -48.67 -33.91
C THR B 175 11.69 -50.10 -34.12
N GLY B 176 10.86 -50.98 -34.70
CA GLY B 176 11.25 -52.40 -34.79
C GLY B 176 10.48 -53.21 -35.79
N GLU B 177 11.04 -54.36 -36.20
CA GLU B 177 10.51 -55.17 -37.32
C GLU B 177 9.22 -55.86 -36.87
N SER B 178 8.09 -55.56 -37.52
CA SER B 178 6.77 -56.13 -37.12
C SER B 178 6.39 -55.56 -35.76
N GLY B 179 5.50 -56.22 -35.02
CA GLY B 179 5.19 -55.74 -33.66
C GLY B 179 5.75 -56.67 -32.59
N ALA B 180 6.81 -56.27 -31.90
CA ALA B 180 7.33 -57.06 -30.77
C ALA B 180 7.86 -56.09 -29.71
N GLY B 181 7.16 -55.96 -28.58
CA GLY B 181 7.55 -54.98 -27.57
C GLY B 181 7.12 -53.59 -27.99
N LYS B 182 6.47 -53.49 -29.15
CA LYS B 182 6.06 -52.16 -29.69
C LYS B 182 4.99 -51.59 -28.77
N THR B 183 4.63 -52.31 -27.71
CA THR B 183 3.53 -51.85 -26.87
C THR B 183 3.85 -51.92 -25.38
N GLU B 184 4.62 -52.93 -24.96
CA GLU B 184 4.90 -53.09 -23.53
C GLU B 184 5.77 -51.96 -23.01
N ASN B 185 6.76 -51.52 -23.79
CA ASN B 185 7.63 -50.44 -23.34
C ASN B 185 6.87 -49.14 -23.16
N THR B 186 5.95 -48.84 -24.08
CA THR B 186 5.12 -47.65 -23.94
C THR B 186 4.24 -47.75 -22.70
N LYS B 187 3.68 -48.94 -22.43
CA LYS B 187 2.88 -49.13 -21.22
C LYS B 187 3.71 -48.90 -19.97
N LYS B 188 4.95 -49.41 -19.96
CA LYS B 188 5.83 -49.20 -18.82
C LYS B 188 6.14 -47.72 -18.64
N VAL B 189 6.40 -47.01 -19.74
CA VAL B 189 6.68 -45.57 -19.65
C VAL B 189 5.48 -44.83 -19.08
N ILE B 190 4.29 -45.17 -19.57
CA ILE B 190 3.07 -44.50 -19.08
C ILE B 190 2.87 -44.78 -17.59
N GLN B 191 3.03 -46.04 -17.19
CA GLN B 191 2.87 -46.38 -15.77
C GLN B 191 3.88 -45.64 -14.91
N TYR B 192 5.14 -45.57 -15.36
CA TYR B 192 6.16 -44.90 -14.57
C TYR B 192 5.87 -43.41 -14.46
N LEU B 193 5.50 -42.76 -15.55
CA LEU B 193 5.21 -41.33 -15.49
C LEU B 193 3.99 -41.06 -14.62
N ALA B 194 3.00 -41.96 -14.66
CA ALA B 194 1.85 -41.82 -13.77
C ALA B 194 2.26 -41.95 -12.31
N VAL B 195 3.17 -42.88 -12.01
CA VAL B 195 3.67 -43.00 -10.65
C VAL B 195 4.37 -41.73 -10.22
N VAL B 196 5.23 -41.19 -11.09
CA VAL B 196 5.90 -39.93 -10.79
C VAL B 196 4.91 -38.77 -10.74
N ALA B 197 3.88 -38.80 -11.58
CA ALA B 197 2.89 -37.74 -11.61
C ALA B 197 2.16 -37.63 -10.28
N SER B 198 2.42 -36.54 -9.55
CA SER B 198 1.80 -36.30 -8.25
C SER B 198 1.87 -34.82 -7.95
N SER B 199 1.41 -34.45 -6.76
CA SER B 199 1.42 -33.06 -6.33
C SER B 199 1.88 -32.94 -4.89
N TYR B 216 -6.64 -39.35 -5.59
CA TYR B 216 -5.41 -38.61 -5.79
C TYR B 216 -4.67 -39.10 -7.03
N GLY B 217 -5.21 -40.14 -7.65
CA GLY B 217 -4.64 -40.70 -8.85
C GLY B 217 -5.67 -41.14 -9.86
N GLU B 218 -6.89 -40.60 -9.75
CA GLU B 218 -7.97 -41.02 -10.62
C GLU B 218 -7.72 -40.62 -12.07
N LEU B 219 -7.17 -39.43 -12.31
CA LEU B 219 -6.85 -39.03 -13.66
C LEU B 219 -5.78 -39.93 -14.26
N GLU B 220 -4.77 -40.29 -13.47
CA GLU B 220 -3.75 -41.22 -13.94
C GLU B 220 -4.35 -42.58 -14.25
N LYS B 221 -5.28 -43.04 -13.41
CA LYS B 221 -5.93 -44.33 -13.68
C LYS B 221 -6.75 -44.27 -14.97
N GLN B 222 -7.45 -43.17 -15.21
CA GLN B 222 -8.17 -43.01 -16.46
C GLN B 222 -7.22 -43.05 -17.65
N LEU B 223 -6.11 -42.32 -17.55
CA LEU B 223 -5.14 -42.29 -18.64
C LEU B 223 -4.56 -43.68 -18.90
N LEU B 224 -4.28 -44.43 -17.83
CA LEU B 224 -3.76 -45.78 -17.99
C LEU B 224 -4.79 -46.69 -18.63
N GLN B 225 -6.01 -46.71 -18.09
CA GLN B 225 -7.06 -47.58 -18.60
C GLN B 225 -7.54 -47.19 -20.00
N ALA B 226 -7.16 -46.00 -20.47
CA ALA B 226 -7.47 -45.64 -21.85
C ALA B 226 -6.83 -46.63 -22.83
N ASN B 227 -5.59 -47.02 -22.58
CA ASN B 227 -4.91 -47.95 -23.47
C ASN B 227 -5.60 -49.31 -23.57
N PRO B 228 -6.06 -49.94 -22.48
CA PRO B 228 -6.86 -51.17 -22.64
C PRO B 228 -8.08 -51.00 -23.54
N ILE B 229 -8.76 -49.85 -23.45
CA ILE B 229 -9.98 -49.64 -24.25
C ILE B 229 -9.63 -49.70 -25.74
N LEU B 230 -8.71 -48.83 -26.17
CA LEU B 230 -8.34 -48.79 -27.58
C LEU B 230 -7.71 -50.10 -28.02
N GLU B 231 -6.89 -50.71 -27.16
CA GLU B 231 -6.21 -51.95 -27.52
C GLU B 231 -7.22 -53.07 -27.77
N ALA B 232 -8.12 -53.31 -26.82
CA ALA B 232 -9.12 -54.36 -26.98
C ALA B 232 -10.09 -54.03 -28.11
N PHE B 233 -10.31 -52.75 -28.39
CA PHE B 233 -11.11 -52.36 -29.54
C PHE B 233 -10.31 -52.25 -30.82
N GLY B 234 -9.01 -52.49 -30.77
CA GLY B 234 -8.17 -52.36 -31.95
C GLY B 234 -7.25 -53.53 -32.22
N ASN B 235 -7.12 -54.44 -31.25
CA ASN B 235 -6.23 -55.58 -31.44
C ASN B 235 -6.81 -56.56 -32.44
N ALA B 236 -5.92 -57.37 -33.03
CA ALA B 236 -6.32 -58.38 -34.00
C ALA B 236 -5.37 -59.56 -33.88
N LYS B 237 -5.63 -60.59 -34.68
CA LYS B 237 -4.84 -61.81 -34.69
C LYS B 237 -4.16 -61.97 -36.04
N THR B 238 -2.86 -62.21 -36.01
CA THR B 238 -2.04 -62.23 -37.23
C THR B 238 -1.13 -63.45 -37.17
N VAL B 239 -0.66 -63.88 -38.35
CA VAL B 239 0.18 -65.07 -38.44
C VAL B 239 1.45 -64.90 -37.61
N LYS B 240 2.09 -63.73 -37.70
CA LYS B 240 3.33 -63.51 -36.96
C LYS B 240 3.07 -63.39 -35.48
N ASN B 241 1.99 -62.71 -35.09
CA ASN B 241 1.67 -62.51 -33.68
C ASN B 241 0.16 -62.38 -33.54
N ASP B 242 -0.43 -63.21 -32.69
CA ASP B 242 -1.85 -63.10 -32.41
C ASP B 242 -2.21 -61.84 -31.64
N ASN B 243 -1.21 -61.13 -31.12
CA ASN B 243 -1.39 -59.79 -30.60
C ASN B 243 -0.91 -58.80 -31.65
N SER B 244 -1.77 -57.87 -32.03
CA SER B 244 -1.51 -56.99 -33.16
C SER B 244 -1.82 -55.55 -32.79
N SER B 245 -1.53 -54.64 -33.73
CA SER B 245 -1.81 -53.22 -33.58
C SER B 245 -2.12 -52.69 -34.98
N ARG B 246 -3.39 -52.43 -35.25
CA ARG B 246 -3.85 -52.10 -36.59
C ARG B 246 -3.68 -50.62 -36.93
N PHE B 247 -2.81 -49.90 -36.24
CA PHE B 247 -2.65 -48.47 -36.46
C PHE B 247 -1.30 -48.03 -35.92
N GLY B 248 -0.95 -46.78 -36.23
CA GLY B 248 0.17 -46.11 -35.60
C GLY B 248 -0.34 -45.25 -34.46
N LYS B 249 0.24 -45.46 -33.28
CA LYS B 249 -0.23 -44.82 -32.06
C LYS B 249 0.77 -43.77 -31.62
N PHE B 250 0.28 -42.56 -31.33
CA PHE B 250 1.11 -41.46 -30.89
C PHE B 250 0.45 -40.80 -29.68
N ILE B 251 1.30 -40.29 -28.78
CA ILE B 251 0.84 -39.62 -27.57
C ILE B 251 1.91 -38.66 -27.11
N ARG B 252 1.48 -37.49 -26.63
CA ARG B 252 2.37 -36.53 -25.98
C ARG B 252 1.74 -36.15 -24.64
N ILE B 253 2.50 -36.32 -23.56
CA ILE B 253 2.01 -35.90 -22.25
C ILE B 253 2.06 -34.38 -22.16
N ASN B 254 1.25 -33.83 -21.27
CA ASN B 254 1.21 -32.40 -21.03
C ASN B 254 1.58 -32.12 -19.59
N PHE B 255 2.64 -31.34 -19.39
CA PHE B 255 3.23 -31.10 -18.09
C PHE B 255 2.94 -29.68 -17.63
N ASP B 256 3.42 -29.37 -16.42
CA ASP B 256 3.37 -28.01 -15.89
C ASP B 256 4.74 -27.63 -15.36
N VAL B 257 4.83 -26.51 -14.63
CA VAL B 257 6.10 -26.12 -14.02
C VAL B 257 6.59 -27.22 -13.07
N THR B 258 5.67 -27.82 -12.33
CA THR B 258 6.00 -28.99 -11.51
C THR B 258 6.14 -30.24 -12.36
N GLY B 259 5.60 -30.25 -13.56
CA GLY B 259 5.68 -31.41 -14.44
C GLY B 259 4.62 -32.44 -14.12
N TYR B 260 3.36 -32.04 -14.14
CA TYR B 260 2.25 -32.91 -13.80
C TYR B 260 1.22 -32.91 -14.92
N ILE B 261 0.47 -34.01 -15.02
CA ILE B 261 -0.48 -34.20 -16.11
C ILE B 261 -1.62 -33.20 -15.99
N VAL B 262 -1.97 -32.59 -17.12
CA VAL B 262 -3.10 -31.65 -17.16
C VAL B 262 -4.09 -32.10 -18.23
N GLY B 263 -3.61 -32.81 -19.23
CA GLY B 263 -4.48 -33.28 -20.30
C GLY B 263 -3.67 -34.04 -21.34
N ALA B 264 -4.38 -34.64 -22.28
CA ALA B 264 -3.75 -35.44 -23.32
C ALA B 264 -4.66 -35.52 -24.54
N ASN B 265 -4.08 -35.96 -25.64
CA ASN B 265 -4.82 -36.16 -26.89
C ASN B 265 -4.10 -37.23 -27.70
N ILE B 266 -4.88 -38.11 -28.32
CA ILE B 266 -4.35 -39.24 -29.08
C ILE B 266 -4.91 -39.17 -30.50
N GLU B 267 -4.02 -39.28 -31.48
CA GLU B 267 -4.39 -39.32 -32.88
C GLU B 267 -3.91 -40.62 -33.51
N THR B 268 -4.81 -41.33 -34.18
CA THR B 268 -4.52 -42.61 -34.80
C THR B 268 -4.19 -42.40 -36.28
N TYR B 269 -3.82 -43.49 -36.95
CA TYR B 269 -3.39 -43.41 -38.34
C TYR B 269 -3.76 -44.69 -39.08
N LEU B 270 -4.81 -44.62 -39.91
CA LEU B 270 -5.08 -45.58 -40.98
C LEU B 270 -5.21 -47.01 -40.42
N LEU B 271 -6.31 -47.22 -39.71
CA LEU B 271 -6.73 -48.58 -39.41
C LEU B 271 -6.96 -49.35 -40.70
N GLU B 272 -6.55 -50.60 -40.72
CA GLU B 272 -6.67 -51.44 -41.91
C GLU B 272 -8.15 -51.80 -42.08
N LYS B 273 -8.84 -51.02 -42.92
CA LYS B 273 -10.29 -51.18 -43.07
C LYS B 273 -10.64 -52.50 -43.75
N SER B 274 -9.84 -52.92 -44.72
CA SER B 274 -10.17 -54.09 -45.52
C SER B 274 -10.11 -55.39 -44.74
N ARG B 275 -9.56 -55.38 -43.53
CA ARG B 275 -9.38 -56.61 -42.76
C ARG B 275 -10.70 -57.33 -42.49
N ALA B 276 -11.81 -56.58 -42.42
CA ALA B 276 -13.09 -57.12 -41.97
C ALA B 276 -13.60 -58.25 -42.85
N ILE B 277 -13.93 -57.96 -44.11
CA ILE B 277 -14.65 -58.93 -44.94
C ILE B 277 -13.77 -60.13 -45.26
N ARG B 278 -12.51 -59.88 -45.64
CA ARG B 278 -11.63 -60.98 -46.02
C ARG B 278 -11.27 -61.83 -44.80
N GLN B 279 -11.09 -63.13 -45.05
CA GLN B 279 -10.87 -64.08 -43.97
C GLN B 279 -10.11 -65.28 -44.51
N ALA B 280 -9.07 -65.69 -43.79
CA ALA B 280 -8.24 -66.82 -44.19
C ALA B 280 -7.56 -67.38 -42.95
N LYS B 281 -6.55 -68.22 -43.16
CA LYS B 281 -5.84 -68.85 -42.05
C LYS B 281 -5.17 -67.79 -41.18
N ASP B 282 -5.47 -67.83 -39.88
CA ASP B 282 -4.97 -66.88 -38.89
C ASP B 282 -5.41 -65.45 -39.20
N GLU B 283 -6.23 -65.26 -40.23
CA GLU B 283 -6.79 -63.96 -40.54
C GLU B 283 -8.09 -63.75 -39.79
N ARG B 284 -8.02 -63.93 -38.47
CA ARG B 284 -9.17 -63.74 -37.60
C ARG B 284 -9.32 -62.25 -37.33
N THR B 285 -10.45 -61.68 -37.77
CA THR B 285 -10.59 -60.25 -37.96
C THR B 285 -10.27 -59.45 -36.70
N PHE B 286 -11.09 -59.59 -35.66
CA PHE B 286 -10.92 -58.78 -34.47
C PHE B 286 -11.48 -59.52 -33.26
N HIS B 287 -10.88 -59.25 -32.11
CA HIS B 287 -11.33 -59.86 -30.86
C HIS B 287 -12.70 -59.37 -30.43
N ILE B 288 -13.13 -58.19 -30.91
CA ILE B 288 -14.38 -57.60 -30.44
C ILE B 288 -15.54 -58.52 -30.76
N PHE B 289 -15.63 -58.98 -32.01
CA PHE B 289 -16.70 -59.88 -32.38
C PHE B 289 -16.55 -61.23 -31.69
N TYR B 290 -15.32 -61.77 -31.67
CA TYR B 290 -15.10 -63.11 -31.15
C TYR B 290 -15.43 -63.22 -29.67
N TYR B 291 -15.39 -62.10 -28.92
CA TYR B 291 -15.70 -62.16 -27.51
C TYR B 291 -16.97 -61.42 -27.11
N LEU B 292 -17.62 -60.68 -28.00
CA LEU B 292 -18.95 -60.17 -27.74
C LEU B 292 -20.03 -60.97 -28.47
N ILE B 293 -19.64 -62.04 -29.16
CA ILE B 293 -20.62 -62.97 -29.70
C ILE B 293 -21.41 -63.62 -28.57
N ALA B 294 -20.74 -63.92 -27.46
CA ALA B 294 -21.37 -64.54 -26.31
C ALA B 294 -21.00 -63.91 -24.98
N GLY B 295 -20.07 -62.97 -24.95
CA GLY B 295 -19.66 -62.35 -23.71
C GLY B 295 -20.60 -61.26 -23.24
N ALA B 296 -21.87 -61.60 -23.06
CA ALA B 296 -22.87 -60.66 -22.62
C ALA B 296 -24.05 -61.43 -22.03
N SER B 297 -24.95 -60.70 -21.39
CA SER B 297 -26.13 -61.31 -20.80
C SER B 297 -27.05 -61.88 -21.87
N GLU B 298 -27.77 -62.94 -21.50
CA GLU B 298 -28.70 -63.59 -22.43
C GLU B 298 -29.84 -62.66 -22.83
N GLN B 299 -30.18 -61.67 -22.00
CA GLN B 299 -31.23 -60.72 -22.36
C GLN B 299 -30.86 -59.97 -23.63
N MET B 300 -29.61 -59.52 -23.74
CA MET B 300 -29.17 -58.83 -24.95
C MET B 300 -29.12 -59.79 -26.13
N ARG B 301 -28.82 -61.07 -25.88
CA ARG B 301 -28.91 -62.08 -26.92
C ARG B 301 -30.33 -62.17 -27.48
N ASN B 302 -31.33 -62.19 -26.60
CA ASN B 302 -32.72 -62.21 -27.05
C ASN B 302 -33.06 -60.92 -27.81
N ASP B 303 -32.60 -59.78 -27.28
CA ASP B 303 -32.86 -58.50 -27.96
C ASP B 303 -32.15 -58.43 -29.31
N LEU B 304 -30.91 -58.92 -29.38
CA LEU B 304 -30.12 -58.82 -30.59
C LEU B 304 -30.48 -59.97 -31.54
N LEU B 305 -29.74 -60.07 -32.65
CA LEU B 305 -29.91 -61.12 -33.63
C LEU B 305 -28.60 -61.85 -33.86
N LEU B 306 -27.88 -62.13 -32.77
CA LEU B 306 -26.61 -62.81 -32.87
C LEU B 306 -26.82 -64.27 -33.24
N GLU B 307 -25.79 -64.86 -33.86
CA GLU B 307 -25.84 -66.24 -34.32
C GLU B 307 -24.63 -67.00 -33.80
N GLY B 308 -24.52 -68.27 -34.21
CA GLY B 308 -23.41 -69.11 -33.81
C GLY B 308 -22.23 -69.02 -34.75
N PHE B 309 -21.18 -69.75 -34.41
CA PHE B 309 -19.94 -69.69 -35.17
C PHE B 309 -20.12 -70.20 -36.60
N ASN B 310 -21.15 -70.99 -36.85
CA ASN B 310 -21.42 -71.51 -38.18
C ASN B 310 -22.56 -70.80 -38.89
N ASN B 311 -23.56 -70.33 -38.15
CA ASN B 311 -24.69 -69.63 -38.77
C ASN B 311 -24.29 -68.31 -39.41
N TYR B 312 -23.20 -67.69 -38.95
CA TYR B 312 -22.75 -66.43 -39.52
C TYR B 312 -22.26 -66.66 -40.94
N THR B 313 -22.93 -66.06 -41.92
CA THR B 313 -22.46 -66.13 -43.29
C THR B 313 -21.11 -65.44 -43.45
N PHE B 314 -20.93 -64.29 -42.78
CA PHE B 314 -19.69 -63.54 -42.90
C PHE B 314 -18.54 -64.25 -42.18
N LEU B 315 -18.78 -64.72 -40.97
CA LEU B 315 -17.74 -65.29 -40.12
C LEU B 315 -17.66 -66.79 -40.34
N SER B 316 -16.48 -67.29 -40.71
CA SER B 316 -16.30 -68.72 -40.94
C SER B 316 -14.84 -69.09 -40.70
N ASN B 317 -14.55 -69.58 -39.50
CA ASN B 317 -13.26 -70.17 -39.11
C ASN B 317 -13.41 -70.80 -37.74
N GLY B 318 -12.35 -71.48 -37.31
CA GLY B 318 -12.28 -72.01 -35.96
C GLY B 318 -11.45 -71.12 -35.06
N HIS B 319 -12.11 -70.43 -34.13
CA HIS B 319 -11.48 -69.41 -33.29
C HIS B 319 -10.95 -69.97 -31.98
N VAL B 320 -10.89 -71.29 -31.82
CA VAL B 320 -10.46 -71.90 -30.58
C VAL B 320 -8.98 -71.63 -30.25
N PRO B 321 -8.06 -71.38 -31.22
CA PRO B 321 -6.70 -71.03 -30.80
C PRO B 321 -6.62 -69.64 -30.18
N ILE B 322 -7.21 -69.48 -29.00
CA ILE B 322 -7.18 -68.21 -28.27
C ILE B 322 -6.75 -68.47 -26.83
N PRO B 323 -5.47 -68.72 -26.57
CA PRO B 323 -5.04 -69.03 -25.20
C PRO B 323 -4.83 -67.80 -24.35
N ALA B 324 -5.34 -66.66 -24.80
CA ALA B 324 -5.07 -65.40 -24.10
C ALA B 324 -5.83 -65.31 -22.79
N GLN B 325 -7.16 -65.30 -22.84
CA GLN B 325 -7.98 -65.15 -21.65
C GLN B 325 -9.29 -65.91 -21.85
N GLN B 326 -10.26 -65.68 -20.96
CA GLN B 326 -11.59 -66.26 -21.05
C GLN B 326 -12.65 -65.16 -21.12
N ASP B 327 -12.30 -64.05 -21.77
CA ASP B 327 -13.14 -63.02 -22.39
C ASP B 327 -14.15 -62.42 -21.43
N ASP B 328 -14.11 -62.82 -20.15
CA ASP B 328 -14.84 -62.08 -19.12
C ASP B 328 -14.26 -60.69 -18.95
N GLU B 329 -12.93 -60.61 -18.94
CA GLU B 329 -12.25 -59.33 -18.85
C GLU B 329 -12.72 -58.36 -19.92
N MET B 330 -12.72 -58.81 -21.17
CA MET B 330 -12.91 -57.91 -22.31
C MET B 330 -14.17 -57.08 -22.20
N PHE B 331 -15.26 -57.62 -21.65
CA PHE B 331 -16.46 -56.81 -21.50
C PHE B 331 -16.65 -56.28 -20.08
N GLN B 332 -16.41 -57.09 -19.05
CA GLN B 332 -16.61 -56.61 -17.69
C GLN B 332 -15.65 -55.48 -17.33
N GLU B 333 -14.35 -55.70 -17.55
CA GLU B 333 -13.37 -54.70 -17.18
C GLU B 333 -13.44 -53.50 -18.11
N THR B 334 -13.79 -53.71 -19.38
CA THR B 334 -14.00 -52.59 -20.28
C THR B 334 -15.17 -51.73 -19.81
N LEU B 335 -16.26 -52.37 -19.37
CA LEU B 335 -17.39 -51.60 -18.85
C LEU B 335 -17.00 -50.81 -17.61
N GLU B 336 -16.24 -51.44 -16.69
CA GLU B 336 -15.85 -50.72 -15.49
C GLU B 336 -14.91 -49.57 -15.82
N ALA B 337 -14.00 -49.77 -16.78
CA ALA B 337 -13.11 -48.70 -17.20
C ALA B 337 -13.87 -47.55 -17.83
N MET B 338 -14.85 -47.86 -18.67
CA MET B 338 -15.66 -46.81 -19.29
C MET B 338 -16.47 -46.06 -18.25
N THR B 339 -16.96 -46.76 -17.22
CA THR B 339 -17.60 -46.07 -16.10
C THR B 339 -16.61 -45.16 -15.39
N ILE B 340 -15.36 -45.61 -15.26
CA ILE B 340 -14.32 -44.76 -14.69
C ILE B 340 -14.16 -43.48 -15.52
N MET B 341 -14.17 -43.63 -16.85
CA MET B 341 -14.17 -42.46 -17.72
C MET B 341 -15.43 -41.63 -17.54
N GLY B 342 -16.57 -42.29 -17.36
CA GLY B 342 -17.84 -41.60 -17.21
C GLY B 342 -18.85 -42.00 -18.26
N PHE B 343 -18.73 -43.21 -18.78
CA PHE B 343 -19.67 -43.69 -19.79
C PHE B 343 -21.03 -44.00 -19.15
N THR B 344 -22.06 -43.94 -19.97
CA THR B 344 -23.41 -44.32 -19.58
C THR B 344 -23.81 -45.61 -20.27
N GLU B 345 -24.52 -46.48 -19.55
CA GLU B 345 -24.77 -47.84 -20.02
C GLU B 345 -25.56 -47.85 -21.33
N GLU B 346 -26.38 -46.82 -21.58
CA GLU B 346 -27.07 -46.75 -22.85
C GLU B 346 -26.10 -46.62 -24.01
N GLU B 347 -24.94 -46.00 -23.77
CA GLU B 347 -23.92 -45.95 -24.82
C GLU B 347 -23.34 -47.33 -25.10
N GLN B 348 -23.12 -48.13 -24.05
CA GLN B 348 -22.70 -49.51 -24.25
C GLN B 348 -23.73 -50.28 -25.06
N THR B 349 -25.01 -50.12 -24.70
CA THR B 349 -26.07 -50.77 -25.45
C THR B 349 -26.07 -50.33 -26.91
N SER B 350 -25.89 -49.03 -27.16
CA SER B 350 -25.90 -48.54 -28.53
C SER B 350 -24.72 -49.08 -29.33
N ILE B 351 -23.53 -49.12 -28.74
CA ILE B 351 -22.38 -49.59 -29.49
C ILE B 351 -22.50 -51.08 -29.78
N LEU B 352 -22.95 -51.88 -28.81
CA LEU B 352 -23.11 -53.30 -29.07
C LEU B 352 -24.20 -53.54 -30.12
N ARG B 353 -25.30 -52.77 -30.06
CA ARG B 353 -26.38 -53.01 -31.02
C ARG B 353 -25.98 -52.58 -32.42
N VAL B 354 -25.20 -51.50 -32.56
CA VAL B 354 -24.76 -51.12 -33.89
C VAL B 354 -23.72 -52.09 -34.42
N VAL B 355 -22.89 -52.67 -33.54
CA VAL B 355 -21.98 -53.72 -33.98
C VAL B 355 -22.76 -54.93 -34.49
N SER B 356 -23.78 -55.34 -33.75
CA SER B 356 -24.62 -56.43 -34.21
C SER B 356 -25.28 -56.10 -35.53
N SER B 357 -25.73 -54.84 -35.68
CA SER B 357 -26.37 -54.40 -36.91
C SER B 357 -25.41 -54.47 -38.09
N VAL B 358 -24.16 -54.02 -37.91
CA VAL B 358 -23.23 -54.03 -39.03
C VAL B 358 -22.82 -55.46 -39.38
N LEU B 359 -22.71 -56.35 -38.38
CA LEU B 359 -22.48 -57.75 -38.69
C LEU B 359 -23.65 -58.35 -39.47
N GLN B 360 -24.88 -58.01 -39.09
CA GLN B 360 -26.04 -58.49 -39.85
C GLN B 360 -26.03 -57.94 -41.27
N LEU B 361 -25.58 -56.68 -41.43
CA LEU B 361 -25.43 -56.11 -42.76
C LEU B 361 -24.43 -56.91 -43.59
N GLY B 362 -23.30 -57.25 -42.98
CA GLY B 362 -22.35 -58.14 -43.64
C GLY B 362 -22.91 -59.53 -43.85
N ASN B 363 -23.75 -60.00 -42.93
CA ASN B 363 -24.39 -61.30 -43.04
C ASN B 363 -25.60 -61.19 -43.95
N ILE B 364 -25.32 -61.02 -45.24
CA ILE B 364 -26.34 -60.88 -46.26
C ILE B 364 -26.04 -61.87 -47.38
N VAL B 365 -27.08 -62.19 -48.15
CA VAL B 365 -26.97 -63.14 -49.25
C VAL B 365 -28.00 -62.77 -50.31
N PHE B 366 -27.67 -63.06 -51.56
CA PHE B 366 -28.54 -62.77 -52.69
C PHE B 366 -28.91 -64.08 -53.40
N LYS B 367 -29.64 -63.95 -54.50
CA LYS B 367 -30.11 -65.09 -55.27
C LYS B 367 -29.67 -64.87 -56.73
N LYS B 368 -28.50 -65.42 -57.07
CA LYS B 368 -27.87 -65.19 -58.37
C LYS B 368 -28.19 -66.36 -59.28
N GLU B 369 -29.26 -66.21 -60.09
CA GLU B 369 -29.54 -67.22 -61.10
C GLU B 369 -28.70 -67.00 -62.35
N ARG B 370 -28.91 -65.88 -63.02
CA ARG B 370 -28.25 -65.54 -64.28
C ARG B 370 -28.53 -64.06 -64.55
N ASN B 371 -28.18 -63.61 -65.76
CA ASN B 371 -28.29 -62.20 -66.12
C ASN B 371 -29.65 -61.82 -66.68
N THR B 372 -30.61 -62.75 -66.72
CA THR B 372 -31.94 -62.42 -67.22
C THR B 372 -32.60 -61.35 -66.34
N ASP B 373 -32.83 -61.68 -65.07
CA ASP B 373 -33.37 -60.72 -64.12
C ASP B 373 -32.21 -60.00 -63.44
N GLN B 374 -32.19 -58.67 -63.55
CA GLN B 374 -31.09 -57.89 -63.02
C GLN B 374 -31.08 -57.84 -61.50
N ALA B 375 -32.21 -58.17 -60.87
CA ALA B 375 -32.31 -58.19 -59.42
C ALA B 375 -33.16 -59.38 -59.00
N SER B 376 -32.96 -59.82 -57.76
CA SER B 376 -33.70 -60.97 -57.26
C SER B 376 -33.75 -60.92 -55.74
N MET B 377 -34.82 -61.48 -55.18
CA MET B 377 -34.98 -61.60 -53.73
C MET B 377 -34.79 -63.05 -53.32
N PRO B 378 -33.69 -63.40 -52.65
CA PRO B 378 -33.54 -64.78 -52.14
C PRO B 378 -34.60 -65.11 -51.11
N ASP B 379 -34.72 -64.27 -50.08
CA ASP B 379 -35.74 -64.40 -49.06
C ASP B 379 -36.24 -63.01 -48.71
N ASN B 380 -37.04 -62.92 -47.64
CA ASN B 380 -37.61 -61.66 -47.20
C ASN B 380 -37.13 -61.27 -45.81
N THR B 381 -36.91 -62.24 -44.92
CA THR B 381 -36.62 -61.93 -43.52
C THR B 381 -35.38 -61.04 -43.39
N ALA B 382 -34.31 -61.37 -44.12
CA ALA B 382 -33.07 -60.62 -44.01
C ALA B 382 -33.24 -59.15 -44.37
N ALA B 383 -34.26 -58.81 -45.17
CA ALA B 383 -34.49 -57.42 -45.51
C ALA B 383 -34.87 -56.59 -44.30
N GLN B 384 -35.86 -57.05 -43.53
CA GLN B 384 -36.30 -56.29 -42.37
C GLN B 384 -35.41 -56.53 -41.15
N LYS B 385 -34.73 -57.68 -41.08
CA LYS B 385 -33.91 -57.98 -39.92
C LYS B 385 -32.75 -57.00 -39.80
N VAL B 386 -32.13 -56.64 -40.92
CA VAL B 386 -30.98 -55.74 -40.86
C VAL B 386 -31.41 -54.34 -40.48
N CYS B 387 -32.55 -53.88 -41.01
CA CYS B 387 -33.01 -52.51 -40.77
C CYS B 387 -33.90 -52.37 -39.55
N HIS B 388 -34.27 -53.48 -38.90
CA HIS B 388 -35.08 -53.38 -37.69
C HIS B 388 -34.34 -52.64 -36.59
N LEU B 389 -33.04 -52.91 -36.44
CA LEU B 389 -32.20 -52.17 -35.51
C LEU B 389 -31.76 -50.82 -36.06
N MET B 390 -31.95 -50.57 -37.36
CA MET B 390 -31.60 -49.31 -37.99
C MET B 390 -32.78 -48.38 -38.17
N GLY B 391 -33.95 -48.92 -38.54
CA GLY B 391 -35.15 -48.13 -38.68
C GLY B 391 -35.43 -47.60 -40.07
N ILE B 392 -34.50 -47.75 -41.01
CA ILE B 392 -34.73 -47.26 -42.36
C ILE B 392 -35.81 -48.09 -43.04
N ASN B 393 -36.47 -47.48 -44.03
CA ASN B 393 -37.55 -48.15 -44.73
C ASN B 393 -37.01 -49.33 -45.55
N VAL B 394 -37.77 -50.42 -45.54
CA VAL B 394 -37.34 -51.62 -46.25
C VAL B 394 -37.40 -51.41 -47.77
N THR B 395 -38.44 -50.72 -48.25
CA THR B 395 -38.62 -50.58 -49.70
C THR B 395 -37.50 -49.74 -50.32
N ASP B 396 -37.21 -48.59 -49.73
CA ASP B 396 -36.17 -47.72 -50.28
C ASP B 396 -34.80 -48.40 -50.19
N PHE B 397 -34.54 -49.12 -49.10
CA PHE B 397 -33.28 -49.84 -48.97
C PHE B 397 -33.16 -50.91 -50.04
N THR B 398 -34.23 -51.69 -50.26
CA THR B 398 -34.20 -52.72 -51.28
C THR B 398 -34.02 -52.14 -52.67
N ARG B 399 -34.60 -50.96 -52.93
CA ARG B 399 -34.33 -50.28 -54.19
C ARG B 399 -32.86 -49.89 -54.28
N SER B 400 -32.34 -49.21 -53.26
CA SER B 400 -30.99 -48.68 -53.33
C SER B 400 -29.95 -49.79 -53.49
N ILE B 401 -30.23 -50.98 -52.96
CA ILE B 401 -29.25 -52.06 -53.10
C ILE B 401 -29.37 -52.74 -54.46
N LEU B 402 -30.59 -52.93 -54.95
CA LEU B 402 -30.79 -53.68 -56.19
C LEU B 402 -30.91 -52.77 -57.41
N THR B 403 -31.82 -51.80 -57.35
CA THR B 403 -32.08 -50.89 -58.47
C THR B 403 -32.01 -49.46 -57.95
N PRO B 404 -30.81 -48.98 -57.61
CA PRO B 404 -30.70 -47.64 -57.01
C PRO B 404 -31.07 -46.55 -58.00
N ARG B 405 -31.53 -45.43 -57.46
CA ARG B 405 -31.88 -44.26 -58.26
C ARG B 405 -30.60 -43.65 -58.81
N ILE B 406 -30.33 -43.89 -60.08
CA ILE B 406 -29.12 -43.37 -60.72
C ILE B 406 -29.36 -41.93 -61.15
N LYS B 407 -28.29 -41.14 -61.15
CA LYS B 407 -28.35 -39.74 -61.54
C LYS B 407 -27.41 -39.45 -62.69
N VAL B 408 -27.22 -40.41 -63.60
CA VAL B 408 -26.35 -40.24 -64.74
C VAL B 408 -26.93 -39.16 -65.66
N GLY B 409 -26.22 -38.05 -65.81
CA GLY B 409 -26.76 -36.92 -66.54
C GLY B 409 -28.01 -36.38 -65.88
N ARG B 410 -27.98 -36.23 -64.56
CA ARG B 410 -29.14 -35.80 -63.77
C ARG B 410 -30.33 -36.74 -63.97
N ASP B 411 -30.05 -38.04 -64.03
CA ASP B 411 -31.10 -39.01 -64.28
C ASP B 411 -31.99 -39.18 -63.03
N VAL B 412 -33.19 -39.69 -63.28
CA VAL B 412 -34.13 -39.97 -62.19
C VAL B 412 -34.64 -41.40 -62.20
N VAL B 413 -34.64 -42.10 -63.34
CA VAL B 413 -35.13 -43.47 -63.38
C VAL B 413 -34.09 -44.39 -62.75
N GLN B 414 -34.55 -45.27 -61.86
CA GLN B 414 -33.65 -46.18 -61.17
C GLN B 414 -33.07 -47.19 -62.14
N LYS B 415 -31.78 -47.51 -61.96
CA LYS B 415 -31.08 -48.48 -62.78
C LYS B 415 -30.52 -49.58 -61.89
N ALA B 416 -30.62 -50.82 -62.37
CA ALA B 416 -30.22 -52.00 -61.60
C ALA B 416 -28.91 -52.55 -62.12
N GLN B 417 -27.98 -52.81 -61.21
CA GLN B 417 -26.73 -53.48 -61.53
C GLN B 417 -26.87 -54.98 -61.25
N THR B 418 -25.77 -55.71 -61.37
CA THR B 418 -25.77 -57.11 -60.99
C THR B 418 -25.61 -57.25 -59.47
N LYS B 419 -25.78 -58.47 -58.98
CA LYS B 419 -25.65 -58.71 -57.55
C LYS B 419 -24.23 -58.43 -57.06
N GLU B 420 -23.24 -58.53 -57.95
CA GLU B 420 -21.85 -58.31 -57.56
C GLU B 420 -21.63 -56.88 -57.07
N GLN B 421 -22.10 -55.90 -57.85
CA GLN B 421 -21.94 -54.51 -57.45
C GLN B 421 -22.71 -54.20 -56.18
N ALA B 422 -23.90 -54.80 -56.03
CA ALA B 422 -24.67 -54.62 -54.81
C ALA B 422 -23.90 -55.15 -53.60
N ASP B 423 -23.29 -56.33 -53.73
CA ASP B 423 -22.48 -56.87 -52.64
C ASP B 423 -21.29 -55.98 -52.34
N PHE B 424 -20.63 -55.45 -53.37
CA PHE B 424 -19.50 -54.57 -53.16
C PHE B 424 -19.92 -53.33 -52.38
N ALA B 425 -21.05 -52.72 -52.78
CA ALA B 425 -21.59 -51.61 -52.02
C ALA B 425 -21.94 -52.02 -50.60
N ILE B 426 -22.37 -53.27 -50.40
CA ILE B 426 -22.71 -53.75 -49.07
C ILE B 426 -21.48 -53.73 -48.17
N GLU B 427 -20.37 -54.31 -48.64
CA GLU B 427 -19.20 -54.31 -47.77
C GLU B 427 -18.62 -52.92 -47.64
N ALA B 428 -18.75 -52.08 -48.67
CA ALA B 428 -18.30 -50.69 -48.54
C ALA B 428 -19.07 -49.97 -47.44
N LEU B 429 -20.39 -50.15 -47.41
CA LEU B 429 -21.19 -49.53 -46.36
C LEU B 429 -20.84 -50.11 -44.99
N ALA B 430 -20.64 -51.42 -44.91
CA ALA B 430 -20.31 -52.03 -43.63
C ALA B 430 -18.99 -51.49 -43.08
N LYS B 431 -17.97 -51.40 -43.93
CA LYS B 431 -16.69 -50.86 -43.48
C LYS B 431 -16.77 -49.38 -43.18
N ALA B 432 -17.61 -48.63 -43.91
CA ALA B 432 -17.83 -47.23 -43.57
C ALA B 432 -18.44 -47.09 -42.18
N LYS B 433 -19.44 -47.94 -41.88
CA LYS B 433 -20.03 -47.93 -40.55
C LYS B 433 -18.99 -48.26 -39.49
N PHE B 434 -18.15 -49.26 -39.76
CA PHE B 434 -17.15 -49.66 -38.78
C PHE B 434 -16.16 -48.53 -38.52
N GLU B 435 -15.66 -47.89 -39.57
CA GLU B 435 -14.68 -46.83 -39.39
C GLU B 435 -15.29 -45.60 -38.74
N ARG B 436 -16.55 -45.29 -39.07
CA ARG B 436 -17.21 -44.17 -38.41
C ARG B 436 -17.43 -44.46 -36.93
N LEU B 437 -17.76 -45.72 -36.60
CA LEU B 437 -17.90 -46.09 -35.20
C LEU B 437 -16.58 -45.95 -34.46
N PHE B 438 -15.48 -46.38 -35.09
CA PHE B 438 -14.16 -46.21 -34.47
C PHE B 438 -13.83 -44.73 -34.29
N ARG B 439 -14.16 -43.90 -35.28
CA ARG B 439 -13.93 -42.46 -35.16
C ARG B 439 -14.73 -41.89 -34.00
N TRP B 440 -15.99 -42.28 -33.86
CA TRP B 440 -16.81 -41.78 -32.76
C TRP B 440 -16.24 -42.24 -31.41
N ILE B 441 -15.80 -43.50 -31.33
CA ILE B 441 -15.28 -43.99 -30.05
C ILE B 441 -13.97 -43.30 -29.69
N LEU B 442 -13.13 -42.99 -30.70
CA LEU B 442 -11.88 -42.31 -30.38
C LEU B 442 -12.13 -40.85 -30.00
N THR B 443 -13.12 -40.20 -30.63
CA THR B 443 -13.49 -38.87 -30.19
C THR B 443 -14.07 -38.90 -28.77
N ARG B 444 -14.81 -39.96 -28.45
CA ARG B 444 -15.36 -40.11 -27.11
C ARG B 444 -14.26 -40.28 -26.07
N VAL B 445 -13.25 -41.10 -26.38
CA VAL B 445 -12.15 -41.26 -25.42
C VAL B 445 -11.33 -39.98 -25.34
N ASN B 446 -11.25 -39.23 -26.44
CA ASN B 446 -10.62 -37.91 -26.39
C ASN B 446 -11.35 -37.01 -25.40
N LYS B 447 -12.68 -36.91 -25.53
CA LYS B 447 -13.47 -36.10 -24.60
C LYS B 447 -13.37 -36.63 -23.18
N ALA B 448 -13.17 -37.94 -23.03
CA ALA B 448 -12.93 -38.51 -21.71
C ALA B 448 -11.61 -37.99 -21.14
N LEU B 449 -10.59 -37.85 -21.98
CA LEU B 449 -9.32 -37.26 -21.58
C LEU B 449 -9.27 -35.76 -21.83
N ASP B 450 -10.37 -35.16 -22.28
CA ASP B 450 -10.41 -33.71 -22.51
C ASP B 450 -10.64 -32.98 -21.19
N LYS B 451 -9.57 -32.97 -20.38
CA LYS B 451 -9.53 -32.17 -19.17
C LYS B 451 -9.18 -30.73 -19.55
N THR B 452 -8.81 -29.90 -18.58
CA THR B 452 -8.42 -28.53 -18.90
C THR B 452 -7.23 -28.51 -19.84
N LYS B 453 -7.34 -27.75 -20.93
CA LYS B 453 -6.26 -27.59 -21.90
C LYS B 453 -5.51 -26.30 -21.61
N ARG B 454 -4.55 -26.36 -20.71
CA ARG B 454 -3.60 -25.27 -20.58
C ARG B 454 -2.50 -25.43 -21.63
N GLN B 455 -1.73 -24.35 -21.84
CA GLN B 455 -0.83 -24.30 -22.98
C GLN B 455 0.49 -23.64 -22.60
N GLY B 456 1.60 -24.25 -23.04
CA GLY B 456 2.91 -23.64 -23.03
C GLY B 456 3.90 -24.21 -22.04
N ALA B 457 3.44 -24.90 -21.00
CA ALA B 457 4.34 -25.33 -19.93
C ALA B 457 5.41 -26.31 -20.40
N SER B 458 4.99 -27.52 -20.79
CA SER B 458 5.94 -28.55 -21.19
C SER B 458 5.18 -29.71 -21.80
N PHE B 459 5.91 -30.57 -22.51
CA PHE B 459 5.34 -31.77 -23.11
C PHE B 459 6.48 -32.70 -23.51
N LEU B 460 6.12 -33.96 -23.77
CA LEU B 460 7.03 -34.92 -24.36
C LEU B 460 6.21 -36.00 -25.06
N GLY B 461 6.63 -36.35 -26.27
CA GLY B 461 5.85 -37.23 -27.13
C GLY B 461 6.35 -38.66 -27.16
N ILE B 462 5.41 -39.58 -27.40
CA ILE B 462 5.71 -41.01 -27.55
C ILE B 462 4.94 -41.51 -28.76
N LEU B 463 5.60 -42.28 -29.62
CA LEU B 463 4.98 -42.81 -30.82
C LEU B 463 5.17 -44.31 -30.91
N ASP B 464 4.14 -45.01 -31.39
CA ASP B 464 4.20 -46.44 -31.68
C ASP B 464 3.60 -46.67 -33.06
N ILE B 465 4.44 -47.00 -34.03
CA ILE B 465 3.98 -47.26 -35.38
C ILE B 465 3.57 -48.71 -35.50
N ALA B 466 2.82 -49.01 -36.58
CA ALA B 466 2.53 -50.39 -36.90
C ALA B 466 3.76 -51.07 -37.47
N GLY B 467 3.80 -52.39 -37.38
CA GLY B 467 4.97 -53.15 -37.77
C GLY B 467 5.13 -53.27 -39.27
N PHE B 468 6.20 -53.96 -39.66
CA PHE B 468 6.52 -54.23 -41.05
C PHE B 468 6.59 -55.73 -41.26
N GLU B 469 5.85 -56.23 -42.24
CA GLU B 469 5.76 -57.66 -42.48
C GLU B 469 5.83 -57.95 -43.97
N ILE B 470 6.30 -59.13 -44.31
CA ILE B 470 6.41 -59.58 -45.70
C ILE B 470 5.53 -60.81 -45.83
N PHE B 471 4.30 -60.61 -46.28
CA PHE B 471 3.35 -61.69 -46.49
C PHE B 471 2.94 -61.75 -47.96
N GLU B 472 2.39 -62.90 -48.35
CA GLU B 472 2.22 -63.21 -49.77
C GLU B 472 1.26 -62.23 -50.46
N ILE B 473 0.13 -61.92 -49.82
CA ILE B 473 -0.90 -61.09 -50.42
C ILE B 473 -1.00 -59.81 -49.61
N ASN B 474 -0.73 -58.68 -50.25
CA ASN B 474 -0.69 -57.38 -49.58
C ASN B 474 -1.46 -56.35 -50.38
N SER B 475 -2.06 -55.41 -49.66
CA SER B 475 -2.75 -54.27 -50.25
C SER B 475 -1.80 -53.07 -50.25
N PHE B 476 -2.33 -51.90 -50.61
CA PHE B 476 -1.51 -50.70 -50.68
C PHE B 476 -1.18 -50.14 -49.30
N GLU B 477 -2.08 -50.35 -48.32
CA GLU B 477 -1.89 -49.74 -47.01
C GLU B 477 -0.68 -50.32 -46.28
N GLN B 478 -0.49 -51.64 -46.35
CA GLN B 478 0.68 -52.24 -45.74
C GLN B 478 1.96 -51.78 -46.43
N LEU B 479 1.91 -51.60 -47.75
CA LEU B 479 3.04 -51.02 -48.46
C LEU B 479 3.36 -49.62 -47.94
N CYS B 480 2.32 -48.82 -47.71
CA CYS B 480 2.54 -47.49 -47.15
C CYS B 480 3.15 -47.57 -45.76
N ILE B 481 2.74 -48.55 -44.97
CA ILE B 481 3.31 -48.71 -43.63
C ILE B 481 4.78 -49.08 -43.71
N ASN B 482 5.14 -49.99 -44.61
CA ASN B 482 6.54 -50.35 -44.80
C ASN B 482 7.35 -49.16 -45.30
N TYR B 483 6.76 -48.36 -46.20
CA TYR B 483 7.42 -47.15 -46.66
C TYR B 483 7.64 -46.19 -45.50
N THR B 484 6.67 -46.08 -44.60
CA THR B 484 6.83 -45.23 -43.42
C THR B 484 7.95 -45.73 -42.51
N ASN B 485 8.03 -47.05 -42.33
CA ASN B 485 9.11 -47.61 -41.50
C ASN B 485 10.48 -47.32 -42.11
N GLU B 486 10.62 -47.53 -43.43
CA GLU B 486 11.87 -47.20 -44.10
C GLU B 486 12.16 -45.72 -44.00
N LYS B 487 11.13 -44.88 -44.13
CA LYS B 487 11.26 -43.44 -44.00
C LYS B 487 11.82 -43.05 -42.65
N LEU B 488 11.27 -43.61 -41.57
CA LEU B 488 11.74 -43.25 -40.24
C LEU B 488 13.11 -43.81 -39.94
N GLN B 489 13.45 -44.99 -40.48
CA GLN B 489 14.82 -45.49 -40.31
C GLN B 489 15.82 -44.59 -41.01
N GLN B 490 15.50 -44.16 -42.25
CA GLN B 490 16.34 -43.20 -42.95
C GLN B 490 16.42 -41.89 -42.17
N LEU B 491 15.30 -41.48 -41.58
CA LEU B 491 15.29 -40.28 -40.74
C LEU B 491 16.28 -40.41 -39.60
N PHE B 492 16.25 -41.55 -38.91
CA PHE B 492 17.18 -41.76 -37.80
C PHE B 492 18.62 -41.69 -38.26
N ASN B 493 18.95 -42.43 -39.33
CA ASN B 493 20.33 -42.46 -39.79
C ASN B 493 20.81 -41.08 -40.22
N HIS B 494 20.02 -40.41 -41.07
CA HIS B 494 20.39 -39.09 -41.55
C HIS B 494 20.52 -38.11 -40.40
N THR B 495 19.49 -38.06 -39.54
CA THR B 495 19.55 -37.22 -38.35
C THR B 495 20.88 -37.42 -37.63
N MET B 496 21.10 -38.62 -37.10
CA MET B 496 22.29 -38.87 -36.31
C MET B 496 23.54 -38.42 -37.04
N PHE B 497 23.85 -39.06 -38.17
CA PHE B 497 25.16 -38.83 -38.79
C PHE B 497 25.27 -37.41 -39.34
N ILE B 498 24.36 -37.04 -40.25
CA ILE B 498 24.48 -35.75 -40.93
C ILE B 498 24.43 -34.61 -39.94
N LEU B 499 23.46 -34.63 -39.01
CA LEU B 499 23.34 -33.51 -38.09
C LEU B 499 24.53 -33.42 -37.15
N GLU B 500 24.97 -34.55 -36.57
CA GLU B 500 26.12 -34.46 -35.68
C GLU B 500 27.34 -33.92 -36.41
N GLN B 501 27.55 -34.38 -37.65
CA GLN B 501 28.70 -33.89 -38.41
C GLN B 501 28.55 -32.41 -38.76
N GLU B 502 27.32 -31.94 -38.99
CA GLU B 502 27.16 -30.54 -39.34
C GLU B 502 27.36 -29.65 -38.12
N GLU B 503 26.99 -30.07 -36.90
CA GLU B 503 27.43 -29.27 -35.77
C GLU B 503 28.95 -29.31 -35.64
N TYR B 504 29.55 -30.49 -35.88
CA TYR B 504 31.01 -30.59 -35.83
C TYR B 504 31.67 -29.53 -36.71
N GLN B 505 31.15 -29.34 -37.93
CA GLN B 505 31.64 -28.24 -38.74
C GLN B 505 31.21 -26.88 -38.22
N ARG B 506 30.01 -26.79 -37.62
CA ARG B 506 29.48 -25.50 -37.20
C ARG B 506 30.36 -24.85 -36.14
N GLU B 507 30.77 -25.62 -35.13
CA GLU B 507 31.81 -25.12 -34.23
C GLU B 507 33.16 -25.10 -34.93
N GLY B 508 33.49 -26.19 -35.63
CA GLY B 508 34.66 -26.23 -36.48
C GLY B 508 35.97 -25.91 -35.79
N ILE B 509 36.15 -26.40 -34.56
CA ILE B 509 37.40 -26.13 -33.85
C ILE B 509 38.54 -26.96 -34.44
N GLU B 510 38.45 -28.28 -34.35
CA GLU B 510 39.44 -29.19 -34.94
C GLU B 510 38.69 -30.45 -35.36
N TRP B 511 38.34 -30.54 -36.63
CA TRP B 511 37.56 -31.66 -37.13
C TRP B 511 37.84 -31.87 -38.61
N ASN B 512 37.64 -33.10 -39.06
CA ASN B 512 37.78 -33.47 -40.46
C ASN B 512 36.59 -34.30 -40.90
N PHE B 513 36.28 -34.21 -42.19
CA PHE B 513 35.13 -34.94 -42.72
C PHE B 513 35.34 -36.44 -42.60
N ILE B 514 34.30 -37.15 -42.17
CA ILE B 514 34.34 -38.59 -42.01
C ILE B 514 33.28 -39.21 -42.91
N ASP B 515 33.55 -40.43 -43.36
CA ASP B 515 32.67 -41.13 -44.29
C ASP B 515 31.69 -42.04 -43.54
N PHE B 516 30.41 -41.88 -43.84
CA PHE B 516 29.36 -42.72 -43.27
C PHE B 516 28.55 -43.43 -44.34
N GLY B 517 28.09 -42.70 -45.36
CA GLY B 517 27.21 -43.31 -46.34
C GLY B 517 25.88 -43.69 -45.72
N LEU B 518 25.34 -44.82 -46.18
CA LEU B 518 24.10 -45.39 -45.66
C LEU B 518 22.93 -44.40 -45.80
N ASP B 519 22.66 -44.04 -47.04
CA ASP B 519 21.55 -43.15 -47.38
C ASP B 519 20.66 -43.86 -48.39
N LEU B 520 19.35 -43.87 -48.11
CA LEU B 520 18.37 -44.56 -48.95
C LEU B 520 17.28 -43.63 -49.46
N GLN B 521 17.53 -42.32 -49.41
CA GLN B 521 16.53 -41.37 -49.90
C GLN B 521 16.13 -41.59 -51.35
N PRO B 522 17.04 -41.87 -52.30
CA PRO B 522 16.58 -42.18 -53.66
C PRO B 522 15.65 -43.39 -53.72
N CYS B 523 15.84 -44.37 -52.85
CA CYS B 523 14.97 -45.54 -52.85
C CYS B 523 13.55 -45.17 -52.47
N ILE B 524 13.39 -44.32 -51.44
CA ILE B 524 12.05 -43.94 -51.00
C ILE B 524 11.45 -42.84 -51.86
N GLU B 525 12.27 -42.13 -52.64
CA GLU B 525 11.75 -41.09 -53.51
C GLU B 525 10.86 -41.66 -54.61
N LEU B 526 11.03 -42.94 -54.95
CA LEU B 526 10.29 -43.56 -56.05
C LEU B 526 8.80 -43.71 -55.77
N ILE B 527 8.31 -43.29 -54.60
CA ILE B 527 6.89 -43.44 -54.30
C ILE B 527 6.05 -42.55 -55.20
N GLU B 528 6.42 -41.27 -55.31
CA GLU B 528 5.65 -40.32 -56.11
C GLU B 528 6.43 -39.03 -56.36
N ARG B 529 6.54 -38.64 -57.63
CA ARG B 529 7.03 -37.32 -58.00
C ARG B 529 6.64 -37.02 -59.45
N PRO B 530 5.47 -36.42 -59.68
CA PRO B 530 5.00 -36.21 -61.06
C PRO B 530 5.92 -35.36 -61.93
N THR B 531 6.89 -34.65 -61.34
CA THR B 531 7.83 -33.86 -62.15
C THR B 531 8.55 -34.74 -63.15
N ASN B 532 9.34 -35.69 -62.66
CA ASN B 532 9.90 -36.74 -63.50
C ASN B 532 8.82 -37.80 -63.72
N PRO B 533 9.13 -38.87 -64.46
CA PRO B 533 8.21 -40.01 -64.54
C PRO B 533 7.63 -40.33 -63.17
N PRO B 534 6.30 -40.28 -63.03
CA PRO B 534 5.70 -40.36 -61.70
C PRO B 534 5.91 -41.70 -61.04
N GLY B 535 5.94 -41.68 -59.71
CA GLY B 535 6.06 -42.89 -58.92
C GLY B 535 4.74 -43.63 -58.85
N VAL B 536 4.75 -44.69 -58.03
CA VAL B 536 3.57 -45.55 -57.91
C VAL B 536 2.38 -44.75 -57.38
N LEU B 537 2.59 -44.04 -56.27
CA LEU B 537 1.50 -43.27 -55.67
C LEU B 537 1.00 -42.19 -56.63
N ALA B 538 1.93 -41.47 -57.26
CA ALA B 538 1.52 -40.45 -58.22
C ALA B 538 0.78 -41.07 -59.40
N LEU B 539 1.27 -42.21 -59.90
CA LEU B 539 0.61 -42.85 -61.03
C LEU B 539 -0.81 -43.26 -60.68
N LEU B 540 -1.01 -43.79 -59.47
CA LEU B 540 -2.37 -44.03 -59.00
C LEU B 540 -3.17 -42.74 -58.94
N ASP B 541 -2.52 -41.64 -58.55
CA ASP B 541 -3.22 -40.36 -58.46
C ASP B 541 -3.78 -39.93 -59.81
N GLU B 542 -2.99 -40.07 -60.88
CA GLU B 542 -3.58 -39.77 -62.19
C GLU B 542 -4.57 -40.85 -62.61
N GLU B 543 -4.27 -42.13 -62.32
CA GLU B 543 -5.08 -43.22 -62.86
C GLU B 543 -6.50 -43.22 -62.30
N CYS B 544 -6.67 -42.80 -61.05
CA CYS B 544 -8.00 -42.83 -60.44
C CYS B 544 -8.95 -41.88 -61.16
N TRP B 545 -8.44 -40.73 -61.62
CA TRP B 545 -9.30 -39.71 -62.20
C TRP B 545 -9.60 -39.93 -63.67
N PHE B 546 -8.99 -40.91 -64.32
CA PHE B 546 -9.28 -41.16 -65.72
C PHE B 546 -10.72 -41.64 -65.88
N PRO B 547 -11.40 -41.23 -66.95
CA PRO B 547 -12.76 -41.74 -67.21
C PRO B 547 -12.75 -43.23 -67.55
N LYS B 548 -11.88 -43.63 -68.48
CA LYS B 548 -11.73 -45.01 -68.88
C LYS B 548 -10.40 -45.53 -68.37
N ALA B 549 -10.44 -46.60 -67.58
CA ALA B 549 -9.23 -47.19 -67.03
C ALA B 549 -9.54 -48.60 -66.57
N THR B 550 -8.49 -49.39 -66.39
CA THR B 550 -8.61 -50.76 -65.89
C THR B 550 -7.27 -51.15 -65.27
N ASP B 551 -7.31 -52.23 -64.48
CA ASP B 551 -6.12 -52.68 -63.76
C ASP B 551 -5.00 -53.07 -64.71
N THR B 552 -5.33 -53.83 -65.75
CA THR B 552 -4.29 -54.32 -66.66
C THR B 552 -3.63 -53.18 -67.43
N SER B 553 -4.42 -52.19 -67.89
CA SER B 553 -3.84 -51.07 -68.60
C SER B 553 -2.93 -50.26 -67.69
N PHE B 554 -3.36 -50.05 -66.44
CA PHE B 554 -2.52 -49.34 -65.48
C PHE B 554 -1.22 -50.08 -65.23
N VAL B 555 -1.28 -51.41 -65.08
CA VAL B 555 -0.08 -52.20 -64.82
C VAL B 555 0.88 -52.12 -66.00
N GLU B 556 0.35 -52.27 -67.22
CA GLU B 556 1.20 -52.20 -68.40
C GLU B 556 1.82 -50.82 -68.55
N LYS B 557 1.04 -49.76 -68.30
CA LYS B 557 1.56 -48.40 -68.40
C LYS B 557 2.65 -48.16 -67.35
N LEU B 558 2.45 -48.66 -66.14
CA LEU B 558 3.47 -48.55 -65.10
C LEU B 558 4.75 -49.25 -65.51
N ILE B 559 4.62 -50.47 -66.05
CA ILE B 559 5.81 -51.22 -66.47
C ILE B 559 6.53 -50.48 -67.58
N GLN B 560 5.78 -49.98 -68.57
CA GLN B 560 6.41 -49.30 -69.70
C GLN B 560 7.09 -48.01 -69.27
N GLU B 561 6.47 -47.23 -68.39
CA GLU B 561 7.07 -45.96 -67.98
C GLU B 561 8.23 -46.16 -67.01
N GLN B 562 8.20 -47.21 -66.20
CA GLN B 562 9.25 -47.45 -65.22
C GLN B 562 10.18 -48.58 -65.60
N GLY B 563 10.07 -49.10 -66.83
CA GLY B 563 11.00 -50.12 -67.29
C GLY B 563 12.39 -49.59 -67.51
N ASN B 564 12.52 -48.31 -67.83
CA ASN B 564 13.84 -47.71 -68.01
C ASN B 564 14.63 -47.69 -66.72
N HIS B 565 13.97 -47.41 -65.59
CA HIS B 565 14.65 -47.35 -64.31
C HIS B 565 15.14 -48.73 -63.89
N ALA B 566 16.31 -48.77 -63.26
CA ALA B 566 16.93 -50.01 -62.83
C ALA B 566 16.73 -50.30 -61.35
N LYS B 567 15.91 -49.51 -60.67
CA LYS B 567 15.64 -49.71 -59.25
C LYS B 567 14.42 -50.58 -58.99
N PHE B 568 13.82 -51.13 -60.04
CA PHE B 568 12.64 -51.98 -59.94
C PHE B 568 12.99 -53.35 -60.53
N GLN B 569 13.43 -54.25 -59.66
CA GLN B 569 13.77 -55.60 -60.11
C GLN B 569 12.51 -56.31 -60.60
N LYS B 570 12.69 -57.16 -61.61
CA LYS B 570 11.57 -57.86 -62.23
C LYS B 570 11.98 -59.27 -62.61
N SER B 571 10.98 -60.14 -62.70
CA SER B 571 11.16 -61.54 -63.13
C SER B 571 9.91 -61.89 -63.93
N LYS B 572 10.01 -61.74 -65.26
CA LYS B 572 8.84 -61.72 -66.13
C LYS B 572 8.25 -63.10 -66.40
N GLN B 573 8.65 -64.13 -65.65
CA GLN B 573 8.00 -65.43 -65.80
C GLN B 573 6.60 -65.44 -65.18
N LEU B 574 6.28 -64.46 -64.35
CA LEU B 574 4.98 -64.35 -63.70
C LEU B 574 4.28 -63.11 -64.26
N LYS B 575 3.49 -63.31 -65.31
CA LYS B 575 2.74 -62.24 -65.95
C LYS B 575 1.39 -62.00 -65.30
N ASP B 576 1.22 -62.37 -64.03
CA ASP B 576 -0.04 -62.25 -63.32
C ASP B 576 -0.09 -60.99 -62.45
N LYS B 577 0.51 -59.90 -62.92
CA LYS B 577 0.50 -58.62 -62.23
C LYS B 577 1.15 -58.73 -60.85
N THR B 578 2.25 -59.48 -60.78
CA THR B 578 3.04 -59.66 -59.55
C THR B 578 4.48 -59.33 -59.91
N GLU B 579 4.88 -58.08 -59.70
CA GLU B 579 6.18 -57.62 -60.18
C GLU B 579 6.71 -56.53 -59.24
N PHE B 580 7.71 -55.79 -59.71
CA PHE B 580 8.36 -54.62 -59.15
C PHE B 580 9.33 -54.94 -58.01
N CYS B 581 9.31 -56.16 -57.44
CA CYS B 581 10.25 -56.60 -56.43
C CYS B 581 10.69 -55.48 -55.49
N ILE B 582 9.73 -54.87 -54.79
CA ILE B 582 9.96 -53.58 -54.16
C ILE B 582 11.12 -53.65 -53.18
N LEU B 583 12.02 -52.67 -53.26
CA LEU B 583 13.26 -52.71 -52.50
C LEU B 583 13.00 -52.40 -51.03
N HIS B 584 13.56 -53.22 -50.15
CA HIS B 584 13.49 -52.99 -48.72
C HIS B 584 14.76 -53.53 -48.07
N TYR B 585 15.00 -53.09 -46.83
CA TYR B 585 16.19 -53.53 -46.11
C TYR B 585 16.15 -55.03 -45.84
N ALA B 586 14.98 -55.56 -45.53
CA ALA B 586 14.83 -56.99 -45.24
C ALA B 586 14.39 -57.75 -46.50
N GLY B 587 15.21 -57.65 -47.53
CA GLY B 587 14.93 -58.31 -48.78
C GLY B 587 13.93 -57.54 -49.63
N LYS B 588 13.45 -58.22 -50.67
CA LYS B 588 12.53 -57.64 -51.64
C LYS B 588 11.21 -58.42 -51.62
N VAL B 589 10.13 -57.73 -51.97
CA VAL B 589 8.80 -58.32 -51.98
C VAL B 589 8.10 -57.92 -53.29
N THR B 590 7.43 -58.87 -53.91
CA THR B 590 6.62 -58.60 -55.10
C THR B 590 5.18 -58.36 -54.70
N TYR B 591 4.49 -57.56 -55.50
CA TYR B 591 3.15 -57.10 -55.18
C TYR B 591 2.15 -57.54 -56.24
N ASN B 592 1.00 -58.03 -55.78
CA ASN B 592 -0.07 -58.45 -56.68
C ASN B 592 -1.04 -57.30 -56.90
N ALA B 593 -1.26 -56.95 -58.17
CA ALA B 593 -2.19 -55.89 -58.55
C ALA B 593 -3.48 -56.55 -59.01
N SER B 594 -4.46 -56.62 -58.11
CA SER B 594 -5.74 -57.25 -58.40
C SER B 594 -6.91 -56.27 -58.39
N ALA B 595 -7.10 -55.55 -57.28
CA ALA B 595 -8.24 -54.65 -57.14
C ALA B 595 -7.85 -53.34 -56.48
N TRP B 596 -6.62 -52.88 -56.69
CA TRP B 596 -6.18 -51.62 -56.08
C TRP B 596 -7.02 -50.45 -56.61
N LEU B 597 -7.23 -50.40 -57.93
CA LEU B 597 -8.13 -49.38 -58.47
C LEU B 597 -9.55 -49.58 -57.99
N THR B 598 -9.92 -50.83 -57.69
CA THR B 598 -11.26 -51.09 -57.17
C THR B 598 -11.38 -50.64 -55.71
N LYS B 599 -10.32 -50.84 -54.93
CA LYS B 599 -10.38 -50.48 -53.51
C LYS B 599 -10.25 -48.98 -53.30
N ASN B 600 -9.47 -48.28 -54.13
CA ASN B 600 -9.23 -46.87 -53.86
C ASN B 600 -10.39 -45.97 -54.24
N MET B 601 -11.32 -46.42 -55.10
CA MET B 601 -12.41 -45.54 -55.51
C MET B 601 -13.32 -45.18 -54.35
N ASP B 602 -13.34 -45.97 -53.27
CA ASP B 602 -14.15 -45.71 -52.09
C ASP B 602 -15.63 -45.53 -52.47
N PRO B 603 -16.32 -46.61 -52.83
CA PRO B 603 -17.68 -46.47 -53.37
C PRO B 603 -18.70 -46.08 -52.31
N LEU B 604 -18.80 -44.78 -52.02
CA LEU B 604 -19.78 -44.25 -51.07
C LEU B 604 -21.05 -43.89 -51.84
N ASN B 605 -22.13 -44.63 -51.57
CA ASN B 605 -23.37 -44.45 -52.31
C ASN B 605 -24.11 -43.21 -51.80
N ASP B 606 -25.31 -42.99 -52.35
CA ASP B 606 -26.11 -41.82 -52.00
C ASP B 606 -27.43 -42.17 -51.33
N ASN B 607 -28.22 -43.06 -51.93
CA ASN B 607 -29.56 -43.34 -51.40
C ASN B 607 -29.49 -43.96 -50.02
N VAL B 608 -28.58 -44.92 -49.82
CA VAL B 608 -28.45 -45.54 -48.51
C VAL B 608 -28.02 -44.53 -47.47
N THR B 609 -27.15 -43.60 -47.85
CA THR B 609 -26.78 -42.52 -46.93
C THR B 609 -27.98 -41.64 -46.60
N SER B 610 -28.83 -41.36 -47.60
CA SER B 610 -30.04 -40.59 -47.36
C SER B 610 -30.95 -41.29 -46.37
N LEU B 611 -31.08 -42.62 -46.50
CA LEU B 611 -31.84 -43.38 -45.51
C LEU B 611 -31.19 -43.30 -44.13
N LEU B 612 -29.86 -43.38 -44.09
CA LEU B 612 -29.13 -43.27 -42.82
C LEU B 612 -29.29 -41.89 -42.18
N ASN B 613 -29.64 -40.86 -42.97
CA ASN B 613 -29.83 -39.54 -42.40
C ASN B 613 -30.97 -39.50 -41.39
N GLN B 614 -32.05 -40.22 -41.66
CA GLN B 614 -33.24 -40.22 -40.81
C GLN B 614 -33.46 -41.61 -40.22
N SER B 615 -34.54 -41.73 -39.46
CA SER B 615 -34.94 -42.97 -38.80
C SER B 615 -33.87 -43.49 -37.82
N SER B 616 -32.97 -42.61 -37.39
CA SER B 616 -31.91 -42.97 -36.47
C SER B 616 -32.21 -42.38 -35.10
N ASP B 617 -32.24 -43.24 -34.08
CA ASP B 617 -32.46 -42.82 -32.70
C ASP B 617 -31.16 -42.56 -31.95
N LYS B 618 -30.01 -42.70 -32.61
CA LYS B 618 -28.71 -42.52 -31.99
C LYS B 618 -27.96 -41.42 -32.73
N PHE B 619 -26.76 -41.10 -32.24
CA PHE B 619 -25.94 -40.04 -32.82
C PHE B 619 -25.46 -40.35 -34.23
N VAL B 620 -25.59 -41.61 -34.68
CA VAL B 620 -25.03 -42.02 -35.96
C VAL B 620 -25.65 -41.26 -37.14
N ALA B 621 -26.79 -40.60 -36.92
CA ALA B 621 -27.44 -39.88 -38.02
C ALA B 621 -26.53 -38.79 -38.58
N ASP B 622 -25.91 -38.00 -37.69
CA ASP B 622 -25.04 -36.92 -38.16
C ASP B 622 -23.81 -37.45 -38.86
N LEU B 623 -23.33 -38.63 -38.45
CA LEU B 623 -22.15 -39.23 -39.04
C LEU B 623 -22.33 -39.51 -40.53
N TRP B 624 -23.58 -39.58 -41.01
CA TRP B 624 -23.84 -39.77 -42.42
C TRP B 624 -24.73 -38.71 -43.06
N LYS B 625 -25.18 -37.70 -42.32
CA LYS B 625 -25.76 -36.54 -42.99
C LYS B 625 -24.81 -35.35 -43.04
N ASP B 626 -23.68 -35.39 -42.31
CA ASP B 626 -22.76 -34.26 -42.29
C ASP B 626 -21.69 -34.34 -43.37
N VAL B 627 -21.61 -35.43 -44.13
CA VAL B 627 -20.58 -35.57 -45.15
C VAL B 627 -21.05 -36.65 -46.13
N ASP B 628 -20.80 -36.41 -47.42
CA ASP B 628 -21.16 -37.35 -48.46
C ASP B 628 -19.94 -37.61 -49.33
N ARG B 629 -20.08 -38.42 -50.38
CA ARG B 629 -18.98 -38.68 -51.29
C ARG B 629 -18.68 -37.44 -52.14
N ILE B 630 -17.49 -37.46 -52.76
CA ILE B 630 -17.11 -36.39 -53.66
C ILE B 630 -18.02 -36.40 -54.89
N VAL B 631 -18.26 -35.22 -55.45
CA VAL B 631 -19.16 -35.09 -56.59
C VAL B 631 -18.64 -35.92 -57.76
N GLY B 632 -19.56 -36.63 -58.42
CA GLY B 632 -19.22 -37.44 -59.57
C GLY B 632 -20.41 -38.17 -60.14
N LEU B 633 -20.36 -38.49 -61.44
CA LEU B 633 -21.44 -39.20 -62.09
C LEU B 633 -21.44 -40.66 -61.64
N ASP B 634 -22.65 -41.24 -61.61
CA ASP B 634 -22.94 -42.65 -61.32
C ASP B 634 -21.97 -43.26 -60.32
N GLN B 635 -21.74 -42.56 -59.21
CA GLN B 635 -20.80 -43.02 -58.19
C GLN B 635 -21.43 -44.15 -57.38
N MET B 636 -20.69 -45.24 -57.23
CA MET B 636 -21.16 -46.37 -56.42
C MET B 636 -20.99 -46.07 -54.94
N SER B 646 -17.90 -44.12 -64.09
CA SER B 646 -16.79 -44.36 -65.00
C SER B 646 -16.41 -43.10 -65.76
N ALA B 647 -17.28 -42.67 -66.66
CA ALA B 647 -17.03 -41.53 -67.53
C ALA B 647 -17.42 -40.21 -66.90
N SER B 648 -17.43 -40.13 -65.57
CA SER B 648 -17.78 -38.90 -64.87
C SER B 648 -16.87 -37.76 -65.30
N LYS B 649 -17.47 -36.59 -65.52
CA LYS B 649 -16.76 -35.41 -66.01
C LYS B 649 -17.02 -34.22 -65.09
N THR B 650 -16.89 -34.44 -63.79
CA THR B 650 -17.08 -33.37 -62.82
C THR B 650 -15.83 -32.51 -62.74
N LYS B 651 -15.80 -31.58 -61.79
CA LYS B 651 -14.67 -30.67 -61.66
C LYS B 651 -13.43 -31.41 -61.18
N LYS B 652 -12.27 -30.92 -61.61
CA LYS B 652 -10.98 -31.47 -61.23
C LYS B 652 -10.32 -30.54 -60.21
N GLY B 653 -9.79 -31.13 -59.14
CA GLY B 653 -9.12 -30.35 -58.11
C GLY B 653 -10.02 -29.42 -57.32
N MET B 654 -11.19 -29.91 -56.90
CA MET B 654 -12.10 -29.12 -56.07
C MET B 654 -12.17 -29.66 -54.64
N PHE B 655 -12.49 -30.93 -54.48
CA PHE B 655 -12.69 -31.54 -53.17
C PHE B 655 -11.46 -32.35 -52.77
N ARG B 656 -11.58 -33.10 -51.67
CA ARG B 656 -10.49 -33.95 -51.23
C ARG B 656 -10.20 -35.04 -52.26
N THR B 657 -9.00 -35.58 -52.19
CA THR B 657 -8.50 -36.55 -53.16
C THR B 657 -8.62 -37.96 -52.56
N VAL B 658 -8.58 -38.96 -53.44
CA VAL B 658 -8.70 -40.38 -53.10
C VAL B 658 -7.92 -40.72 -51.85
N GLY B 659 -6.66 -40.31 -51.79
CA GLY B 659 -5.82 -40.55 -50.64
C GLY B 659 -4.80 -39.45 -50.48
N GLN B 660 -3.58 -39.84 -50.11
CA GLN B 660 -2.44 -38.92 -50.04
C GLN B 660 -2.62 -37.88 -48.93
N LEU B 661 -3.78 -37.88 -48.27
CA LEU B 661 -3.89 -37.16 -47.01
C LEU B 661 -3.09 -37.83 -45.92
N TYR B 662 -2.98 -39.16 -45.99
CA TYR B 662 -2.08 -39.89 -45.09
C TYR B 662 -0.63 -39.47 -45.32
N LYS B 663 -0.24 -39.31 -46.59
CA LYS B 663 1.12 -38.92 -46.90
C LYS B 663 1.44 -37.54 -46.33
N GLU B 664 0.53 -36.58 -46.52
CA GLU B 664 0.79 -35.24 -45.99
C GLU B 664 0.73 -35.23 -44.47
N GLN B 665 -0.10 -36.10 -43.87
CA GLN B 665 -0.08 -36.23 -42.41
C GLN B 665 1.26 -36.74 -41.93
N LEU B 666 1.84 -37.72 -42.63
CA LEU B 666 3.16 -38.22 -42.26
C LEU B 666 4.23 -37.16 -42.45
N THR B 667 4.12 -36.35 -43.51
CA THR B 667 5.06 -35.25 -43.67
C THR B 667 4.92 -34.22 -42.56
N LYS B 668 3.70 -33.94 -42.13
CA LYS B 668 3.49 -33.06 -40.98
C LYS B 668 4.12 -33.65 -39.73
N LEU B 669 4.03 -34.98 -39.58
CA LEU B 669 4.70 -35.65 -38.47
C LEU B 669 6.21 -35.48 -38.58
N MET B 670 6.75 -35.57 -39.80
CA MET B 670 8.15 -35.28 -40.01
C MET B 670 8.50 -33.89 -39.50
N THR B 671 7.67 -32.90 -39.88
CA THR B 671 7.93 -31.52 -39.47
C THR B 671 7.87 -31.37 -37.95
N THR B 672 6.93 -32.08 -37.32
CA THR B 672 6.84 -32.08 -35.86
C THR B 672 8.10 -32.66 -35.24
N LEU B 673 8.64 -33.71 -35.83
CA LEU B 673 9.87 -34.33 -35.33
C LEU B 673 11.14 -33.58 -35.75
N ARG B 674 11.03 -32.57 -36.62
CA ARG B 674 12.20 -31.78 -37.02
C ARG B 674 12.75 -30.92 -35.91
N ASN B 675 12.24 -30.98 -34.69
CA ASN B 675 12.79 -30.19 -33.60
C ASN B 675 12.54 -30.90 -32.28
N THR B 676 13.58 -31.52 -31.73
CA THR B 676 13.55 -32.21 -30.45
C THR B 676 14.95 -32.72 -30.17
N ASN B 677 15.13 -33.30 -28.98
CA ASN B 677 16.32 -34.07 -28.68
C ASN B 677 15.93 -35.54 -28.65
N PRO B 678 15.86 -36.20 -29.81
CA PRO B 678 15.27 -37.54 -29.87
C PRO B 678 16.12 -38.57 -29.16
N ASN B 679 15.45 -39.60 -28.68
CA ASN B 679 16.11 -40.75 -28.05
C ASN B 679 15.45 -42.02 -28.58
N PHE B 680 16.28 -43.02 -28.87
CA PHE B 680 15.83 -44.22 -29.54
C PHE B 680 16.11 -45.45 -28.69
N VAL B 681 15.17 -46.39 -28.70
CA VAL B 681 15.35 -47.71 -28.12
C VAL B 681 14.88 -48.72 -29.16
N ARG B 682 15.76 -49.64 -29.53
CA ARG B 682 15.46 -50.61 -30.58
C ARG B 682 14.95 -51.92 -29.98
N CYS B 683 14.49 -52.80 -30.85
CA CYS B 683 14.09 -54.14 -30.45
C CYS B 683 14.41 -55.10 -31.58
N ILE B 684 14.70 -56.35 -31.20
CA ILE B 684 15.09 -57.39 -32.14
C ILE B 684 14.24 -58.63 -31.85
N ILE B 685 14.08 -59.47 -32.86
CA ILE B 685 13.32 -60.71 -32.76
C ILE B 685 14.29 -61.88 -32.89
N PRO B 686 14.29 -62.84 -31.97
CA PRO B 686 15.33 -63.86 -31.95
C PRO B 686 15.06 -65.12 -32.77
N ASN B 687 13.87 -65.32 -33.29
CA ASN B 687 13.55 -66.56 -34.00
C ASN B 687 12.25 -66.38 -34.75
N HIS B 688 11.87 -67.42 -35.50
CA HIS B 688 10.57 -67.51 -36.12
C HIS B 688 9.68 -68.58 -35.49
N GLU B 689 10.24 -69.40 -34.60
CA GLU B 689 9.45 -70.44 -33.93
C GLU B 689 8.42 -69.87 -32.96
N LYS B 690 8.55 -68.59 -32.61
CA LYS B 690 7.62 -67.91 -31.70
C LYS B 690 7.60 -68.57 -30.32
N ARG B 691 8.73 -69.13 -29.90
CA ARG B 691 8.87 -69.73 -28.58
C ARG B 691 10.00 -69.03 -27.83
N ALA B 692 10.28 -69.52 -26.64
CA ALA B 692 11.24 -68.90 -25.73
C ALA B 692 12.51 -69.73 -25.65
N GLY B 693 13.66 -69.07 -25.79
CA GLY B 693 14.95 -69.71 -25.65
C GLY B 693 15.48 -70.28 -26.95
N LYS B 694 16.80 -70.50 -26.97
CA LYS B 694 17.49 -71.15 -28.08
C LYS B 694 17.28 -70.38 -29.40
N LEU B 695 17.78 -69.15 -29.41
CA LEU B 695 17.68 -68.31 -30.59
C LEU B 695 18.70 -68.72 -31.64
N ASP B 696 18.66 -68.05 -32.79
CA ASP B 696 19.58 -68.28 -33.89
C ASP B 696 20.34 -67.00 -34.18
N ALA B 697 21.66 -67.12 -34.38
CA ALA B 697 22.52 -65.95 -34.40
C ALA B 697 22.39 -65.14 -35.68
N HIS B 698 22.31 -65.81 -36.83
CA HIS B 698 22.45 -65.09 -38.09
C HIS B 698 21.27 -64.16 -38.38
N LEU B 699 20.08 -64.50 -37.87
CA LEU B 699 18.93 -63.62 -38.08
C LEU B 699 19.14 -62.27 -37.39
N VAL B 700 19.47 -62.30 -36.10
CA VAL B 700 19.73 -61.05 -35.40
C VAL B 700 20.98 -60.37 -35.94
N LEU B 701 21.93 -61.15 -36.46
CA LEU B 701 23.10 -60.57 -37.11
C LEU B 701 22.68 -59.72 -38.31
N GLU B 702 21.82 -60.27 -39.16
CA GLU B 702 21.31 -59.50 -40.29
C GLU B 702 20.50 -58.30 -39.84
N GLN B 703 19.71 -58.46 -38.77
CA GLN B 703 18.91 -57.36 -38.26
C GLN B 703 19.78 -56.20 -37.80
N LEU B 704 20.85 -56.50 -37.05
CA LEU B 704 21.74 -55.44 -36.60
C LEU B 704 22.57 -54.88 -37.74
N ARG B 705 22.90 -55.72 -38.74
CA ARG B 705 23.61 -55.22 -39.91
C ARG B 705 22.78 -54.20 -40.67
N CYS B 706 21.50 -54.49 -40.87
CA CYS B 706 20.64 -53.54 -41.58
C CYS B 706 20.34 -52.32 -40.73
N ASN B 707 20.16 -52.51 -39.42
CA ASN B 707 19.90 -51.38 -38.54
C ASN B 707 21.11 -50.45 -38.42
N GLY B 708 22.32 -50.96 -38.67
CA GLY B 708 23.50 -50.13 -38.63
C GLY B 708 23.86 -49.59 -37.26
N VAL B 709 23.64 -50.37 -36.20
CA VAL B 709 24.08 -49.94 -34.87
C VAL B 709 25.60 -49.85 -34.82
N LEU B 710 26.29 -50.66 -35.63
CA LEU B 710 27.74 -50.61 -35.68
C LEU B 710 28.23 -49.21 -36.06
N GLU B 711 27.49 -48.51 -36.92
CA GLU B 711 27.85 -47.14 -37.24
C GLU B 711 27.78 -46.25 -36.01
N GLY B 712 26.74 -46.45 -35.18
CA GLY B 712 26.68 -45.73 -33.92
C GLY B 712 27.86 -46.06 -33.02
N ILE B 713 28.30 -47.31 -33.03
CA ILE B 713 29.48 -47.68 -32.26
C ILE B 713 30.71 -46.94 -32.78
N ARG B 714 30.86 -46.86 -34.11
CA ARG B 714 31.98 -46.13 -34.69
C ARG B 714 31.95 -44.67 -34.25
N ILE B 715 30.77 -44.04 -34.30
CA ILE B 715 30.69 -42.62 -33.99
C ILE B 715 30.92 -42.39 -32.50
N CYS B 716 30.46 -43.30 -31.64
CA CYS B 716 30.72 -43.12 -30.22
C CYS B 716 32.20 -43.34 -29.90
N ARG B 717 32.86 -44.24 -30.63
CA ARG B 717 34.30 -44.39 -30.46
C ARG B 717 35.05 -43.15 -30.95
N GLN B 718 34.61 -42.55 -32.04
CA GLN B 718 35.31 -41.43 -32.66
C GLN B 718 34.71 -40.08 -32.27
N GLY B 719 33.42 -39.90 -32.49
CA GLY B 719 32.80 -38.61 -32.25
C GLY B 719 32.68 -38.27 -30.78
N PHE B 720 32.37 -36.99 -30.53
CA PHE B 720 32.31 -36.47 -29.18
C PHE B 720 30.85 -36.38 -28.76
N PRO B 721 30.39 -37.19 -27.80
CA PRO B 721 28.96 -37.27 -27.50
C PRO B 721 28.46 -36.34 -26.41
N ASN B 722 29.27 -35.39 -25.95
CA ASN B 722 28.88 -34.51 -24.84
C ASN B 722 29.10 -33.06 -25.22
N ARG B 723 28.08 -32.23 -25.03
CA ARG B 723 28.16 -30.79 -25.24
C ARG B 723 27.57 -30.09 -24.03
N ILE B 724 28.33 -29.16 -23.45
CA ILE B 724 27.92 -28.46 -22.24
C ILE B 724 28.23 -26.98 -22.40
N VAL B 725 27.28 -26.13 -21.98
CA VAL B 725 27.50 -24.69 -22.00
C VAL B 725 28.47 -24.30 -20.88
N PHE B 726 29.14 -23.16 -21.08
CA PHE B 726 30.24 -22.78 -20.19
C PHE B 726 29.74 -22.50 -18.77
N GLN B 727 28.64 -21.74 -18.64
CA GLN B 727 28.26 -21.25 -17.32
C GLN B 727 27.79 -22.38 -16.40
N GLU B 728 26.90 -23.25 -16.91
CA GLU B 728 26.38 -24.32 -16.07
C GLU B 728 27.49 -25.26 -15.63
N PHE B 729 28.45 -25.52 -16.51
CA PHE B 729 29.63 -26.30 -16.12
C PHE B 729 30.40 -25.59 -15.03
N ARG B 730 30.51 -24.26 -15.12
CA ARG B 730 31.25 -23.50 -14.12
C ARG B 730 30.59 -23.61 -12.75
N GLN B 731 29.27 -23.46 -12.68
CA GLN B 731 28.59 -23.48 -11.39
C GLN B 731 28.47 -24.88 -10.83
N ARG B 732 28.14 -25.86 -11.68
CA ARG B 732 27.83 -27.20 -11.18
C ARG B 732 29.05 -27.89 -10.58
N TYR B 733 30.20 -27.78 -11.25
CA TYR B 733 31.41 -28.49 -10.83
C TYR B 733 32.45 -27.47 -10.38
N GLU B 734 32.38 -27.09 -9.11
CA GLU B 734 33.35 -26.18 -8.52
C GLU B 734 33.98 -26.69 -7.23
N ILE B 735 33.40 -27.70 -6.59
CA ILE B 735 33.98 -28.22 -5.35
C ILE B 735 35.35 -28.82 -5.60
N LEU B 736 35.48 -29.59 -6.69
CA LEU B 736 36.76 -30.22 -7.02
C LEU B 736 37.84 -29.21 -7.38
N ALA B 737 37.46 -27.98 -7.73
CA ALA B 737 38.45 -26.96 -8.03
C ALA B 737 39.29 -26.65 -6.80
N ALA B 738 38.66 -26.53 -5.64
CA ALA B 738 39.32 -26.30 -4.36
C ALA B 738 40.03 -24.95 -4.30
N ASN B 739 39.91 -24.16 -5.36
CA ASN B 739 40.47 -22.81 -5.43
C ASN B 739 39.36 -21.90 -5.93
N ALA B 740 38.55 -21.40 -4.99
CA ALA B 740 37.40 -20.57 -5.32
C ALA B 740 37.89 -19.19 -5.73
N ILE B 741 37.95 -18.94 -7.03
CA ILE B 741 38.36 -17.65 -7.56
C ILE B 741 37.28 -16.62 -7.22
N PRO B 742 37.60 -15.54 -6.52
CA PRO B 742 36.57 -14.59 -6.08
C PRO B 742 36.28 -13.46 -7.06
N LYS B 743 36.87 -13.47 -8.26
CA LYS B 743 36.63 -12.43 -9.25
C LYS B 743 35.26 -12.67 -9.88
N GLY B 744 34.21 -12.36 -9.12
CA GLY B 744 32.86 -12.55 -9.59
C GLY B 744 32.43 -11.46 -10.55
N PHE B 745 31.42 -11.80 -11.35
CA PHE B 745 30.77 -10.91 -12.31
C PHE B 745 31.62 -10.63 -13.55
N MET B 746 32.64 -11.43 -13.82
CA MET B 746 33.37 -11.33 -15.08
C MET B 746 34.12 -12.63 -15.32
N ASP B 747 34.75 -12.71 -16.50
CA ASP B 747 35.70 -13.77 -16.84
C ASP B 747 35.05 -15.15 -16.80
N GLY B 748 34.02 -15.32 -17.64
CA GLY B 748 33.42 -16.63 -17.79
C GLY B 748 34.33 -17.60 -18.52
N LYS B 749 34.84 -17.19 -19.68
CA LYS B 749 35.78 -18.03 -20.42
C LYS B 749 37.08 -18.22 -19.64
N GLN B 750 37.53 -17.17 -18.96
CA GLN B 750 38.72 -17.30 -18.12
C GLN B 750 38.46 -18.27 -16.96
N ALA B 751 37.25 -18.25 -16.41
CA ALA B 751 36.89 -19.23 -15.38
C ALA B 751 36.92 -20.65 -15.96
N CYS B 752 36.46 -20.81 -17.20
CA CYS B 752 36.54 -22.11 -17.85
C CYS B 752 37.99 -22.55 -18.01
N ILE B 753 38.87 -21.63 -18.40
CA ILE B 753 40.29 -21.96 -18.55
C ILE B 753 40.89 -22.36 -17.20
N LEU B 754 40.53 -21.63 -16.14
CA LEU B 754 41.02 -21.97 -14.81
C LEU B 754 40.53 -23.35 -14.39
N MET B 755 39.28 -23.68 -14.72
CA MET B 755 38.78 -25.01 -14.39
C MET B 755 39.52 -26.09 -15.19
N ILE B 756 39.86 -25.79 -16.45
CA ILE B 756 40.66 -26.71 -17.25
C ILE B 756 42.01 -26.94 -16.58
N LYS B 757 42.62 -25.87 -16.08
CA LYS B 757 43.87 -26.02 -15.33
C LYS B 757 43.65 -26.89 -14.09
N ALA B 758 42.52 -26.69 -13.40
CA ALA B 758 42.19 -27.49 -12.22
C ALA B 758 41.86 -28.94 -12.57
N LEU B 759 41.63 -29.26 -13.84
CA LEU B 759 41.35 -30.63 -14.25
C LEU B 759 42.60 -31.40 -14.66
N GLU B 760 43.67 -30.70 -15.04
CA GLU B 760 44.95 -31.27 -15.48
C GLU B 760 44.75 -32.52 -16.35
N LEU B 761 44.11 -32.30 -17.49
CA LEU B 761 43.86 -33.34 -18.47
C LEU B 761 44.73 -33.11 -19.71
N ASP B 762 44.97 -34.20 -20.44
CA ASP B 762 45.75 -34.12 -21.67
C ASP B 762 44.99 -33.36 -22.75
N PRO B 763 45.68 -32.81 -23.75
CA PRO B 763 45.00 -31.97 -24.75
C PRO B 763 43.88 -32.69 -25.50
N ASN B 764 43.97 -34.02 -25.65
CA ASN B 764 42.95 -34.74 -26.42
C ASN B 764 41.62 -34.80 -25.68
N LEU B 765 41.63 -34.72 -24.35
CA LEU B 765 40.40 -34.87 -23.59
C LEU B 765 39.46 -33.68 -23.72
N TYR B 766 39.96 -32.53 -24.17
CA TYR B 766 39.13 -31.33 -24.24
C TYR B 766 39.31 -30.65 -25.58
N ARG B 767 38.24 -29.97 -26.02
CA ARG B 767 38.30 -29.12 -27.20
C ARG B 767 37.27 -28.00 -26.99
N ILE B 768 37.75 -26.84 -26.54
CA ILE B 768 36.85 -25.75 -26.17
C ILE B 768 36.27 -25.14 -27.43
N GLY B 769 34.94 -25.02 -27.46
CA GLY B 769 34.23 -24.43 -28.58
C GLY B 769 33.92 -22.95 -28.36
N GLN B 770 33.19 -22.40 -29.34
CA GLN B 770 32.79 -20.99 -29.24
C GLN B 770 31.84 -20.77 -28.07
N SER B 771 30.88 -21.68 -27.89
CA SER B 771 29.93 -21.58 -26.79
C SER B 771 29.72 -22.89 -26.03
N LYS B 772 30.17 -24.02 -26.56
CA LYS B 772 30.01 -25.32 -25.91
C LYS B 772 31.37 -25.94 -25.67
N ILE B 773 31.37 -27.11 -25.05
CA ILE B 773 32.58 -27.83 -24.67
C ILE B 773 32.52 -29.23 -25.27
N PHE B 774 33.62 -29.64 -25.92
CA PHE B 774 33.72 -30.95 -26.53
C PHE B 774 34.56 -31.86 -25.64
N PHE B 775 33.95 -32.98 -25.22
CA PHE B 775 34.64 -33.98 -24.40
C PHE B 775 34.50 -35.35 -25.04
N ARG B 776 34.91 -36.39 -24.32
CA ARG B 776 34.69 -37.77 -24.73
C ARG B 776 34.14 -38.55 -23.54
N THR B 777 33.62 -39.74 -23.84
CA THR B 777 32.91 -40.52 -22.82
C THR B 777 33.83 -40.91 -21.68
N GLY B 778 33.25 -40.93 -20.47
CA GLY B 778 33.95 -41.34 -19.28
C GLY B 778 34.39 -40.21 -18.38
N VAL B 779 34.57 -39.00 -18.91
CA VAL B 779 35.00 -37.89 -18.08
C VAL B 779 33.89 -37.45 -17.14
N LEU B 780 32.65 -37.48 -17.60
CA LEU B 780 31.53 -37.04 -16.77
C LEU B 780 31.39 -37.90 -15.53
N ALA B 781 31.32 -39.23 -15.72
CA ALA B 781 31.22 -40.15 -14.60
C ALA B 781 32.34 -39.94 -13.61
N HIS B 782 33.56 -39.69 -14.11
CA HIS B 782 34.68 -39.38 -13.24
C HIS B 782 34.40 -38.11 -12.44
N LEU B 783 33.76 -37.12 -13.06
CA LEU B 783 33.42 -35.89 -12.36
C LEU B 783 32.44 -36.15 -11.21
N GLU B 784 31.37 -36.90 -11.48
CA GLU B 784 30.42 -37.19 -10.40
C GLU B 784 31.08 -38.02 -9.31
N GLU B 785 31.93 -38.97 -9.68
CA GLU B 785 32.62 -39.77 -8.66
C GLU B 785 33.46 -38.87 -7.76
N GLU B 786 34.23 -37.96 -8.37
CA GLU B 786 35.07 -37.07 -7.58
C GLU B 786 34.24 -36.18 -6.66
N ARG B 787 33.16 -35.60 -7.19
CA ARG B 787 32.40 -34.65 -6.38
C ARG B 787 31.64 -35.37 -5.26
N ASP B 788 31.13 -36.58 -5.52
CA ASP B 788 30.46 -37.33 -4.48
C ASP B 788 31.45 -37.80 -3.41
N LEU B 789 32.67 -38.12 -3.81
CA LEU B 789 33.71 -38.41 -2.81
C LEU B 789 34.02 -37.16 -2.00
N LYS B 790 34.05 -35.99 -2.64
CA LYS B 790 34.45 -34.76 -1.95
C LYS B 790 33.42 -34.32 -0.93
N ILE B 791 32.13 -34.36 -1.30
CA ILE B 791 31.10 -33.80 -0.43
C ILE B 791 30.99 -34.55 0.90
N THR B 792 31.53 -35.76 0.97
CA THR B 792 31.37 -36.59 2.16
C THR B 792 32.02 -35.95 3.38
N ASP B 793 33.23 -35.42 3.22
CA ASP B 793 33.90 -34.81 4.37
C ASP B 793 33.14 -33.59 4.88
N VAL B 794 32.59 -32.79 3.96
CA VAL B 794 31.83 -31.61 4.35
C VAL B 794 30.58 -32.02 5.13
N ILE B 795 29.84 -33.01 4.63
CA ILE B 795 28.59 -33.37 5.28
C ILE B 795 28.87 -34.01 6.64
N ILE B 796 29.90 -34.85 6.73
CA ILE B 796 30.21 -35.45 8.04
C ILE B 796 30.73 -34.40 9.01
N ALA B 797 31.46 -33.39 8.52
CA ALA B 797 31.90 -32.31 9.41
C ALA B 797 30.72 -31.52 9.95
N PHE B 798 29.75 -31.22 9.09
CA PHE B 798 28.55 -30.54 9.57
C PHE B 798 27.78 -31.40 10.56
N GLN B 799 27.72 -32.71 10.30
CA GLN B 799 27.07 -33.63 11.23
C GLN B 799 27.77 -33.61 12.59
N ALA B 800 29.10 -33.62 12.60
CA ALA B 800 29.84 -33.56 13.85
C ALA B 800 29.61 -32.24 14.57
N GLN B 801 29.51 -31.15 13.82
CA GLN B 801 29.20 -29.86 14.43
C GLN B 801 27.83 -29.89 15.10
N CYS B 802 26.83 -30.48 14.44
CA CYS B 802 25.51 -30.61 15.04
C CYS B 802 25.56 -31.50 16.28
N ARG B 803 26.35 -32.57 16.24
CA ARG B 803 26.53 -33.42 17.42
C ARG B 803 27.12 -32.64 18.58
N GLY B 804 28.13 -31.81 18.29
CA GLY B 804 28.70 -30.98 19.35
C GLY B 804 27.70 -30.00 19.92
N TYR B 805 26.89 -29.38 19.05
CA TYR B 805 25.85 -28.47 19.53
C TYR B 805 24.88 -29.19 20.45
N LEU B 806 24.45 -30.39 20.07
CA LEU B 806 23.53 -31.15 20.90
C LEU B 806 24.17 -31.53 22.23
N ALA B 807 25.47 -31.88 22.21
CA ALA B 807 26.17 -32.21 23.44
C ALA B 807 26.23 -31.02 24.38
N ARG B 808 26.54 -29.83 23.83
CA ARG B 808 26.57 -28.62 24.65
C ARG B 808 25.20 -28.34 25.25
N LYS B 809 24.15 -28.49 24.44
CA LYS B 809 22.79 -28.24 24.94
C LYS B 809 22.43 -29.21 26.05
N ALA B 810 22.76 -30.50 25.88
CA ALA B 810 22.45 -31.49 26.89
C ALA B 810 23.22 -31.22 28.18
N PHE B 811 24.49 -30.84 28.07
CA PHE B 811 25.26 -30.52 29.26
C PHE B 811 24.69 -29.31 30.00
N ALA B 812 24.27 -28.28 29.24
CA ALA B 812 23.64 -27.13 29.87
C ALA B 812 22.33 -27.51 30.57
N LYS B 813 21.54 -28.38 29.93
CA LYS B 813 20.30 -28.84 30.54
C LYS B 813 20.58 -29.58 31.85
N ARG B 814 21.57 -30.46 31.84
CA ARG B 814 21.90 -31.20 33.06
C ARG B 814 22.38 -30.26 34.15
N GLN B 815 23.20 -29.27 33.79
CA GLN B 815 23.71 -28.33 34.79
C GLN B 815 22.58 -27.51 35.40
N GLN B 816 21.66 -27.01 34.56
CA GLN B 816 20.55 -26.22 35.10
C GLN B 816 19.62 -27.08 35.95
N GLN B 817 19.40 -28.34 35.55
CA GLN B 817 18.61 -29.24 36.38
C GLN B 817 19.28 -29.47 37.74
N LEU B 818 20.60 -29.66 37.74
CA LEU B 818 21.32 -29.88 38.99
C LEU B 818 21.24 -28.65 39.90
N THR B 819 21.41 -27.46 39.34
CA THR B 819 21.36 -26.27 40.19
C THR B 819 19.94 -26.01 40.69
N ALA B 820 18.92 -26.30 39.87
CA ALA B 820 17.55 -26.18 40.34
C ALA B 820 17.28 -27.17 41.46
N MET B 821 17.79 -28.40 41.34
CA MET B 821 17.64 -29.38 42.40
C MET B 821 18.32 -28.92 43.69
N LYS B 822 19.51 -28.34 43.56
CA LYS B 822 20.22 -27.87 44.75
C LYS B 822 19.45 -26.74 45.44
N VAL B 823 18.93 -25.79 44.67
CA VAL B 823 18.18 -24.70 45.28
C VAL B 823 16.82 -25.18 45.81
N ILE B 824 16.32 -26.31 45.30
CA ILE B 824 15.15 -26.93 45.93
C ILE B 824 15.53 -27.52 47.28
N GLN B 825 16.66 -28.24 47.31
CA GLN B 825 17.05 -28.96 48.53
C GLN B 825 17.45 -28.01 49.65
N ARG B 826 18.00 -26.84 49.31
CA ARG B 826 18.56 -25.98 50.35
C ARG B 826 17.51 -25.45 51.31
N ASN B 827 16.25 -25.36 50.88
CA ASN B 827 15.21 -24.74 51.70
C ASN B 827 14.06 -25.67 52.07
N CYS B 828 13.76 -26.68 51.27
CA CYS B 828 12.64 -27.57 51.58
C CYS B 828 12.87 -28.31 52.89
N ALA B 829 13.91 -29.15 52.92
CA ALA B 829 14.25 -29.87 54.14
C ALA B 829 14.60 -28.92 55.27
N ALA B 830 15.14 -27.74 54.94
CA ALA B 830 15.48 -26.76 55.97
C ALA B 830 14.25 -26.36 56.77
N TYR B 831 13.14 -26.08 56.09
CA TYR B 831 11.89 -25.86 56.80
C TYR B 831 11.39 -27.15 57.45
N LEU B 832 11.49 -28.27 56.73
CA LEU B 832 11.06 -29.54 57.30
C LEU B 832 11.92 -29.95 58.48
N LYS B 833 13.17 -29.49 58.52
CA LYS B 833 13.96 -29.64 59.74
C LYS B 833 13.35 -28.85 60.90
N LEU B 834 12.86 -27.65 60.61
CA LEU B 834 12.13 -26.88 61.64
C LEU B 834 10.85 -27.59 62.03
N ARG B 835 10.23 -28.32 61.11
CA ARG B 835 9.06 -29.12 61.45
C ARG B 835 9.42 -30.22 62.45
N ASN B 836 10.67 -30.68 62.42
CA ASN B 836 11.16 -31.57 63.47
C ASN B 836 11.51 -30.81 64.73
N TRP B 837 11.62 -29.48 64.66
CA TRP B 837 11.86 -28.64 65.83
C TRP B 837 10.56 -28.10 66.42
N GLN B 838 9.61 -27.74 65.56
CA GLN B 838 8.27 -27.26 65.91
C GLN B 838 8.23 -26.31 67.11
N TRP B 839 9.18 -25.37 67.21
CA TRP B 839 9.15 -24.42 68.31
C TRP B 839 7.88 -23.60 68.29
N TRP B 840 7.38 -23.26 67.10
CA TRP B 840 6.14 -22.51 67.00
C TRP B 840 4.97 -23.33 67.55
N ARG B 841 4.98 -24.64 67.26
CA ARG B 841 3.96 -25.53 67.80
C ARG B 841 3.92 -25.50 69.32
N LEU B 842 5.11 -25.42 69.95
CA LEU B 842 5.21 -25.58 71.40
C LEU B 842 4.26 -24.64 72.15
N PHE B 843 4.10 -23.41 71.67
CA PHE B 843 3.17 -22.47 72.29
C PHE B 843 1.97 -22.13 71.44
N THR B 844 1.92 -22.56 70.17
CA THR B 844 0.78 -22.30 69.30
C THR B 844 0.36 -23.57 68.58
N LYS B 845 0.18 -24.65 69.33
CA LYS B 845 -0.49 -25.83 68.78
C LYS B 845 -1.84 -25.48 68.17
N VAL B 846 -2.44 -24.38 68.61
CA VAL B 846 -3.71 -23.91 68.07
C VAL B 846 -3.46 -22.68 67.20
N LYS B 847 -2.28 -22.58 66.62
CA LYS B 847 -1.99 -21.45 65.72
C LYS B 847 -2.96 -21.35 64.54
N PRO B 848 -3.36 -22.43 63.87
CA PRO B 848 -4.41 -22.27 62.84
C PRO B 848 -5.71 -21.74 63.41
N LEU B 849 -6.04 -22.10 64.66
CA LEU B 849 -7.25 -21.58 65.28
C LEU B 849 -7.20 -20.07 65.44
N LEU B 850 -6.07 -19.54 65.90
CA LEU B 850 -5.93 -18.08 66.00
C LEU B 850 -5.77 -17.44 64.62
N GLN B 851 -5.35 -18.21 63.62
CA GLN B 851 -5.28 -17.70 62.25
C GLN B 851 -6.65 -17.59 61.61
N VAL B 852 -7.60 -18.43 62.02
CA VAL B 852 -8.92 -18.47 61.41
C VAL B 852 -9.96 -17.72 62.27
N THR B 853 -9.52 -16.86 63.17
CA THR B 853 -10.45 -16.08 63.97
C THR B 853 -11.25 -15.10 63.12
N ARG B 854 -10.58 -14.10 62.55
CA ARG B 854 -11.28 -13.06 61.79
C ARG B 854 -10.59 -12.72 60.48
N GLN B 855 -9.27 -12.91 60.42
CA GLN B 855 -8.50 -12.50 59.25
C GLN B 855 -8.68 -13.45 58.06
N GLU B 856 -8.92 -14.72 58.35
CA GLU B 856 -9.06 -15.71 57.28
C GLU B 856 -10.19 -15.33 56.34
N GLU B 857 -11.24 -14.67 56.86
CA GLU B 857 -12.35 -14.26 56.02
C GLU B 857 -11.88 -13.30 54.93
N GLU B 858 -11.08 -12.30 55.29
CA GLU B 858 -10.64 -11.35 54.28
C GLU B 858 -9.55 -11.93 53.38
N MET B 859 -8.66 -12.79 53.88
CA MET B 859 -7.74 -13.42 52.94
C MET B 859 -8.49 -14.29 51.93
N GLN B 860 -9.48 -15.06 52.39
CA GLN B 860 -10.27 -15.87 51.48
C GLN B 860 -11.03 -15.00 50.48
N ALA B 861 -11.61 -13.90 50.94
CA ALA B 861 -12.34 -13.01 50.04
C ALA B 861 -11.41 -12.42 48.99
N LYS B 862 -10.22 -11.95 49.39
CA LYS B 862 -9.29 -11.40 48.43
C LYS B 862 -8.82 -12.46 47.43
N ASP B 863 -8.53 -13.67 47.90
CA ASP B 863 -8.07 -14.72 47.00
C ASP B 863 -9.16 -15.10 46.00
N GLU B 864 -10.41 -15.22 46.48
CA GLU B 864 -11.51 -15.56 45.58
C GLU B 864 -11.76 -14.44 44.57
N GLU B 865 -11.70 -13.19 45.01
CA GLU B 865 -11.87 -12.07 44.09
C GLU B 865 -10.78 -12.07 43.03
N LEU B 866 -9.53 -12.30 43.44
CA LEU B 866 -8.42 -12.29 42.48
C LEU B 866 -8.57 -13.43 41.47
N GLN B 867 -8.91 -14.63 41.94
CA GLN B 867 -9.01 -15.77 41.03
C GLN B 867 -10.22 -15.61 40.09
N ARG B 868 -11.32 -15.05 40.61
CA ARG B 868 -12.48 -14.82 39.75
C ARG B 868 -12.20 -13.74 38.72
N THR B 869 -11.46 -12.69 39.09
CA THR B 869 -11.05 -11.69 38.13
C THR B 869 -10.13 -12.30 37.07
N LYS B 870 -9.23 -13.19 37.49
CA LYS B 870 -8.36 -13.88 36.54
C LYS B 870 -9.18 -14.71 35.56
N GLU B 871 -10.17 -15.45 36.07
CA GLU B 871 -11.02 -16.26 35.20
C GLU B 871 -11.81 -15.39 34.23
N ARG B 872 -12.36 -14.28 34.72
CA ARG B 872 -13.12 -13.38 33.85
C ARG B 872 -12.23 -12.78 32.76
N GLN B 873 -11.01 -12.37 33.11
CA GLN B 873 -10.16 -11.74 32.11
C GLN B 873 -9.66 -12.76 31.09
N GLN B 874 -9.37 -13.99 31.51
CA GLN B 874 -8.95 -14.99 30.53
C GLN B 874 -10.12 -15.40 29.64
N LYS B 875 -11.34 -15.44 30.19
CA LYS B 875 -12.51 -15.67 29.35
C LYS B 875 -12.69 -14.55 28.34
N ALA B 876 -12.49 -13.30 28.78
CA ALA B 876 -12.60 -12.16 27.87
C ALA B 876 -11.53 -12.23 26.78
N GLU B 877 -10.31 -12.66 27.14
CA GLU B 877 -9.27 -12.82 26.13
C GLU B 877 -9.62 -13.90 25.13
N ALA B 878 -10.18 -15.01 25.59
CA ALA B 878 -10.65 -16.05 24.67
C ALA B 878 -11.75 -15.51 23.75
N GLU B 879 -12.66 -14.70 24.30
CA GLU B 879 -13.68 -14.08 23.47
C GLU B 879 -13.05 -13.16 22.43
N LEU B 880 -12.03 -12.40 22.82
CA LEU B 880 -11.35 -11.52 21.88
C LEU B 880 -10.67 -12.30 20.76
N LYS B 881 -10.03 -13.43 21.10
CA LYS B 881 -9.46 -14.29 20.07
C LYS B 881 -10.53 -14.80 19.13
N GLU B 882 -11.69 -15.18 19.67
CA GLU B 882 -12.80 -15.59 18.81
C GLU B 882 -13.27 -14.45 17.91
N LEU B 883 -13.31 -13.22 18.44
CA LEU B 883 -13.70 -12.07 17.63
C LEU B 883 -12.74 -11.87 16.48
N GLU B 884 -11.44 -11.96 16.76
CA GLU B 884 -10.44 -11.77 15.72
C GLU B 884 -10.52 -12.85 14.67
N GLN B 885 -10.70 -14.11 15.09
CA GLN B 885 -10.82 -15.20 14.12
C GLN B 885 -12.05 -15.03 13.25
N LYS B 886 -13.19 -14.66 13.85
CA LYS B 886 -14.40 -14.47 13.08
C LYS B 886 -14.26 -13.33 12.09
N HIS B 887 -13.64 -12.23 12.51
CA HIS B 887 -13.45 -11.10 11.60
C HIS B 887 -12.50 -11.45 10.47
N THR B 888 -11.45 -12.22 10.76
CA THR B 888 -10.54 -12.67 9.71
C THR B 888 -11.25 -13.56 8.71
N GLN B 889 -12.10 -14.46 9.19
CA GLN B 889 -12.89 -15.31 8.29
C GLN B 889 -13.83 -14.46 7.43
N LEU B 890 -14.46 -13.46 8.04
CA LEU B 890 -15.33 -12.55 7.30
C LEU B 890 -14.57 -11.84 6.19
N CYS B 891 -13.38 -11.32 6.51
CA CYS B 891 -12.59 -10.61 5.51
C CYS B 891 -12.15 -11.53 4.39
N GLU B 892 -11.71 -12.74 4.72
CA GLU B 892 -11.28 -13.68 3.69
C GLU B 892 -12.44 -14.05 2.77
N GLU B 893 -13.62 -14.29 3.34
CA GLU B 893 -14.78 -14.59 2.50
C GLU B 893 -15.18 -13.39 1.65
N LYS B 894 -15.00 -12.18 2.17
CA LYS B 894 -15.30 -10.99 1.35
C LYS B 894 -14.32 -10.86 0.18
N ASN B 895 -13.04 -11.17 0.40
CA ASN B 895 -12.08 -11.16 -0.69
C ASN B 895 -12.42 -12.23 -1.73
N LEU B 896 -12.81 -13.42 -1.27
CA LEU B 896 -13.25 -14.45 -2.20
C LEU B 896 -14.46 -13.98 -2.99
N LEU B 897 -15.40 -13.31 -2.31
CA LEU B 897 -16.56 -12.75 -2.97
C LEU B 897 -16.16 -11.79 -4.09
N GLN B 898 -15.31 -10.82 -3.77
CA GLN B 898 -15.00 -9.81 -4.77
C GLN B 898 -14.26 -10.42 -5.96
N GLU B 899 -13.31 -11.32 -5.70
CA GLU B 899 -12.56 -11.89 -6.83
C GLU B 899 -13.47 -12.75 -7.70
N LYS B 900 -14.33 -13.58 -7.10
CA LYS B 900 -15.17 -14.44 -7.92
C LYS B 900 -16.30 -13.67 -8.58
N LEU B 901 -16.72 -12.54 -8.00
CA LEU B 901 -17.71 -11.71 -8.69
C LEU B 901 -17.10 -10.97 -9.87
N GLN B 902 -15.84 -10.53 -9.73
CA GLN B 902 -15.14 -9.99 -10.89
C GLN B 902 -15.00 -11.04 -11.99
N ALA B 903 -14.66 -12.27 -11.61
CA ALA B 903 -14.61 -13.36 -12.58
C ALA B 903 -15.96 -13.59 -13.23
N GLU B 904 -17.03 -13.57 -12.43
CA GLU B 904 -18.37 -13.77 -12.98
C GLU B 904 -18.72 -12.68 -14.00
N THR B 905 -18.40 -11.42 -13.67
CA THR B 905 -18.72 -10.32 -14.57
C THR B 905 -17.93 -10.43 -15.88
N GLU B 906 -16.63 -10.73 -15.79
CA GLU B 906 -15.83 -10.84 -17.01
C GLU B 906 -16.30 -12.02 -17.86
N LEU B 907 -16.63 -13.15 -17.21
CA LEU B 907 -17.14 -14.29 -17.96
C LEU B 907 -18.47 -13.97 -18.64
N TYR B 908 -19.36 -13.27 -17.93
CA TYR B 908 -20.63 -12.87 -18.54
C TYR B 908 -20.39 -11.98 -19.76
N ALA B 909 -19.51 -10.99 -19.62
CA ALA B 909 -19.26 -10.07 -20.73
C ALA B 909 -18.69 -10.80 -21.94
N GLU B 910 -17.66 -11.61 -21.73
CA GLU B 910 -17.06 -12.33 -22.85
C GLU B 910 -18.04 -13.33 -23.45
N ALA B 911 -18.85 -13.98 -22.62
CA ALA B 911 -19.83 -14.93 -23.11
C ALA B 911 -20.87 -14.26 -24.00
N GLU B 912 -21.39 -13.11 -23.57
CA GLU B 912 -22.35 -12.39 -24.40
C GLU B 912 -21.72 -11.90 -25.69
N GLU B 913 -20.48 -11.41 -25.63
CA GLU B 913 -19.79 -10.96 -26.84
C GLU B 913 -19.65 -12.10 -27.85
N MET B 914 -19.07 -13.22 -27.41
CA MET B 914 -18.89 -14.34 -28.33
C MET B 914 -20.23 -14.92 -28.77
N ARG B 915 -21.24 -14.86 -27.91
CA ARG B 915 -22.56 -15.39 -28.23
C ARG B 915 -23.20 -14.60 -29.36
N VAL B 916 -23.15 -13.27 -29.28
CA VAL B 916 -23.69 -12.47 -30.38
C VAL B 916 -22.86 -12.68 -31.65
N ARG B 917 -21.54 -12.84 -31.51
CA ARG B 917 -20.72 -13.17 -32.67
C ARG B 917 -21.15 -14.49 -33.29
N LEU B 918 -21.40 -15.50 -32.44
CA LEU B 918 -21.81 -16.81 -32.90
C LEU B 918 -23.16 -16.76 -33.60
N ALA B 919 -24.10 -15.99 -33.05
CA ALA B 919 -25.41 -15.85 -33.69
C ALA B 919 -25.29 -15.20 -35.05
N ALA B 920 -24.49 -14.13 -35.15
CA ALA B 920 -24.29 -13.47 -36.44
C ALA B 920 -23.64 -14.41 -37.45
N LYS B 921 -22.64 -15.17 -37.02
CA LYS B 921 -21.99 -16.11 -37.93
C LYS B 921 -22.91 -17.25 -38.32
N LYS B 922 -23.79 -17.67 -37.42
CA LYS B 922 -24.80 -18.68 -37.77
C LYS B 922 -25.71 -18.16 -38.87
N GLN B 923 -26.24 -16.94 -38.68
CA GLN B 923 -27.11 -16.35 -39.70
C GLN B 923 -26.38 -16.24 -41.03
N GLU B 924 -25.12 -15.80 -40.99
CA GLU B 924 -24.29 -15.80 -42.19
C GLU B 924 -24.19 -17.19 -42.80
N LEU B 925 -24.13 -18.22 -41.94
CA LEU B 925 -24.04 -19.59 -42.45
C LEU B 925 -25.28 -19.98 -43.22
N GLU B 926 -26.47 -19.74 -42.66
CA GLU B 926 -27.68 -20.07 -43.42
C GLU B 926 -27.77 -19.23 -44.70
N GLU B 927 -27.40 -17.96 -44.63
CA GLU B 927 -27.45 -17.12 -45.83
C GLU B 927 -26.54 -17.66 -46.92
N ILE B 928 -25.32 -18.06 -46.56
CA ILE B 928 -24.38 -18.58 -47.55
C ILE B 928 -24.85 -19.93 -48.08
N LEU B 929 -25.45 -20.77 -47.22
CA LEU B 929 -26.00 -22.04 -47.70
C LEU B 929 -27.08 -21.81 -48.74
N HIS B 930 -28.04 -20.94 -48.44
CA HIS B 930 -29.13 -20.69 -49.40
C HIS B 930 -28.59 -20.06 -50.69
N GLU B 931 -27.66 -19.11 -50.58
CA GLU B 931 -27.09 -18.50 -51.77
C GLU B 931 -26.33 -19.51 -52.59
N MET B 932 -25.57 -20.40 -51.95
CA MET B 932 -24.83 -21.44 -52.66
C MET B 932 -25.78 -22.37 -53.40
N GLU B 933 -26.86 -22.79 -52.74
CA GLU B 933 -27.84 -23.66 -53.40
C GLU B 933 -28.44 -22.98 -54.62
N ALA B 934 -28.95 -21.75 -54.45
CA ALA B 934 -29.59 -21.06 -55.56
C ALA B 934 -28.60 -20.80 -56.70
N ARG B 935 -27.39 -20.38 -56.36
CA ARG B 935 -26.40 -20.05 -57.38
C ARG B 935 -25.97 -21.30 -58.16
N ILE B 936 -25.70 -22.40 -57.44
CA ILE B 936 -25.29 -23.62 -58.12
C ILE B 936 -26.41 -24.15 -59.00
N GLU B 937 -27.66 -24.03 -58.54
CA GLU B 937 -28.78 -24.39 -59.39
C GLU B 937 -28.78 -23.57 -60.67
N GLU B 938 -28.98 -22.25 -60.52
CA GLU B 938 -29.13 -21.39 -61.69
C GLU B 938 -27.96 -21.56 -62.65
N GLU B 939 -26.74 -21.74 -62.13
CA GLU B 939 -25.61 -21.92 -63.03
C GLU B 939 -25.66 -23.28 -63.71
N GLU B 940 -26.19 -24.31 -63.05
CA GLU B 940 -26.24 -25.61 -63.71
C GLU B 940 -27.27 -25.61 -64.84
N GLU B 941 -28.44 -25.01 -64.63
CA GLU B 941 -29.35 -24.85 -65.77
C GLU B 941 -28.74 -23.98 -66.86
N ARG B 942 -28.11 -22.86 -66.48
CA ARG B 942 -27.52 -21.99 -67.50
C ARG B 942 -26.49 -22.75 -68.33
N SER B 943 -25.61 -23.50 -67.67
CA SER B 943 -24.61 -24.28 -68.38
C SER B 943 -25.26 -25.31 -69.30
N GLN B 944 -26.01 -26.25 -68.72
CA GLN B 944 -26.52 -27.38 -69.48
C GLN B 944 -27.58 -26.99 -70.52
N GLN B 945 -28.10 -25.76 -70.50
CA GLN B 945 -28.99 -25.33 -71.58
C GLN B 945 -28.31 -24.36 -72.56
N LEU B 946 -27.77 -23.24 -72.08
CA LEU B 946 -27.20 -22.25 -72.99
C LEU B 946 -25.83 -22.65 -73.54
N GLN B 947 -25.23 -23.73 -73.04
CA GLN B 947 -23.92 -24.13 -73.56
C GLN B 947 -23.99 -24.56 -75.02
N ALA B 948 -25.16 -24.93 -75.52
CA ALA B 948 -25.31 -25.31 -76.91
C ALA B 948 -25.25 -24.08 -77.81
N ASP C 2 -19.78 61.19 43.69
CA ASP C 2 -19.30 59.82 43.75
C ASP C 2 -20.23 59.00 44.65
N PHE C 3 -20.19 57.68 44.48
CA PHE C 3 -20.99 56.78 45.31
C PHE C 3 -20.31 56.63 46.67
N SER C 4 -20.78 55.67 47.46
CA SER C 4 -20.15 55.38 48.74
C SER C 4 -18.78 54.73 48.51
N GLU C 5 -18.14 54.36 49.61
CA GLU C 5 -16.81 53.76 49.52
C GLU C 5 -16.82 52.35 48.93
N GLU C 6 -17.98 51.84 48.52
CA GLU C 6 -18.00 50.50 47.92
C GLU C 6 -17.30 50.49 46.57
N GLN C 7 -17.50 51.54 45.76
CA GLN C 7 -16.81 51.59 44.47
C GLN C 7 -15.32 51.84 44.66
N THR C 8 -14.95 52.64 45.67
CA THR C 8 -13.54 52.80 45.99
C THR C 8 -12.93 51.48 46.42
N ALA C 9 -13.68 50.67 47.17
CA ALA C 9 -13.18 49.36 47.56
C ALA C 9 -13.03 48.45 46.34
N GLU C 10 -13.96 48.52 45.39
CA GLU C 10 -13.83 47.74 44.17
C GLU C 10 -12.59 48.16 43.38
N PHE C 11 -12.35 49.47 43.27
CA PHE C 11 -11.15 49.95 42.59
C PHE C 11 -9.90 49.52 43.33
N LYS C 12 -9.93 49.51 44.66
CA LYS C 12 -8.77 49.07 45.44
C LYS C 12 -8.49 47.59 45.22
N GLU C 13 -9.53 46.75 45.22
CA GLU C 13 -9.29 45.32 45.02
C GLU C 13 -8.87 45.03 43.59
N ALA C 14 -9.32 45.83 42.62
CA ALA C 14 -8.77 45.72 41.27
C ALA C 14 -7.31 46.18 41.23
N PHE C 15 -6.99 47.21 42.02
CA PHE C 15 -5.62 47.71 42.10
C PHE C 15 -4.68 46.63 42.61
N GLN C 16 -5.05 45.97 43.71
CA GLN C 16 -4.28 44.83 44.17
C GLN C 16 -4.42 43.63 43.26
N LEU C 17 -5.45 43.60 42.42
CA LEU C 17 -5.58 42.52 41.45
C LEU C 17 -4.64 42.72 40.26
N PHE C 18 -4.48 43.96 39.80
CA PHE C 18 -3.55 44.29 38.73
C PHE C 18 -2.24 44.81 39.33
N ASP C 19 -1.59 43.95 40.13
CA ASP C 19 -0.39 44.33 40.85
C ASP C 19 0.88 43.80 40.21
N ARG C 20 0.81 43.23 39.01
CA ARG C 20 1.99 42.70 38.36
C ARG C 20 2.99 43.81 38.07
N THR C 21 4.28 43.48 38.16
CA THR C 21 5.37 44.43 37.97
C THR C 21 5.21 45.65 38.87
N GLY C 22 4.89 45.38 40.13
CA GLY C 22 4.68 46.44 41.10
C GLY C 22 3.22 46.83 41.24
N ASP C 23 2.68 46.69 42.46
CA ASP C 23 1.27 47.03 42.68
C ASP C 23 1.01 48.52 42.48
N GLY C 24 1.93 49.36 42.96
CA GLY C 24 1.73 50.80 42.96
C GLY C 24 1.48 51.42 41.59
N LYS C 25 2.39 51.17 40.65
CA LYS C 25 2.24 51.75 39.31
C LYS C 25 1.13 51.05 38.54
N ILE C 26 0.41 51.82 37.73
CA ILE C 26 -0.65 51.29 36.89
C ILE C 26 -0.34 51.63 35.44
N LEU C 27 -0.37 50.63 34.57
CA LEU C 27 -0.28 50.87 33.14
C LEU C 27 -1.62 51.35 32.61
N TYR C 28 -1.58 52.28 31.65
CA TYR C 28 -2.82 52.74 31.02
C TYR C 28 -3.54 51.61 30.32
N SER C 29 -2.80 50.64 29.77
CA SER C 29 -3.45 49.46 29.23
C SER C 29 -4.19 48.70 30.33
N GLN C 30 -3.55 48.52 31.48
CA GLN C 30 -4.16 47.80 32.59
C GLN C 30 -5.41 48.54 33.09
N CYS C 31 -5.29 49.85 33.31
CA CYS C 31 -6.43 50.61 33.81
C CYS C 31 -7.56 50.62 32.80
N GLY C 32 -7.23 50.77 31.51
CA GLY C 32 -8.25 50.71 30.49
C GLY C 32 -8.98 49.38 30.46
N ASP C 33 -8.24 48.29 30.56
CA ASP C 33 -8.87 46.97 30.59
C ASP C 33 -9.80 46.83 31.79
N VAL C 34 -9.32 47.22 32.97
CA VAL C 34 -10.13 47.01 34.18
C VAL C 34 -11.34 47.93 34.17
N MET C 35 -11.18 49.18 33.74
CA MET C 35 -12.34 50.08 33.68
C MET C 35 -13.35 49.59 32.66
N ARG C 36 -12.90 49.11 31.50
CA ARG C 36 -13.84 48.56 30.53
C ARG C 36 -14.64 47.43 31.16
N ALA C 37 -13.93 46.44 31.72
CA ALA C 37 -14.59 45.26 32.27
C ALA C 37 -15.51 45.60 33.44
N LEU C 38 -15.17 46.64 34.21
CA LEU C 38 -16.04 47.05 35.30
C LEU C 38 -17.18 47.93 34.78
N GLY C 39 -17.89 47.45 33.77
CA GLY C 39 -19.10 48.08 33.30
C GLY C 39 -18.96 49.43 32.61
N GLN C 40 -17.96 49.60 31.75
CA GLN C 40 -17.93 50.76 30.85
C GLN C 40 -17.48 50.31 29.46
N ASN C 41 -18.45 50.15 28.57
CA ASN C 41 -18.16 49.79 27.18
C ASN C 41 -17.27 50.79 26.46
N PRO C 42 -17.53 52.13 26.49
CA PRO C 42 -16.78 53.02 25.59
C PRO C 42 -15.31 53.14 25.95
N THR C 43 -14.45 52.55 25.11
CA THR C 43 -13.01 52.56 25.33
C THR C 43 -12.21 52.85 24.07
N ASN C 44 -12.83 52.93 22.90
CA ASN C 44 -12.09 53.00 21.64
C ASN C 44 -11.25 54.27 21.55
N ALA C 45 -11.90 55.43 21.52
CA ALA C 45 -11.22 56.69 21.25
C ALA C 45 -10.97 57.52 22.50
N GLU C 46 -11.07 56.91 23.68
CA GLU C 46 -10.92 57.63 24.93
C GLU C 46 -9.47 57.82 25.33
N VAL C 47 -8.51 57.27 24.58
CA VAL C 47 -7.10 57.46 24.92
C VAL C 47 -6.72 58.93 24.83
N MET C 48 -7.17 59.62 23.79
CA MET C 48 -6.90 61.05 23.66
C MET C 48 -7.70 61.86 24.69
N LYS C 49 -8.93 61.42 24.98
CA LYS C 49 -9.75 62.12 25.96
C LYS C 49 -9.25 61.92 27.38
N VAL C 50 -8.38 60.94 27.61
CA VAL C 50 -7.86 60.66 28.94
C VAL C 50 -6.46 61.25 29.09
N LEU C 51 -5.53 60.78 28.26
CA LEU C 51 -4.13 61.21 28.42
C LEU C 51 -3.97 62.69 28.14
N GLY C 52 -4.66 63.20 27.12
CA GLY C 52 -4.37 64.52 26.60
C GLY C 52 -3.12 64.56 25.74
N ASN C 53 -2.50 63.42 25.48
CA ASN C 53 -1.28 63.29 24.70
C ASN C 53 -1.33 61.99 23.91
N PRO C 54 -1.31 62.06 22.57
CA PRO C 54 -1.32 60.83 21.77
C PRO C 54 -0.08 59.96 21.94
N LYS C 55 0.85 60.32 22.83
CA LYS C 55 2.06 59.54 23.06
C LYS C 55 1.72 58.12 23.49
N SER C 56 2.03 57.15 22.65
CA SER C 56 1.79 55.73 22.93
C SER C 56 2.99 54.91 22.50
N ASP C 57 4.18 55.40 22.83
CA ASP C 57 5.43 54.79 22.39
C ASP C 57 6.10 53.93 23.45
N GLU C 58 6.01 54.31 24.72
CA GLU C 58 6.64 53.58 25.81
C GLU C 58 5.59 52.70 26.49
N MET C 59 5.72 51.39 26.30
CA MET C 59 4.83 50.45 26.98
C MET C 59 5.23 50.25 28.44
N ASN C 60 6.53 50.33 28.74
CA ASN C 60 7.00 50.01 30.09
C ASN C 60 6.55 51.05 31.11
N LEU C 61 6.64 52.33 30.76
CA LEU C 61 6.35 53.42 31.69
C LEU C 61 5.33 54.36 31.06
N LYS C 62 4.06 54.09 31.32
CA LYS C 62 2.96 55.00 30.97
C LYS C 62 2.29 55.40 32.29
N THR C 63 2.70 56.55 32.81
CA THR C 63 2.49 56.88 34.22
C THR C 63 1.02 57.10 34.53
N LEU C 64 0.55 56.42 35.58
CA LEU C 64 -0.79 56.61 36.12
C LEU C 64 -0.78 56.16 37.57
N LYS C 65 -1.54 56.86 38.41
CA LYS C 65 -1.60 56.58 39.84
C LYS C 65 -3.06 56.47 40.28
N PHE C 66 -3.28 55.68 41.34
CA PHE C 66 -4.63 55.43 41.81
C PHE C 66 -5.33 56.70 42.26
N GLU C 67 -4.58 57.71 42.69
CA GLU C 67 -5.19 58.94 43.19
C GLU C 67 -5.98 59.64 42.09
N GLN C 68 -5.30 60.06 41.03
CA GLN C 68 -5.98 60.69 39.90
C GLN C 68 -6.81 59.70 39.10
N PHE C 69 -6.68 58.40 39.37
CA PHE C 69 -7.46 57.39 38.67
C PHE C 69 -8.95 57.55 38.95
N LEU C 70 -9.30 57.96 40.18
CA LEU C 70 -10.72 58.05 40.55
C LEU C 70 -11.49 59.08 39.74
N PRO C 71 -11.07 60.35 39.63
CA PRO C 71 -11.82 61.28 38.78
C PRO C 71 -11.87 60.85 37.33
N MET C 72 -10.85 60.12 36.88
CA MET C 72 -10.83 59.61 35.52
C MET C 72 -12.02 58.70 35.28
N MET C 73 -12.30 57.84 36.26
CA MET C 73 -13.45 56.94 36.17
C MET C 73 -14.75 57.72 36.10
N GLN C 74 -14.86 58.80 36.86
CA GLN C 74 -16.09 59.61 36.81
C GLN C 74 -16.26 60.27 35.45
N THR C 75 -15.22 60.95 34.97
CA THR C 75 -15.31 61.64 33.69
C THR C 75 -15.46 60.68 32.52
N ILE C 76 -15.18 59.39 32.74
CA ILE C 76 -15.54 58.40 31.73
C ILE C 76 -17.00 57.95 31.92
N ALA C 77 -17.39 57.70 33.16
CA ALA C 77 -18.70 57.13 33.49
C ALA C 77 -19.83 58.12 33.31
N LYS C 78 -19.54 59.38 32.97
CA LYS C 78 -20.61 60.30 32.61
C LYS C 78 -21.32 59.86 31.33
N ASN C 79 -20.90 58.72 30.75
CA ASN C 79 -21.61 58.05 29.68
C ASN C 79 -21.75 58.96 28.45
N LYS C 80 -20.59 59.25 27.86
CA LYS C 80 -20.54 60.14 26.71
C LYS C 80 -21.25 59.58 25.48
N ASP C 81 -21.53 58.28 25.45
CA ASP C 81 -22.23 57.67 24.33
C ASP C 81 -22.98 56.44 24.81
N GLN C 82 -24.23 56.31 24.37
CA GLN C 82 -25.08 55.17 24.74
C GLN C 82 -25.91 54.79 23.52
N GLY C 83 -25.50 53.73 22.83
CA GLY C 83 -26.28 53.20 21.73
C GLY C 83 -27.19 52.06 22.18
N CYS C 84 -28.14 51.71 21.31
CA CYS C 84 -29.08 50.64 21.60
C CYS C 84 -29.25 49.78 20.35
N PHE C 85 -29.75 48.56 20.56
CA PHE C 85 -29.60 47.49 19.57
C PHE C 85 -30.30 47.78 18.24
N GLU C 86 -31.23 48.74 18.19
CA GLU C 86 -31.95 48.99 16.95
C GLU C 86 -31.01 49.38 15.82
N ASP C 87 -30.03 50.26 16.11
CA ASP C 87 -29.04 50.60 15.10
C ASP C 87 -28.17 49.41 14.75
N TYR C 88 -27.81 48.59 15.75
CA TYR C 88 -26.93 47.46 15.51
C TYR C 88 -27.61 46.43 14.62
N VAL C 89 -28.87 46.08 14.92
CA VAL C 89 -29.56 45.04 14.16
C VAL C 89 -29.83 45.51 12.74
N GLU C 90 -30.16 46.80 12.56
CA GLU C 90 -30.39 47.30 11.21
C GLU C 90 -29.11 47.28 10.39
N GLY C 91 -27.98 47.63 11.01
CA GLY C 91 -26.71 47.53 10.29
C GLY C 91 -26.39 46.10 9.87
N LEU C 92 -26.65 45.14 10.75
CA LEU C 92 -26.38 43.74 10.43
C LEU C 92 -27.36 43.21 9.39
N ARG C 93 -28.63 43.61 9.46
CA ARG C 93 -29.58 43.15 8.46
C ARG C 93 -29.30 43.76 7.09
N VAL C 94 -28.77 44.99 7.07
CA VAL C 94 -28.21 45.52 5.82
C VAL C 94 -27.02 44.67 5.39
N PHE C 95 -26.17 44.32 6.33
CA PHE C 95 -25.05 43.41 6.06
C PHE C 95 -25.54 42.01 5.72
N ASP C 96 -26.74 41.65 6.19
CA ASP C 96 -27.29 40.34 5.91
C ASP C 96 -27.65 40.22 4.43
N LYS C 97 -27.78 38.97 3.96
CA LYS C 97 -27.96 38.69 2.55
C LYS C 97 -29.33 38.12 2.20
N GLU C 98 -29.86 37.18 2.98
CA GLU C 98 -31.15 36.57 2.68
C GLU C 98 -32.16 36.76 3.81
N GLY C 99 -31.84 37.54 4.84
CA GLY C 99 -32.76 37.82 5.91
C GLY C 99 -32.81 36.79 7.02
N ASN C 100 -32.08 35.69 6.89
CA ASN C 100 -32.07 34.64 7.91
C ASN C 100 -30.68 34.27 8.41
N GLY C 101 -29.62 34.58 7.67
CA GLY C 101 -28.28 34.23 8.11
C GLY C 101 -27.93 32.79 7.80
N THR C 102 -27.92 32.42 6.52
CA THR C 102 -27.61 31.05 6.13
C THR C 102 -26.18 30.69 6.53
N VAL C 103 -25.19 31.35 5.93
CA VAL C 103 -23.79 31.14 6.26
C VAL C 103 -23.12 32.50 6.43
N MET C 104 -22.98 32.95 7.67
CA MET C 104 -22.46 34.28 7.96
C MET C 104 -20.99 34.26 8.39
N GLY C 105 -20.35 33.10 8.43
CA GLY C 105 -19.02 33.01 9.02
C GLY C 105 -17.97 33.79 8.25
N ALA C 106 -17.97 33.68 6.93
CA ALA C 106 -16.92 34.30 6.13
C ALA C 106 -17.06 35.81 6.10
N GLU C 107 -18.28 36.31 5.87
CA GLU C 107 -18.44 37.73 5.63
C GLU C 107 -18.26 38.56 6.89
N ILE C 108 -18.58 38.01 8.07
CA ILE C 108 -18.30 38.75 9.30
C ILE C 108 -16.79 38.91 9.48
N ARG C 109 -16.02 37.85 9.20
CA ARG C 109 -14.57 37.98 9.25
C ARG C 109 -14.07 39.00 8.24
N HIS C 110 -14.65 39.00 7.04
CA HIS C 110 -14.25 39.98 6.04
C HIS C 110 -14.52 41.40 6.53
N VAL C 111 -15.72 41.64 7.06
CA VAL C 111 -16.07 43.00 7.46
C VAL C 111 -15.24 43.45 8.66
N LEU C 112 -14.84 42.51 9.53
CA LEU C 112 -13.99 42.91 10.63
C LEU C 112 -12.53 43.08 10.22
N VAL C 113 -12.10 42.45 9.12
CA VAL C 113 -10.73 42.68 8.64
C VAL C 113 -10.64 43.84 7.67
N THR C 114 -11.77 44.37 7.19
CA THR C 114 -11.74 45.58 6.37
C THR C 114 -11.64 46.85 7.19
N LEU C 115 -11.86 46.79 8.50
CA LEU C 115 -11.77 47.98 9.34
C LEU C 115 -10.31 48.26 9.70
N GLY C 116 -9.93 49.53 9.59
CA GLY C 116 -8.54 49.91 9.87
C GLY C 116 -8.15 49.71 11.32
N GLU C 117 -9.02 50.12 12.25
CA GLU C 117 -8.72 50.03 13.69
C GLU C 117 -9.10 48.64 14.17
N LYS C 118 -8.17 47.70 13.97
CA LYS C 118 -8.34 46.32 14.39
C LYS C 118 -7.10 45.87 15.14
N MET C 119 -7.28 44.94 16.07
CA MET C 119 -6.20 44.59 16.97
C MET C 119 -5.92 43.09 17.07
N THR C 120 -6.95 42.25 16.97
CA THR C 120 -6.80 40.85 17.37
C THR C 120 -7.43 39.94 16.32
N GLU C 121 -6.86 38.74 16.20
CA GLU C 121 -7.42 37.65 15.42
C GLU C 121 -7.81 36.44 16.26
N GLU C 122 -7.13 36.21 17.38
CA GLU C 122 -7.51 35.09 18.24
C GLU C 122 -8.90 35.30 18.82
N GLU C 123 -9.29 36.55 19.09
CA GLU C 123 -10.68 36.81 19.44
C GLU C 123 -11.61 36.53 18.27
N VAL C 124 -11.16 36.79 17.05
CA VAL C 124 -11.98 36.53 15.88
C VAL C 124 -12.27 35.04 15.75
N GLU C 125 -11.27 34.19 16.04
CA GLU C 125 -11.55 32.76 16.06
C GLU C 125 -12.22 32.32 17.35
N GLN C 126 -12.14 33.12 18.41
CA GLN C 126 -12.75 32.79 19.70
C GLN C 126 -14.24 33.07 19.73
N LEU C 127 -14.74 33.97 18.88
CA LEU C 127 -16.16 34.34 18.93
C LEU C 127 -17.08 33.16 18.64
N VAL C 128 -16.56 32.06 18.08
CA VAL C 128 -17.38 30.88 17.82
C VAL C 128 -18.04 30.39 19.10
N ALA C 129 -17.38 30.55 20.25
CA ALA C 129 -17.98 30.18 21.51
C ALA C 129 -19.16 31.10 21.83
N GLY C 130 -20.12 30.56 22.58
CA GLY C 130 -21.30 31.32 22.97
C GLY C 130 -22.39 31.33 21.92
N HIS C 131 -22.87 30.14 21.55
CA HIS C 131 -24.03 29.94 20.68
C HIS C 131 -23.70 30.31 19.23
N GLU C 132 -22.51 30.85 18.98
CA GLU C 132 -22.07 31.15 17.63
C GLU C 132 -21.31 29.98 17.03
N ASP C 133 -21.91 28.79 17.10
CA ASP C 133 -21.19 27.57 16.79
C ASP C 133 -21.33 27.13 15.34
N SER C 134 -22.54 27.17 14.79
CA SER C 134 -22.79 26.65 13.45
C SER C 134 -22.27 27.64 12.42
N ASN C 135 -22.52 27.35 11.14
CA ASN C 135 -22.05 28.18 10.04
C ASN C 135 -22.90 29.45 9.96
N GLY C 136 -22.66 30.34 10.92
CA GLY C 136 -23.39 31.60 10.99
C GLY C 136 -24.89 31.41 11.13
N CYS C 137 -25.32 30.43 11.93
CA CYS C 137 -26.74 30.09 12.01
C CYS C 137 -27.56 31.22 12.59
N ILE C 138 -26.97 32.07 13.43
CA ILE C 138 -27.72 33.11 14.10
C ILE C 138 -28.12 34.19 13.11
N ASN C 139 -29.33 34.73 13.28
CA ASN C 139 -29.75 35.95 12.61
C ASN C 139 -29.38 37.19 13.40
N TYR C 140 -28.34 37.08 14.22
CA TYR C 140 -27.67 38.10 15.03
C TYR C 140 -28.45 38.50 16.28
N GLU C 141 -29.71 38.08 16.44
CA GLU C 141 -30.45 38.47 17.64
C GLU C 141 -29.88 37.79 18.88
N GLU C 142 -29.57 36.50 18.79
CA GLU C 142 -29.03 35.78 19.94
C GLU C 142 -27.68 36.34 20.36
N LEU C 143 -26.82 36.63 19.37
CA LEU C 143 -25.49 37.15 19.72
C LEU C 143 -25.56 38.57 20.25
N VAL C 144 -26.48 39.39 19.73
CA VAL C 144 -26.68 40.73 20.29
C VAL C 144 -27.16 40.63 21.73
N ARG C 145 -28.11 39.72 21.99
CA ARG C 145 -28.58 39.53 23.36
C ARG C 145 -27.46 39.07 24.27
N MET C 146 -26.61 38.15 23.78
CA MET C 146 -25.52 37.64 24.61
C MET C 146 -24.49 38.73 24.91
N VAL C 147 -24.11 39.51 23.89
CA VAL C 147 -23.10 40.55 24.13
C VAL C 147 -23.67 41.65 25.01
N LEU C 148 -24.97 41.95 24.88
CA LEU C 148 -25.61 42.96 25.73
C LEU C 148 -26.09 42.35 27.04
N SER C 149 -25.20 41.62 27.72
CA SER C 149 -25.51 41.03 29.01
C SER C 149 -24.33 41.12 29.97
N GLY C 150 -23.49 42.13 29.80
CA GLY C 150 -22.32 42.29 30.64
C GLY C 150 -22.13 43.71 31.15
N PRO D 14 -4.74 34.63 64.56
CA PRO D 14 -5.36 34.89 65.87
C PRO D 14 -4.51 34.39 67.03
N GLN D 15 -5.16 33.90 68.09
CA GLN D 15 -4.42 33.41 69.25
C GLN D 15 -3.57 32.20 68.89
N ARG D 16 -4.12 31.27 68.10
CA ARG D 16 -3.41 30.08 67.67
C ARG D 16 -2.86 29.28 68.85
N ALA D 17 -3.66 29.14 69.90
CA ALA D 17 -3.28 28.38 71.07
C ALA D 17 -3.85 26.97 71.09
N THR D 18 -4.87 26.70 70.28
CA THR D 18 -5.51 25.39 70.19
C THR D 18 -6.01 24.94 71.58
N SER D 19 -6.98 25.69 72.09
CA SER D 19 -7.53 25.39 73.41
C SER D 19 -8.14 23.98 73.44
N ASN D 20 -8.95 23.66 72.44
CA ASN D 20 -9.44 22.29 72.30
C ASN D 20 -8.30 21.39 71.82
N VAL D 21 -8.51 20.08 71.98
CA VAL D 21 -7.45 19.11 71.64
C VAL D 21 -7.64 18.79 70.16
N PHE D 22 -7.10 19.69 69.32
CA PHE D 22 -7.02 19.48 67.87
C PHE D 22 -8.39 19.12 67.28
N ALA D 23 -9.43 19.83 67.74
CA ALA D 23 -10.79 19.51 67.32
C ALA D 23 -11.03 19.82 65.85
N MET D 24 -10.25 20.71 65.24
CA MET D 24 -10.46 21.10 63.85
C MET D 24 -9.75 20.17 62.87
N PHE D 25 -9.97 18.88 63.04
CA PHE D 25 -9.36 17.87 62.18
C PHE D 25 -10.13 16.57 62.31
N ASP D 26 -9.93 15.68 61.34
CA ASP D 26 -10.49 14.34 61.43
C ASP D 26 -9.83 13.58 62.58
N GLN D 27 -10.58 12.64 63.16
CA GLN D 27 -10.08 11.92 64.32
C GLN D 27 -9.35 10.63 63.97
N SER D 28 -9.28 10.24 62.70
CA SER D 28 -8.54 9.03 62.36
C SER D 28 -7.08 9.16 62.78
N GLN D 29 -6.50 10.33 62.48
CA GLN D 29 -5.09 10.56 62.78
C GLN D 29 -4.79 10.42 64.25
N ILE D 30 -5.78 10.63 65.14
CA ILE D 30 -5.47 10.42 66.54
C ILE D 30 -5.48 8.93 66.90
N GLN D 31 -6.20 8.07 66.18
CA GLN D 31 -5.93 6.63 66.39
C GLN D 31 -4.55 6.25 65.87
N GLU D 32 -4.13 6.78 64.71
CA GLU D 32 -2.74 6.48 64.34
C GLU D 32 -1.75 7.04 65.36
N PHE D 33 -2.06 8.20 65.95
CA PHE D 33 -1.16 8.80 66.92
C PHE D 33 -1.13 8.00 68.22
N LYS D 34 -2.27 7.44 68.64
CA LYS D 34 -2.25 6.61 69.85
C LYS D 34 -1.57 5.28 69.59
N GLU D 35 -1.67 4.73 68.38
CA GLU D 35 -0.88 3.56 68.05
C GLU D 35 0.62 3.87 68.10
N ALA D 36 1.01 5.02 67.56
CA ALA D 36 2.41 5.44 67.64
C ALA D 36 2.85 5.63 69.09
N PHE D 37 1.99 6.24 69.91
CA PHE D 37 2.29 6.43 71.32
C PHE D 37 2.46 5.10 72.04
N ASN D 38 1.56 4.15 71.76
CA ASN D 38 1.66 2.85 72.40
C ASN D 38 2.93 2.12 71.99
N MET D 39 3.31 2.22 70.71
CA MET D 39 4.50 1.50 70.27
C MET D 39 5.79 2.18 70.72
N ILE D 40 5.80 3.50 70.91
CA ILE D 40 6.98 4.13 71.48
C ILE D 40 7.06 3.88 72.98
N ASP D 41 5.92 3.82 73.68
CA ASP D 41 5.90 3.66 75.13
C ASP D 41 6.15 2.19 75.47
N GLN D 42 7.43 1.82 75.48
CA GLN D 42 7.77 0.48 75.94
C GLN D 42 7.51 0.32 77.43
N ASN D 43 7.66 1.39 78.21
CA ASN D 43 7.21 1.37 79.59
C ASN D 43 5.69 1.24 79.66
N ARG D 44 4.98 1.76 78.65
CA ARG D 44 3.53 1.63 78.53
C ARG D 44 2.80 2.23 79.73
N ASP D 45 3.39 3.26 80.34
CA ASP D 45 2.77 3.97 81.45
C ASP D 45 1.93 5.16 80.99
N GLY D 46 1.80 5.37 79.69
CA GLY D 46 1.12 6.53 79.17
C GLY D 46 1.96 7.78 79.05
N PHE D 47 3.27 7.67 79.25
CA PHE D 47 4.17 8.82 79.20
C PHE D 47 5.47 8.42 78.52
N ILE D 48 6.01 9.33 77.70
CA ILE D 48 7.30 9.05 77.09
C ILE D 48 8.41 9.11 78.14
N ASP D 49 9.57 8.58 77.78
CA ASP D 49 10.68 8.51 78.72
C ASP D 49 12.00 8.43 77.96
N LYS D 50 13.07 8.82 78.65
CA LYS D 50 14.41 8.54 78.15
C LYS D 50 14.57 7.04 77.91
N GLU D 51 14.05 6.22 78.82
CA GLU D 51 14.04 4.78 78.62
C GLU D 51 13.23 4.40 77.39
N ASP D 52 12.09 5.06 77.19
CA ASP D 52 11.22 4.74 76.06
C ASP D 52 11.91 4.98 74.73
N LEU D 53 12.23 6.24 74.43
CA LEU D 53 12.65 6.62 73.10
C LEU D 53 14.05 6.09 72.78
N HIS D 54 14.96 6.10 73.76
CA HIS D 54 16.35 5.74 73.47
C HIS D 54 16.48 4.29 73.02
N ASP D 55 15.45 3.48 73.22
CA ASP D 55 15.42 2.11 72.70
C ASP D 55 14.42 1.92 71.57
N MET D 56 13.25 2.56 71.62
CA MET D 56 12.34 2.47 70.48
C MET D 56 12.85 3.21 69.26
N LEU D 57 13.47 4.39 69.43
CA LEU D 57 14.13 5.01 68.30
C LEU D 57 15.32 4.17 67.85
N ALA D 58 16.01 3.54 68.80
CA ALA D 58 17.12 2.66 68.46
C ALA D 58 16.67 1.38 67.77
N SER D 59 15.38 1.06 67.79
CA SER D 59 14.90 -0.12 67.08
C SER D 59 15.19 -0.02 65.60
N MET D 60 14.91 1.14 65.00
CA MET D 60 15.30 1.41 63.62
C MET D 60 16.57 2.24 63.51
N GLY D 61 16.85 3.09 64.49
CA GLY D 61 18.05 3.88 64.50
C GLY D 61 19.26 3.11 64.99
N LYS D 62 20.36 3.82 65.16
CA LYS D 62 21.63 3.23 65.56
C LYS D 62 22.19 3.92 66.80
N ASN D 63 21.32 4.15 67.79
CA ASN D 63 21.70 4.75 69.08
C ASN D 63 22.37 6.11 68.83
N PRO D 64 21.60 7.11 68.42
CA PRO D 64 22.21 8.41 68.10
C PRO D 64 22.86 9.05 69.32
N THR D 65 23.96 9.76 69.07
CA THR D 65 24.68 10.44 70.13
C THR D 65 24.10 11.81 70.48
N ASP D 66 23.39 12.44 69.54
CA ASP D 66 22.81 13.74 69.81
C ASP D 66 21.60 13.60 70.73
N GLU D 67 21.51 14.50 71.70
CA GLU D 67 20.49 14.42 72.74
C GLU D 67 19.23 15.21 72.37
N TYR D 68 18.62 14.90 71.24
CA TYR D 68 17.41 15.60 70.82
C TYR D 68 16.13 15.01 71.39
N LEU D 69 16.17 13.81 71.98
CA LEU D 69 15.01 13.36 72.76
C LEU D 69 14.84 14.22 74.00
N GLU D 70 15.96 14.65 74.60
CA GLU D 70 15.86 15.77 75.54
C GLU D 70 15.40 17.03 74.85
N GLY D 71 15.56 17.12 73.53
CA GLY D 71 14.93 18.21 72.78
C GLY D 71 13.42 18.15 72.88
N MET D 72 12.84 16.95 72.72
CA MET D 72 11.40 16.81 72.92
C MET D 72 11.01 17.08 74.37
N MET D 73 11.68 16.44 75.33
CA MET D 73 11.26 16.59 76.73
C MET D 73 11.55 17.99 77.25
N SER D 74 12.32 18.79 76.53
CA SER D 74 12.52 20.20 76.84
C SER D 74 11.59 21.10 76.05
N GLU D 75 11.17 20.68 74.86
CA GLU D 75 10.14 21.42 74.13
C GLU D 75 8.84 21.44 74.92
N ALA D 76 8.46 20.30 75.48
CA ALA D 76 7.38 20.23 76.47
C ALA D 76 7.99 19.69 77.76
N PRO D 77 8.12 20.52 78.80
CA PRO D 77 8.93 20.14 79.96
C PRO D 77 8.42 18.87 80.62
N GLY D 78 9.38 18.03 81.06
CA GLY D 78 9.07 16.79 81.72
C GLY D 78 8.54 15.75 80.75
N PRO D 79 8.20 14.57 81.25
CA PRO D 79 7.52 13.58 80.40
C PRO D 79 6.19 14.13 79.91
N ILE D 80 5.87 13.85 78.66
CA ILE D 80 4.71 14.45 78.01
C ILE D 80 3.54 13.48 78.06
N ASN D 81 2.36 14.02 78.30
CA ASN D 81 1.14 13.21 78.33
C ASN D 81 0.73 12.85 76.90
N PHE D 82 -0.17 11.87 76.81
CA PHE D 82 -0.78 11.52 75.53
C PHE D 82 -1.42 12.74 74.89
N THR D 83 -2.23 13.46 75.67
CA THR D 83 -2.87 14.67 75.16
C THR D 83 -1.85 15.75 74.85
N MET D 84 -0.76 15.82 75.60
CA MET D 84 0.28 16.80 75.31
C MET D 84 0.94 16.54 73.97
N PHE D 85 1.25 15.27 73.69
CA PHE D 85 1.79 14.89 72.39
C PHE D 85 0.79 15.21 71.28
N LEU D 86 -0.49 14.88 71.51
CA LEU D 86 -1.51 15.15 70.51
C LEU D 86 -1.65 16.64 70.22
N THR D 87 -1.60 17.48 71.25
CA THR D 87 -1.76 18.91 71.00
C THR D 87 -0.49 19.54 70.42
N MET D 88 0.70 19.03 70.75
CA MET D 88 1.89 19.58 70.14
C MET D 88 2.02 19.14 68.68
N PHE D 89 1.39 18.04 68.28
CA PHE D 89 1.12 17.85 66.85
C PHE D 89 -0.04 18.71 66.35
N GLY D 90 -1.04 18.99 67.19
CA GLY D 90 -2.17 19.77 66.73
C GLY D 90 -1.78 21.16 66.30
N GLU D 91 -0.83 21.78 67.02
CA GLU D 91 -0.34 23.09 66.61
C GLU D 91 0.46 23.03 65.30
N LYS D 92 0.84 21.84 64.86
CA LYS D 92 1.61 21.68 63.63
C LYS D 92 0.76 21.55 62.38
N LEU D 93 -0.58 21.49 62.51
CA LEU D 93 -1.47 21.34 61.36
C LEU D 93 -2.43 22.51 61.32
N ASN D 94 -2.41 23.24 60.21
CA ASN D 94 -3.28 24.39 59.99
C ASN D 94 -3.12 24.83 58.54
N GLY D 95 -4.22 25.34 57.98
CA GLY D 95 -4.18 25.85 56.62
C GLY D 95 -3.83 24.81 55.57
N THR D 96 -4.06 23.54 55.85
CA THR D 96 -3.76 22.46 54.91
C THR D 96 -4.95 21.52 54.82
N ASP D 97 -5.00 20.76 53.73
CA ASP D 97 -6.10 19.87 53.43
C ASP D 97 -5.56 18.62 52.77
N PRO D 98 -6.31 17.51 52.78
CA PRO D 98 -5.80 16.27 52.18
C PRO D 98 -5.58 16.35 50.67
N GLU D 99 -5.08 15.27 50.09
CA GLU D 99 -4.58 15.27 48.72
C GLU D 99 -5.65 15.58 47.69
N ASP D 100 -6.92 15.34 48.01
CA ASP D 100 -7.98 15.43 46.99
C ASP D 100 -8.05 16.84 46.40
N VAL D 101 -8.03 17.87 47.26
CA VAL D 101 -8.23 19.22 46.79
C VAL D 101 -7.01 19.70 45.99
N ILE D 102 -5.80 19.34 46.43
CA ILE D 102 -4.61 19.72 45.68
C ILE D 102 -4.60 19.04 44.31
N ARG D 103 -4.98 17.76 44.26
CA ARG D 103 -5.06 17.06 42.99
C ARG D 103 -6.07 17.71 42.07
N ASN D 104 -7.24 18.09 42.61
CA ASN D 104 -8.25 18.74 41.80
C ASN D 104 -7.77 20.09 41.27
N ALA D 105 -7.07 20.86 42.12
CA ALA D 105 -6.56 22.15 41.67
C ALA D 105 -5.52 21.98 40.57
N PHE D 106 -4.56 21.08 40.76
CA PHE D 106 -3.58 20.78 39.72
C PHE D 106 -4.25 20.29 38.44
N ALA D 107 -5.36 19.58 38.55
CA ALA D 107 -6.12 19.22 37.35
C ALA D 107 -6.74 20.46 36.72
N CYS D 108 -7.15 21.44 37.54
CA CYS D 108 -7.84 22.61 37.03
C CYS D 108 -6.90 23.53 36.25
N PHE D 109 -5.73 23.85 36.81
CA PHE D 109 -4.95 24.96 36.27
C PHE D 109 -4.49 24.68 34.85
N ASP D 110 -4.08 23.44 34.55
CA ASP D 110 -3.76 23.03 33.20
C ASP D 110 -4.77 21.98 32.75
N GLU D 111 -5.37 22.20 31.59
CA GLU D 111 -6.46 21.33 31.14
C GLU D 111 -5.96 19.92 30.84
N GLU D 112 -4.74 19.81 30.31
CA GLU D 112 -4.22 18.50 29.92
C GLU D 112 -4.11 17.55 31.11
N ALA D 113 -3.89 18.09 32.31
CA ALA D 113 -3.77 17.33 33.55
C ALA D 113 -2.62 16.33 33.52
N SER D 114 -1.73 16.42 32.53
CA SER D 114 -0.59 15.51 32.45
C SER D 114 0.50 15.84 33.47
N GLY D 115 0.36 16.94 34.21
CA GLY D 115 1.38 17.35 35.14
C GLY D 115 2.67 17.79 34.48
N PHE D 116 2.57 18.44 33.33
CA PHE D 116 3.75 18.98 32.63
C PHE D 116 3.91 20.46 32.96
N ILE D 117 4.19 20.72 34.24
CA ILE D 117 4.30 22.07 34.76
C ILE D 117 5.69 22.59 34.38
N HIS D 118 5.77 23.33 33.28
CA HIS D 118 7.06 23.82 32.80
C HIS D 118 7.70 24.75 33.83
N GLU D 119 9.03 24.69 33.89
CA GLU D 119 9.76 25.44 34.92
C GLU D 119 9.46 26.93 34.83
N ASP D 120 9.51 27.48 33.62
CA ASP D 120 9.11 28.88 33.44
C ASP D 120 7.65 29.07 33.79
N HIS D 121 6.78 28.17 33.33
CA HIS D 121 5.37 28.24 33.69
C HIS D 121 5.17 28.08 35.18
N LEU D 122 5.91 27.15 35.80
CA LEU D 122 5.79 26.94 37.24
C LEU D 122 6.15 28.19 38.02
N ARG D 123 7.30 28.79 37.70
CA ARG D 123 7.73 29.98 38.43
C ARG D 123 6.79 31.15 38.16
N GLU D 124 6.30 31.29 36.93
CA GLU D 124 5.36 32.36 36.62
C GLU D 124 4.07 32.20 37.42
N LEU D 125 3.54 30.98 37.49
CA LEU D 125 2.30 30.74 38.19
C LEU D 125 2.45 30.79 39.70
N LEU D 126 3.67 30.56 40.21
CA LEU D 126 3.88 30.51 41.66
C LEU D 126 4.38 31.83 42.24
N THR D 127 5.54 32.30 41.78
CA THR D 127 6.20 33.42 42.44
C THR D 127 5.56 34.77 42.12
N THR D 128 4.96 34.91 40.94
CA THR D 128 4.64 36.25 40.45
C THR D 128 3.36 36.79 41.07
N MET D 129 2.23 36.14 40.83
CA MET D 129 0.95 36.66 41.28
C MET D 129 0.60 36.10 42.65
N GLY D 130 -0.55 36.52 43.19
CA GLY D 130 -0.95 36.11 44.52
C GLY D 130 -0.13 36.80 45.59
N ASP D 131 -0.02 36.15 46.76
CA ASP D 131 0.76 36.69 47.86
C ASP D 131 2.23 36.76 47.46
N ARG D 132 2.79 37.97 47.42
CA ARG D 132 4.16 38.16 46.95
C ARG D 132 5.16 37.53 47.91
N PHE D 133 6.03 36.67 47.37
CA PHE D 133 7.10 36.06 48.13
C PHE D 133 8.28 35.84 47.20
N THR D 134 9.45 35.61 47.79
CA THR D 134 10.69 35.63 47.03
C THR D 134 10.93 34.33 46.29
N ASP D 135 11.35 34.45 45.03
CA ASP D 135 11.73 33.28 44.25
C ASP D 135 12.93 32.56 44.87
N GLU D 136 13.76 33.27 45.63
CA GLU D 136 14.91 32.62 46.27
C GLU D 136 14.44 31.60 47.31
N GLU D 137 13.42 31.94 48.10
CA GLU D 137 12.86 30.95 49.01
C GLU D 137 11.97 29.96 48.29
N VAL D 138 11.43 30.35 47.13
CA VAL D 138 10.71 29.40 46.28
C VAL D 138 11.66 28.32 45.78
N ASP D 139 12.95 28.64 45.64
CA ASP D 139 13.92 27.69 45.10
C ASP D 139 14.07 26.46 45.98
N GLU D 140 13.63 26.51 47.24
CA GLU D 140 13.61 25.30 48.06
C GLU D 140 12.75 24.22 47.44
N MET D 141 11.72 24.60 46.68
CA MET D 141 10.94 23.65 45.91
C MET D 141 11.70 23.08 44.72
N TYR D 142 12.87 23.64 44.40
CA TYR D 142 13.67 23.19 43.26
C TYR D 142 14.89 22.38 43.70
N ARG D 143 15.65 22.88 44.68
CA ARG D 143 16.86 22.19 45.10
C ARG D 143 16.57 20.92 45.89
N GLU D 144 15.34 20.75 46.39
CA GLU D 144 14.99 19.58 47.19
C GLU D 144 13.95 18.71 46.48
N ALA D 145 12.81 19.28 46.10
CA ALA D 145 11.76 18.50 45.47
C ALA D 145 12.22 18.02 44.10
N PRO D 146 11.99 16.75 43.75
CA PRO D 146 12.42 16.23 42.45
C PRO D 146 11.59 16.76 41.30
N ILE D 147 12.17 17.63 40.49
CA ILE D 147 11.50 18.18 39.31
C ILE D 147 11.78 17.27 38.12
N ASP D 148 10.78 17.11 37.27
CA ASP D 148 10.97 16.35 36.04
C ASP D 148 11.85 17.13 35.07
N LYS D 149 12.41 16.40 34.11
CA LYS D 149 13.37 16.97 33.18
C LYS D 149 12.68 17.86 32.15
N LYS D 150 13.51 18.45 31.26
CA LYS D 150 13.08 19.34 30.16
C LYS D 150 12.10 20.41 30.62
N GLY D 151 12.15 20.80 31.89
CA GLY D 151 11.37 21.91 32.40
C GLY D 151 10.05 21.59 33.07
N ASN D 152 9.31 20.63 32.51
CA ASN D 152 8.03 20.26 33.10
C ASN D 152 8.23 19.63 34.47
N PHE D 153 7.23 19.78 35.33
CA PHE D 153 7.31 19.36 36.72
C PHE D 153 6.09 18.52 37.07
N ASN D 154 6.30 17.24 37.36
CA ASN D 154 5.22 16.34 37.72
C ASN D 154 4.65 16.71 39.09
N TYR D 155 3.36 16.42 39.28
CA TYR D 155 2.67 16.80 40.50
C TYR D 155 2.17 15.62 41.33
N VAL D 156 1.85 14.47 40.71
CA VAL D 156 1.30 13.36 41.47
C VAL D 156 2.30 12.86 42.49
N GLU D 157 3.56 12.70 42.08
CA GLU D 157 4.61 12.36 43.04
C GLU D 157 4.82 13.51 44.02
N PHE D 158 4.70 14.75 43.54
CA PHE D 158 4.81 15.90 44.43
C PHE D 158 3.69 15.89 45.46
N THR D 159 2.46 15.64 45.04
CA THR D 159 1.36 15.57 45.99
C THR D 159 1.56 14.45 47.00
N ARG D 160 2.04 13.29 46.52
CA ARG D 160 2.27 12.17 47.42
C ARG D 160 3.34 12.49 48.46
N ILE D 161 4.42 13.14 48.05
CA ILE D 161 5.47 13.48 49.02
C ILE D 161 5.03 14.60 49.94
N LEU D 162 4.18 15.53 49.46
CA LEU D 162 3.61 16.53 50.34
C LEU D 162 2.76 15.89 51.41
N LYS D 163 1.94 14.90 51.03
CA LYS D 163 1.19 14.12 52.01
C LYS D 163 2.11 13.03 52.57
N HIS D 164 1.52 12.10 53.33
CA HIS D 164 2.27 10.99 53.90
C HIS D 164 2.41 9.82 52.94
N GLY D 165 1.87 9.92 51.72
CA GLY D 165 1.90 8.80 50.81
C GLY D 165 3.29 8.38 50.40
N ALA D 166 4.17 9.35 50.14
CA ALA D 166 5.50 9.04 49.64
C ALA D 166 6.54 9.88 50.37
N LYS D 167 7.76 9.36 50.42
CA LYS D 167 8.91 10.06 50.99
C LYS D 167 10.09 9.96 50.03
N ASP D 168 10.91 11.01 50.03
CA ASP D 168 12.05 11.06 49.11
C ASP D 168 13.06 9.96 49.41
N LYS D 169 13.33 9.70 50.69
CA LYS D 169 14.34 8.73 51.10
C LYS D 169 13.88 8.04 52.37
N ASP D 170 14.73 7.13 52.86
CA ASP D 170 14.45 6.40 54.09
C ASP D 170 15.73 6.35 54.92
N ASP D 171 15.55 6.23 56.24
CA ASP D 171 16.68 6.18 57.16
C ASP D 171 17.37 4.83 57.09
N GLN E 15 14.06 -0.65 84.38
CA GLN E 15 13.36 -0.82 83.10
C GLN E 15 13.07 -2.28 82.83
N ARG E 16 12.43 -2.55 81.69
CA ARG E 16 12.21 -3.93 81.27
C ARG E 16 13.48 -4.57 80.76
N ALA E 17 14.39 -3.78 80.18
CA ALA E 17 15.72 -4.22 79.78
C ALA E 17 15.67 -5.38 78.79
N THR E 18 15.09 -5.11 77.62
CA THR E 18 15.08 -6.06 76.52
C THR E 18 15.22 -5.30 75.21
N SER E 19 16.11 -5.77 74.34
CA SER E 19 16.35 -5.13 73.05
C SER E 19 17.18 -6.07 72.19
N ASN E 20 17.15 -5.82 70.89
CA ASN E 20 17.95 -6.59 69.93
C ASN E 20 18.01 -5.81 68.63
N VAL E 21 18.82 -6.31 67.70
CA VAL E 21 18.95 -5.71 66.37
C VAL E 21 17.71 -6.08 65.57
N PHE E 22 17.02 -5.07 65.04
CA PHE E 22 15.74 -5.28 64.38
C PHE E 22 15.93 -5.56 62.89
N ALA E 23 15.13 -6.48 62.37
CA ALA E 23 15.11 -6.77 60.95
C ALA E 23 13.73 -7.30 60.57
N MET E 24 13.28 -6.93 59.37
CA MET E 24 11.98 -7.34 58.87
C MET E 24 12.08 -8.70 58.19
N PHE E 25 11.10 -9.56 58.44
CA PHE E 25 11.03 -10.87 57.81
C PHE E 25 9.80 -11.04 56.94
N ASP E 26 8.62 -10.68 57.46
CA ASP E 26 7.38 -10.76 56.70
C ASP E 26 6.50 -9.58 57.13
N GLN E 27 6.42 -8.56 56.27
CA GLN E 27 5.62 -7.38 56.59
C GLN E 27 4.15 -7.74 56.73
N SER E 28 3.64 -8.60 55.86
CA SER E 28 2.25 -9.02 55.88
C SER E 28 1.92 -9.98 57.00
N GLN E 29 2.84 -10.21 57.94
CA GLN E 29 2.60 -11.12 59.06
C GLN E 29 2.64 -10.43 60.41
N ILE E 30 3.35 -9.31 60.55
CA ILE E 30 3.51 -8.67 61.85
C ILE E 30 2.17 -8.16 62.37
N GLN E 31 1.32 -7.65 61.48
CA GLN E 31 0.02 -7.16 61.91
C GLN E 31 -0.83 -8.29 62.51
N GLU E 32 -0.79 -9.47 61.89
CA GLU E 32 -1.44 -10.63 62.49
C GLU E 32 -0.75 -11.02 63.80
N PHE E 33 0.58 -10.86 63.85
CA PHE E 33 1.29 -11.11 65.10
C PHE E 33 0.87 -10.13 66.18
N LYS E 34 0.67 -8.86 65.82
CA LYS E 34 0.22 -7.89 66.82
C LYS E 34 -1.22 -8.17 67.26
N GLU E 35 -2.07 -8.64 66.34
CA GLU E 35 -3.41 -9.05 66.75
C GLU E 35 -3.35 -10.23 67.71
N ALA E 36 -2.48 -11.20 67.42
CA ALA E 36 -2.31 -12.34 68.31
C ALA E 36 -1.81 -11.90 69.68
N PHE E 37 -0.86 -10.98 69.71
CA PHE E 37 -0.36 -10.47 70.99
C PHE E 37 -1.45 -9.75 71.76
N ASN E 38 -2.26 -8.94 71.07
CA ASN E 38 -3.33 -8.21 71.75
C ASN E 38 -4.38 -9.16 72.30
N MET E 39 -4.77 -10.18 71.53
CA MET E 39 -5.85 -11.05 71.94
C MET E 39 -5.45 -11.93 73.13
N ILE E 40 -4.18 -12.36 73.17
CA ILE E 40 -3.71 -13.11 74.33
C ILE E 40 -3.53 -12.19 75.54
N ASP E 41 -3.05 -10.97 75.30
CA ASP E 41 -2.75 -10.02 76.38
C ASP E 41 -4.01 -9.25 76.76
N GLN E 42 -4.89 -9.94 77.49
CA GLN E 42 -6.13 -9.32 77.94
C GLN E 42 -5.86 -8.19 78.93
N ASN E 43 -4.89 -8.38 79.82
CA ASN E 43 -4.56 -7.36 80.82
C ASN E 43 -3.60 -6.30 80.31
N ARG E 44 -3.14 -6.42 79.07
CA ARG E 44 -2.24 -5.44 78.44
C ARG E 44 -0.95 -5.30 79.26
N ASP E 45 -0.25 -6.41 79.44
CA ASP E 45 0.99 -6.45 80.20
C ASP E 45 2.24 -6.44 79.33
N GLY E 46 2.17 -7.09 78.16
CA GLY E 46 3.33 -7.25 77.31
C GLY E 46 4.20 -8.44 77.64
N PHE E 47 3.99 -9.07 78.80
CA PHE E 47 4.73 -10.26 79.19
C PHE E 47 3.93 -11.51 78.83
N ILE E 48 4.41 -12.66 79.29
CA ILE E 48 3.72 -13.94 79.14
C ILE E 48 3.44 -14.48 80.53
N ASP E 49 2.17 -14.75 80.82
CA ASP E 49 1.74 -15.13 82.16
C ASP E 49 0.96 -16.44 82.09
N LYS E 50 1.27 -17.35 83.01
CA LYS E 50 0.56 -18.63 83.08
C LYS E 50 -0.92 -18.40 83.36
N GLU E 51 -1.25 -17.52 84.31
CA GLU E 51 -2.64 -17.24 84.60
C GLU E 51 -3.33 -16.59 83.39
N ASP E 52 -2.64 -15.70 82.69
CA ASP E 52 -3.23 -15.02 81.55
C ASP E 52 -3.53 -15.98 80.42
N LEU E 53 -2.62 -16.93 80.15
CA LEU E 53 -2.79 -17.75 78.96
C LEU E 53 -3.53 -19.06 79.24
N HIS E 54 -3.15 -19.78 80.30
CA HIS E 54 -3.69 -21.12 80.52
C HIS E 54 -5.20 -21.10 80.68
N ASP E 55 -5.71 -20.20 81.53
CA ASP E 55 -7.15 -20.08 81.69
C ASP E 55 -7.82 -19.60 80.41
N MET E 56 -7.10 -18.80 79.62
CA MET E 56 -7.62 -18.38 78.33
C MET E 56 -7.53 -19.50 77.29
N LEU E 57 -6.45 -20.30 77.34
CA LEU E 57 -6.35 -21.44 76.45
C LEU E 57 -7.47 -22.44 76.69
N ALA E 58 -7.85 -22.64 77.95
CA ALA E 58 -8.92 -23.58 78.27
C ALA E 58 -10.29 -23.10 77.81
N SER E 59 -10.42 -21.84 77.40
CA SER E 59 -11.70 -21.33 76.91
C SER E 59 -12.13 -22.08 75.65
N MET E 60 -11.33 -21.99 74.59
CA MET E 60 -11.60 -22.77 73.39
C MET E 60 -10.90 -24.13 73.41
N GLY E 61 -9.78 -24.24 74.13
CA GLY E 61 -9.08 -25.50 74.22
C GLY E 61 -9.72 -26.46 75.20
N LYS E 62 -9.24 -27.71 75.16
CA LYS E 62 -9.83 -28.74 76.01
C LYS E 62 -9.29 -28.71 77.43
N ASN E 63 -7.98 -28.95 77.60
CA ASN E 63 -7.38 -28.95 78.93
C ASN E 63 -5.86 -28.92 78.85
N PRO E 64 -5.24 -27.75 78.62
CA PRO E 64 -3.78 -27.64 78.60
C PRO E 64 -3.17 -27.42 79.98
N THR E 65 -3.55 -28.26 80.94
CA THR E 65 -3.13 -28.09 82.32
C THR E 65 -1.73 -28.63 82.60
N ASP E 66 -1.15 -29.41 81.69
CA ASP E 66 0.19 -29.92 81.91
C ASP E 66 1.20 -28.79 81.93
N GLU E 67 2.19 -28.89 82.83
CA GLU E 67 3.07 -27.78 83.18
C GLU E 67 4.17 -27.54 82.16
N TYR E 68 4.04 -28.08 80.94
CA TYR E 68 4.96 -27.68 79.88
C TYR E 68 4.89 -26.18 79.62
N LEU E 69 3.76 -25.53 79.96
CA LEU E 69 3.69 -24.09 79.78
C LEU E 69 4.62 -23.37 80.74
N GLU E 70 4.62 -23.76 82.02
CA GLU E 70 5.56 -23.13 82.95
C GLU E 70 6.99 -23.51 82.59
N GLY E 71 7.18 -24.71 82.03
CA GLY E 71 8.50 -25.07 81.53
C GLY E 71 8.98 -24.15 80.43
N MET E 72 8.09 -23.81 79.49
CA MET E 72 8.48 -22.97 78.37
C MET E 72 8.58 -21.50 78.76
N MET E 73 7.77 -21.02 79.71
CA MET E 73 8.03 -19.69 80.24
C MET E 73 9.24 -19.66 81.17
N SER E 74 9.78 -20.82 81.55
CA SER E 74 11.00 -20.87 82.33
C SER E 74 12.26 -21.03 81.48
N GLU E 75 12.14 -20.91 80.16
CA GLU E 75 13.31 -21.07 79.28
C GLU E 75 14.36 -20.00 79.54
N ALA E 76 13.94 -18.74 79.67
CA ALA E 76 14.87 -17.65 79.89
C ALA E 76 14.28 -16.66 80.90
N PRO E 77 15.12 -16.09 81.77
CA PRO E 77 14.59 -15.21 82.82
C PRO E 77 14.23 -13.81 82.32
N GLY E 78 12.93 -13.57 82.14
CA GLY E 78 12.39 -12.26 81.88
C GLY E 78 12.91 -11.49 80.67
N PRO E 79 13.00 -12.11 79.49
CA PRO E 79 13.24 -11.33 78.27
C PRO E 79 11.98 -10.97 77.47
N ILE E 80 10.80 -11.38 77.95
CA ILE E 80 9.60 -11.32 77.12
C ILE E 80 9.13 -9.88 76.94
N ASN E 81 8.72 -9.56 75.71
CA ASN E 81 8.14 -8.29 75.34
C ASN E 81 7.54 -8.46 73.95
N PHE E 82 6.67 -7.51 73.57
CA PHE E 82 6.07 -7.58 72.25
C PHE E 82 7.11 -7.46 71.15
N THR E 83 8.06 -6.55 71.31
CA THR E 83 9.06 -6.32 70.27
C THR E 83 9.93 -7.54 70.05
N MET E 84 10.37 -8.19 71.13
CA MET E 84 11.25 -9.35 71.00
C MET E 84 10.53 -10.58 70.44
N PHE E 85 9.19 -10.55 70.35
CA PHE E 85 8.48 -11.68 69.76
C PHE E 85 8.83 -11.84 68.28
N LEU E 86 9.20 -10.75 67.61
CA LEU E 86 9.72 -10.85 66.25
C LEU E 86 11.15 -11.38 66.26
N THR E 87 11.95 -10.95 67.25
CA THR E 87 13.37 -11.31 67.28
C THR E 87 13.57 -12.81 67.42
N MET E 88 12.80 -13.45 68.29
CA MET E 88 12.94 -14.89 68.50
C MET E 88 12.57 -15.69 67.26
N PHE E 89 11.48 -15.30 66.59
CA PHE E 89 11.03 -16.04 65.41
C PHE E 89 12.01 -15.86 64.25
N GLY E 90 12.44 -14.63 64.01
CA GLY E 90 13.48 -14.41 63.02
C GLY E 90 14.78 -15.12 63.38
N GLU E 91 15.08 -15.19 64.67
CA GLU E 91 16.26 -15.92 65.13
C GLU E 91 16.17 -17.40 64.78
N LYS E 92 15.00 -18.00 64.99
CA LYS E 92 14.84 -19.39 64.62
C LYS E 92 14.98 -19.59 63.11
N LEU E 93 14.24 -18.81 62.32
CA LEU E 93 14.16 -19.09 60.90
C LEU E 93 14.61 -17.90 60.07
N ASN E 94 15.48 -18.19 59.12
CA ASN E 94 16.04 -17.18 58.23
C ASN E 94 16.10 -17.75 56.81
N GLY E 95 16.13 -16.84 55.83
CA GLY E 95 16.22 -17.25 54.45
C GLY E 95 15.01 -18.04 53.98
N THR E 96 13.86 -17.37 53.93
CA THR E 96 12.60 -17.99 53.54
C THR E 96 12.11 -17.35 52.25
N ASP E 97 11.58 -18.19 51.36
CA ASP E 97 11.10 -17.75 50.06
C ASP E 97 9.61 -18.03 49.95
N PRO E 98 8.83 -17.15 49.29
CA PRO E 98 7.40 -17.44 49.09
C PRO E 98 7.14 -18.78 48.43
N GLU E 99 5.94 -19.33 48.64
CA GLU E 99 5.63 -20.65 48.11
C GLU E 99 5.49 -20.65 46.59
N ASP E 100 4.99 -19.56 46.02
CA ASP E 100 4.72 -19.54 44.58
C ASP E 100 6.01 -19.66 43.78
N VAL E 101 7.06 -18.93 44.16
CA VAL E 101 8.35 -19.13 43.52
C VAL E 101 8.92 -20.50 43.90
N ILE E 102 8.67 -20.96 45.13
CA ILE E 102 9.02 -22.32 45.50
C ILE E 102 8.19 -23.31 44.70
N ARG E 103 6.93 -22.96 44.41
CA ARG E 103 6.10 -23.79 43.55
C ARG E 103 6.73 -23.95 42.17
N ASN E 104 7.26 -22.86 41.63
CA ASN E 104 7.96 -22.94 40.35
C ASN E 104 9.21 -23.83 40.45
N ALA E 105 9.94 -23.71 41.56
CA ALA E 105 11.12 -24.55 41.75
C ALA E 105 10.76 -26.02 41.77
N PHE E 106 9.68 -26.37 42.48
CA PHE E 106 9.19 -27.75 42.46
C PHE E 106 8.77 -28.16 41.06
N ALA E 107 8.11 -27.26 40.33
CA ALA E 107 7.65 -27.54 38.97
C ALA E 107 8.79 -27.59 37.96
N CYS E 108 10.01 -27.22 38.35
CA CYS E 108 11.12 -27.20 37.41
C CYS E 108 11.37 -28.58 36.81
N PHE E 109 11.48 -29.61 37.66
CA PHE E 109 11.89 -30.91 37.16
C PHE E 109 10.76 -31.64 36.44
N ASP E 110 9.52 -31.49 36.91
CA ASP E 110 8.38 -32.18 36.32
C ASP E 110 7.62 -31.24 35.39
N GLU E 111 7.41 -31.68 34.15
CA GLU E 111 6.74 -30.83 33.16
C GLU E 111 5.24 -30.70 33.42
N GLU E 112 4.63 -31.67 34.10
CA GLU E 112 3.20 -31.60 34.37
C GLU E 112 2.86 -30.39 35.23
N ALA E 113 3.59 -30.23 36.35
CA ALA E 113 3.41 -29.09 37.25
C ALA E 113 1.97 -28.96 37.72
N SER E 114 1.33 -30.11 37.99
CA SER E 114 -0.06 -30.14 38.41
C SER E 114 -0.24 -31.00 39.66
N GLY E 115 0.81 -31.12 40.47
CA GLY E 115 0.74 -31.95 41.66
C GLY E 115 0.84 -33.43 41.41
N PHE E 116 1.15 -33.85 40.18
CA PHE E 116 1.26 -35.26 39.84
C PHE E 116 2.69 -35.77 39.97
N ILE E 117 3.50 -35.16 40.84
CA ILE E 117 4.84 -35.65 41.09
C ILE E 117 4.76 -37.07 41.63
N HIS E 118 5.35 -38.02 40.92
CA HIS E 118 5.25 -39.41 41.30
C HIS E 118 6.02 -39.68 42.58
N GLU E 119 5.47 -40.59 43.40
CA GLU E 119 6.11 -40.94 44.67
C GLU E 119 7.48 -41.56 44.42
N ASP E 120 7.60 -42.46 43.45
CA ASP E 120 8.89 -43.03 43.13
C ASP E 120 9.83 -42.00 42.51
N HIS E 121 9.27 -41.03 41.76
CA HIS E 121 10.09 -39.93 41.27
C HIS E 121 10.74 -39.19 42.44
N LEU E 122 9.92 -38.78 43.41
CA LEU E 122 10.45 -38.06 44.58
C LEU E 122 11.43 -38.93 45.35
N ARG E 123 11.11 -40.21 45.55
CA ARG E 123 12.01 -41.12 46.23
C ARG E 123 13.37 -41.15 45.54
N GLU E 124 13.39 -41.62 44.29
CA GLU E 124 14.64 -41.81 43.56
C GLU E 124 15.44 -40.51 43.51
N LEU E 125 14.78 -39.38 43.25
CA LEU E 125 15.54 -38.14 43.22
C LEU E 125 16.08 -37.79 44.61
N LEU E 126 15.17 -37.43 45.53
CA LEU E 126 15.58 -36.73 46.74
C LEU E 126 16.24 -37.68 47.74
N THR E 127 15.66 -38.86 47.96
CA THR E 127 16.11 -39.71 49.06
C THR E 127 17.55 -40.18 48.85
N THR E 128 17.96 -40.42 47.60
CA THR E 128 19.31 -40.91 47.36
C THR E 128 20.17 -39.92 46.58
N MET E 129 19.78 -39.47 45.39
CA MET E 129 20.73 -38.75 44.55
C MET E 129 20.71 -37.27 44.89
N GLY E 130 21.89 -36.67 44.91
CA GLY E 130 22.04 -35.32 45.43
C GLY E 130 22.46 -35.35 46.88
N ASP E 131 21.49 -35.18 47.79
CA ASP E 131 21.76 -35.26 49.22
C ASP E 131 21.57 -36.71 49.69
N ARG E 132 22.66 -37.32 50.15
CA ARG E 132 22.64 -38.71 50.61
C ARG E 132 22.26 -38.72 52.08
N PHE E 133 21.02 -39.11 52.37
CA PHE E 133 20.52 -39.19 53.74
C PHE E 133 19.68 -40.45 53.88
N THR E 134 19.08 -40.61 55.05
CA THR E 134 18.22 -41.76 55.32
C THR E 134 16.87 -41.59 54.63
N ASP E 135 16.13 -42.69 54.54
CA ASP E 135 14.77 -42.65 54.01
C ASP E 135 13.76 -42.14 55.03
N GLU E 136 14.12 -42.14 56.31
CA GLU E 136 13.19 -41.69 57.34
C GLU E 136 12.90 -40.20 57.21
N GLU E 137 13.90 -39.39 56.88
CA GLU E 137 13.76 -37.94 56.82
C GLU E 137 12.82 -37.50 55.71
N VAL E 138 12.28 -38.46 54.94
CA VAL E 138 11.21 -38.18 53.99
C VAL E 138 9.92 -38.88 54.38
N ASP E 139 9.98 -39.93 55.19
CA ASP E 139 8.77 -40.66 55.57
C ASP E 139 7.80 -39.79 56.36
N GLU E 140 8.30 -38.80 57.10
CA GLU E 140 7.40 -37.93 57.85
C GLU E 140 6.54 -37.09 56.91
N MET E 141 7.10 -36.63 55.79
CA MET E 141 6.26 -36.06 54.74
C MET E 141 5.39 -37.13 54.10
N TYR E 142 5.89 -38.36 54.00
CA TYR E 142 5.08 -39.43 53.44
C TYR E 142 3.85 -39.73 54.30
N ARG E 143 4.00 -39.72 55.62
CA ARG E 143 2.92 -40.14 56.51
C ARG E 143 2.11 -38.97 57.07
N GLU E 144 2.76 -37.93 57.59
CA GLU E 144 2.02 -36.82 58.19
C GLU E 144 1.21 -36.06 57.15
N ALA E 145 1.78 -35.84 55.98
CA ALA E 145 1.09 -35.10 54.94
C ALA E 145 0.24 -36.04 54.08
N PRO E 146 -0.87 -35.55 53.54
CA PRO E 146 -1.71 -36.39 52.67
C PRO E 146 -0.99 -36.76 51.38
N ILE E 147 -1.36 -37.92 50.85
CA ILE E 147 -0.78 -38.45 49.62
C ILE E 147 -1.75 -38.19 48.48
N ASP E 148 -1.23 -37.67 47.37
CA ASP E 148 -2.05 -37.32 46.22
C ASP E 148 -2.66 -38.57 45.59
N LYS E 149 -3.56 -38.35 44.63
CA LYS E 149 -4.21 -39.44 43.93
C LYS E 149 -3.19 -40.28 43.17
N LYS E 150 -3.46 -41.59 43.09
CA LYS E 150 -2.62 -42.57 42.42
C LYS E 150 -1.32 -42.78 43.21
N GLY E 151 -1.14 -42.04 44.29
CA GLY E 151 0.08 -42.10 45.06
C GLY E 151 1.11 -41.10 44.59
N ASN E 152 0.65 -39.90 44.23
CA ASN E 152 1.53 -38.86 43.71
C ASN E 152 1.96 -37.92 44.84
N PHE E 153 2.62 -36.83 44.47
CA PHE E 153 3.07 -35.80 45.40
C PHE E 153 2.41 -34.49 44.98
N ASN E 154 1.30 -34.16 45.64
CA ASN E 154 0.51 -32.96 45.30
C ASN E 154 1.26 -31.74 45.80
N TYR E 155 2.30 -31.35 45.05
CA TYR E 155 3.19 -30.28 45.48
C TYR E 155 2.50 -28.93 45.57
N VAL E 156 1.24 -28.82 45.13
CA VAL E 156 0.49 -27.59 45.34
C VAL E 156 0.02 -27.48 46.79
N GLU E 157 -0.78 -28.46 47.23
CA GLU E 157 -1.18 -28.51 48.63
C GLU E 157 0.00 -28.80 49.54
N PHE E 158 1.04 -29.47 49.03
CA PHE E 158 2.25 -29.65 49.82
C PHE E 158 2.89 -28.30 50.13
N THR E 159 2.99 -27.41 49.14
CA THR E 159 3.50 -26.07 49.41
C THR E 159 2.55 -25.30 50.33
N ARG E 160 1.24 -25.50 50.16
CA ARG E 160 0.28 -24.83 51.03
C ARG E 160 0.47 -25.24 52.48
N ILE E 161 0.74 -26.52 52.73
CA ILE E 161 0.96 -26.97 54.11
C ILE E 161 2.37 -26.64 54.59
N LEU E 162 3.33 -26.48 53.68
CA LEU E 162 4.64 -25.95 54.08
C LEU E 162 4.50 -24.53 54.62
N LYS E 163 3.71 -23.70 53.95
CA LYS E 163 3.58 -22.31 54.38
C LYS E 163 2.59 -22.15 55.53
N HIS E 164 1.32 -22.46 55.28
CA HIS E 164 0.27 -22.23 56.27
C HIS E 164 -0.70 -23.39 56.44
N GLY E 165 -0.81 -24.30 55.48
CA GLY E 165 -1.83 -25.33 55.50
C GLY E 165 -1.59 -26.49 56.43
N ALA E 166 -0.45 -26.53 57.11
CA ALA E 166 -0.21 -27.59 58.07
C ALA E 166 -1.21 -27.52 59.22
N LYS E 167 -1.98 -28.58 59.39
CA LYS E 167 -3.04 -28.65 60.41
C LYS E 167 -2.73 -29.76 61.40
N ASP E 168 -3.13 -29.54 62.65
CA ASP E 168 -2.97 -30.51 63.73
C ASP E 168 -4.15 -30.32 64.68
N LYS E 169 -4.03 -30.87 65.89
CA LYS E 169 -5.10 -30.74 66.87
C LYS E 169 -5.34 -29.28 67.22
N ASP E 170 -6.55 -28.79 66.94
CA ASP E 170 -6.91 -27.40 67.16
C ASP E 170 -7.63 -27.16 68.48
N ASP E 171 -8.03 -28.21 69.18
CA ASP E 171 -8.85 -28.10 70.39
C ASP E 171 -10.07 -27.21 70.16
N ASP F 2 49.93 -29.08 29.21
CA ASP F 2 48.79 -28.76 30.06
C ASP F 2 48.78 -27.29 30.44
N PHE F 3 47.60 -26.74 30.63
CA PHE F 3 47.43 -25.37 31.09
C PHE F 3 47.46 -25.34 32.61
N SER F 4 47.04 -24.23 33.20
CA SER F 4 47.00 -24.10 34.65
C SER F 4 45.96 -25.05 35.24
N GLU F 5 45.82 -25.01 36.56
CA GLU F 5 45.03 -26.00 37.28
C GLU F 5 43.53 -25.73 37.24
N GLU F 6 43.08 -24.66 36.59
CA GLU F 6 41.63 -24.43 36.52
C GLU F 6 40.97 -25.42 35.57
N GLN F 7 41.65 -25.83 34.50
CA GLN F 7 41.13 -26.93 33.68
C GLN F 7 41.08 -28.23 34.48
N THR F 8 42.07 -28.45 35.36
CA THR F 8 42.02 -29.62 36.23
C THR F 8 40.84 -29.55 37.18
N ALA F 9 40.55 -28.35 37.71
CA ALA F 9 39.38 -28.19 38.58
C ALA F 9 38.08 -28.44 37.83
N GLU F 10 38.00 -27.96 36.58
CA GLU F 10 36.82 -28.24 35.77
C GLU F 10 36.70 -29.72 35.48
N PHE F 11 37.83 -30.39 35.23
CA PHE F 11 37.81 -31.84 35.03
C PHE F 11 37.32 -32.55 36.28
N LYS F 12 37.74 -32.08 37.46
CA LYS F 12 37.29 -32.69 38.71
C LYS F 12 35.80 -32.46 38.94
N GLU F 13 35.30 -31.26 38.65
CA GLU F 13 33.87 -31.02 38.86
C GLU F 13 33.03 -31.79 37.84
N ALA F 14 33.54 -31.99 36.62
CA ALA F 14 32.85 -32.87 35.68
C ALA F 14 32.93 -34.31 36.13
N PHE F 15 34.06 -34.71 36.71
CA PHE F 15 34.21 -36.05 37.28
C PHE F 15 33.17 -36.29 38.35
N GLN F 16 32.93 -35.31 39.21
CA GLN F 16 31.80 -35.38 40.13
C GLN F 16 30.48 -35.38 39.37
N LEU F 17 30.40 -34.65 38.26
CA LEU F 17 29.15 -34.54 37.51
C LEU F 17 28.71 -35.89 36.96
N PHE F 18 29.63 -36.66 36.40
CA PHE F 18 29.31 -38.02 35.95
C PHE F 18 29.77 -38.96 37.07
N ASP F 19 28.86 -39.22 38.00
CA ASP F 19 29.09 -40.15 39.10
C ASP F 19 28.24 -41.40 39.00
N ARG F 20 27.47 -41.54 37.93
CA ARG F 20 26.67 -42.74 37.72
C ARG F 20 27.58 -43.95 37.55
N THR F 21 27.12 -45.10 38.06
CA THR F 21 27.89 -46.34 38.06
C THR F 21 29.24 -46.16 38.75
N GLY F 22 29.27 -45.31 39.77
CA GLY F 22 30.51 -45.00 40.46
C GLY F 22 31.27 -43.86 39.78
N ASP F 23 31.63 -42.84 40.56
CA ASP F 23 32.35 -41.71 39.98
C ASP F 23 33.76 -42.11 39.54
N GLY F 24 34.42 -42.97 40.33
CA GLY F 24 35.82 -43.31 40.12
C GLY F 24 36.20 -43.74 38.72
N LYS F 25 35.64 -44.85 38.25
CA LYS F 25 36.00 -45.36 36.93
C LYS F 25 35.42 -44.49 35.84
N ILE F 26 36.23 -44.18 34.83
CA ILE F 26 35.85 -43.32 33.72
C ILE F 26 35.67 -44.18 32.49
N LEU F 27 34.55 -43.99 31.79
CA LEU F 27 34.26 -44.71 30.56
C LEU F 27 34.61 -43.85 29.36
N TYR F 28 35.18 -44.47 28.33
CA TYR F 28 35.51 -43.75 27.11
C TYR F 28 34.26 -43.18 26.45
N SER F 29 33.14 -43.92 26.51
CA SER F 29 31.89 -43.40 26.01
C SER F 29 31.48 -42.14 26.77
N GLN F 30 31.63 -42.15 28.09
CA GLN F 30 31.27 -40.99 28.90
C GLN F 30 32.20 -39.81 28.61
N CYS F 31 33.52 -40.03 28.72
CA CYS F 31 34.45 -38.92 28.63
C CYS F 31 34.43 -38.30 27.23
N GLY F 32 34.33 -39.12 26.20
CA GLY F 32 34.27 -38.58 24.85
C GLY F 32 33.09 -37.65 24.64
N ASP F 33 31.90 -38.09 25.07
CA ASP F 33 30.70 -37.29 24.88
C ASP F 33 30.75 -36.00 25.68
N VAL F 34 31.09 -36.10 26.97
CA VAL F 34 31.10 -34.90 27.80
C VAL F 34 32.20 -33.95 27.37
N MET F 35 33.33 -34.47 26.89
CA MET F 35 34.42 -33.61 26.45
C MET F 35 34.08 -32.99 25.09
N ARG F 36 33.26 -33.68 24.29
CA ARG F 36 32.65 -33.04 23.13
C ARG F 36 31.76 -31.88 23.57
N ALA F 37 30.97 -32.08 24.62
CA ALA F 37 30.25 -30.96 25.20
C ALA F 37 31.21 -29.90 25.73
N LEU F 38 32.42 -30.29 26.10
CA LEU F 38 33.44 -29.35 26.56
C LEU F 38 34.36 -28.91 25.42
N GLY F 39 33.78 -28.48 24.31
CA GLY F 39 34.54 -27.83 23.26
C GLY F 39 35.37 -28.72 22.34
N GLN F 40 34.93 -29.94 22.07
CA GLN F 40 35.58 -30.82 21.09
C GLN F 40 34.53 -31.35 20.12
N ASN F 41 34.26 -30.61 19.06
CA ASN F 41 33.25 -31.02 18.08
C ASN F 41 33.56 -32.35 17.40
N PRO F 42 34.75 -32.60 16.85
CA PRO F 42 34.95 -33.84 16.08
C PRO F 42 35.08 -35.04 16.99
N THR F 43 34.27 -36.07 16.72
CA THR F 43 34.32 -37.32 17.49
C THR F 43 34.28 -38.58 16.64
N ASN F 44 34.08 -38.47 15.32
CA ASN F 44 33.99 -39.67 14.48
C ASN F 44 35.30 -40.46 14.50
N ALA F 45 36.37 -39.87 13.99
CA ALA F 45 37.65 -40.56 13.94
C ALA F 45 38.28 -40.71 15.33
N GLU F 46 37.78 -39.96 16.32
CA GLU F 46 38.36 -40.00 17.66
C GLU F 46 38.12 -41.34 18.37
N VAL F 47 37.14 -42.13 17.91
CA VAL F 47 36.91 -43.42 18.54
C VAL F 47 38.11 -44.34 18.31
N MET F 48 38.75 -44.23 17.16
CA MET F 48 39.93 -45.05 16.84
C MET F 48 41.23 -44.32 17.09
N LYS F 49 41.30 -43.02 16.81
CA LYS F 49 42.54 -42.28 17.01
C LYS F 49 42.93 -42.23 18.47
N VAL F 50 41.96 -42.01 19.36
CA VAL F 50 42.26 -41.87 20.78
C VAL F 50 42.55 -43.22 21.43
N LEU F 51 41.59 -44.15 21.33
CA LEU F 51 41.76 -45.44 21.97
C LEU F 51 42.91 -46.22 21.36
N GLY F 52 43.04 -46.18 20.03
CA GLY F 52 44.00 -47.04 19.37
C GLY F 52 43.61 -48.50 19.37
N ASN F 53 42.33 -48.80 19.66
CA ASN F 53 41.84 -50.16 19.74
C ASN F 53 40.37 -50.18 19.31
N PRO F 54 40.02 -51.00 18.30
CA PRO F 54 38.62 -51.07 17.86
C PRO F 54 37.71 -51.85 18.80
N LYS F 55 38.21 -52.28 19.97
CA LYS F 55 37.39 -53.07 20.88
C LYS F 55 36.39 -52.19 21.60
N SER F 56 35.21 -52.03 21.00
CA SER F 56 34.13 -51.22 21.57
C SER F 56 32.97 -52.11 22.03
N ASP F 57 33.30 -53.23 22.66
CA ASP F 57 32.29 -54.20 23.04
C ASP F 57 31.56 -53.80 24.32
N GLU F 58 32.28 -53.67 25.43
CA GLU F 58 31.67 -53.47 26.73
C GLU F 58 31.48 -51.98 27.00
N MET F 59 30.23 -51.58 27.24
CA MET F 59 29.90 -50.24 27.69
C MET F 59 29.88 -50.11 29.21
N ASN F 60 30.21 -51.18 29.94
CA ASN F 60 30.11 -51.18 31.39
C ASN F 60 31.45 -50.90 32.08
N LEU F 61 32.47 -51.70 31.78
CA LEU F 61 33.78 -51.59 32.45
C LEU F 61 34.87 -51.48 31.38
N LYS F 62 35.14 -50.27 30.93
CA LYS F 62 36.26 -49.99 30.04
C LYS F 62 37.25 -49.10 30.80
N THR F 63 38.51 -49.54 30.84
CA THR F 63 39.49 -48.98 31.78
C THR F 63 40.03 -47.66 31.25
N LEU F 64 39.54 -46.55 31.82
CA LEU F 64 40.13 -45.24 31.63
C LEU F 64 40.24 -44.55 32.99
N LYS F 65 41.44 -44.10 33.32
CA LYS F 65 41.70 -43.42 34.59
C LYS F 65 42.09 -41.97 34.34
N PHE F 66 41.82 -41.12 35.34
CA PHE F 66 42.15 -39.70 35.27
C PHE F 66 43.61 -39.49 34.93
N GLU F 67 44.49 -40.29 35.54
CA GLU F 67 45.94 -40.08 35.40
C GLU F 67 46.39 -40.18 33.95
N GLN F 68 45.83 -41.13 33.20
CA GLN F 68 46.11 -41.20 31.77
C GLN F 68 45.06 -40.50 30.93
N PHE F 69 43.91 -40.15 31.51
CA PHE F 69 42.91 -39.39 30.77
C PHE F 69 43.39 -37.98 30.49
N LEU F 70 44.18 -37.39 31.40
CA LEU F 70 44.71 -36.05 31.16
C LEU F 70 45.69 -36.00 29.99
N PRO F 71 46.86 -36.67 30.03
CA PRO F 71 47.84 -36.45 28.96
C PRO F 71 47.29 -36.79 27.58
N MET F 72 46.42 -37.79 27.49
CA MET F 72 45.70 -38.04 26.25
C MET F 72 44.92 -36.81 25.83
N MET F 73 44.24 -36.16 26.78
CA MET F 73 43.44 -35.00 26.43
C MET F 73 44.31 -33.84 25.95
N GLN F 74 45.44 -33.59 26.63
CA GLN F 74 46.31 -32.51 26.17
C GLN F 74 46.92 -32.82 24.80
N THR F 75 47.24 -34.10 24.53
CA THR F 75 47.69 -34.45 23.20
C THR F 75 46.58 -34.25 22.17
N ILE F 76 45.33 -34.45 22.58
CA ILE F 76 44.20 -34.17 21.68
C ILE F 76 43.86 -32.68 21.66
N ALA F 77 44.25 -31.94 22.71
CA ALA F 77 43.94 -30.51 22.80
C ALA F 77 44.70 -29.67 21.78
N LYS F 78 45.67 -30.25 21.08
CA LYS F 78 46.45 -29.52 20.09
C LYS F 78 45.65 -29.13 18.85
N ASN F 79 44.33 -29.40 18.83
CA ASN F 79 43.45 -28.96 17.75
C ASN F 79 43.92 -29.52 16.41
N LYS F 80 43.82 -30.85 16.29
CA LYS F 80 44.25 -31.54 15.08
C LYS F 80 43.58 -30.96 13.84
N ASP F 81 42.31 -30.57 13.95
CA ASP F 81 41.60 -29.96 12.84
C ASP F 81 40.56 -28.99 13.38
N GLN F 82 40.43 -27.85 12.71
CA GLN F 82 39.46 -26.81 13.11
C GLN F 82 38.84 -26.25 11.82
N GLY F 83 37.72 -26.84 11.41
CA GLY F 83 37.01 -26.34 10.24
C GLY F 83 36.32 -25.01 10.52
N CYS F 84 36.03 -24.30 9.43
CA CYS F 84 35.39 -22.99 9.52
C CYS F 84 34.18 -22.96 8.59
N PHE F 85 33.36 -21.93 8.75
CA PHE F 85 32.00 -21.95 8.22
C PHE F 85 31.93 -21.96 6.70
N GLU F 86 33.00 -21.59 6.00
CA GLU F 86 32.92 -21.45 4.54
C GLU F 86 32.60 -22.77 3.87
N ASP F 87 33.34 -23.83 4.19
CA ASP F 87 33.09 -25.13 3.58
C ASP F 87 31.73 -25.66 3.99
N TYR F 88 31.33 -25.43 5.25
CA TYR F 88 30.04 -25.91 5.73
C TYR F 88 28.91 -25.27 4.95
N VAL F 89 28.94 -23.95 4.79
CA VAL F 89 27.86 -23.26 4.08
C VAL F 89 27.89 -23.63 2.60
N GLU F 90 29.07 -23.81 2.02
CA GLU F 90 29.14 -24.25 0.63
C GLU F 90 28.51 -25.62 0.45
N GLY F 91 28.82 -26.56 1.34
CA GLY F 91 28.23 -27.88 1.25
C GLY F 91 26.74 -27.87 1.48
N LEU F 92 26.26 -27.01 2.38
CA LEU F 92 24.82 -26.91 2.60
C LEU F 92 24.12 -26.29 1.40
N ARG F 93 24.74 -25.29 0.77
CA ARG F 93 24.16 -24.68 -0.43
C ARG F 93 24.10 -25.68 -1.58
N VAL F 94 25.15 -26.50 -1.74
CA VAL F 94 25.08 -27.59 -2.71
C VAL F 94 23.97 -28.55 -2.34
N PHE F 95 23.86 -28.89 -1.04
CA PHE F 95 22.75 -29.68 -0.55
C PHE F 95 21.43 -28.94 -0.66
N ASP F 96 21.45 -27.61 -0.67
CA ASP F 96 20.22 -26.84 -0.80
C ASP F 96 19.69 -26.96 -2.22
N LYS F 97 18.45 -27.44 -2.35
CA LYS F 97 17.79 -27.56 -3.63
C LYS F 97 16.86 -26.39 -3.92
N GLU F 98 16.74 -25.44 -3.01
CA GLU F 98 15.84 -24.31 -3.17
C GLU F 98 16.54 -22.96 -3.05
N GLY F 99 17.50 -22.85 -2.14
CA GLY F 99 18.22 -21.60 -1.94
C GLY F 99 17.59 -20.63 -0.97
N ASN F 100 16.40 -20.93 -0.46
CA ASN F 100 15.73 -20.05 0.49
C ASN F 100 15.15 -20.77 1.71
N GLY F 101 14.92 -22.07 1.64
CA GLY F 101 14.38 -22.79 2.78
C GLY F 101 12.89 -23.02 2.75
N THR F 102 12.37 -23.53 1.62
CA THR F 102 10.95 -23.84 1.56
C THR F 102 10.64 -25.12 2.34
N VAL F 103 11.22 -26.24 1.92
CA VAL F 103 11.02 -27.54 2.57
C VAL F 103 12.40 -28.18 2.68
N MET F 104 13.00 -28.10 3.86
CA MET F 104 14.29 -28.71 4.11
C MET F 104 14.22 -29.97 4.96
N GLY F 105 13.15 -30.15 5.74
CA GLY F 105 13.10 -31.25 6.69
C GLY F 105 13.19 -32.60 6.04
N ALA F 106 12.48 -32.80 4.91
CA ALA F 106 12.43 -34.11 4.29
C ALA F 106 13.80 -34.57 3.82
N GLU F 107 14.48 -33.74 3.02
CA GLU F 107 15.79 -34.16 2.51
C GLU F 107 16.86 -34.11 3.59
N ILE F 108 16.70 -33.26 4.61
CA ILE F 108 17.60 -33.33 5.75
C ILE F 108 17.47 -34.67 6.45
N ARG F 109 16.23 -35.15 6.64
CA ARG F 109 16.02 -36.47 7.22
C ARG F 109 16.63 -37.55 6.34
N HIS F 110 16.44 -37.45 5.02
CA HIS F 110 17.00 -38.45 4.12
C HIS F 110 18.51 -38.50 4.20
N VAL F 111 19.17 -37.33 4.18
CA VAL F 111 20.62 -37.32 4.20
C VAL F 111 21.15 -37.78 5.55
N LEU F 112 20.44 -37.46 6.64
CA LEU F 112 20.90 -37.89 7.96
C LEU F 112 20.75 -39.39 8.14
N VAL F 113 19.64 -39.97 7.67
CA VAL F 113 19.48 -41.42 7.77
C VAL F 113 20.31 -42.15 6.73
N THR F 114 20.81 -41.46 5.71
CA THR F 114 21.65 -42.06 4.69
C THR F 114 23.13 -41.88 4.97
N LEU F 115 23.50 -40.89 5.79
CA LEU F 115 24.90 -40.61 6.07
C LEU F 115 25.56 -41.78 6.79
N GLY F 116 26.87 -41.91 6.59
CA GLY F 116 27.59 -43.07 7.12
C GLY F 116 27.51 -43.18 8.63
N GLU F 117 27.71 -42.04 9.33
CA GLU F 117 27.64 -42.07 10.79
C GLU F 117 26.22 -42.26 11.29
N LYS F 118 25.21 -41.93 10.49
CA LYS F 118 23.81 -42.20 10.75
C LYS F 118 23.27 -41.37 11.92
N MET F 119 21.98 -41.04 11.87
CA MET F 119 21.27 -40.40 12.97
C MET F 119 19.95 -41.11 13.21
N THR F 120 19.72 -41.52 14.46
CA THR F 120 18.43 -42.03 14.85
C THR F 120 17.41 -40.89 14.94
N GLU F 121 16.13 -41.27 14.97
CA GLU F 121 15.06 -40.28 14.92
C GLU F 121 15.05 -39.34 16.12
N GLU F 122 15.69 -39.72 17.23
CA GLU F 122 15.77 -38.81 18.37
C GLU F 122 16.42 -37.49 17.96
N GLU F 123 17.53 -37.57 17.23
CA GLU F 123 18.13 -36.38 16.64
C GLU F 123 17.12 -35.65 15.77
N VAL F 124 16.21 -36.39 15.13
CA VAL F 124 15.21 -35.75 14.28
C VAL F 124 14.27 -34.86 15.12
N GLU F 125 13.81 -35.35 16.27
CA GLU F 125 12.93 -34.44 17.02
C GLU F 125 13.72 -33.34 17.74
N GLN F 126 14.97 -33.56 18.13
CA GLN F 126 15.69 -32.37 18.61
C GLN F 126 16.14 -31.44 17.49
N LEU F 127 16.00 -31.84 16.23
CA LEU F 127 16.26 -30.90 15.14
C LEU F 127 15.27 -29.75 15.14
N VAL F 128 13.99 -30.03 15.41
CA VAL F 128 12.97 -28.99 15.33
C VAL F 128 13.18 -27.92 16.39
N ALA F 129 13.91 -28.22 17.45
CA ALA F 129 14.23 -27.22 18.46
C ALA F 129 15.46 -26.42 18.03
N GLY F 130 15.87 -25.48 18.87
CA GLY F 130 17.03 -24.66 18.58
C GLY F 130 16.86 -23.76 17.38
N HIS F 131 15.74 -23.00 17.35
CA HIS F 131 15.47 -21.99 16.34
C HIS F 131 15.20 -22.60 14.97
N GLU F 132 15.34 -23.92 14.86
CA GLU F 132 15.01 -24.64 13.62
C GLU F 132 13.59 -25.19 13.68
N ASP F 133 12.63 -24.34 13.98
CA ASP F 133 11.23 -24.76 14.16
C ASP F 133 10.41 -24.63 12.89
N SER F 134 10.50 -23.49 12.21
CA SER F 134 9.76 -23.32 10.96
C SER F 134 10.40 -24.15 9.85
N ASN F 135 9.61 -24.43 8.82
CA ASN F 135 10.05 -25.29 7.73
C ASN F 135 11.06 -24.52 6.87
N GLY F 136 12.34 -24.74 7.15
CA GLY F 136 13.40 -24.05 6.43
C GLY F 136 13.48 -22.57 6.68
N CYS F 137 13.27 -22.14 7.92
CA CYS F 137 13.34 -20.71 8.24
C CYS F 137 14.75 -20.15 8.08
N ILE F 138 15.76 -21.01 8.00
CA ILE F 138 17.15 -20.58 7.90
C ILE F 138 17.67 -20.94 6.51
N ASN F 139 18.41 -20.01 5.90
CA ASN F 139 19.07 -20.25 4.62
C ASN F 139 20.50 -20.77 4.80
N TYR F 140 20.74 -21.49 5.90
CA TYR F 140 22.03 -22.12 6.20
C TYR F 140 23.10 -21.10 6.56
N GLU F 141 22.73 -20.02 7.22
CA GLU F 141 23.72 -19.15 7.85
C GLU F 141 23.44 -18.92 9.33
N GLU F 142 22.18 -18.75 9.72
CA GLU F 142 21.86 -18.61 11.14
C GLU F 142 22.09 -19.91 11.89
N LEU F 143 21.70 -21.04 11.29
CA LEU F 143 21.97 -22.33 11.90
C LEU F 143 23.47 -22.56 12.04
N VAL F 144 24.26 -22.06 11.08
CA VAL F 144 25.71 -22.16 11.17
C VAL F 144 26.22 -21.37 12.36
N ARG F 145 25.69 -20.16 12.58
CA ARG F 145 26.12 -19.35 13.72
C ARG F 145 25.75 -20.01 15.03
N MET F 146 24.53 -20.55 15.13
CA MET F 146 24.09 -21.12 16.40
C MET F 146 24.75 -22.47 16.69
N VAL F 147 25.07 -23.26 15.66
CA VAL F 147 25.75 -24.52 15.91
C VAL F 147 27.20 -24.27 16.30
N LEU F 148 27.79 -23.19 15.79
CA LEU F 148 29.16 -22.81 16.13
C LEU F 148 29.16 -21.90 17.36
N SER F 149 28.55 -22.41 18.43
CA SER F 149 28.43 -21.68 19.69
C SER F 149 28.82 -22.55 20.88
N GLY F 150 29.80 -23.44 20.69
CA GLY F 150 30.25 -24.31 21.74
C GLY F 150 31.75 -24.58 21.69
N GLN G 1411 -6.52 47.33 -63.36
CA GLN G 1411 -7.30 46.10 -63.30
C GLN G 1411 -7.28 45.51 -61.89
N GLN G 1412 -6.54 44.41 -61.74
CA GLN G 1412 -6.43 43.77 -60.43
C GLN G 1412 -5.55 44.58 -59.49
N PHE G 1413 -4.68 45.45 -60.02
CA PHE G 1413 -3.85 46.28 -59.14
C PHE G 1413 -4.70 47.22 -58.30
N GLU G 1414 -5.85 47.65 -58.82
CA GLU G 1414 -6.76 48.45 -58.02
C GLU G 1414 -7.32 47.68 -56.83
N GLU G 1415 -7.31 46.35 -56.89
CA GLU G 1415 -7.63 45.56 -55.71
C GLU G 1415 -6.54 45.66 -54.66
N LYS G 1416 -5.29 45.86 -55.10
CA LYS G 1416 -4.22 46.18 -54.15
C LYS G 1416 -4.37 47.61 -53.64
N ALA G 1417 -4.86 48.52 -54.48
CA ALA G 1417 -5.28 49.82 -53.98
C ALA G 1417 -6.41 49.66 -52.96
N ALA G 1418 -7.28 48.67 -53.15
CA ALA G 1418 -8.28 48.37 -52.14
C ALA G 1418 -7.66 47.80 -50.87
N SER G 1419 -6.56 47.06 -50.99
CA SER G 1419 -5.85 46.61 -49.80
C SER G 1419 -5.25 47.80 -49.05
N TYR G 1420 -4.71 48.78 -49.79
CA TYR G 1420 -4.27 50.02 -49.16
C TYR G 1420 -5.43 50.74 -48.49
N ASP G 1421 -6.60 50.74 -49.14
CA ASP G 1421 -7.78 51.34 -48.55
C ASP G 1421 -8.21 50.60 -47.29
N LYS G 1422 -8.00 49.29 -47.24
CA LYS G 1422 -8.33 48.53 -46.03
C LYS G 1422 -7.31 48.77 -44.92
N LEU G 1423 -6.06 49.01 -45.27
CA LEU G 1423 -5.10 49.48 -44.28
C LEU G 1423 -5.53 50.84 -43.72
N GLU G 1424 -5.97 51.73 -44.59
CA GLU G 1424 -6.55 52.99 -44.12
C GLU G 1424 -7.84 52.76 -43.35
N LYS G 1425 -8.53 51.65 -43.60
CA LYS G 1425 -9.71 51.32 -42.80
C LYS G 1425 -9.32 50.84 -41.41
N THR G 1426 -8.18 50.17 -41.28
CA THR G 1426 -7.64 49.88 -39.96
C THR G 1426 -7.24 51.18 -39.26
N LYS G 1427 -6.68 52.12 -40.01
CA LYS G 1427 -6.44 53.46 -39.46
C LYS G 1427 -7.75 54.12 -39.04
N ASN G 1428 -8.81 53.89 -39.81
CA ASN G 1428 -10.15 54.33 -39.42
C ASN G 1428 -10.58 53.69 -38.11
N ARG G 1429 -10.28 52.41 -37.94
CA ARG G 1429 -10.57 51.74 -36.68
C ARG G 1429 -9.82 52.40 -35.53
N LEU G 1430 -8.58 52.79 -35.77
CA LEU G 1430 -7.88 53.64 -34.81
C LEU G 1430 -8.63 54.95 -34.59
N GLN G 1431 -9.28 55.46 -35.63
CA GLN G 1431 -10.05 56.69 -35.47
C GLN G 1431 -11.26 56.49 -34.57
N GLN G 1432 -11.94 55.35 -34.67
CA GLN G 1432 -12.97 55.07 -33.67
C GLN G 1432 -12.36 54.76 -32.30
N GLU G 1433 -11.10 54.34 -32.25
CA GLU G 1433 -10.42 54.29 -30.96
C GLU G 1433 -10.29 55.70 -30.37
N LEU G 1434 -9.95 56.67 -31.21
CA LEU G 1434 -9.96 58.07 -30.77
C LEU G 1434 -11.37 58.53 -30.43
N ASP G 1435 -12.38 57.97 -31.09
CA ASP G 1435 -13.76 58.25 -30.72
C ASP G 1435 -14.07 57.73 -29.32
N ASP G 1436 -13.58 56.53 -29.00
CA ASP G 1436 -13.66 56.03 -27.64
C ASP G 1436 -12.94 56.96 -26.68
N LEU G 1437 -11.78 57.48 -27.10
CA LEU G 1437 -11.06 58.47 -26.30
C LEU G 1437 -11.93 59.68 -25.99
N VAL G 1438 -12.55 60.26 -27.02
CA VAL G 1438 -13.30 61.50 -26.81
C VAL G 1438 -14.59 61.25 -26.05
N VAL G 1439 -15.22 60.09 -26.23
CA VAL G 1439 -16.40 59.80 -25.42
C VAL G 1439 -16.01 59.50 -23.98
N ASP G 1440 -14.80 58.99 -23.76
CA ASP G 1440 -14.29 58.84 -22.40
C ASP G 1440 -14.07 60.21 -21.76
N LEU G 1441 -13.55 61.16 -22.53
CA LEU G 1441 -13.44 62.53 -21.99
C LEU G 1441 -14.81 63.17 -21.80
N ASP G 1442 -15.80 62.79 -22.61
CA ASP G 1442 -17.18 63.24 -22.36
C ASP G 1442 -17.70 62.67 -21.05
N ASN G 1443 -17.42 61.40 -20.78
CA ASN G 1443 -17.77 60.83 -19.48
C ASN G 1443 -17.03 61.55 -18.36
N GLN G 1444 -15.79 61.95 -18.61
CA GLN G 1444 -15.02 62.69 -17.61
C GLN G 1444 -15.64 64.04 -17.33
N ARG G 1445 -16.10 64.74 -18.37
CA ARG G 1445 -16.75 66.03 -18.14
C ARG G 1445 -18.13 65.84 -17.49
N GLN G 1446 -18.77 64.69 -17.72
CA GLN G 1446 -19.96 64.36 -16.94
C GLN G 1446 -19.61 64.14 -15.47
N LEU G 1447 -18.47 63.52 -15.20
CA LEU G 1447 -17.99 63.41 -13.83
C LEU G 1447 -17.76 64.80 -13.24
N VAL G 1448 -17.23 65.72 -14.05
CA VAL G 1448 -17.08 67.11 -13.61
C VAL G 1448 -18.45 67.72 -13.31
N SER G 1449 -19.46 67.38 -14.10
CA SER G 1449 -20.81 67.88 -13.84
C SER G 1449 -21.36 67.36 -12.52
N ASN G 1450 -21.10 66.08 -12.20
CA ASN G 1450 -21.53 65.58 -10.89
C ASN G 1450 -20.69 66.23 -9.79
N LEU G 1451 -19.43 66.58 -10.09
CA LEU G 1451 -18.66 67.39 -9.15
C LEU G 1451 -19.29 68.78 -8.99
N GLU G 1452 -19.97 69.28 -10.01
CA GLU G 1452 -20.63 70.58 -9.91
C GLU G 1452 -21.88 70.49 -9.03
N LYS G 1453 -22.65 69.41 -9.17
CA LYS G 1453 -23.78 69.21 -8.27
C LYS G 1453 -23.28 68.99 -6.84
N LYS G 1454 -22.17 68.27 -6.70
CA LYS G 1454 -21.48 68.19 -5.41
C LYS G 1454 -21.07 69.56 -4.93
N GLN G 1455 -20.67 70.44 -5.84
CA GLN G 1455 -20.28 71.80 -5.47
C GLN G 1455 -21.45 72.57 -4.87
N LYS G 1456 -22.61 72.52 -5.50
CA LYS G 1456 -23.72 73.30 -4.94
C LYS G 1456 -24.17 72.72 -3.61
N LYS G 1457 -24.36 71.39 -3.54
CA LYS G 1457 -24.77 70.82 -2.26
C LYS G 1457 -23.67 71.02 -1.22
N PHE G 1458 -22.41 71.09 -1.65
CA PHE G 1458 -21.30 71.34 -0.75
C PHE G 1458 -21.31 72.78 -0.26
N ASP G 1459 -21.80 73.71 -1.07
CA ASP G 1459 -21.95 75.09 -0.61
C ASP G 1459 -23.04 75.19 0.45
N GLN G 1460 -24.16 74.50 0.25
CA GLN G 1460 -25.17 74.46 1.30
C GLN G 1460 -24.61 73.80 2.56
N MET G 1461 -23.82 72.74 2.40
CA MET G 1461 -23.13 72.16 3.54
C MET G 1461 -22.12 73.12 4.15
N LEU G 1462 -21.49 73.98 3.34
CA LEU G 1462 -20.61 75.01 3.88
C LEU G 1462 -21.37 75.89 4.85
N ALA G 1463 -22.52 76.41 4.42
CA ALA G 1463 -23.31 77.28 5.28
C ALA G 1463 -23.74 76.55 6.54
N GLU G 1464 -24.37 75.38 6.39
CA GLU G 1464 -24.89 74.67 7.55
C GLU G 1464 -23.77 74.23 8.49
N GLU G 1465 -22.61 73.87 7.95
CA GLU G 1465 -21.52 73.40 8.79
C GLU G 1465 -20.88 74.57 9.52
N LYS G 1466 -20.81 75.74 8.89
CA LYS G 1466 -20.35 76.93 9.60
C LYS G 1466 -21.27 77.21 10.79
N ASN G 1467 -22.59 77.14 10.56
CA ASN G 1467 -23.53 77.36 11.65
C ASN G 1467 -23.34 76.34 12.77
N ILE G 1468 -23.26 75.06 12.41
CA ILE G 1468 -23.20 74.03 13.46
C ILE G 1468 -21.86 74.10 14.19
N SER G 1469 -20.77 74.39 13.48
CA SER G 1469 -19.47 74.50 14.12
C SER G 1469 -19.42 75.70 15.07
N SER G 1470 -20.03 76.81 14.68
CA SER G 1470 -20.17 77.92 15.62
C SER G 1470 -20.98 77.51 16.84
N LYS G 1471 -22.02 76.69 16.64
CA LYS G 1471 -22.79 76.18 17.77
C LYS G 1471 -21.94 75.29 18.68
N TYR G 1472 -21.11 74.42 18.09
CA TYR G 1472 -20.20 73.60 18.90
C TYR G 1472 -19.26 74.47 19.71
N ALA G 1473 -18.68 75.50 19.07
CA ALA G 1473 -17.79 76.40 19.79
C ALA G 1473 -18.51 77.06 20.95
N ASP G 1474 -19.75 77.53 20.71
CA ASP G 1474 -20.51 78.20 21.75
C ASP G 1474 -20.79 77.25 22.92
N GLU G 1475 -21.27 76.04 22.63
CA GLU G 1475 -21.64 75.14 23.71
C GLU G 1475 -20.42 74.65 24.47
N ARG G 1476 -19.29 74.41 23.78
CA ARG G 1476 -18.08 74.03 24.50
C ARG G 1476 -17.51 75.17 25.31
N ASP G 1477 -17.66 76.42 24.84
CA ASP G 1477 -17.25 77.55 25.67
C ASP G 1477 -18.13 77.66 26.92
N ARG G 1478 -19.43 77.42 26.78
CA ARG G 1478 -20.29 77.42 27.96
C ARG G 1478 -19.89 76.30 28.92
N ALA G 1479 -19.56 75.12 28.38
CA ALA G 1479 -19.13 74.01 29.23
C ALA G 1479 -17.83 74.33 29.95
N GLU G 1480 -16.85 74.89 29.23
CA GLU G 1480 -15.58 75.24 29.85
C GLU G 1480 -15.78 76.30 30.92
N ALA G 1481 -16.66 77.28 30.67
CA ALA G 1481 -16.99 78.27 31.69
C ALA G 1481 -17.54 77.60 32.93
N GLU G 1482 -18.71 76.96 32.81
CA GLU G 1482 -19.38 76.38 33.97
C GLU G 1482 -18.45 75.44 34.74
N ALA G 1483 -17.60 74.69 34.02
CA ALA G 1483 -16.59 73.89 34.70
C ALA G 1483 -15.63 74.77 35.49
N ARG G 1484 -15.18 75.88 34.89
CA ARG G 1484 -14.24 76.76 35.58
C ARG G 1484 -14.83 77.28 36.89
N GLU G 1485 -16.07 77.77 36.83
CA GLU G 1485 -16.70 78.21 38.09
C GLU G 1485 -16.86 77.06 39.07
N LYS G 1486 -17.16 75.85 38.57
CA LYS G 1486 -17.31 74.71 39.47
C LYS G 1486 -16.04 74.43 40.24
N GLU G 1487 -14.90 74.30 39.53
CA GLU G 1487 -13.66 74.03 40.24
C GLU G 1487 -13.22 75.22 41.08
N THR G 1488 -13.48 76.45 40.65
CA THR G 1488 -13.09 77.60 41.48
C THR G 1488 -13.83 77.57 42.82
N LYS G 1489 -15.15 77.37 42.79
CA LYS G 1489 -15.89 77.35 44.05
C LYS G 1489 -15.49 76.15 44.90
N ALA G 1490 -15.27 74.99 44.27
CA ALA G 1490 -14.88 73.80 45.02
C ALA G 1490 -13.54 74.01 45.71
N LEU G 1491 -12.55 74.54 44.98
CA LEU G 1491 -11.22 74.74 45.56
C LEU G 1491 -11.24 75.84 46.62
N SER G 1492 -12.05 76.88 46.42
CA SER G 1492 -12.13 77.94 47.42
C SER G 1492 -12.70 77.41 48.73
N LEU G 1493 -13.82 76.70 48.67
CA LEU G 1493 -14.39 76.15 49.90
C LEU G 1493 -13.45 75.13 50.52
N ALA G 1494 -12.79 74.31 49.69
CA ALA G 1494 -11.86 73.32 50.21
C ALA G 1494 -10.70 73.98 50.95
N ARG G 1495 -10.12 75.03 50.38
CA ARG G 1495 -8.98 75.68 51.03
C ARG G 1495 -9.42 76.41 52.29
N ALA G 1496 -10.61 77.00 52.28
CA ALA G 1496 -11.10 77.66 53.50
C ALA G 1496 -11.26 76.64 54.63
N LEU G 1497 -11.86 75.50 54.34
CA LEU G 1497 -12.02 74.50 55.38
C LEU G 1497 -10.69 73.81 55.73
N GLU G 1498 -9.72 73.81 54.82
CA GLU G 1498 -8.37 73.36 55.17
C GLU G 1498 -7.74 74.27 56.20
N GLU G 1499 -7.86 75.58 55.99
CA GLU G 1499 -7.36 76.53 56.99
C GLU G 1499 -8.08 76.34 58.32
N ALA G 1500 -9.40 76.14 58.27
CA ALA G 1500 -10.15 75.90 59.50
C ALA G 1500 -9.67 74.63 60.21
N LEU G 1501 -9.44 73.56 59.46
CA LEU G 1501 -9.01 72.30 60.06
C LEU G 1501 -7.60 72.40 60.62
N GLU G 1502 -6.71 73.12 59.94
CA GLU G 1502 -5.36 73.31 60.48
C GLU G 1502 -5.40 74.11 61.77
N ALA G 1503 -6.22 75.17 61.81
CA ALA G 1503 -6.39 75.92 63.05
C ALA G 1503 -6.96 75.04 64.15
N LYS G 1504 -7.93 74.18 63.80
CA LYS G 1504 -8.50 73.27 64.78
C LYS G 1504 -7.46 72.28 65.32
N GLU G 1505 -6.60 71.77 64.43
CA GLU G 1505 -5.55 70.85 64.87
C GLU G 1505 -4.55 71.54 65.78
N GLU G 1506 -4.17 72.78 65.46
CA GLU G 1506 -3.26 73.51 66.34
C GLU G 1506 -3.90 73.78 67.69
N LEU G 1507 -5.19 74.14 67.70
CA LEU G 1507 -5.91 74.34 68.95
C LEU G 1507 -5.98 73.05 69.75
N GLU G 1508 -6.18 71.92 69.06
CA GLU G 1508 -6.22 70.63 69.75
C GLU G 1508 -4.87 70.29 70.36
N ARG G 1509 -3.78 70.60 69.65
CA ARG G 1509 -2.45 70.39 70.20
C ARG G 1509 -2.23 71.21 71.47
N THR G 1510 -2.58 72.50 71.41
CA THR G 1510 -2.42 73.35 72.59
C THR G 1510 -3.30 72.86 73.74
N ASN G 1511 -4.54 72.48 73.42
CA ASN G 1511 -5.47 72.01 74.45
C ASN G 1511 -4.96 70.73 75.10
N LYS G 1512 -4.44 69.79 74.31
CA LYS G 1512 -3.95 68.54 74.88
C LYS G 1512 -2.71 68.77 75.72
N MET G 1513 -1.83 69.69 75.30
CA MET G 1513 -0.66 70.00 76.13
C MET G 1513 -1.09 70.61 77.46
N LEU G 1514 -2.02 71.57 77.42
CA LEU G 1514 -2.50 72.19 78.65
C LEU G 1514 -3.20 71.17 79.54
N LYS G 1515 -4.02 70.30 78.95
CA LYS G 1515 -4.72 69.28 79.71
C LYS G 1515 -3.74 68.33 80.37
N ALA G 1516 -2.70 67.91 79.64
CA ALA G 1516 -1.71 67.02 80.22
C ALA G 1516 -1.00 67.68 81.39
N GLU G 1517 -0.60 68.95 81.23
CA GLU G 1517 0.14 69.60 82.32
C GLU G 1517 -0.75 69.81 83.54
N MET G 1518 -2.02 70.20 83.36
CA MET G 1518 -2.86 70.42 84.53
C MET G 1518 -3.24 69.11 85.19
N GLU G 1519 -3.44 68.05 84.40
CA GLU G 1519 -3.69 66.73 85.00
C GLU G 1519 -2.48 66.25 85.78
N ASP G 1520 -1.27 66.49 85.26
CA ASP G 1520 -0.07 66.14 86.01
C ASP G 1520 0.02 66.93 87.31
N LEU G 1521 -0.31 68.22 87.28
CA LEU G 1521 -0.30 69.01 88.50
C LEU G 1521 -1.32 68.50 89.50
N VAL G 1522 -2.53 68.16 89.03
CA VAL G 1522 -3.56 67.65 89.92
C VAL G 1522 -3.14 66.33 90.55
N SER G 1523 -2.54 65.44 89.74
CA SER G 1523 -2.06 64.17 90.26
C SER G 1523 -0.96 64.36 91.29
N SER G 1524 -0.03 65.29 91.03
CA SER G 1524 1.04 65.56 91.97
C SER G 1524 0.57 66.27 93.22
N LYS G 1525 -0.63 66.88 93.19
CA LYS G 1525 -1.17 67.50 94.39
C LYS G 1525 -1.34 66.49 95.51
N ASP G 1526 -1.86 65.31 95.20
CA ASP G 1526 -2.11 64.28 96.20
C ASP G 1526 -0.88 63.39 96.33
N ASP G 1527 -0.26 63.42 97.50
CA ASP G 1527 0.93 62.63 97.78
C ASP G 1527 0.89 61.85 99.09
N VAL G 1528 0.09 62.27 100.07
CA VAL G 1528 0.05 61.61 101.36
C VAL G 1528 -1.25 60.85 101.59
N GLY G 1529 -2.32 61.14 100.83
CA GLY G 1529 -3.62 60.56 101.08
C GLY G 1529 -3.73 59.07 100.82
N LYS G 1530 -4.97 58.58 100.75
CA LYS G 1530 -5.22 57.16 100.59
C LYS G 1530 -4.76 56.67 99.22
N ASN G 1531 -4.43 55.38 99.15
CA ASN G 1531 -3.98 54.75 97.93
C ASN G 1531 -5.12 54.21 97.08
N VAL G 1532 -6.37 54.45 97.49
CA VAL G 1532 -7.52 54.00 96.71
C VAL G 1532 -7.73 54.85 95.46
N HIS G 1533 -6.94 55.91 95.27
CA HIS G 1533 -7.03 56.69 94.04
C HIS G 1533 -6.72 55.84 92.82
N GLU G 1534 -5.63 55.06 92.89
CA GLU G 1534 -5.27 54.19 91.78
C GLU G 1534 -6.24 53.02 91.62
N LEU G 1535 -6.90 52.61 92.71
CA LEU G 1535 -7.91 51.55 92.59
C LEU G 1535 -8.99 51.94 91.60
N GLU G 1536 -9.59 53.11 91.79
CA GLU G 1536 -10.62 53.57 90.85
C GLU G 1536 -10.02 54.08 89.54
N LYS G 1537 -8.78 54.58 89.57
CA LYS G 1537 -8.10 54.94 88.33
C LYS G 1537 -7.86 53.73 87.44
N SER G 1538 -7.85 52.53 88.01
CA SER G 1538 -7.86 51.29 87.24
C SER G 1538 -9.26 50.74 87.01
N LYS G 1539 -10.19 51.03 87.93
CA LYS G 1539 -11.58 50.61 87.73
C LYS G 1539 -12.19 51.26 86.49
N ARG G 1540 -11.88 52.54 86.26
CA ARG G 1540 -12.41 53.20 85.07
C ARG G 1540 -12.00 52.45 83.80
N THR G 1541 -10.71 52.09 83.71
CA THR G 1541 -10.25 51.28 82.59
C THR G 1541 -10.90 49.90 82.60
N LEU G 1542 -11.24 49.39 83.79
CA LEU G 1542 -11.90 48.09 83.87
C LEU G 1542 -13.25 48.12 83.16
N GLU G 1543 -14.11 49.10 83.50
CA GLU G 1543 -15.37 49.17 82.75
C GLU G 1543 -15.16 49.55 81.29
N GLN G 1544 -14.19 50.42 81.00
CA GLN G 1544 -13.93 50.75 79.59
C GLN G 1544 -13.65 49.48 78.79
N GLN G 1545 -12.77 48.63 79.31
CA GLN G 1545 -12.54 47.33 78.70
C GLN G 1545 -13.80 46.48 78.69
N VAL G 1546 -14.66 46.64 79.69
CA VAL G 1546 -15.90 45.85 79.73
C VAL G 1546 -16.73 46.12 78.47
N GLU G 1547 -16.99 47.40 78.18
CA GLU G 1547 -17.72 47.66 76.94
C GLU G 1547 -16.88 47.39 75.69
N GLU G 1548 -15.54 47.47 75.78
CA GLU G 1548 -14.73 47.08 74.63
C GLU G 1548 -14.96 45.63 74.25
N MET G 1549 -14.89 44.71 75.23
CA MET G 1549 -15.17 43.31 74.92
C MET G 1549 -16.64 43.07 74.62
N LYS G 1550 -17.56 43.89 75.15
CA LYS G 1550 -18.95 43.77 74.72
C LYS G 1550 -19.09 44.05 73.23
N THR G 1551 -18.46 45.12 72.75
CA THR G 1551 -18.50 45.45 71.34
C THR G 1551 -17.83 44.35 70.50
N GLN G 1552 -16.70 43.84 70.99
CA GLN G 1552 -16.03 42.75 70.27
C GLN G 1552 -16.92 41.50 70.22
N LEU G 1553 -17.65 41.22 71.30
CA LEU G 1553 -18.57 40.10 71.31
C LEU G 1553 -19.70 40.29 70.32
N GLU G 1554 -20.21 41.52 70.19
CA GLU G 1554 -21.24 41.79 69.18
C GLU G 1554 -20.68 41.56 67.77
N GLU G 1555 -19.45 42.00 67.53
CA GLU G 1555 -18.81 41.75 66.23
C GLU G 1555 -18.66 40.25 65.99
N LEU G 1556 -18.29 39.50 67.02
CA LEU G 1556 -18.18 38.05 66.89
C LEU G 1556 -19.53 37.42 66.59
N GLU G 1557 -20.59 37.93 67.20
CA GLU G 1557 -21.93 37.45 66.87
C GLU G 1557 -22.26 37.70 65.40
N ASP G 1558 -21.92 38.90 64.91
CA ASP G 1558 -22.18 39.23 63.51
C ASP G 1558 -21.45 38.28 62.57
N GLU G 1559 -20.16 38.05 62.83
CA GLU G 1559 -19.45 37.08 62.00
C GLU G 1559 -19.97 35.66 62.22
N LEU G 1560 -20.65 35.40 63.35
CA LEU G 1560 -21.31 34.12 63.53
C LEU G 1560 -22.46 33.96 62.55
N GLN G 1561 -23.34 34.98 62.44
CA GLN G 1561 -24.37 34.88 61.41
C GLN G 1561 -23.75 34.81 60.02
N ALA G 1562 -22.59 35.43 59.83
CA ALA G 1562 -21.86 35.23 58.59
C ALA G 1562 -21.50 33.75 58.40
N ALA G 1563 -21.15 33.07 59.49
CA ALA G 1563 -20.83 31.65 59.42
C ALA G 1563 -22.05 30.82 59.03
N GLU G 1564 -23.22 31.11 59.62
CA GLU G 1564 -24.42 30.39 59.15
C GLU G 1564 -24.77 30.75 57.71
N ASP G 1565 -24.46 31.96 57.27
CA ASP G 1565 -24.63 32.29 55.86
C ASP G 1565 -23.74 31.42 54.98
N ALA G 1566 -22.50 31.20 55.42
CA ALA G 1566 -21.59 30.30 54.71
C ALA G 1566 -22.15 28.88 54.69
N LYS G 1567 -22.75 28.45 55.80
CA LYS G 1567 -23.38 27.13 55.82
C LYS G 1567 -24.52 27.05 54.81
N LEU G 1568 -25.36 28.09 54.75
CA LEU G 1568 -26.45 28.13 53.78
C LEU G 1568 -25.91 28.05 52.36
N ARG G 1569 -24.78 28.73 52.11
CA ARG G 1569 -24.14 28.61 50.81
C ARG G 1569 -23.62 27.19 50.57
N LEU G 1570 -23.22 26.49 51.64
CA LEU G 1570 -22.86 25.09 51.50
C LEU G 1570 -24.04 24.26 50.98
N GLU G 1571 -25.22 24.43 51.59
CA GLU G 1571 -26.37 23.66 51.10
C GLU G 1571 -26.77 24.06 49.68
N VAL G 1572 -26.69 25.36 49.36
CA VAL G 1572 -27.08 25.73 48.00
C VAL G 1572 -26.08 25.15 46.99
N ASN G 1573 -24.79 25.09 47.35
CA ASN G 1573 -23.80 24.51 46.45
C ASN G 1573 -24.04 23.01 46.27
N MET G 1574 -24.36 22.30 47.35
CA MET G 1574 -24.59 20.85 47.19
C MET G 1574 -25.83 20.57 46.35
N GLN G 1575 -26.92 21.31 46.59
CA GLN G 1575 -28.09 21.11 45.76
C GLN G 1575 -27.81 21.51 44.31
N ALA G 1576 -26.93 22.49 44.08
CA ALA G 1576 -26.54 22.83 42.72
C ALA G 1576 -25.77 21.69 42.07
N MET G 1577 -24.89 21.03 42.82
CA MET G 1577 -24.17 19.89 42.25
C MET G 1577 -25.13 18.79 41.83
N LYS G 1578 -26.06 18.42 42.71
CA LYS G 1578 -27.04 17.41 42.29
C LYS G 1578 -27.88 17.90 41.11
N SER G 1579 -28.25 19.17 41.10
CA SER G 1579 -29.07 19.70 40.01
C SER G 1579 -28.36 19.56 38.67
N GLN G 1580 -27.10 19.94 38.62
CA GLN G 1580 -26.35 19.78 37.38
C GLN G 1580 -26.10 18.32 37.07
N PHE G 1581 -26.10 17.46 38.09
CA PHE G 1581 -26.08 16.02 37.82
C PHE G 1581 -27.27 15.59 36.98
N GLU G 1582 -28.49 15.96 37.37
CA GLU G 1582 -29.59 15.53 36.50
C GLU G 1582 -29.58 16.32 35.20
N ARG G 1583 -29.03 17.53 35.18
CA ARG G 1583 -28.94 18.23 33.89
C ARG G 1583 -28.04 17.46 32.93
N ASP G 1584 -26.92 16.94 33.42
CA ASP G 1584 -26.03 16.11 32.60
C ASP G 1584 -26.72 14.81 32.18
N LEU G 1585 -27.50 14.22 33.08
CA LEU G 1585 -28.26 13.02 32.69
C LEU G 1585 -29.22 13.32 31.54
N GLN G 1586 -29.96 14.43 31.65
CA GLN G 1586 -30.87 14.82 30.58
C GLN G 1586 -30.12 15.13 29.30
N ALA G 1587 -28.94 15.74 29.42
CA ALA G 1587 -28.14 16.04 28.24
C ALA G 1587 -27.71 14.77 27.53
N ARG G 1588 -27.21 13.78 28.27
CA ARG G 1588 -26.79 12.54 27.61
C ARG G 1588 -27.98 11.80 27.03
N ASP G 1589 -29.15 11.86 27.69
CA ASP G 1589 -30.35 11.31 27.08
C ASP G 1589 -30.68 12.04 25.78
N GLU G 1590 -30.45 13.35 25.73
CA GLU G 1590 -30.69 14.10 24.50
C GLU G 1590 -29.76 13.65 23.38
N GLN G 1591 -28.47 13.46 23.69
CA GLN G 1591 -27.57 12.97 22.65
C GLN G 1591 -27.92 11.55 22.21
N ASN G 1592 -28.39 10.71 23.14
CA ASN G 1592 -28.86 9.38 22.74
C ASN G 1592 -30.06 9.47 21.80
N GLU G 1593 -30.98 10.40 22.09
CA GLU G 1593 -32.13 10.59 21.21
C GLU G 1593 -31.69 11.08 19.83
N GLU G 1594 -30.69 11.97 19.80
CA GLU G 1594 -30.16 12.42 18.52
C GLU G 1594 -29.54 11.27 17.74
N LYS G 1595 -28.80 10.40 18.43
CA LYS G 1595 -28.23 9.23 17.78
C LYS G 1595 -29.32 8.32 17.22
N ARG G 1596 -30.40 8.13 17.97
CA ARG G 1596 -31.50 7.30 17.48
C ARG G 1596 -32.16 7.92 16.25
N ARG G 1597 -32.37 9.24 16.28
CA ARG G 1597 -32.96 9.92 15.13
C ARG G 1597 -32.09 9.77 13.90
N GLN G 1598 -30.77 9.94 14.06
CA GLN G 1598 -29.88 9.76 12.93
C GLN G 1598 -29.79 8.31 12.49
N LEU G 1599 -30.01 7.35 13.40
CA LEU G 1599 -30.09 5.96 12.99
C LEU G 1599 -31.32 5.70 12.14
N LEU G 1600 -32.46 6.30 12.50
CA LEU G 1600 -33.64 6.20 11.65
C LEU G 1600 -33.41 6.85 10.31
N LYS G 1601 -32.71 7.99 10.29
CA LYS G 1601 -32.34 8.62 9.02
C LYS G 1601 -31.44 7.71 8.20
N GLN G 1602 -30.53 7.00 8.87
CA GLN G 1602 -29.67 6.03 8.20
C GLN G 1602 -30.48 4.91 7.57
N LEU G 1603 -31.51 4.43 8.28
CA LEU G 1603 -32.38 3.41 7.72
C LEU G 1603 -33.14 3.94 6.50
N HIS G 1604 -33.61 5.19 6.58
CA HIS G 1604 -34.29 5.80 5.44
C HIS G 1604 -33.37 5.90 4.23
N GLU G 1605 -32.12 6.31 4.45
CA GLU G 1605 -31.19 6.39 3.33
C GLU G 1605 -30.83 5.01 2.79
N HIS G 1606 -30.75 4.00 3.67
CA HIS G 1606 -30.61 2.63 3.19
C HIS G 1606 -31.77 2.24 2.29
N GLU G 1607 -32.98 2.65 2.64
CA GLU G 1607 -34.10 2.47 1.73
C GLU G 1607 -33.83 3.19 0.41
N THR G 1608 -33.23 4.38 0.47
CA THR G 1608 -32.91 5.10 -0.77
C THR G 1608 -31.96 4.31 -1.66
N GLU G 1609 -30.92 3.70 -1.07
CA GLU G 1609 -30.12 2.79 -1.90
C GLU G 1609 -30.91 1.56 -2.33
N LEU G 1610 -31.98 1.20 -1.63
CA LEU G 1610 -32.85 0.15 -2.17
C LEU G 1610 -33.50 0.58 -3.47
N GLU G 1611 -34.03 1.82 -3.52
CA GLU G 1611 -34.51 2.30 -4.82
C GLU G 1611 -33.38 2.43 -5.83
N ASP G 1612 -32.16 2.73 -5.36
CA ASP G 1612 -31.02 2.74 -6.27
C ASP G 1612 -30.80 1.37 -6.90
N GLU G 1613 -30.89 0.32 -6.07
CA GLU G 1613 -30.74 -1.04 -6.57
C GLU G 1613 -31.82 -1.40 -7.57
N ARG G 1614 -33.07 -1.03 -7.29
CA ARG G 1614 -34.12 -1.35 -8.26
C ARG G 1614 -33.98 -0.54 -9.54
N LYS G 1615 -33.46 0.70 -9.45
CA LYS G 1615 -33.16 1.45 -10.65
C LYS G 1615 -32.08 0.76 -11.48
N GLN G 1616 -31.05 0.24 -10.82
CA GLN G 1616 -30.01 -0.49 -11.54
C GLN G 1616 -30.57 -1.76 -12.17
N ARG G 1617 -31.49 -2.44 -11.47
CA ARG G 1617 -32.14 -3.60 -12.06
C ARG G 1617 -32.95 -3.23 -13.29
N ALA G 1618 -33.66 -2.11 -13.23
CA ALA G 1618 -34.41 -1.65 -14.40
C ALA G 1618 -33.48 -1.31 -15.55
N LEU G 1619 -32.33 -0.70 -15.24
CA LEU G 1619 -31.33 -0.41 -16.27
C LEU G 1619 -30.82 -1.70 -16.92
N ALA G 1620 -30.53 -2.71 -16.10
CA ALA G 1620 -30.06 -3.99 -16.62
C ALA G 1620 -31.15 -4.73 -17.38
N ALA G 1621 -32.42 -4.45 -17.10
CA ALA G 1621 -33.50 -5.12 -17.83
C ALA G 1621 -33.50 -4.73 -19.30
N ALA G 1622 -33.22 -3.46 -19.60
CA ALA G 1622 -33.21 -2.98 -20.98
C ALA G 1622 -32.07 -3.62 -21.78
N GLN H 1412 -16.78 45.75 -56.99
CA GLN H 1412 -15.33 45.77 -57.21
C GLN H 1412 -14.88 47.18 -57.57
N PHE H 1413 -15.05 47.60 -58.83
CA PHE H 1413 -14.84 49.00 -59.14
C PHE H 1413 -15.92 49.88 -58.54
N GLU H 1414 -17.13 49.35 -58.36
CA GLU H 1414 -18.22 50.14 -57.79
C GLU H 1414 -17.98 50.47 -56.32
N GLU H 1415 -17.34 49.55 -55.58
CA GLU H 1415 -17.13 49.79 -54.15
C GLU H 1415 -16.06 50.85 -53.88
N LYS H 1416 -15.29 51.25 -54.89
CA LYS H 1416 -14.36 52.36 -54.70
C LYS H 1416 -15.09 53.64 -54.32
N ALA H 1417 -16.22 53.91 -54.98
CA ALA H 1417 -17.00 55.10 -54.67
C ALA H 1417 -17.49 55.08 -53.23
N ALA H 1418 -18.04 53.94 -52.79
CA ALA H 1418 -18.52 53.84 -51.41
C ALA H 1418 -17.36 53.96 -50.43
N SER H 1419 -16.21 53.38 -50.75
CA SER H 1419 -15.03 53.50 -49.89
C SER H 1419 -14.61 54.95 -49.75
N TYR H 1420 -14.55 55.68 -50.87
CA TYR H 1420 -14.26 57.11 -50.78
C TYR H 1420 -15.29 57.82 -49.92
N ASP H 1421 -16.58 57.61 -50.21
CA ASP H 1421 -17.62 58.36 -49.50
C ASP H 1421 -17.55 58.13 -48.01
N LYS H 1422 -17.31 56.88 -47.58
CA LYS H 1422 -17.11 56.66 -46.15
C LYS H 1422 -15.83 57.31 -45.66
N LEU H 1423 -14.82 57.43 -46.53
CA LEU H 1423 -13.60 58.15 -46.10
C LEU H 1423 -13.89 59.63 -45.83
N GLU H 1424 -14.61 60.31 -46.72
CA GLU H 1424 -14.98 61.69 -46.41
C GLU H 1424 -15.91 61.77 -45.20
N LYS H 1425 -16.80 60.78 -45.01
CA LYS H 1425 -17.64 60.80 -43.81
C LYS H 1425 -16.79 60.72 -42.54
N THR H 1426 -15.79 59.85 -42.55
CA THR H 1426 -14.87 59.74 -41.42
C THR H 1426 -14.08 61.03 -41.23
N LYS H 1427 -13.65 61.65 -42.33
CA LYS H 1427 -12.92 62.91 -42.19
C LYS H 1427 -13.78 64.00 -41.58
N ASN H 1428 -15.05 64.10 -42.02
CA ASN H 1428 -15.96 65.09 -41.44
C ASN H 1428 -16.18 64.83 -39.96
N ARG H 1429 -16.39 63.58 -39.59
CA ARG H 1429 -16.46 63.26 -38.16
C ARG H 1429 -15.13 63.55 -37.46
N LEU H 1430 -14.02 63.54 -38.19
CA LEU H 1430 -12.74 63.90 -37.59
C LEU H 1430 -12.67 65.38 -37.25
N GLN H 1431 -13.10 66.25 -38.17
CA GLN H 1431 -13.13 67.67 -37.79
C GLN H 1431 -14.17 67.92 -36.70
N GLN H 1432 -15.28 67.18 -36.71
CA GLN H 1432 -16.25 67.30 -35.62
C GLN H 1432 -15.62 66.93 -34.29
N GLU H 1433 -14.84 65.83 -34.28
CA GLU H 1433 -14.13 65.42 -33.08
C GLU H 1433 -13.14 66.48 -32.63
N LEU H 1434 -12.42 67.08 -33.58
CA LEU H 1434 -11.45 68.10 -33.22
C LEU H 1434 -12.13 69.31 -32.57
N ASP H 1435 -13.22 69.79 -33.18
CA ASP H 1435 -13.85 70.98 -32.62
C ASP H 1435 -14.51 70.68 -31.28
N ASP H 1436 -15.15 69.52 -31.13
CA ASP H 1436 -15.74 69.21 -29.82
C ASP H 1436 -14.65 68.95 -28.78
N LEU H 1437 -13.47 68.48 -29.19
CA LEU H 1437 -12.38 68.33 -28.25
C LEU H 1437 -11.85 69.69 -27.80
N VAL H 1438 -11.79 70.66 -28.71
CA VAL H 1438 -11.40 72.02 -28.31
C VAL H 1438 -12.44 72.60 -27.36
N VAL H 1439 -13.72 72.36 -27.65
CA VAL H 1439 -14.78 72.81 -26.74
C VAL H 1439 -14.60 72.15 -25.37
N ASP H 1440 -14.25 70.87 -25.35
CA ASP H 1440 -14.00 70.18 -24.09
C ASP H 1440 -12.79 70.74 -23.36
N LEU H 1441 -11.76 71.19 -24.09
CA LEU H 1441 -10.64 71.87 -23.46
C LEU H 1441 -11.09 73.16 -22.80
N ASP H 1442 -11.97 73.90 -23.48
CA ASP H 1442 -12.52 75.12 -22.88
C ASP H 1442 -13.33 74.77 -21.62
N ASN H 1443 -14.09 73.67 -21.67
CA ASN H 1443 -14.81 73.20 -20.49
C ASN H 1443 -13.84 72.84 -19.37
N GLN H 1444 -12.69 72.27 -19.71
CA GLN H 1444 -11.68 71.97 -18.71
C GLN H 1444 -11.15 73.24 -18.08
N ARG H 1445 -10.94 74.28 -18.89
CA ARG H 1445 -10.49 75.56 -18.34
C ARG H 1445 -11.53 76.15 -17.38
N GLN H 1446 -12.80 76.11 -17.78
CA GLN H 1446 -13.82 76.68 -16.90
C GLN H 1446 -14.01 75.84 -15.64
N LEU H 1447 -13.82 74.52 -15.72
CA LEU H 1447 -13.90 73.72 -14.50
C LEU H 1447 -12.66 73.89 -13.63
N VAL H 1448 -11.52 74.26 -14.20
CA VAL H 1448 -10.39 74.67 -13.37
C VAL H 1448 -10.70 75.98 -12.66
N SER H 1449 -11.40 76.88 -13.33
CA SER H 1449 -11.89 78.07 -12.64
C SER H 1449 -12.84 77.71 -11.51
N ASN H 1450 -13.75 76.76 -11.76
CA ASN H 1450 -14.63 76.26 -10.70
C ASN H 1450 -13.83 75.58 -9.59
N LEU H 1451 -12.68 74.98 -9.93
CA LEU H 1451 -11.82 74.40 -8.90
C LEU H 1451 -11.14 75.48 -8.08
N GLU H 1452 -10.83 76.62 -8.68
CA GLU H 1452 -10.39 77.77 -7.89
C GLU H 1452 -11.51 78.24 -6.96
N LYS H 1453 -12.75 78.17 -7.43
CA LYS H 1453 -13.87 78.43 -6.52
C LYS H 1453 -13.93 77.40 -5.40
N LYS H 1454 -13.61 76.13 -5.72
CA LYS H 1454 -13.44 75.12 -4.68
C LYS H 1454 -12.36 75.52 -3.70
N GLN H 1455 -11.28 76.14 -4.19
CA GLN H 1455 -10.23 76.61 -3.31
C GLN H 1455 -10.72 77.74 -2.40
N LYS H 1456 -11.62 78.57 -2.90
CA LYS H 1456 -12.29 79.53 -2.02
C LYS H 1456 -13.11 78.81 -0.95
N LYS H 1457 -13.81 77.74 -1.35
CA LYS H 1457 -14.50 76.91 -0.38
C LYS H 1457 -13.52 76.29 0.62
N PHE H 1458 -12.28 76.05 0.19
CA PHE H 1458 -11.26 75.55 1.10
C PHE H 1458 -10.71 76.65 2.00
N ASP H 1459 -10.76 77.90 1.56
CA ASP H 1459 -10.55 79.01 2.49
C ASP H 1459 -11.63 79.02 3.57
N GLN H 1460 -12.86 78.71 3.18
CA GLN H 1460 -13.90 78.55 4.20
C GLN H 1460 -13.67 77.30 5.06
N MET H 1461 -13.03 76.27 4.50
CA MET H 1461 -12.48 75.18 5.32
C MET H 1461 -11.50 75.73 6.35
N LEU H 1462 -10.64 76.67 5.95
CA LEU H 1462 -9.73 77.29 6.91
C LEU H 1462 -10.51 78.03 7.99
N ALA H 1463 -11.61 78.68 7.61
CA ALA H 1463 -12.44 79.37 8.60
C ALA H 1463 -13.04 78.38 9.61
N GLU H 1464 -13.57 77.26 9.12
CA GLU H 1464 -14.12 76.29 10.05
C GLU H 1464 -13.01 75.67 10.89
N GLU H 1465 -11.79 75.61 10.36
CA GLU H 1465 -10.65 75.15 11.16
C GLU H 1465 -10.27 76.16 12.22
N LYS H 1466 -10.48 77.45 11.97
CA LYS H 1466 -10.34 78.44 13.03
C LYS H 1466 -11.38 78.20 14.12
N ASN H 1467 -12.60 77.85 13.73
CA ASN H 1467 -13.60 77.46 14.72
C ASN H 1467 -13.15 76.22 15.50
N ILE H 1468 -12.56 75.24 14.79
CA ILE H 1468 -12.02 74.06 15.44
C ILE H 1468 -10.87 74.44 16.37
N SER H 1469 -10.13 75.50 16.05
CA SER H 1469 -9.11 76.00 16.96
C SER H 1469 -9.75 76.59 18.22
N SER H 1470 -10.92 77.19 18.09
CA SER H 1470 -11.68 77.58 19.27
C SER H 1470 -12.05 76.37 20.11
N LYS H 1471 -12.50 75.30 19.45
CA LYS H 1471 -12.74 74.04 20.18
C LYS H 1471 -11.45 73.52 20.81
N TYR H 1472 -10.31 73.74 20.17
CA TYR H 1472 -9.02 73.32 20.72
C TYR H 1472 -8.69 74.10 22.00
N ALA H 1473 -8.96 75.40 22.00
CA ALA H 1473 -8.82 76.18 23.22
C ALA H 1473 -9.73 75.63 24.32
N ASP H 1474 -10.96 75.28 23.94
CA ASP H 1474 -11.83 74.57 24.88
C ASP H 1474 -11.20 73.29 25.38
N GLU H 1475 -10.45 72.59 24.51
CA GLU H 1475 -9.81 71.35 24.90
C GLU H 1475 -8.73 71.58 25.96
N ARG H 1476 -7.89 72.60 25.78
CA ARG H 1476 -6.95 72.93 26.87
C ARG H 1476 -7.69 73.34 28.14
N ASP H 1477 -8.77 74.11 28.02
CA ASP H 1477 -9.49 74.53 29.22
C ASP H 1477 -10.05 73.33 29.97
N ARG H 1478 -10.64 72.37 29.25
CA ARG H 1478 -11.19 71.20 29.92
C ARG H 1478 -10.08 70.29 30.45
N ALA H 1479 -8.92 70.26 29.80
CA ALA H 1479 -7.79 69.51 30.36
C ALA H 1479 -7.30 70.13 31.67
N GLU H 1480 -7.26 71.46 31.73
CA GLU H 1480 -6.91 72.14 32.97
C GLU H 1480 -7.93 71.84 34.06
N ALA H 1481 -9.21 71.85 33.70
CA ALA H 1481 -10.25 71.49 34.67
C ALA H 1481 -10.07 70.05 35.14
N GLU H 1482 -9.68 69.15 34.23
CA GLU H 1482 -9.47 67.75 34.57
C GLU H 1482 -8.32 67.60 35.57
N ALA H 1483 -7.20 68.30 35.31
CA ALA H 1483 -6.08 68.26 36.24
C ALA H 1483 -6.46 68.84 37.59
N ARG H 1484 -7.23 69.93 37.59
CA ARG H 1484 -7.68 70.51 38.84
C ARG H 1484 -8.63 69.57 39.58
N GLU H 1485 -9.40 68.77 38.84
CA GLU H 1485 -10.23 67.74 39.48
C GLU H 1485 -9.38 66.65 40.12
N LYS H 1486 -8.27 66.28 39.46
CA LYS H 1486 -7.35 65.33 40.09
C LYS H 1486 -6.79 65.90 41.39
N GLU H 1487 -6.39 67.18 41.36
CA GLU H 1487 -5.93 67.85 42.56
C GLU H 1487 -7.03 67.88 43.63
N THR H 1488 -8.27 68.11 43.21
CA THR H 1488 -9.39 68.11 44.15
C THR H 1488 -9.62 66.74 44.76
N LYS H 1489 -9.40 65.67 43.99
CA LYS H 1489 -9.52 64.32 44.54
C LYS H 1489 -8.48 64.06 45.60
N ALA H 1490 -7.22 64.42 45.32
CA ALA H 1490 -6.18 64.27 46.34
C ALA H 1490 -6.50 65.11 47.56
N LEU H 1491 -7.00 66.33 47.33
CA LEU H 1491 -7.39 67.22 48.42
C LEU H 1491 -8.49 66.60 49.26
N SER H 1492 -9.49 66.00 48.62
CA SER H 1492 -10.61 65.40 49.34
C SER H 1492 -10.17 64.18 50.14
N LEU H 1493 -9.20 63.42 49.62
CA LEU H 1493 -8.61 62.35 50.41
C LEU H 1493 -7.95 62.93 51.67
N ALA H 1494 -7.24 64.04 51.51
CA ALA H 1494 -6.66 64.71 52.67
C ALA H 1494 -7.75 65.17 53.65
N ARG H 1495 -8.87 65.65 53.12
CA ARG H 1495 -9.97 66.09 54.00
C ARG H 1495 -10.55 64.90 54.76
N ALA H 1496 -10.67 63.75 54.11
CA ALA H 1496 -11.17 62.56 54.81
C ALA H 1496 -10.22 62.16 55.92
N LEU H 1497 -8.90 62.21 55.65
CA LEU H 1497 -7.93 61.94 56.71
C LEU H 1497 -8.09 62.94 57.86
N GLU H 1498 -8.26 64.22 57.52
CA GLU H 1498 -8.39 65.25 58.53
C GLU H 1498 -9.64 65.05 59.39
N GLU H 1499 -10.76 64.68 58.77
CA GLU H 1499 -11.99 64.49 59.54
C GLU H 1499 -11.91 63.24 60.40
N ALA H 1500 -11.25 62.19 59.93
CA ALA H 1500 -11.01 61.03 60.80
C ALA H 1500 -10.17 61.43 62.01
N LEU H 1501 -9.11 62.22 61.78
CA LEU H 1501 -8.30 62.70 62.89
C LEU H 1501 -9.12 63.56 63.84
N GLU H 1502 -10.02 64.39 63.29
CA GLU H 1502 -10.88 65.24 64.12
C GLU H 1502 -11.79 64.41 65.01
N ALA H 1503 -12.40 63.36 64.44
CA ALA H 1503 -13.23 62.48 65.25
C ALA H 1503 -12.43 61.81 66.35
N LYS H 1504 -11.24 61.31 66.02
CA LYS H 1504 -10.41 60.67 67.04
C LYS H 1504 -10.03 61.64 68.14
N GLU H 1505 -9.64 62.87 67.78
CA GLU H 1505 -9.20 63.81 68.80
C GLU H 1505 -10.36 64.33 69.64
N GLU H 1506 -11.56 64.45 69.06
CA GLU H 1506 -12.70 64.87 69.88
C GLU H 1506 -13.12 63.76 70.84
N LEU H 1507 -13.04 62.50 70.40
CA LEU H 1507 -13.28 61.41 71.34
C LEU H 1507 -12.25 61.40 72.46
N GLU H 1508 -10.98 61.64 72.10
CA GLU H 1508 -9.93 61.72 73.12
C GLU H 1508 -10.18 62.88 74.08
N ARG H 1509 -10.67 64.01 73.55
CA ARG H 1509 -10.98 65.15 74.40
C ARG H 1509 -12.10 64.82 75.38
N THR H 1510 -13.14 64.11 74.92
CA THR H 1510 -14.20 63.69 75.83
C THR H 1510 -13.65 62.76 76.90
N ASN H 1511 -12.77 61.83 76.52
CA ASN H 1511 -12.16 60.95 77.50
C ASN H 1511 -11.34 61.73 78.52
N LYS H 1512 -10.56 62.71 78.06
CA LYS H 1512 -9.77 63.52 78.98
C LYS H 1512 -10.67 64.33 79.91
N MET H 1513 -11.78 64.85 79.40
CA MET H 1513 -12.69 65.63 80.22
C MET H 1513 -13.30 64.76 81.32
N LEU H 1514 -13.75 63.56 80.97
CA LEU H 1514 -14.32 62.68 82.01
C LEU H 1514 -13.26 62.25 83.00
N LYS H 1515 -12.04 61.97 82.53
CA LYS H 1515 -10.95 61.63 83.44
C LYS H 1515 -10.66 62.78 84.40
N ALA H 1516 -10.64 64.01 83.90
CA ALA H 1516 -10.36 65.17 84.74
C ALA H 1516 -11.45 65.38 85.78
N GLU H 1517 -12.72 65.26 85.39
CA GLU H 1517 -13.78 65.42 86.37
C GLU H 1517 -13.74 64.33 87.43
N MET H 1518 -13.47 63.08 87.02
CA MET H 1518 -13.32 62.01 88.00
C MET H 1518 -12.17 62.31 88.95
N GLU H 1519 -11.02 62.73 88.40
CA GLU H 1519 -9.83 62.94 89.21
C GLU H 1519 -10.01 64.07 90.20
N ASP H 1520 -10.58 65.19 89.79
CA ASP H 1520 -10.78 66.26 90.76
C ASP H 1520 -11.98 66.03 91.66
N LEU H 1521 -12.81 65.01 91.36
CA LEU H 1521 -13.75 64.53 92.37
C LEU H 1521 -13.13 63.50 93.32
N VAL H 1522 -11.96 62.95 92.98
CA VAL H 1522 -11.32 61.95 93.84
C VAL H 1522 -10.92 62.54 95.19
N SER H 1523 -10.34 63.75 95.19
CA SER H 1523 -9.56 64.24 96.31
C SER H 1523 -10.39 64.51 97.56
N SER H 1524 -11.72 64.51 97.47
CA SER H 1524 -12.52 65.01 98.59
C SER H 1524 -12.64 64.00 99.73
N LYS H 1525 -13.28 62.87 99.48
CA LYS H 1525 -13.79 61.99 100.54
C LYS H 1525 -13.28 60.56 100.38
N ASP H 1526 -11.97 60.40 100.22
CA ASP H 1526 -11.35 59.08 100.17
C ASP H 1526 -10.53 58.88 101.43
N ASP H 1527 -11.13 58.21 102.43
CA ASP H 1527 -10.45 57.91 103.68
C ASP H 1527 -10.28 56.41 103.88
N VAL H 1528 -11.36 55.63 103.85
CA VAL H 1528 -11.32 54.19 104.06
C VAL H 1528 -12.18 53.53 102.98
N GLY H 1529 -12.31 52.21 103.07
CA GLY H 1529 -13.11 51.47 102.12
C GLY H 1529 -13.23 50.02 102.55
N LYS H 1530 -14.02 49.29 101.78
CA LYS H 1530 -14.24 47.86 102.04
C LYS H 1530 -13.24 47.02 101.26
N ASN H 1531 -13.24 45.72 101.56
CA ASN H 1531 -12.31 44.81 100.93
C ASN H 1531 -12.70 44.54 99.48
N VAL H 1532 -11.76 43.94 98.74
CA VAL H 1532 -11.94 43.64 97.33
C VAL H 1532 -12.13 42.14 97.15
N HIS H 1533 -12.70 41.48 98.17
CA HIS H 1533 -12.87 40.03 98.13
C HIS H 1533 -13.70 39.60 96.93
N GLU H 1534 -14.73 40.37 96.57
CA GLU H 1534 -15.55 40.05 95.42
C GLU H 1534 -15.02 40.65 94.12
N LEU H 1535 -13.96 41.47 94.19
CA LEU H 1535 -13.38 42.03 92.97
C LEU H 1535 -12.79 40.94 92.09
N GLU H 1536 -12.12 39.96 92.69
CA GLU H 1536 -11.55 38.86 91.92
C GLU H 1536 -12.62 38.02 91.23
N LYS H 1537 -13.85 38.02 91.74
CA LYS H 1537 -14.93 37.33 91.05
C LYS H 1537 -15.19 37.96 89.68
N SER H 1538 -15.20 39.29 89.62
CA SER H 1538 -15.33 39.97 88.33
C SER H 1538 -14.16 39.63 87.42
N LYS H 1539 -12.95 39.57 87.97
CA LYS H 1539 -11.78 39.23 87.16
C LYS H 1539 -11.88 37.83 86.58
N ARG H 1540 -12.31 36.85 87.38
CA ARG H 1540 -12.40 35.50 86.87
C ARG H 1540 -13.57 35.33 85.89
N THR H 1541 -14.67 36.06 86.10
CA THR H 1541 -15.74 36.06 85.11
C THR H 1541 -15.23 36.64 83.79
N LEU H 1542 -14.45 37.73 83.85
CA LEU H 1542 -13.87 38.28 82.63
C LEU H 1542 -12.91 37.29 81.98
N GLU H 1543 -12.13 36.56 82.78
CA GLU H 1543 -11.20 35.57 82.25
C GLU H 1543 -11.95 34.46 81.52
N GLN H 1544 -13.03 33.95 82.12
CA GLN H 1544 -13.77 32.88 81.46
C GLN H 1544 -14.52 33.40 80.23
N GLN H 1545 -14.99 34.65 80.28
CA GLN H 1545 -15.60 35.25 79.09
C GLN H 1545 -14.60 35.38 77.95
N VAL H 1546 -13.38 35.85 78.24
CA VAL H 1546 -12.40 36.00 77.18
C VAL H 1546 -11.97 34.62 76.67
N GLU H 1547 -11.88 33.64 77.57
CA GLU H 1547 -11.57 32.27 77.16
C GLU H 1547 -12.61 31.75 76.18
N GLU H 1548 -13.89 31.91 76.51
CA GLU H 1548 -14.93 31.37 75.63
C GLU H 1548 -15.01 32.16 74.32
N MET H 1549 -14.81 33.48 74.36
CA MET H 1549 -14.90 34.24 73.12
C MET H 1549 -13.76 33.90 72.18
N LYS H 1550 -12.54 33.69 72.71
CA LYS H 1550 -11.48 33.24 71.81
C LYS H 1550 -11.65 31.78 71.42
N THR H 1551 -12.38 30.99 72.22
CA THR H 1551 -12.76 29.66 71.78
C THR H 1551 -13.65 29.74 70.54
N GLN H 1552 -14.65 30.62 70.56
CA GLN H 1552 -15.46 30.81 69.36
C GLN H 1552 -14.62 31.40 68.23
N LEU H 1553 -13.67 32.29 68.55
CA LEU H 1553 -12.73 32.77 67.54
C LEU H 1553 -12.11 31.61 66.79
N GLU H 1554 -11.40 30.74 67.52
CA GLU H 1554 -10.70 29.64 66.87
C GLU H 1554 -11.66 28.72 66.13
N GLU H 1555 -12.77 28.35 66.79
CA GLU H 1555 -13.71 27.41 66.18
C GLU H 1555 -14.28 27.98 64.88
N LEU H 1556 -14.80 29.20 64.93
CA LEU H 1556 -15.45 29.78 63.76
C LEU H 1556 -14.44 30.08 62.66
N GLU H 1557 -13.24 30.54 63.00
CA GLU H 1557 -12.24 30.79 61.97
C GLU H 1557 -11.84 29.51 61.27
N ASP H 1558 -11.59 28.44 62.04
CA ASP H 1558 -11.23 27.17 61.42
C ASP H 1558 -12.37 26.65 60.54
N GLU H 1559 -13.61 26.70 61.05
CA GLU H 1559 -14.73 26.17 60.28
C GLU H 1559 -14.98 27.01 59.03
N LEU H 1560 -14.86 28.33 59.12
CA LEU H 1560 -15.10 29.16 57.94
C LEU H 1560 -14.00 28.96 56.92
N GLN H 1561 -12.73 28.87 57.35
CA GLN H 1561 -11.66 28.61 56.41
C GLN H 1561 -11.90 27.29 55.69
N ALA H 1562 -12.16 26.22 56.45
CA ALA H 1562 -12.38 24.91 55.83
C ALA H 1562 -13.57 24.95 54.89
N ALA H 1563 -14.69 25.51 55.33
CA ALA H 1563 -15.92 25.49 54.54
C ALA H 1563 -15.77 26.32 53.26
N GLU H 1564 -15.28 27.55 53.38
CA GLU H 1564 -15.13 28.42 52.21
C GLU H 1564 -14.11 27.86 51.24
N ASP H 1565 -12.98 27.35 51.74
CA ASP H 1565 -11.98 26.77 50.87
C ASP H 1565 -12.53 25.55 50.13
N ALA H 1566 -13.24 24.68 50.86
CA ALA H 1566 -13.85 23.51 50.23
C ALA H 1566 -14.90 23.93 49.21
N LYS H 1567 -15.67 24.97 49.52
CA LYS H 1567 -16.70 25.44 48.59
C LYS H 1567 -16.09 25.98 47.30
N LEU H 1568 -15.08 26.83 47.44
CA LEU H 1568 -14.46 27.43 46.25
C LEU H 1568 -13.76 26.36 45.41
N ARG H 1569 -13.00 25.46 46.05
CA ARG H 1569 -12.36 24.39 45.31
C ARG H 1569 -13.36 23.39 44.77
N LEU H 1570 -14.54 23.26 45.40
CA LEU H 1570 -15.56 22.37 44.89
C LEU H 1570 -16.28 22.98 43.69
N GLU H 1571 -16.39 24.31 43.63
CA GLU H 1571 -16.83 24.95 42.40
C GLU H 1571 -15.76 24.84 41.32
N VAL H 1572 -14.49 24.86 41.71
CA VAL H 1572 -13.42 24.57 40.75
C VAL H 1572 -13.58 23.16 40.19
N ASN H 1573 -13.86 22.18 41.07
CA ASN H 1573 -14.13 20.82 40.61
C ASN H 1573 -15.42 20.76 39.80
N MET H 1574 -16.39 21.61 40.12
CA MET H 1574 -17.61 21.72 39.33
C MET H 1574 -17.28 22.06 37.89
N GLN H 1575 -16.49 23.12 37.70
CA GLN H 1575 -16.06 23.50 36.37
C GLN H 1575 -15.25 22.38 35.71
N ALA H 1576 -14.37 21.74 36.47
CA ALA H 1576 -13.54 20.68 35.89
C ALA H 1576 -14.37 19.51 35.41
N MET H 1577 -15.34 19.06 36.21
CA MET H 1577 -16.18 17.93 35.81
C MET H 1577 -17.12 18.33 34.68
N LYS H 1578 -17.56 19.59 34.65
CA LYS H 1578 -18.33 20.08 33.51
C LYS H 1578 -17.48 20.02 32.25
N SER H 1579 -16.19 20.34 32.36
CA SER H 1579 -15.28 20.28 31.24
C SER H 1579 -15.07 18.84 30.77
N GLN H 1580 -14.90 17.91 31.70
CA GLN H 1580 -14.79 16.50 31.30
C GLN H 1580 -16.08 16.00 30.65
N PHE H 1581 -17.23 16.43 31.17
CA PHE H 1581 -18.49 16.05 30.55
C PHE H 1581 -18.60 16.59 29.14
N GLU H 1582 -18.14 17.83 28.91
CA GLU H 1582 -18.21 18.36 27.55
C GLU H 1582 -17.17 17.70 26.64
N ARG H 1583 -16.04 17.25 27.17
CA ARG H 1583 -15.14 16.43 26.35
C ARG H 1583 -15.80 15.13 25.96
N ASP H 1584 -16.53 14.50 26.88
CA ASP H 1584 -17.33 13.33 26.51
C ASP H 1584 -18.38 13.69 25.47
N LEU H 1585 -18.92 14.90 25.55
CA LEU H 1585 -19.86 15.38 24.53
C LEU H 1585 -19.19 15.42 23.16
N GLN H 1586 -17.98 15.99 23.08
CA GLN H 1586 -17.29 16.00 21.79
C GLN H 1586 -16.86 14.61 21.36
N ALA H 1587 -16.63 13.70 22.31
CA ALA H 1587 -16.34 12.31 21.94
C ALA H 1587 -17.55 11.67 21.26
N ARG H 1588 -18.73 11.84 21.83
CA ARG H 1588 -19.93 11.37 21.16
C ARG H 1588 -20.16 12.12 19.85
N ASP H 1589 -19.77 13.40 19.81
CA ASP H 1589 -19.90 14.18 18.58
C ASP H 1589 -19.03 13.62 17.47
N GLU H 1590 -17.80 13.22 17.78
CA GLU H 1590 -16.93 12.66 16.76
C GLU H 1590 -17.33 11.23 16.40
N GLN H 1591 -17.91 10.49 17.34
CA GLN H 1591 -18.50 9.19 16.97
C GLN H 1591 -19.64 9.39 15.97
N ASN H 1592 -20.51 10.35 16.24
CA ASN H 1592 -21.55 10.70 15.28
C ASN H 1592 -20.94 11.21 13.98
N GLU H 1593 -19.82 11.94 14.06
CA GLU H 1593 -19.19 12.46 12.85
C GLU H 1593 -18.67 11.33 11.97
N GLU H 1594 -18.05 10.31 12.56
CA GLU H 1594 -17.55 9.21 11.75
C GLU H 1594 -18.71 8.36 11.21
N LYS H 1595 -19.77 8.19 12.00
CA LYS H 1595 -20.94 7.48 11.48
C LYS H 1595 -21.55 8.23 10.31
N ARG H 1596 -21.71 9.55 10.45
CA ARG H 1596 -22.30 10.35 9.39
C ARG H 1596 -21.36 10.50 8.19
N ARG H 1597 -20.05 10.35 8.40
CA ARG H 1597 -19.13 10.35 7.27
C ARG H 1597 -19.15 9.02 6.52
N GLN H 1598 -19.37 7.91 7.23
CA GLN H 1598 -19.68 6.67 6.54
C GLN H 1598 -20.97 6.81 5.75
N LEU H 1599 -21.97 7.47 6.34
CA LEU H 1599 -23.20 7.77 5.59
C LEU H 1599 -22.91 8.64 4.37
N LEU H 1600 -22.00 9.61 4.52
CA LEU H 1600 -21.65 10.51 3.42
C LEU H 1600 -20.94 9.78 2.30
N LYS H 1601 -20.05 8.85 2.63
CA LYS H 1601 -19.40 8.08 1.57
C LYS H 1601 -20.38 7.10 0.92
N GLN H 1602 -21.34 6.59 1.70
CA GLN H 1602 -22.41 5.80 1.10
C GLN H 1602 -23.23 6.65 0.13
N LEU H 1603 -23.51 7.90 0.50
CA LEU H 1603 -24.21 8.81 -0.40
C LEU H 1603 -23.35 9.18 -1.61
N HIS H 1604 -22.03 9.22 -1.44
CA HIS H 1604 -21.13 9.42 -2.57
C HIS H 1604 -21.24 8.24 -3.55
N GLU H 1605 -21.30 7.02 -3.02
CA GLU H 1605 -21.54 5.86 -3.86
C GLU H 1605 -22.90 5.98 -4.55
N HIS H 1606 -23.91 6.44 -3.82
CA HIS H 1606 -25.23 6.70 -4.40
C HIS H 1606 -25.16 7.64 -5.59
N GLU H 1607 -24.53 8.79 -5.41
CA GLU H 1607 -24.50 9.79 -6.48
C GLU H 1607 -23.63 9.35 -7.65
N THR H 1608 -22.53 8.64 -7.37
CA THR H 1608 -21.73 8.10 -8.45
C THR H 1608 -22.51 7.07 -9.27
N GLU H 1609 -23.28 6.21 -8.58
CA GLU H 1609 -24.11 5.24 -9.30
C GLU H 1609 -25.16 5.94 -10.14
N LEU H 1610 -25.79 6.98 -9.60
CA LEU H 1610 -26.79 7.72 -10.38
C LEU H 1610 -26.16 8.41 -11.58
N GLU H 1611 -24.98 9.00 -11.42
CA GLU H 1611 -24.31 9.63 -12.55
C GLU H 1611 -23.92 8.60 -13.60
N ASP H 1612 -23.46 7.43 -13.18
CA ASP H 1612 -23.16 6.35 -14.12
C ASP H 1612 -24.41 5.91 -14.86
N GLU H 1613 -25.53 5.81 -14.15
CA GLU H 1613 -26.79 5.46 -14.80
C GLU H 1613 -27.20 6.52 -15.81
N ARG H 1614 -27.04 7.80 -15.46
CA ARG H 1614 -27.41 8.88 -16.37
C ARG H 1614 -26.56 8.84 -17.64
N LYS H 1615 -25.24 8.68 -17.49
CA LYS H 1615 -24.40 8.64 -18.68
C LYS H 1615 -24.66 7.37 -19.49
N GLN H 1616 -24.96 6.25 -18.83
CA GLN H 1616 -25.29 5.02 -19.53
C GLN H 1616 -26.55 5.20 -20.37
N ARG H 1617 -27.59 5.81 -19.78
CA ARG H 1617 -28.81 6.07 -20.53
C ARG H 1617 -28.54 7.03 -21.69
N ALA H 1618 -27.72 8.05 -21.45
CA ALA H 1618 -27.41 9.00 -22.53
C ALA H 1618 -26.70 8.31 -23.69
N LEU H 1619 -25.77 7.40 -23.40
CA LEU H 1619 -25.00 6.79 -24.46
C LEU H 1619 -25.73 5.63 -25.14
N ALA H 1620 -26.60 4.92 -24.42
CA ALA H 1620 -27.27 3.73 -24.94
C ALA H 1620 -28.76 3.76 -24.60
N ALA H 1621 -29.42 4.89 -24.90
CA ALA H 1621 -30.85 4.99 -24.67
C ALA H 1621 -31.62 3.92 -25.43
N ALA H 1622 -31.08 3.42 -26.53
CA ALA H 1622 -31.70 2.33 -27.27
C ALA H 1622 -31.60 1.02 -26.50
PB ADP I . 9.02 27.20 -17.38
O1B ADP I . 9.67 25.85 -17.25
O2B ADP I . 8.33 27.66 -16.11
O3B ADP I . 8.24 27.41 -18.65
PA ADP I . 11.63 27.94 -16.73
O1A ADP I . 12.40 26.93 -17.54
O2A ADP I . 11.29 27.67 -15.29
O3A ADP I . 10.26 28.22 -17.52
O5' ADP I . 12.40 29.35 -16.81
C5' ADP I . 13.72 29.41 -17.36
C4' ADP I . 14.60 30.38 -16.58
O4' ADP I . 13.95 31.62 -16.33
C3' ADP I . 14.97 29.81 -15.21
O3' ADP I . 16.31 29.31 -15.24
C2' ADP I . 14.88 30.99 -14.26
O2' ADP I . 16.16 31.24 -13.68
C1' ADP I . 14.44 32.17 -15.10
N9 ADP I . 13.39 32.93 -14.39
C8 ADP I . 12.11 33.06 -14.76
N7 ADP I . 11.40 33.83 -13.88
C5 ADP I . 12.26 34.21 -12.91
C6 ADP I . 12.18 35.02 -11.68
N6 ADP I . 11.02 35.60 -11.30
N1 ADP I . 13.30 35.16 -10.95
C2 ADP I . 14.47 34.59 -11.32
N3 ADP I . 14.61 33.84 -12.43
C4 ADP I . 13.56 33.61 -13.25
P PO4 J . 9.69 23.94 -20.31
O1 PO4 J . 10.91 23.62 -21.14
O2 PO4 J . 8.63 24.53 -21.20
O3 PO4 J . 10.06 24.93 -19.23
O4 PO4 J . 9.15 22.68 -19.67
MG MG K . 8.11 24.27 -16.92
PB ADP L . 2.63 -55.82 -31.10
O1B ADP L . 2.90 -57.30 -31.33
O2B ADP L . 3.75 -54.91 -31.57
O3B ADP L . 1.25 -55.37 -31.50
PA ADP L . 3.93 -56.10 -28.62
O1A ADP L . 5.05 -56.41 -29.56
O2A ADP L . 4.11 -55.04 -27.55
O3A ADP L . 2.64 -55.67 -29.50
O5' ADP L . 3.47 -57.44 -27.86
C5' ADP L . 3.28 -58.68 -28.56
C4' ADP L . 3.31 -59.80 -27.52
O4' ADP L . 4.65 -59.93 -27.03
C3' ADP L . 2.42 -59.47 -26.34
O3' ADP L . 1.39 -60.46 -26.22
C2' ADP L . 3.30 -59.51 -25.11
O2' ADP L . 2.86 -60.53 -24.22
C1' ADP L . 4.71 -59.83 -25.61
N9 ADP L . 5.62 -58.72 -25.25
C8 ADP L . 6.01 -57.74 -26.09
N7 ADP L . 6.84 -56.86 -25.47
C5 ADP L . 7.00 -57.29 -24.20
C6 ADP L . 7.75 -56.83 -23.00
N6 ADP L . 8.51 -55.72 -23.05
N1 ADP L . 7.64 -57.57 -21.88
C2 ADP L . 6.89 -58.68 -21.82
N3 ADP L . 6.18 -59.15 -22.86
C4 ADP L . 6.20 -58.51 -24.06
P PO4 M . 1.20 -55.94 -35.08
O1 PO4 M . 0.42 -56.10 -36.36
O2 PO4 M . 0.73 -56.97 -34.07
O3 PO4 M . 0.97 -54.55 -34.52
O4 PO4 M . 2.67 -56.12 -35.34
MG MG N . 1.79 -52.83 -31.78
MG MG O . 7.08 5.31 79.84
MG MG P . -0.37 -10.37 78.96
#